data_6UUZ
#
_entry.id   6UUZ
#
loop_
_entity.id
_entity.type
_entity.pdbx_description
1 polymer 'ATP-citrate synthase'
2 non-polymer 'COENZYME A'
3 water water
#
_entity_poly.entity_id   1
_entity_poly.type   'polypeptide(L)'
_entity_poly.pdbx_seq_one_letter_code
;MSAKAISEQTGKELLYKFICTTSAIQNRFKYARVTPDTDWARLLQDHPWLLSQNLVVKPDQLIKRRGKLGLVGVNLTLDG
VKSWLKPRLGQEATVGKATGFLKNFLIEPFVPHSQAEEFYVCIYATREGDYVLFHHEGGVDVGDVDAKAQKLLVGVDEKL
NPEDIKKHLLVHAPEDKKEILASFISGLFNFYEDLYFTYLEINPLVVTKDGVYVLDLAAKVDATADYICKVKWGDIEFPP
PFGREAYPEEAYIADLDAKSGASLKLTLLNPKGRIWTMVAGGGASVVYSDTICDLGGVNELANYGEYSGAPSEQQTYDYA
KTILSLMTREKHPDGKILIIGGSIANFTNVAATFKGIVRAIRDYQGPLKEHEVTIFVRRGGPNYQEGLRVMGEVGKTTGI
PIHVFGTETHMTAIVGMALGHRPIPNQPPTAAHTANFLLNASGSTSTPAPSRTASFSESRADEVAPAKKAKPAMPQDSVP
SPRSLQGKSTTLFSRHTKAIVWGMQTRAVQGMLDFDYVCSRDEPSVAAMVYPFTGDHKQKFYWGHKEILIPVFKNMADAM
RKHPEVDVLINFASLRSAYDSTMETMNYAQIRTIAIIAEGIPEALTRKLIKKADQKGVTIIGPATVGGIKPGCFKIGNTG
GMLDNILASKLYRPGSVAYVSRSGGMSNELNNIISRTTDGVYEGVAIGGDRYPGSTFMDHVLRYQDTPGVKMIVVLGEIG
GTEEYKICRGIKEGRLTKPIVCWCIGTCATMFSSEVQFGHAGACANQASETAVAKNQALKEAGVFVPRSFDELGEIIQSV
YEDLVANGVIVPAQEVPPPTVPMDYSWARELGLIRKPASFMTSICDERGQELIYAGMPITEVFKEEMGIGGVLGLLWFQK
RLPKYSCQFIEMCLMVTADHGPAVSGAHNTIICARAGKDLVSSLTSGLLTIGDRFGGALDAAAKMFSKAFDSGIIPMEFV
NKMKKEGKLIMGIGHRVKSINNPDMRVQILKDYVRQHFPATPLLDYALEVEKITTSKKPNLILNVDGLIGVAFVDMLRNC
GSFTREEADEYIDIGALNGIFVLGRSMGFIGHYLDQKRLKQGLYRHPWDDISYVLPEHMS
;
_entity_poly.pdbx_strand_id   A,B,C,D
#
loop_
_chem_comp.id
_chem_comp.type
_chem_comp.name
_chem_comp.formula
COA non-polymer 'COENZYME A' 'C21 H36 N7 O16 P3 S'
#
# COMPACT_ATOMS: atom_id res chain seq x y z
N SER A 2 -6.19 -38.86 -42.48
CA SER A 2 -6.24 -40.32 -42.53
C SER A 2 -7.68 -40.83 -42.54
N ALA A 3 -8.14 -41.23 -43.72
CA ALA A 3 -9.46 -41.83 -43.88
C ALA A 3 -9.32 -43.34 -43.80
N LYS A 4 -9.86 -43.93 -42.74
CA LYS A 4 -9.75 -45.37 -42.51
C LYS A 4 -11.12 -45.99 -42.31
N ALA A 5 -11.16 -47.33 -42.38
CA ALA A 5 -12.41 -48.05 -42.56
C ALA A 5 -13.26 -48.05 -41.30
N ILE A 6 -14.51 -48.46 -41.46
CA ILE A 6 -15.49 -48.50 -40.40
C ILE A 6 -16.06 -49.92 -40.36
N SER A 7 -16.52 -50.33 -39.18
CA SER A 7 -17.27 -51.57 -39.12
C SER A 7 -18.64 -51.37 -39.76
N GLU A 8 -19.10 -52.43 -40.44
CA GLU A 8 -20.28 -52.31 -41.28
C GLU A 8 -21.55 -52.21 -40.46
N GLN A 9 -21.53 -52.74 -39.23
CA GLN A 9 -22.58 -52.49 -38.25
C GLN A 9 -22.71 -51.01 -37.96
N THR A 10 -21.59 -50.33 -37.72
CA THR A 10 -21.60 -48.89 -37.50
C THR A 10 -22.00 -48.15 -38.77
N GLY A 11 -21.63 -48.68 -39.94
CA GLY A 11 -21.98 -48.03 -41.19
C GLY A 11 -23.48 -48.01 -41.44
N LYS A 12 -24.13 -49.17 -41.33
CA LYS A 12 -25.58 -49.20 -41.45
C LYS A 12 -26.28 -48.60 -40.23
N GLU A 13 -25.59 -48.50 -39.08
CA GLU A 13 -26.10 -47.78 -37.92
C GLU A 13 -26.36 -46.32 -38.25
N LEU A 14 -25.31 -45.59 -38.66
CA LEU A 14 -25.53 -44.19 -39.04
C LEU A 14 -26.28 -44.07 -40.35
N LEU A 15 -26.28 -45.10 -41.20
CA LEU A 15 -27.07 -45.02 -42.42
C LEU A 15 -28.56 -45.04 -42.12
N TYR A 16 -29.01 -45.90 -41.21
CA TYR A 16 -30.41 -45.90 -40.80
C TYR A 16 -30.71 -44.69 -39.91
N LYS A 17 -29.69 -44.15 -39.23
CA LYS A 17 -29.93 -43.06 -38.30
C LYS A 17 -29.99 -41.69 -38.96
N PHE A 18 -29.29 -41.48 -40.08
CA PHE A 18 -29.13 -40.12 -40.58
C PHE A 18 -29.46 -39.96 -42.06
N ILE A 19 -30.15 -40.90 -42.69
CA ILE A 19 -30.54 -40.64 -44.08
C ILE A 19 -31.71 -39.67 -44.09
N CYS A 20 -31.81 -38.90 -45.17
CA CYS A 20 -32.91 -37.95 -45.34
CA CYS A 20 -32.90 -37.94 -45.35
C CYS A 20 -33.33 -37.97 -46.80
N THR A 21 -34.29 -38.83 -47.11
CA THR A 21 -34.89 -38.92 -48.43
C THR A 21 -36.27 -39.52 -48.25
N THR A 22 -37.13 -39.34 -49.25
CA THR A 22 -38.52 -39.76 -49.08
C THR A 22 -38.70 -41.25 -49.31
N SER A 23 -37.75 -41.91 -49.95
CA SER A 23 -37.84 -43.36 -50.16
C SER A 23 -37.69 -44.11 -48.84
N ALA A 24 -38.57 -45.08 -48.62
CA ALA A 24 -38.64 -45.80 -47.36
C ALA A 24 -37.53 -46.83 -47.27
N ILE A 25 -36.52 -46.55 -46.45
CA ILE A 25 -35.53 -47.57 -46.10
C ILE A 25 -36.19 -48.58 -45.15
N GLN A 26 -36.33 -49.81 -45.60
CA GLN A 26 -36.99 -50.81 -44.78
C GLN A 26 -35.96 -51.61 -43.98
N ASN A 27 -36.48 -52.41 -43.04
CA ASN A 27 -35.70 -53.09 -42.00
C ASN A 27 -34.78 -52.14 -41.25
N ARG A 28 -35.31 -50.99 -40.85
CA ARG A 28 -34.56 -50.03 -40.06
C ARG A 28 -34.40 -50.54 -38.63
N PHE A 29 -33.21 -50.29 -38.07
CA PHE A 29 -32.78 -50.75 -36.74
C PHE A 29 -32.87 -52.26 -36.58
N LYS A 30 -32.67 -53.02 -37.65
CA LYS A 30 -32.77 -54.48 -37.61
C LYS A 30 -31.41 -55.07 -37.95
N TYR A 31 -30.59 -55.24 -36.92
CA TYR A 31 -29.27 -55.86 -37.04
C TYR A 31 -28.92 -56.46 -35.68
N ALA A 32 -28.08 -57.49 -35.71
CA ALA A 32 -27.65 -58.14 -34.48
C ALA A 32 -26.17 -58.45 -34.58
N ARG A 33 -25.51 -58.52 -33.43
CA ARG A 33 -24.09 -58.86 -33.36
C ARG A 33 -23.89 -59.96 -32.33
N VAL A 34 -23.31 -61.08 -32.76
CA VAL A 34 -23.02 -62.21 -31.88
C VAL A 34 -21.51 -62.42 -31.86
N THR A 35 -20.98 -62.66 -30.66
CA THR A 35 -19.57 -62.77 -30.32
C THR A 35 -19.35 -64.08 -29.58
N PRO A 36 -18.09 -64.53 -29.45
CA PRO A 36 -17.82 -65.64 -28.51
C PRO A 36 -17.93 -65.22 -27.05
N ASP A 37 -18.02 -63.93 -26.77
CA ASP A 37 -18.08 -63.39 -25.41
C ASP A 37 -19.52 -63.05 -25.01
N THR A 38 -20.50 -63.80 -25.49
CA THR A 38 -21.89 -63.62 -25.09
C THR A 38 -22.59 -64.97 -25.05
N ASP A 39 -23.74 -64.99 -24.37
CA ASP A 39 -24.71 -66.06 -24.51
C ASP A 39 -25.84 -65.60 -25.43
N TRP A 40 -26.72 -66.54 -25.78
CA TRP A 40 -27.70 -66.28 -26.83
C TRP A 40 -29.02 -65.74 -26.31
N ALA A 41 -29.35 -65.98 -25.03
CA ALA A 41 -30.72 -65.75 -24.56
C ALA A 41 -31.05 -64.26 -24.42
N ARG A 42 -30.08 -63.43 -24.06
CA ARG A 42 -30.33 -62.01 -23.85
C ARG A 42 -30.69 -61.30 -25.14
N LEU A 43 -29.88 -61.49 -26.20
CA LEU A 43 -30.24 -60.94 -27.50
C LEU A 43 -31.26 -61.82 -28.21
N LEU A 44 -31.63 -62.97 -27.64
CA LEU A 44 -32.79 -63.68 -28.14
C LEU A 44 -34.07 -62.97 -27.72
N GLN A 45 -34.17 -62.57 -26.46
CA GLN A 45 -35.42 -61.96 -26.00
C GLN A 45 -35.45 -60.45 -26.27
N ASP A 46 -34.31 -59.76 -26.19
CA ASP A 46 -34.27 -58.34 -26.52
C ASP A 46 -34.32 -58.08 -28.02
N HIS A 47 -34.09 -59.08 -28.85
CA HIS A 47 -34.36 -58.94 -30.28
C HIS A 47 -35.51 -59.87 -30.62
N PRO A 48 -36.76 -59.42 -30.50
CA PRO A 48 -37.89 -60.29 -30.87
C PRO A 48 -38.04 -60.45 -32.38
N TRP A 49 -37.44 -59.58 -33.18
CA TRP A 49 -37.59 -59.66 -34.63
C TRP A 49 -36.75 -60.76 -35.26
N LEU A 50 -35.85 -61.42 -34.51
CA LEU A 50 -35.30 -62.68 -34.99
C LEU A 50 -36.39 -63.76 -35.02
N LEU A 51 -37.43 -63.59 -34.21
CA LEU A 51 -38.52 -64.55 -34.04
C LEU A 51 -39.54 -64.49 -35.17
N SER A 52 -39.35 -63.62 -36.18
CA SER A 52 -40.36 -63.38 -37.19
C SER A 52 -39.90 -63.69 -38.61
N GLN A 53 -38.67 -63.32 -38.97
CA GLN A 53 -38.22 -63.38 -40.36
C GLN A 53 -37.11 -64.41 -40.49
N ASN A 54 -36.64 -64.59 -41.73
CA ASN A 54 -35.48 -65.44 -41.97
C ASN A 54 -34.22 -64.57 -42.01
N LEU A 55 -33.06 -65.22 -41.95
CA LEU A 55 -31.83 -64.57 -41.54
C LEU A 55 -30.72 -64.71 -42.58
N VAL A 56 -29.79 -63.76 -42.57
CA VAL A 56 -28.52 -63.88 -43.27
C VAL A 56 -27.43 -63.34 -42.35
N VAL A 57 -26.31 -64.07 -42.27
CA VAL A 57 -25.24 -63.78 -41.32
C VAL A 57 -23.94 -63.54 -42.08
N LYS A 58 -23.10 -62.67 -41.52
CA LYS A 58 -21.86 -62.26 -42.18
C LYS A 58 -20.80 -62.02 -41.13
N PRO A 59 -19.52 -62.25 -41.44
CA PRO A 59 -18.46 -61.87 -40.50
C PRO A 59 -18.24 -60.35 -40.51
N ASP A 60 -18.26 -59.76 -39.31
CA ASP A 60 -18.12 -58.30 -39.17
C ASP A 60 -16.68 -58.00 -38.75
N GLN A 61 -15.74 -58.18 -39.69
CA GLN A 61 -14.33 -57.87 -39.48
C GLN A 61 -13.64 -57.30 -40.71
N LEU A 62 -14.37 -56.58 -41.57
CA LEU A 62 -13.86 -55.92 -42.78
C LEU A 62 -13.18 -56.91 -43.72
N ILE A 63 -13.90 -57.99 -44.03
CA ILE A 63 -13.36 -59.08 -44.84
C ILE A 63 -13.65 -58.78 -46.29
N LYS A 64 -12.63 -58.87 -47.14
CA LYS A 64 -12.79 -58.57 -48.55
C LYS A 64 -13.30 -59.80 -49.30
N ARG A 65 -14.35 -59.59 -50.12
CA ARG A 65 -14.92 -60.59 -51.03
C ARG A 65 -15.38 -61.85 -50.29
N ARG A 66 -16.41 -61.69 -49.46
CA ARG A 66 -16.89 -62.79 -48.64
C ARG A 66 -17.68 -63.84 -49.41
N GLY A 67 -18.07 -63.55 -50.65
CA GLY A 67 -18.90 -64.47 -51.40
C GLY A 67 -18.15 -65.70 -51.90
N LYS A 68 -17.08 -65.48 -52.66
CA LYS A 68 -16.34 -66.58 -53.28
C LYS A 68 -15.44 -67.33 -52.32
N LEU A 69 -15.19 -66.79 -51.14
CA LEU A 69 -14.38 -67.47 -50.14
C LEU A 69 -15.22 -68.30 -49.18
N GLY A 70 -16.55 -68.26 -49.32
CA GLY A 70 -17.44 -69.12 -48.55
C GLY A 70 -17.55 -68.75 -47.09
N LEU A 71 -17.85 -67.49 -46.80
CA LEU A 71 -17.99 -67.03 -45.43
C LEU A 71 -19.38 -66.51 -45.09
N VAL A 72 -20.30 -66.47 -46.05
CA VAL A 72 -21.64 -65.93 -45.84
C VAL A 72 -22.63 -67.08 -45.77
N GLY A 73 -23.56 -67.00 -44.82
CA GLY A 73 -24.62 -67.97 -44.69
C GLY A 73 -25.95 -67.40 -45.13
N VAL A 74 -26.49 -67.90 -46.24
CA VAL A 74 -27.64 -67.28 -46.90
C VAL A 74 -28.89 -68.10 -46.63
N ASN A 75 -29.95 -67.40 -46.18
CA ASN A 75 -31.32 -67.92 -46.03
C ASN A 75 -31.38 -69.12 -45.08
N LEU A 76 -31.18 -68.83 -43.80
CA LEU A 76 -31.22 -69.87 -42.76
C LEU A 76 -31.95 -69.36 -41.53
N THR A 77 -32.63 -70.26 -40.82
CA THR A 77 -33.44 -69.89 -39.67
C THR A 77 -32.59 -69.89 -38.39
N LEU A 78 -33.23 -69.59 -37.25
CA LEU A 78 -32.53 -69.09 -36.06
C LEU A 78 -31.64 -70.16 -35.43
N ASP A 79 -32.21 -71.31 -35.08
CA ASP A 79 -31.38 -72.38 -34.53
C ASP A 79 -30.51 -73.02 -35.60
N GLY A 80 -30.93 -72.96 -36.86
CA GLY A 80 -30.03 -73.30 -37.96
C GLY A 80 -28.83 -72.37 -38.03
N VAL A 81 -29.07 -71.07 -37.81
CA VAL A 81 -27.98 -70.10 -37.70
C VAL A 81 -27.09 -70.41 -36.49
N LYS A 82 -27.69 -70.90 -35.40
CA LYS A 82 -26.93 -71.31 -34.22
C LYS A 82 -26.02 -72.50 -34.52
N SER A 83 -26.52 -73.50 -35.25
CA SER A 83 -25.69 -74.65 -35.58
C SER A 83 -24.70 -74.34 -36.71
N TRP A 84 -24.98 -73.30 -37.50
CA TRP A 84 -24.04 -72.84 -38.52
C TRP A 84 -22.91 -72.04 -37.88
N LEU A 85 -23.23 -71.30 -36.81
CA LEU A 85 -22.30 -70.44 -36.10
C LEU A 85 -21.53 -71.21 -35.03
N LYS A 86 -22.01 -72.41 -34.69
CA LYS A 86 -21.28 -73.26 -33.75
C LYS A 86 -19.87 -73.65 -34.19
N PRO A 87 -19.60 -74.08 -35.48
CA PRO A 87 -18.19 -74.35 -35.82
C PRO A 87 -17.48 -73.17 -36.46
N ARG A 88 -18.01 -71.95 -36.32
CA ARG A 88 -17.42 -70.82 -37.02
C ARG A 88 -17.07 -69.65 -36.10
N LEU A 89 -17.84 -69.45 -35.04
CA LEU A 89 -17.67 -68.29 -34.17
C LEU A 89 -16.55 -68.57 -33.17
N GLY A 90 -15.38 -68.03 -33.45
CA GLY A 90 -14.23 -68.15 -32.58
C GLY A 90 -13.16 -69.11 -33.05
N GLN A 91 -13.10 -69.42 -34.34
CA GLN A 91 -12.13 -70.36 -34.88
C GLN A 91 -11.37 -69.73 -36.04
N GLU A 92 -10.26 -70.38 -36.38
CA GLU A 92 -9.28 -69.83 -37.30
C GLU A 92 -9.78 -69.88 -38.74
N ALA A 93 -9.46 -68.84 -39.51
CA ALA A 93 -9.74 -68.81 -40.94
C ALA A 93 -8.74 -67.89 -41.63
N THR A 94 -8.49 -68.17 -42.90
CA THR A 94 -7.61 -67.38 -43.74
C THR A 94 -8.40 -66.75 -44.87
N VAL A 95 -8.13 -65.48 -45.15
CA VAL A 95 -8.61 -64.82 -46.36
C VAL A 95 -7.45 -64.07 -46.98
N GLY A 96 -7.39 -64.09 -48.31
CA GLY A 96 -6.28 -63.49 -49.02
C GLY A 96 -4.98 -64.20 -48.74
N LYS A 97 -4.11 -63.55 -47.98
CA LYS A 97 -2.89 -64.15 -47.47
C LYS A 97 -2.76 -63.97 -45.96
N ALA A 98 -3.86 -63.65 -45.28
CA ALA A 98 -3.84 -63.35 -43.85
C ALA A 98 -4.79 -64.26 -43.10
N THR A 99 -4.33 -64.77 -41.96
CA THR A 99 -5.08 -65.67 -41.10
C THR A 99 -5.57 -64.95 -39.85
N GLY A 100 -6.49 -65.59 -39.14
CA GLY A 100 -6.91 -65.07 -37.85
C GLY A 100 -8.23 -65.65 -37.40
N PHE A 101 -8.53 -65.42 -36.13
CA PHE A 101 -9.81 -65.80 -35.55
C PHE A 101 -10.91 -64.83 -35.99
N LEU A 102 -12.16 -65.27 -35.84
CA LEU A 102 -13.34 -64.49 -36.20
C LEU A 102 -14.20 -64.33 -34.95
N LYS A 103 -14.21 -63.13 -34.39
CA LYS A 103 -14.83 -62.84 -33.11
C LYS A 103 -16.09 -62.00 -33.24
N ASN A 104 -16.53 -61.67 -34.45
CA ASN A 104 -17.71 -60.85 -34.65
C ASN A 104 -18.52 -61.40 -35.80
N PHE A 105 -19.83 -61.57 -35.58
CA PHE A 105 -20.74 -61.88 -36.68
C PHE A 105 -21.99 -61.02 -36.58
N LEU A 106 -22.49 -60.60 -37.74
CA LEU A 106 -23.69 -59.77 -37.83
C LEU A 106 -24.81 -60.61 -38.43
N ILE A 107 -26.00 -60.49 -37.84
CA ILE A 107 -27.22 -61.12 -38.33
C ILE A 107 -28.14 -60.02 -38.84
N GLU A 108 -28.72 -60.23 -40.03
CA GLU A 108 -29.57 -59.29 -40.70
C GLU A 108 -30.80 -60.04 -41.21
N PRO A 109 -31.99 -59.42 -41.21
CA PRO A 109 -33.16 -60.08 -41.80
C PRO A 109 -33.00 -60.26 -43.29
N PHE A 110 -32.98 -61.53 -43.73
CA PHE A 110 -32.83 -61.84 -45.14
C PHE A 110 -34.07 -61.42 -45.91
N VAL A 111 -33.86 -60.96 -47.14
CA VAL A 111 -34.94 -60.53 -48.03
C VAL A 111 -34.96 -61.44 -49.25
N PRO A 112 -36.11 -62.01 -49.61
CA PRO A 112 -36.21 -62.72 -50.89
C PRO A 112 -36.38 -61.75 -52.03
N HIS A 113 -35.57 -61.93 -53.07
CA HIS A 113 -35.52 -61.02 -54.20
C HIS A 113 -34.94 -61.76 -55.40
N SER A 114 -34.86 -61.04 -56.52
CA SER A 114 -34.26 -61.57 -57.73
C SER A 114 -32.89 -60.93 -57.95
N GLN A 115 -32.00 -61.65 -58.63
CA GLN A 115 -30.69 -61.12 -58.96
C GLN A 115 -30.72 -60.17 -60.15
N ALA A 116 -31.87 -59.97 -60.79
CA ALA A 116 -31.96 -59.07 -61.92
C ALA A 116 -32.11 -57.61 -61.51
N GLU A 117 -32.62 -57.35 -60.31
CA GLU A 117 -32.76 -55.97 -59.85
C GLU A 117 -32.10 -55.69 -58.49
N GLU A 118 -31.10 -56.49 -58.11
CA GLU A 118 -30.10 -56.00 -57.16
C GLU A 118 -29.15 -55.09 -57.92
N PHE A 119 -28.83 -53.94 -57.33
CA PHE A 119 -28.05 -52.92 -58.02
C PHE A 119 -26.77 -52.60 -57.27
N TYR A 120 -25.93 -51.81 -57.91
CA TYR A 120 -24.63 -51.42 -57.36
C TYR A 120 -24.54 -49.90 -57.34
N VAL A 121 -24.19 -49.34 -56.18
CA VAL A 121 -23.93 -47.90 -56.09
C VAL A 121 -22.71 -47.70 -55.21
N CYS A 122 -21.94 -46.66 -55.51
CA CYS A 122 -20.79 -46.28 -54.68
C CYS A 122 -20.48 -44.81 -54.89
N ILE A 123 -20.01 -44.16 -53.82
CA ILE A 123 -19.47 -42.81 -53.90
C ILE A 123 -18.10 -42.84 -53.23
N TYR A 124 -17.08 -42.41 -53.97
CA TYR A 124 -15.74 -42.28 -53.38
C TYR A 124 -15.19 -40.89 -53.67
N ALA A 125 -14.14 -40.53 -52.92
CA ALA A 125 -13.53 -39.22 -53.00
C ALA A 125 -12.29 -39.25 -53.86
N THR A 126 -12.11 -38.20 -54.67
CA THR A 126 -10.88 -37.94 -55.39
C THR A 126 -10.47 -36.51 -55.09
N ARG A 127 -9.37 -36.06 -55.72
CA ARG A 127 -8.85 -34.73 -55.43
C ARG A 127 -9.74 -33.64 -56.03
N GLU A 128 -10.18 -33.82 -57.28
CA GLU A 128 -10.93 -32.78 -57.95
C GLU A 128 -12.43 -32.86 -57.67
N GLY A 129 -12.90 -33.87 -56.93
CA GLY A 129 -14.30 -33.90 -56.54
C GLY A 129 -14.69 -35.22 -55.90
N ASP A 130 -15.92 -35.63 -56.18
CA ASP A 130 -16.48 -36.89 -55.69
C ASP A 130 -17.02 -37.69 -56.86
N TYR A 131 -16.63 -38.95 -56.95
CA TYR A 131 -17.14 -39.84 -57.98
C TYR A 131 -18.32 -40.64 -57.46
N VAL A 132 -19.44 -40.55 -58.16
CA VAL A 132 -20.64 -41.35 -57.90
C VAL A 132 -20.78 -42.32 -59.06
N LEU A 133 -20.66 -43.62 -58.77
CA LEU A 133 -20.74 -44.65 -59.79
C LEU A 133 -21.92 -45.58 -59.48
N PHE A 134 -22.72 -45.83 -60.52
CA PHE A 134 -23.87 -46.72 -60.47
C PHE A 134 -23.69 -47.80 -61.52
N HIS A 135 -24.18 -49.00 -61.21
CA HIS A 135 -24.21 -50.08 -62.20
C HIS A 135 -25.42 -50.97 -61.97
N HIS A 136 -26.08 -51.35 -63.07
CA HIS A 136 -27.33 -52.08 -63.02
C HIS A 136 -27.14 -53.57 -62.79
N GLU A 137 -25.97 -54.09 -63.13
CA GLU A 137 -25.61 -55.48 -62.86
C GLU A 137 -25.10 -55.51 -61.43
N GLY A 138 -25.91 -56.06 -60.53
CA GLY A 138 -25.56 -56.15 -59.12
C GLY A 138 -24.77 -57.40 -58.82
N GLY A 139 -24.75 -57.75 -57.53
CA GLY A 139 -24.03 -58.93 -57.09
C GLY A 139 -22.54 -58.70 -56.99
N VAL A 140 -21.84 -59.76 -56.59
CA VAL A 140 -20.39 -59.73 -56.48
C VAL A 140 -19.72 -60.04 -57.80
N ASP A 141 -20.49 -60.43 -58.82
CA ASP A 141 -19.96 -60.89 -60.09
C ASP A 141 -19.78 -59.78 -61.10
N VAL A 142 -19.59 -58.55 -60.63
CA VAL A 142 -19.41 -57.41 -61.53
C VAL A 142 -18.01 -57.41 -62.13
N GLY A 143 -17.00 -57.68 -61.32
CA GLY A 143 -15.63 -57.73 -61.83
C GLY A 143 -15.08 -56.33 -62.09
N ASP A 144 -14.73 -56.08 -63.35
CA ASP A 144 -14.14 -54.81 -63.77
C ASP A 144 -15.22 -53.75 -63.72
N VAL A 145 -15.13 -52.86 -62.72
CA VAL A 145 -16.18 -51.89 -62.50
C VAL A 145 -15.84 -50.50 -63.04
N ASP A 146 -14.55 -50.17 -63.18
CA ASP A 146 -14.17 -48.80 -63.52
C ASP A 146 -14.17 -48.53 -65.02
N ALA A 147 -14.53 -49.51 -65.85
CA ALA A 147 -14.59 -49.28 -67.29
C ALA A 147 -16.02 -49.29 -67.84
N LYS A 148 -16.97 -49.90 -67.15
CA LYS A 148 -18.31 -50.08 -67.66
C LYS A 148 -19.40 -49.36 -66.88
N ALA A 149 -19.16 -49.02 -65.61
CA ALA A 149 -20.20 -48.41 -64.80
C ALA A 149 -20.38 -46.93 -65.13
N GLN A 150 -21.54 -46.40 -64.76
CA GLN A 150 -21.85 -45.00 -65.01
C GLN A 150 -21.28 -44.14 -63.89
N LYS A 151 -20.29 -43.32 -64.22
CA LYS A 151 -19.67 -42.41 -63.26
C LYS A 151 -20.07 -40.97 -63.51
N LEU A 152 -20.13 -40.22 -62.41
CA LEU A 152 -20.34 -38.77 -62.44
C LEU A 152 -19.45 -38.16 -61.38
N LEU A 153 -18.64 -37.18 -61.79
CA LEU A 153 -17.85 -36.44 -60.83
C LEU A 153 -18.59 -35.16 -60.47
N VAL A 154 -19.10 -35.11 -59.25
CA VAL A 154 -19.64 -33.87 -58.71
C VAL A 154 -18.49 -33.09 -58.09
N GLY A 155 -18.37 -31.82 -58.47
CA GLY A 155 -17.22 -31.03 -58.09
C GLY A 155 -17.25 -30.62 -56.63
N VAL A 156 -16.10 -30.13 -56.18
CA VAL A 156 -16.03 -29.53 -54.85
C VAL A 156 -16.68 -28.16 -54.90
N ASP A 157 -17.42 -27.83 -53.83
CA ASP A 157 -18.25 -26.62 -53.70
C ASP A 157 -19.27 -26.54 -54.85
N GLU A 158 -20.04 -27.61 -54.99
CA GLU A 158 -21.25 -27.62 -55.81
C GLU A 158 -22.17 -28.72 -55.29
N LYS A 159 -23.47 -28.51 -55.45
CA LYS A 159 -24.48 -29.45 -54.97
C LYS A 159 -24.99 -30.28 -56.15
N LEU A 160 -25.36 -31.52 -55.84
CA LEU A 160 -25.86 -32.43 -56.86
C LEU A 160 -27.22 -31.99 -57.39
N ASN A 161 -27.33 -31.93 -58.71
CA ASN A 161 -28.61 -31.73 -59.37
C ASN A 161 -29.25 -33.09 -59.60
N PRO A 162 -30.50 -33.31 -59.17
CA PRO A 162 -31.17 -34.59 -59.51
C PRO A 162 -31.45 -34.77 -60.99
N GLU A 163 -31.44 -33.69 -61.77
CA GLU A 163 -31.69 -33.82 -63.20
C GLU A 163 -30.49 -34.46 -63.91
N ASP A 164 -29.27 -34.21 -63.42
CA ASP A 164 -28.10 -34.85 -63.99
C ASP A 164 -28.06 -36.34 -63.70
N ILE A 165 -28.52 -36.77 -62.52
CA ILE A 165 -28.48 -38.18 -62.21
C ILE A 165 -29.64 -38.91 -62.88
N LYS A 166 -30.79 -38.25 -63.05
CA LYS A 166 -31.84 -38.87 -63.85
C LYS A 166 -31.52 -38.85 -65.34
N LYS A 167 -30.57 -38.02 -65.78
CA LYS A 167 -30.13 -38.01 -67.17
C LYS A 167 -29.01 -38.99 -67.48
N HIS A 168 -28.02 -39.11 -66.58
CA HIS A 168 -26.72 -39.65 -66.92
C HIS A 168 -26.36 -40.96 -66.24
N LEU A 169 -26.88 -41.20 -65.03
CA LEU A 169 -26.33 -42.28 -64.21
C LEU A 169 -27.17 -43.55 -64.31
N LEU A 170 -28.48 -43.40 -64.38
CA LEU A 170 -29.41 -44.53 -64.37
C LEU A 170 -29.84 -44.87 -65.79
N VAL A 171 -28.93 -44.73 -66.76
CA VAL A 171 -29.31 -44.84 -68.17
C VAL A 171 -29.53 -46.31 -68.54
N HIS A 172 -28.88 -47.24 -67.85
CA HIS A 172 -29.08 -48.67 -68.06
C HIS A 172 -29.92 -49.30 -66.95
N ALA A 173 -30.66 -48.50 -66.20
CA ALA A 173 -31.51 -48.96 -65.13
C ALA A 173 -32.95 -49.07 -65.59
N PRO A 174 -33.74 -49.96 -64.99
CA PRO A 174 -35.18 -50.01 -65.30
C PRO A 174 -35.89 -48.74 -64.87
N GLU A 175 -36.70 -48.19 -65.77
CA GLU A 175 -37.36 -46.90 -65.56
C GLU A 175 -38.39 -46.96 -64.44
N ASP A 176 -38.99 -48.14 -64.21
CA ASP A 176 -39.94 -48.34 -63.12
C ASP A 176 -39.32 -48.06 -61.75
N LYS A 177 -38.01 -48.24 -61.62
CA LYS A 177 -37.28 -47.89 -60.42
C LYS A 177 -36.38 -46.67 -60.56
N LYS A 178 -36.43 -45.93 -61.67
CA LYS A 178 -35.47 -44.83 -61.80
C LYS A 178 -35.81 -43.64 -60.92
N GLU A 179 -37.10 -43.38 -60.70
CA GLU A 179 -37.47 -42.20 -59.92
C GLU A 179 -37.23 -42.44 -58.43
N ILE A 180 -37.26 -43.70 -58.00
CA ILE A 180 -37.02 -44.02 -56.58
C ILE A 180 -35.54 -43.84 -56.23
N LEU A 181 -34.68 -44.69 -56.82
CA LEU A 181 -33.29 -44.83 -56.42
C LEU A 181 -32.52 -43.52 -56.54
N ALA A 182 -32.82 -42.74 -57.58
CA ALA A 182 -32.19 -41.43 -57.80
C ALA A 182 -32.33 -40.55 -56.58
N SER A 183 -33.57 -40.42 -56.08
CA SER A 183 -33.81 -39.66 -54.85
C SER A 183 -33.05 -40.28 -53.69
N PHE A 184 -33.09 -41.61 -53.60
CA PHE A 184 -32.35 -42.34 -52.59
C PHE A 184 -30.86 -42.08 -52.69
N ILE A 185 -30.32 -42.09 -53.92
CA ILE A 185 -28.89 -41.87 -54.10
C ILE A 185 -28.56 -40.44 -53.73
N SER A 186 -29.47 -39.51 -54.06
CA SER A 186 -29.31 -38.12 -53.66
C SER A 186 -29.32 -37.98 -52.15
N GLY A 187 -30.22 -38.72 -51.48
CA GLY A 187 -30.23 -38.72 -50.04
C GLY A 187 -28.97 -39.35 -49.47
N LEU A 188 -28.46 -40.37 -50.15
CA LEU A 188 -27.22 -40.99 -49.72
C LEU A 188 -26.05 -40.05 -49.94
N PHE A 189 -26.14 -39.16 -50.94
CA PHE A 189 -25.10 -38.14 -51.07
C PHE A 189 -25.20 -37.12 -49.95
N ASN A 190 -26.42 -36.86 -49.47
CA ASN A 190 -26.56 -36.05 -48.26
C ASN A 190 -26.06 -36.80 -47.04
N PHE A 191 -25.99 -38.12 -47.13
CA PHE A 191 -25.31 -38.93 -46.12
C PHE A 191 -23.81 -38.98 -46.38
N TYR A 192 -23.37 -38.85 -47.64
CA TYR A 192 -21.95 -38.96 -47.93
C TYR A 192 -21.20 -37.70 -47.54
N GLU A 193 -21.82 -36.53 -47.70
CA GLU A 193 -21.13 -35.26 -47.56
C GLU A 193 -21.17 -34.75 -46.12
N ASP A 194 -22.35 -34.66 -45.53
CA ASP A 194 -22.51 -34.10 -44.20
C ASP A 194 -22.30 -35.10 -43.08
N LEU A 195 -21.77 -36.27 -43.39
CA LEU A 195 -21.22 -37.18 -42.39
C LEU A 195 -19.71 -37.37 -42.56
N TYR A 196 -19.12 -36.68 -43.53
CA TYR A 196 -17.68 -36.65 -43.80
C TYR A 196 -17.12 -38.04 -44.10
N PHE A 197 -17.77 -38.72 -45.04
CA PHE A 197 -17.28 -39.98 -45.55
C PHE A 197 -16.23 -39.74 -46.64
N THR A 198 -15.52 -40.80 -46.97
CA THR A 198 -14.56 -40.79 -48.06
C THR A 198 -14.85 -41.86 -49.11
N TYR A 199 -15.24 -43.06 -48.68
CA TYR A 199 -15.43 -44.18 -49.58
C TYR A 199 -16.63 -45.00 -49.10
N LEU A 200 -17.62 -45.21 -49.96
CA LEU A 200 -18.86 -45.84 -49.50
C LEU A 200 -19.49 -46.62 -50.66
N GLU A 201 -19.55 -47.95 -50.51
CA GLU A 201 -20.14 -48.86 -51.48
C GLU A 201 -21.37 -49.50 -50.87
N ILE A 202 -22.45 -49.57 -51.65
CA ILE A 202 -23.53 -50.51 -51.46
C ILE A 202 -23.47 -51.48 -52.62
N ASN A 203 -23.15 -52.74 -52.32
CA ASN A 203 -22.90 -53.76 -53.35
C ASN A 203 -23.20 -55.13 -52.76
N PRO A 204 -24.42 -55.65 -52.95
CA PRO A 204 -25.50 -55.08 -53.75
C PRO A 204 -26.53 -54.26 -52.98
N LEU A 205 -27.16 -53.34 -53.70
CA LEU A 205 -28.30 -52.57 -53.22
C LEU A 205 -29.57 -53.33 -53.56
N VAL A 206 -30.20 -53.94 -52.56
CA VAL A 206 -31.35 -54.79 -52.79
C VAL A 206 -32.59 -53.89 -52.74
N VAL A 207 -33.03 -53.45 -53.91
CA VAL A 207 -34.28 -52.70 -54.04
C VAL A 207 -35.31 -53.59 -54.73
N THR A 208 -36.46 -53.73 -54.10
CA THR A 208 -37.62 -54.48 -54.58
C THR A 208 -38.79 -53.53 -54.74
N LYS A 209 -39.95 -54.08 -55.12
CA LYS A 209 -41.19 -53.32 -55.13
C LYS A 209 -41.59 -52.85 -53.73
N ASP A 210 -41.14 -53.57 -52.69
CA ASP A 210 -41.47 -53.22 -51.31
C ASP A 210 -40.74 -51.96 -50.85
N GLY A 211 -39.54 -51.72 -51.33
CA GLY A 211 -38.79 -50.52 -50.98
C GLY A 211 -37.31 -50.71 -51.28
N VAL A 212 -36.49 -49.95 -50.56
CA VAL A 212 -35.03 -50.01 -50.72
C VAL A 212 -34.42 -50.71 -49.52
N TYR A 213 -33.34 -51.44 -49.77
CA TYR A 213 -32.65 -52.21 -48.75
C TYR A 213 -31.17 -52.17 -49.04
N VAL A 214 -30.36 -51.98 -48.01
CA VAL A 214 -28.93 -52.23 -48.10
C VAL A 214 -28.68 -53.61 -47.52
N LEU A 215 -27.88 -54.42 -48.23
CA LEU A 215 -27.45 -55.69 -47.69
C LEU A 215 -25.96 -55.70 -47.35
N ASP A 216 -25.14 -55.08 -48.18
CA ASP A 216 -23.70 -55.03 -47.97
C ASP A 216 -23.23 -53.59 -48.11
N LEU A 217 -22.33 -53.17 -47.21
CA LEU A 217 -21.77 -51.84 -47.17
C LEU A 217 -20.26 -51.94 -47.08
N ALA A 218 -19.57 -50.92 -47.60
CA ALA A 218 -18.11 -50.86 -47.44
C ALA A 218 -17.71 -49.39 -47.37
N ALA A 219 -17.20 -48.95 -46.22
CA ALA A 219 -16.96 -47.54 -46.04
C ALA A 219 -15.64 -47.26 -45.32
N LYS A 220 -14.88 -46.34 -45.89
CA LYS A 220 -13.75 -45.69 -45.23
C LYS A 220 -14.17 -44.26 -44.94
N VAL A 221 -14.10 -43.87 -43.67
CA VAL A 221 -14.54 -42.55 -43.24
C VAL A 221 -13.31 -41.77 -42.76
N ASP A 222 -13.39 -40.44 -42.87
CA ASP A 222 -12.30 -39.54 -42.52
C ASP A 222 -12.36 -39.25 -41.03
N ALA A 223 -11.46 -39.88 -40.25
CA ALA A 223 -11.50 -39.74 -38.79
C ALA A 223 -11.07 -38.36 -38.33
N THR A 224 -10.26 -37.67 -39.13
CA THR A 224 -9.74 -36.35 -38.79
C THR A 224 -10.82 -35.27 -38.76
N ALA A 225 -12.01 -35.55 -39.29
CA ALA A 225 -13.17 -34.68 -39.14
C ALA A 225 -13.98 -34.99 -37.89
N ASP A 226 -13.36 -35.65 -36.90
CA ASP A 226 -14.07 -36.04 -35.69
CA ASP A 226 -14.08 -36.03 -35.69
C ASP A 226 -14.62 -34.82 -34.94
N TYR A 227 -13.87 -33.71 -34.94
CA TYR A 227 -14.30 -32.48 -34.29
C TYR A 227 -15.54 -31.87 -34.95
N ILE A 228 -15.86 -32.27 -36.18
CA ILE A 228 -17.10 -31.82 -36.80
C ILE A 228 -18.23 -32.80 -36.50
N CYS A 229 -17.92 -34.07 -36.22
CA CYS A 229 -18.94 -35.11 -36.24
C CYS A 229 -19.08 -35.85 -34.91
N LYS A 230 -18.51 -35.31 -33.83
CA LYS A 230 -18.63 -35.94 -32.52
C LYS A 230 -20.06 -35.92 -32.01
N VAL A 231 -20.85 -34.94 -32.44
CA VAL A 231 -22.26 -34.91 -32.06
C VAL A 231 -23.09 -35.84 -32.96
N LYS A 232 -22.52 -36.29 -34.08
CA LYS A 232 -23.28 -37.10 -35.03
C LYS A 232 -22.79 -38.54 -35.11
N TRP A 233 -21.48 -38.78 -34.92
CA TRP A 233 -20.99 -40.15 -34.87
C TRP A 233 -21.24 -40.76 -33.49
N GLY A 234 -20.73 -40.11 -32.45
CA GLY A 234 -20.87 -40.64 -31.10
C GLY A 234 -19.79 -41.66 -30.80
N ASP A 235 -20.19 -42.76 -30.15
CA ASP A 235 -19.25 -43.83 -29.78
C ASP A 235 -18.99 -44.70 -31.01
N ILE A 236 -18.12 -44.19 -31.87
CA ILE A 236 -17.74 -44.84 -33.12
C ILE A 236 -16.39 -45.53 -32.94
N GLU A 237 -16.28 -46.76 -33.42
CA GLU A 237 -15.06 -47.53 -33.32
C GLU A 237 -14.48 -47.78 -34.72
N PHE A 238 -13.16 -47.69 -34.82
CA PHE A 238 -12.47 -47.99 -36.06
C PHE A 238 -11.74 -49.32 -35.91
N PRO A 239 -12.13 -50.35 -36.64
CA PRO A 239 -11.52 -51.67 -36.46
C PRO A 239 -10.17 -51.76 -37.16
N PRO A 240 -9.30 -52.65 -36.72
CA PRO A 240 -8.08 -52.93 -37.47
C PRO A 240 -8.39 -53.77 -38.70
N PRO A 241 -7.48 -53.86 -39.65
CA PRO A 241 -7.66 -54.82 -40.75
C PRO A 241 -7.50 -56.25 -40.25
N PHE A 242 -8.03 -57.19 -41.02
CA PHE A 242 -7.99 -58.58 -40.62
C PHE A 242 -6.59 -59.14 -40.81
N GLY A 243 -5.99 -59.58 -39.72
CA GLY A 243 -4.66 -60.18 -39.75
C GLY A 243 -4.48 -61.00 -38.50
N ARG A 244 -3.24 -61.18 -38.11
CA ARG A 244 -2.92 -62.00 -36.94
C ARG A 244 -3.32 -61.28 -35.66
N GLU A 245 -3.44 -62.06 -34.59
CA GLU A 245 -3.81 -61.53 -33.29
C GLU A 245 -2.65 -60.69 -32.74
N ALA A 246 -2.98 -59.54 -32.17
CA ALA A 246 -1.97 -58.63 -31.65
C ALA A 246 -1.32 -59.19 -30.40
N TYR A 247 0.01 -59.09 -30.33
CA TYR A 247 0.74 -59.51 -29.15
C TYR A 247 0.44 -58.56 -27.99
N PRO A 248 0.56 -59.02 -26.74
CA PRO A 248 0.29 -58.13 -25.60
C PRO A 248 1.27 -56.97 -25.48
N GLU A 249 2.50 -57.12 -25.98
CA GLU A 249 3.43 -55.99 -25.96
C GLU A 249 3.08 -54.97 -27.03
N GLU A 250 2.56 -55.43 -28.18
CA GLU A 250 2.00 -54.50 -29.17
C GLU A 250 0.82 -53.73 -28.59
N ALA A 251 -0.01 -54.40 -27.80
CA ALA A 251 -1.11 -53.72 -27.13
C ALA A 251 -0.61 -52.74 -26.07
N TYR A 252 0.50 -53.06 -25.38
CA TYR A 252 1.05 -52.14 -24.40
C TYR A 252 1.63 -50.90 -25.05
N ILE A 253 2.32 -51.06 -26.19
CA ILE A 253 2.83 -49.90 -26.92
C ILE A 253 1.68 -49.09 -27.51
N ALA A 254 0.59 -49.76 -27.91
CA ALA A 254 -0.60 -49.04 -28.36
C ALA A 254 -1.25 -48.25 -27.23
N ASP A 255 -1.25 -48.80 -26.01
CA ASP A 255 -1.78 -48.06 -24.86
C ASP A 255 -0.92 -46.86 -24.51
N LEU A 256 0.41 -47.04 -24.55
CA LEU A 256 1.32 -45.95 -24.24
C LEU A 256 1.28 -44.85 -25.32
N ASP A 257 0.99 -45.22 -26.56
CA ASP A 257 0.73 -44.21 -27.58
C ASP A 257 -0.62 -43.53 -27.36
N ALA A 258 -1.62 -44.29 -26.90
CA ALA A 258 -2.96 -43.76 -26.75
C ALA A 258 -3.09 -42.81 -25.58
N LYS A 259 -2.27 -42.96 -24.54
CA LYS A 259 -2.37 -42.02 -23.43
C LYS A 259 -1.51 -40.77 -23.66
N SER A 260 -0.46 -40.89 -24.47
CA SER A 260 0.52 -39.82 -24.69
C SER A 260 0.13 -38.99 -25.90
N GLY A 261 0.91 -37.94 -26.13
CA GLY A 261 0.67 -37.02 -27.24
C GLY A 261 1.60 -37.26 -28.41
N ALA A 262 2.66 -38.03 -28.19
CA ALA A 262 3.61 -38.34 -29.23
C ALA A 262 3.10 -39.48 -30.11
N SER A 263 3.88 -39.82 -31.13
CA SER A 263 3.55 -40.89 -32.08
C SER A 263 4.43 -42.10 -31.79
N LEU A 264 3.82 -43.14 -31.25
CA LEU A 264 4.50 -44.39 -30.92
C LEU A 264 3.87 -45.51 -31.74
N LYS A 265 4.67 -46.22 -32.51
CA LYS A 265 4.17 -47.32 -33.31
C LYS A 265 5.11 -48.51 -33.18
N LEU A 266 4.54 -49.71 -33.18
CA LEU A 266 5.32 -50.94 -33.11
C LEU A 266 4.50 -52.06 -33.73
N THR A 267 5.03 -52.69 -34.77
CA THR A 267 4.39 -53.86 -35.38
C THR A 267 5.48 -54.88 -35.70
N LEU A 268 5.30 -56.11 -35.23
CA LEU A 268 6.29 -57.15 -35.48
C LEU A 268 6.06 -57.78 -36.84
N LEU A 269 7.15 -58.13 -37.52
CA LEU A 269 7.07 -58.91 -38.74
C LEU A 269 7.29 -60.40 -38.49
N ASN A 270 8.26 -60.73 -37.64
CA ASN A 270 8.42 -62.04 -37.03
C ASN A 270 9.17 -61.90 -35.69
N PRO A 271 8.65 -62.53 -34.62
CA PRO A 271 9.25 -62.30 -33.30
C PRO A 271 10.64 -62.91 -33.11
N LYS A 272 11.06 -63.83 -33.97
CA LYS A 272 12.36 -64.47 -33.86
C LYS A 272 13.26 -64.00 -35.00
N GLY A 273 13.28 -62.68 -35.22
CA GLY A 273 14.25 -62.09 -36.11
C GLY A 273 15.43 -61.51 -35.35
N ARG A 274 16.50 -61.23 -36.10
CA ARG A 274 17.69 -60.66 -35.50
C ARG A 274 17.86 -59.17 -35.78
N ILE A 275 17.14 -58.63 -36.76
CA ILE A 275 17.26 -57.22 -37.13
C ILE A 275 16.09 -56.49 -36.48
N TRP A 276 16.30 -55.99 -35.27
CA TRP A 276 15.33 -55.18 -34.57
C TRP A 276 15.69 -53.71 -34.75
N THR A 277 14.70 -52.89 -35.08
CA THR A 277 14.92 -51.48 -35.34
C THR A 277 14.09 -50.61 -34.41
N MET A 278 14.72 -49.55 -33.91
CA MET A 278 14.08 -48.54 -33.06
C MET A 278 14.46 -47.20 -33.68
N VAL A 279 13.64 -46.72 -34.61
CA VAL A 279 13.97 -45.55 -35.43
C VAL A 279 13.13 -44.37 -34.99
N ALA A 280 13.77 -43.20 -34.86
CA ALA A 280 13.06 -41.95 -34.69
C ALA A 280 12.72 -41.37 -36.06
N GLY A 281 11.44 -41.31 -36.39
CA GLY A 281 10.98 -40.78 -37.66
C GLY A 281 10.04 -41.72 -38.39
N GLY A 282 9.14 -41.14 -39.20
CA GLY A 282 8.20 -41.95 -39.95
C GLY A 282 8.74 -42.38 -41.29
N GLY A 283 9.04 -41.38 -42.13
CA GLY A 283 9.68 -41.66 -43.41
C GLY A 283 11.07 -42.24 -43.23
N ALA A 284 11.75 -41.88 -42.14
CA ALA A 284 13.04 -42.48 -41.83
C ALA A 284 12.93 -43.97 -41.59
N SER A 285 11.98 -44.39 -40.74
CA SER A 285 11.80 -45.81 -40.45
C SER A 285 11.30 -46.57 -41.67
N VAL A 286 10.50 -45.92 -42.50
CA VAL A 286 10.09 -46.51 -43.78
C VAL A 286 11.30 -46.76 -44.67
N VAL A 287 12.22 -45.80 -44.73
CA VAL A 287 13.42 -45.96 -45.57
C VAL A 287 14.39 -47.00 -44.98
N TYR A 288 14.51 -47.07 -43.65
CA TYR A 288 15.35 -48.10 -43.02
C TYR A 288 14.80 -49.51 -43.27
N SER A 289 13.48 -49.69 -43.12
CA SER A 289 12.90 -51.01 -43.40
C SER A 289 12.96 -51.35 -44.88
N ASP A 290 12.87 -50.33 -45.75
CA ASP A 290 13.03 -50.53 -47.18
C ASP A 290 14.44 -51.02 -47.51
N THR A 291 15.45 -50.39 -46.91
CA THR A 291 16.83 -50.74 -47.18
C THR A 291 17.19 -52.10 -46.57
N ILE A 292 16.53 -52.48 -45.47
CA ILE A 292 16.74 -53.81 -44.91
C ILE A 292 16.13 -54.87 -45.80
N CYS A 293 14.89 -54.66 -46.26
CA CYS A 293 14.25 -55.63 -47.14
C CYS A 293 14.74 -55.60 -48.57
N ASP A 294 15.61 -54.64 -48.95
CA ASP A 294 16.25 -54.74 -50.25
C ASP A 294 17.69 -55.21 -50.20
N LEU A 295 18.30 -55.27 -49.02
CA LEU A 295 19.67 -55.76 -48.87
C LEU A 295 19.73 -57.14 -48.23
N GLY A 296 18.76 -58.00 -48.54
CA GLY A 296 18.81 -59.40 -48.14
C GLY A 296 18.22 -59.71 -46.78
N GLY A 297 17.75 -58.71 -46.04
CA GLY A 297 17.17 -58.96 -44.73
C GLY A 297 15.67 -59.06 -44.76
N VAL A 298 15.13 -59.75 -45.77
CA VAL A 298 13.68 -59.85 -45.94
C VAL A 298 13.06 -60.73 -44.85
N ASN A 299 13.73 -61.82 -44.50
CA ASN A 299 13.11 -62.87 -43.71
C ASN A 299 13.17 -62.58 -42.21
N GLU A 300 14.32 -62.14 -41.73
CA GLU A 300 14.58 -61.94 -40.31
C GLU A 300 14.51 -60.48 -39.89
N LEU A 301 13.94 -59.60 -40.72
CA LEU A 301 13.56 -58.29 -40.21
C LEU A 301 12.44 -58.46 -39.20
N ALA A 302 12.73 -58.15 -37.94
CA ALA A 302 11.86 -58.57 -36.86
C ALA A 302 10.63 -57.68 -36.72
N ASN A 303 10.79 -56.38 -36.92
CA ASN A 303 9.69 -55.45 -36.69
C ASN A 303 9.89 -54.20 -37.53
N TYR A 304 8.83 -53.40 -37.58
CA TYR A 304 8.92 -52.01 -38.00
C TYR A 304 8.06 -51.19 -37.07
N GLY A 305 8.62 -50.07 -36.62
CA GLY A 305 7.93 -49.19 -35.70
C GLY A 305 8.77 -47.94 -35.54
N GLU A 306 8.22 -46.99 -34.80
CA GLU A 306 8.90 -45.71 -34.69
C GLU A 306 8.49 -45.02 -33.41
N TYR A 307 9.32 -44.06 -33.02
CA TYR A 307 9.04 -43.14 -31.93
C TYR A 307 9.30 -41.73 -32.45
N SER A 308 8.25 -40.92 -32.54
CA SER A 308 8.40 -39.58 -33.09
C SER A 308 7.43 -38.65 -32.36
N GLY A 309 7.48 -37.37 -32.74
CA GLY A 309 6.74 -36.37 -32.01
C GLY A 309 7.36 -35.98 -30.69
N ALA A 310 8.65 -36.26 -30.50
CA ALA A 310 9.47 -36.00 -29.31
C ALA A 310 8.84 -36.57 -28.04
N PRO A 311 8.89 -37.88 -27.82
CA PRO A 311 8.31 -38.46 -26.61
C PRO A 311 9.11 -38.12 -25.37
N SER A 312 8.51 -38.40 -24.21
CA SER A 312 9.12 -38.08 -22.93
C SER A 312 10.23 -39.09 -22.61
N GLU A 313 10.85 -38.92 -21.44
CA GLU A 313 11.88 -39.84 -21.00
C GLU A 313 11.29 -41.19 -20.59
N GLN A 314 10.18 -41.15 -19.85
CA GLN A 314 9.52 -42.38 -19.41
C GLN A 314 8.93 -43.14 -20.60
N GLN A 315 8.44 -42.41 -21.60
CA GLN A 315 7.81 -43.06 -22.75
C GLN A 315 8.83 -43.76 -23.63
N THR A 316 9.96 -43.11 -23.92
CA THR A 316 11.00 -43.80 -24.68
C THR A 316 11.73 -44.84 -23.84
N TYR A 317 11.73 -44.71 -22.51
CA TYR A 317 12.27 -45.79 -21.68
C TYR A 317 11.39 -47.03 -21.76
N ASP A 318 10.06 -46.84 -21.74
CA ASP A 318 9.15 -47.98 -21.87
C ASP A 318 9.22 -48.60 -23.27
N TYR A 319 9.36 -47.76 -24.31
CA TYR A 319 9.48 -48.27 -25.67
C TYR A 319 10.76 -49.07 -25.86
N ALA A 320 11.89 -48.53 -25.39
CA ALA A 320 13.15 -49.24 -25.52
C ALA A 320 13.19 -50.46 -24.60
N LYS A 321 12.49 -50.42 -23.46
CA LYS A 321 12.37 -51.58 -22.58
C LYS A 321 11.61 -52.70 -23.27
N THR A 322 10.50 -52.36 -23.94
CA THR A 322 9.72 -53.37 -24.63
C THR A 322 10.48 -53.97 -25.81
N ILE A 323 11.19 -53.13 -26.58
CA ILE A 323 11.90 -53.65 -27.74
C ILE A 323 13.18 -54.38 -27.32
N LEU A 324 13.70 -54.13 -26.11
CA LEU A 324 14.84 -54.90 -25.62
C LEU A 324 14.40 -56.21 -25.01
N SER A 325 13.21 -56.24 -24.39
CA SER A 325 12.70 -57.47 -23.81
C SER A 325 12.19 -58.42 -24.88
N LEU A 326 11.67 -57.90 -25.99
CA LEU A 326 11.13 -58.77 -27.03
C LEU A 326 12.21 -59.48 -27.83
N MET A 327 13.46 -59.01 -27.81
CA MET A 327 14.54 -59.74 -28.43
C MET A 327 15.43 -60.43 -27.38
N THR A 328 14.90 -60.63 -26.17
CA THR A 328 15.56 -61.36 -25.12
C THR A 328 15.00 -62.78 -24.98
N ARG A 329 13.80 -63.02 -25.52
CA ARG A 329 13.05 -64.26 -25.28
C ARG A 329 13.76 -65.48 -25.87
N GLU A 330 14.28 -65.36 -27.08
CA GLU A 330 15.04 -66.44 -27.71
C GLU A 330 16.25 -65.88 -28.44
N LYS A 331 17.18 -66.77 -28.77
CA LYS A 331 18.48 -66.40 -29.34
C LYS A 331 18.54 -66.89 -30.79
N HIS A 332 19.42 -66.28 -31.57
CA HIS A 332 19.61 -66.57 -32.98
C HIS A 332 21.09 -66.82 -33.17
N PRO A 333 21.49 -67.88 -33.90
CA PRO A 333 22.91 -68.26 -33.95
C PRO A 333 23.80 -67.27 -34.67
N ASP A 334 23.27 -66.47 -35.59
CA ASP A 334 24.09 -65.48 -36.29
C ASP A 334 24.29 -64.21 -35.48
N GLY A 335 23.56 -64.04 -34.38
CA GLY A 335 23.63 -62.83 -33.58
C GLY A 335 22.56 -61.82 -33.98
N LYS A 336 22.13 -61.05 -32.98
CA LYS A 336 21.04 -60.11 -33.15
C LYS A 336 21.58 -58.69 -33.34
N ILE A 337 20.80 -57.86 -34.03
CA ILE A 337 21.20 -56.52 -34.43
C ILE A 337 20.15 -55.55 -33.93
N LEU A 338 20.57 -54.47 -33.29
CA LEU A 338 19.70 -53.37 -32.90
C LEU A 338 20.08 -52.13 -33.67
N ILE A 339 19.19 -51.66 -34.54
CA ILE A 339 19.42 -50.48 -35.36
C ILE A 339 18.66 -49.32 -34.72
N ILE A 340 19.39 -48.45 -34.03
CA ILE A 340 18.82 -47.21 -33.50
C ILE A 340 19.27 -46.12 -34.47
N GLY A 341 18.44 -45.88 -35.48
CA GLY A 341 18.75 -44.94 -36.52
C GLY A 341 17.97 -43.66 -36.39
N GLY A 342 17.80 -42.98 -37.51
CA GLY A 342 17.01 -41.78 -37.56
C GLY A 342 17.62 -40.78 -38.51
N SER A 343 16.80 -39.82 -38.91
CA SER A 343 17.26 -38.71 -39.72
C SER A 343 17.67 -37.58 -38.79
N ILE A 344 17.91 -36.41 -39.36
CA ILE A 344 18.32 -35.26 -38.56
C ILE A 344 17.10 -34.69 -37.86
N ALA A 345 17.14 -34.68 -36.53
CA ALA A 345 16.07 -34.12 -35.74
C ALA A 345 16.06 -32.59 -35.87
N ASN A 346 14.88 -32.02 -35.66
CA ASN A 346 14.71 -30.57 -35.81
C ASN A 346 15.08 -29.82 -34.52
N PHE A 347 14.38 -30.13 -33.42
CA PHE A 347 14.58 -29.42 -32.17
C PHE A 347 14.79 -30.33 -30.97
N THR A 348 14.70 -31.65 -31.15
CA THR A 348 14.81 -32.58 -30.03
C THR A 348 16.26 -32.68 -29.57
N ASN A 349 16.46 -32.54 -28.27
CA ASN A 349 17.76 -32.82 -27.69
C ASN A 349 18.03 -34.32 -27.78
N VAL A 350 19.14 -34.68 -28.42
CA VAL A 350 19.47 -36.09 -28.64
C VAL A 350 19.77 -36.79 -27.32
N ALA A 351 20.32 -36.04 -26.35
CA ALA A 351 20.74 -36.62 -25.08
C ALA A 351 19.56 -37.05 -24.21
N ALA A 352 18.37 -36.47 -24.38
CA ALA A 352 17.23 -36.88 -23.54
C ALA A 352 16.68 -38.23 -23.99
N THR A 353 16.48 -38.41 -25.29
CA THR A 353 16.02 -39.70 -25.80
C THR A 353 17.12 -40.76 -25.64
N PHE A 354 18.38 -40.38 -25.81
CA PHE A 354 19.45 -41.33 -25.54
C PHE A 354 19.59 -41.62 -24.05
N LYS A 355 19.15 -40.72 -23.18
CA LYS A 355 19.11 -41.02 -21.75
C LYS A 355 18.03 -42.05 -21.44
N GLY A 356 16.89 -41.96 -22.14
CA GLY A 356 15.89 -43.03 -22.06
C GLY A 356 16.41 -44.36 -22.57
N ILE A 357 17.15 -44.34 -23.69
CA ILE A 357 17.68 -45.57 -24.26
C ILE A 357 18.74 -46.19 -23.36
N VAL A 358 19.60 -45.37 -22.74
CA VAL A 358 20.61 -45.95 -21.85
C VAL A 358 20.00 -46.36 -20.52
N ARG A 359 18.87 -45.75 -20.13
CA ARG A 359 18.15 -46.25 -18.95
C ARG A 359 17.53 -47.61 -19.23
N ALA A 360 17.16 -47.88 -20.47
CA ALA A 360 16.71 -49.22 -20.81
C ALA A 360 17.88 -50.20 -20.98
N ILE A 361 19.01 -49.73 -21.53
CA ILE A 361 20.10 -50.62 -21.90
C ILE A 361 20.94 -50.99 -20.68
N ARG A 362 21.35 -50.00 -19.88
CA ARG A 362 22.20 -50.27 -18.73
C ARG A 362 21.48 -51.01 -17.62
N ASP A 363 20.14 -51.02 -17.64
CA ASP A 363 19.37 -51.90 -16.77
C ASP A 363 19.20 -53.30 -17.36
N TYR A 364 19.37 -53.43 -18.68
CA TYR A 364 19.25 -54.71 -19.38
C TYR A 364 20.56 -55.15 -20.01
N GLN A 365 21.70 -54.80 -19.38
CA GLN A 365 22.99 -55.03 -20.02
C GLN A 365 23.34 -56.51 -20.08
N GLY A 366 23.06 -57.24 -19.00
CA GLY A 366 23.27 -58.67 -18.91
C GLY A 366 22.54 -59.50 -19.95
N PRO A 367 21.20 -59.46 -19.94
CA PRO A 367 20.43 -60.21 -20.96
C PRO A 367 20.67 -59.77 -22.39
N LEU A 368 21.11 -58.53 -22.62
CA LEU A 368 21.46 -58.14 -23.98
C LEU A 368 22.80 -58.72 -24.41
N LYS A 369 23.80 -58.74 -23.51
CA LYS A 369 25.04 -59.41 -23.90
C LYS A 369 24.99 -60.92 -23.70
N GLU A 370 23.86 -61.48 -23.27
CA GLU A 370 23.65 -62.91 -23.42
C GLU A 370 23.45 -63.29 -24.89
N HIS A 371 22.58 -62.57 -25.58
CA HIS A 371 22.04 -63.01 -26.86
C HIS A 371 22.88 -62.58 -28.06
N GLU A 372 24.12 -62.13 -27.83
CA GLU A 372 25.12 -61.79 -28.85
C GLU A 372 24.61 -60.69 -29.79
N VAL A 373 24.35 -59.53 -29.21
CA VAL A 373 23.72 -58.43 -29.92
C VAL A 373 24.80 -57.44 -30.35
N THR A 374 24.51 -56.71 -31.42
CA THR A 374 25.36 -55.63 -31.89
C THR A 374 24.47 -54.43 -32.19
N ILE A 375 24.82 -53.28 -31.62
CA ILE A 375 23.98 -52.09 -31.69
C ILE A 375 24.63 -51.09 -32.63
N PHE A 376 23.91 -50.71 -33.68
CA PHE A 376 24.38 -49.68 -34.61
C PHE A 376 23.47 -48.48 -34.49
N VAL A 377 24.07 -47.31 -34.27
CA VAL A 377 23.34 -46.09 -33.95
C VAL A 377 23.74 -45.02 -34.95
N ARG A 378 22.75 -44.38 -35.56
CA ARG A 378 23.00 -43.21 -36.40
C ARG A 378 22.02 -42.11 -36.02
N ARG A 379 22.53 -40.89 -35.89
CA ARG A 379 21.71 -39.79 -35.38
C ARG A 379 22.18 -38.49 -35.99
N GLY A 380 21.34 -37.47 -35.83
CA GLY A 380 21.70 -36.11 -36.20
C GLY A 380 20.73 -35.14 -35.59
N GLY A 381 21.19 -33.90 -35.42
CA GLY A 381 20.34 -32.85 -34.92
C GLY A 381 20.98 -32.00 -33.84
N PRO A 382 20.15 -31.48 -32.93
CA PRO A 382 20.66 -30.65 -31.83
C PRO A 382 21.35 -31.51 -30.79
N ASN A 383 22.65 -31.25 -30.59
CA ASN A 383 23.50 -31.91 -29.58
C ASN A 383 23.55 -33.41 -29.79
N TYR A 384 23.91 -33.82 -31.00
CA TYR A 384 23.93 -35.25 -31.31
C TYR A 384 25.27 -35.88 -30.96
N GLN A 385 26.36 -35.11 -31.03
CA GLN A 385 27.70 -35.65 -30.82
C GLN A 385 27.89 -36.09 -29.37
N GLU A 386 27.37 -35.31 -28.43
CA GLU A 386 27.47 -35.66 -27.03
C GLU A 386 26.59 -36.85 -26.67
N GLY A 387 25.44 -36.98 -27.32
CA GLY A 387 24.61 -38.16 -27.09
C GLY A 387 25.23 -39.42 -27.66
N LEU A 388 25.87 -39.31 -28.84
CA LEU A 388 26.62 -40.43 -29.39
C LEU A 388 27.78 -40.82 -28.49
N ARG A 389 28.46 -39.84 -27.90
CA ARG A 389 29.54 -40.12 -26.96
C ARG A 389 29.03 -40.80 -25.69
N VAL A 390 27.84 -40.38 -25.21
CA VAL A 390 27.23 -41.01 -24.04
C VAL A 390 26.90 -42.48 -24.33
N MET A 391 26.26 -42.76 -25.45
CA MET A 391 25.89 -44.15 -25.69
C MET A 391 27.08 -45.01 -26.11
N GLY A 392 28.12 -44.40 -26.70
CA GLY A 392 29.35 -45.14 -26.93
C GLY A 392 30.10 -45.48 -25.64
N GLU A 393 30.11 -44.56 -24.67
CA GLU A 393 30.77 -44.90 -23.42
C GLU A 393 29.93 -45.87 -22.58
N VAL A 394 28.60 -45.84 -22.73
CA VAL A 394 27.79 -46.88 -22.10
C VAL A 394 28.05 -48.24 -22.75
N GLY A 395 28.28 -48.27 -24.07
CA GLY A 395 28.71 -49.51 -24.71
C GLY A 395 30.09 -49.98 -24.26
N LYS A 396 31.00 -49.02 -24.01
CA LYS A 396 32.35 -49.39 -23.59
C LYS A 396 32.41 -49.87 -22.14
N THR A 397 31.61 -49.30 -21.24
CA THR A 397 31.59 -49.83 -19.86
C THR A 397 30.79 -51.12 -19.78
N THR A 398 29.60 -51.17 -20.39
CA THR A 398 28.77 -52.36 -20.26
C THR A 398 29.26 -53.53 -21.11
N GLY A 399 30.18 -53.29 -22.04
CA GLY A 399 30.73 -54.35 -22.87
C GLY A 399 29.93 -54.66 -24.11
N ILE A 400 28.74 -54.08 -24.27
CA ILE A 400 27.93 -54.32 -25.46
C ILE A 400 28.53 -53.53 -26.62
N PRO A 401 28.71 -54.14 -27.80
CA PRO A 401 29.23 -53.38 -28.95
C PRO A 401 28.24 -52.37 -29.48
N ILE A 402 28.56 -51.08 -29.34
CA ILE A 402 27.72 -49.99 -29.83
C ILE A 402 28.56 -49.14 -30.76
N HIS A 403 28.15 -49.08 -32.03
CA HIS A 403 28.84 -48.30 -33.04
C HIS A 403 27.99 -47.08 -33.36
N VAL A 404 28.41 -45.92 -32.88
CA VAL A 404 27.67 -44.68 -33.04
C VAL A 404 28.12 -43.99 -34.33
N PHE A 405 27.22 -43.26 -34.95
CA PHE A 405 27.49 -42.60 -36.22
C PHE A 405 26.73 -41.28 -36.29
N GLY A 406 27.31 -40.32 -37.00
CA GLY A 406 26.71 -39.00 -37.10
C GLY A 406 26.11 -38.69 -38.45
N THR A 407 26.15 -37.41 -38.84
CA THR A 407 25.64 -36.96 -40.12
C THR A 407 26.67 -37.10 -41.24
N GLU A 408 27.89 -37.55 -40.93
CA GLU A 408 28.88 -37.78 -41.97
C GLU A 408 28.67 -39.10 -42.68
N THR A 409 27.88 -40.00 -42.10
CA THR A 409 27.51 -41.27 -42.70
C THR A 409 26.19 -41.07 -43.46
N HIS A 410 26.00 -41.88 -44.51
CA HIS A 410 24.67 -41.99 -45.11
C HIS A 410 23.70 -42.59 -44.10
N MET A 411 22.40 -42.32 -44.33
CA MET A 411 21.40 -42.63 -43.30
C MET A 411 21.22 -44.14 -43.13
N THR A 412 21.05 -44.86 -44.23
CA THR A 412 20.82 -46.30 -44.20
C THR A 412 22.06 -47.10 -44.54
N ALA A 413 23.25 -46.51 -44.36
CA ALA A 413 24.47 -47.30 -44.51
C ALA A 413 24.64 -48.27 -43.37
N ILE A 414 24.10 -47.96 -42.20
CA ILE A 414 24.36 -48.75 -41.00
C ILE A 414 23.65 -50.09 -41.04
N VAL A 415 22.57 -50.21 -41.82
CA VAL A 415 22.00 -51.53 -42.06
C VAL A 415 22.67 -52.26 -43.20
N GLY A 416 23.44 -51.56 -44.04
CA GLY A 416 24.28 -52.24 -45.00
C GLY A 416 25.53 -52.84 -44.39
N MET A 417 26.10 -52.16 -43.39
CA MET A 417 27.23 -52.68 -42.62
C MET A 417 26.83 -53.37 -41.33
N ALA A 418 25.54 -53.40 -41.00
CA ALA A 418 25.09 -54.27 -39.92
C ALA A 418 24.95 -55.71 -40.41
N LEU A 419 24.50 -55.88 -41.65
CA LEU A 419 24.36 -57.20 -42.26
C LEU A 419 25.66 -57.70 -42.89
N GLY A 420 26.77 -57.00 -42.72
CA GLY A 420 28.05 -57.48 -43.19
C GLY A 420 28.27 -57.39 -44.68
N HIS A 421 27.47 -56.59 -45.39
CA HIS A 421 27.61 -56.47 -46.83
C HIS A 421 28.65 -55.42 -47.21
N ARG A 422 29.10 -54.62 -46.25
CA ARG A 422 30.11 -53.59 -46.45
C ARG A 422 30.81 -53.43 -45.11
N PRO A 423 32.09 -53.04 -45.09
CA PRO A 423 32.87 -53.14 -43.84
C PRO A 423 32.44 -52.14 -42.76
N ILE A 424 32.93 -52.39 -41.55
CA ILE A 424 32.63 -51.58 -40.38
C ILE A 424 33.84 -50.67 -40.13
N PRO A 425 33.73 -49.36 -40.36
CA PRO A 425 34.82 -48.42 -40.06
C PRO A 425 35.06 -48.24 -38.56
N GLY A 487 -2.97 -16.78 -62.43
CA GLY A 487 -1.75 -17.50 -62.71
C GLY A 487 -0.82 -17.58 -61.52
N LYS A 488 -0.18 -18.74 -61.36
CA LYS A 488 0.71 -18.98 -60.22
C LYS A 488 2.12 -18.51 -60.55
N SER A 489 2.79 -17.94 -59.56
CA SER A 489 4.13 -17.41 -59.76
C SER A 489 5.15 -18.54 -59.84
N THR A 490 6.34 -18.20 -60.32
CA THR A 490 7.45 -19.13 -60.40
C THR A 490 8.59 -18.81 -59.45
N THR A 491 8.69 -17.57 -58.98
CA THR A 491 9.65 -17.18 -57.95
C THR A 491 8.84 -16.88 -56.70
N LEU A 492 8.67 -17.90 -55.84
CA LEU A 492 7.90 -17.71 -54.62
C LEU A 492 8.67 -16.87 -53.61
N PHE A 493 9.95 -17.18 -53.41
CA PHE A 493 10.75 -16.56 -52.37
C PHE A 493 11.92 -15.82 -52.99
N SER A 494 12.36 -14.76 -52.30
CA SER A 494 13.47 -13.93 -52.76
C SER A 494 14.09 -13.30 -51.53
N ARG A 495 15.11 -12.47 -51.76
CA ARG A 495 15.75 -11.75 -50.66
C ARG A 495 15.00 -10.49 -50.25
N HIS A 496 13.84 -10.22 -50.85
CA HIS A 496 12.97 -9.14 -50.42
C HIS A 496 11.58 -9.65 -50.04
N THR A 497 11.47 -10.94 -49.75
CA THR A 497 10.20 -11.55 -49.40
C THR A 497 9.85 -11.24 -47.96
N LYS A 498 8.65 -10.73 -47.72
CA LYS A 498 8.18 -10.45 -46.38
C LYS A 498 6.96 -11.30 -46.06
N ALA A 499 6.91 -11.75 -44.81
CA ALA A 499 5.94 -12.73 -44.34
C ALA A 499 5.09 -12.19 -43.21
N ILE A 500 3.92 -12.79 -43.06
CA ILE A 500 3.03 -12.58 -41.91
C ILE A 500 2.74 -13.95 -41.33
N VAL A 501 2.99 -14.11 -40.04
CA VAL A 501 2.85 -15.40 -39.37
C VAL A 501 1.54 -15.40 -38.59
N TRP A 502 0.72 -16.41 -38.81
CA TRP A 502 -0.52 -16.56 -38.05
C TRP A 502 -0.23 -17.48 -36.87
N GLY A 503 -0.28 -16.93 -35.67
CA GLY A 503 -0.09 -17.72 -34.47
C GLY A 503 0.99 -17.16 -33.57
N MET A 504 1.02 -17.63 -32.32
CA MET A 504 2.03 -17.21 -31.36
C MET A 504 3.19 -18.19 -31.46
N GLN A 505 4.11 -17.91 -32.39
CA GLN A 505 5.14 -18.85 -32.81
C GLN A 505 6.50 -18.17 -32.79
N THR A 506 6.84 -17.57 -31.64
CA THR A 506 8.07 -16.80 -31.50
C THR A 506 9.33 -17.61 -31.75
N ARG A 507 9.29 -18.92 -31.48
CA ARG A 507 10.44 -19.77 -31.76
C ARG A 507 10.68 -19.89 -33.26
N ALA A 508 9.61 -20.08 -34.03
CA ALA A 508 9.73 -20.18 -35.49
C ALA A 508 10.13 -18.85 -36.11
N VAL A 509 9.59 -17.74 -35.60
CA VAL A 509 9.95 -16.43 -36.10
C VAL A 509 11.40 -16.11 -35.78
N GLN A 510 11.88 -16.52 -34.60
CA GLN A 510 13.27 -16.30 -34.25
C GLN A 510 14.21 -17.17 -35.08
N GLY A 511 13.78 -18.39 -35.40
CA GLY A 511 14.55 -19.21 -36.32
C GLY A 511 14.62 -18.62 -37.72
N MET A 512 13.53 -18.02 -38.17
CA MET A 512 13.54 -17.34 -39.47
C MET A 512 14.45 -16.12 -39.47
N LEU A 513 14.47 -15.35 -38.38
CA LEU A 513 15.35 -14.19 -38.33
C LEU A 513 16.81 -14.60 -38.20
N ASP A 514 17.10 -15.69 -37.48
CA ASP A 514 18.46 -16.21 -37.40
C ASP A 514 18.93 -16.71 -38.75
N PHE A 515 18.05 -17.38 -39.49
CA PHE A 515 18.36 -17.79 -40.86
C PHE A 515 18.63 -16.60 -41.75
N ASP A 516 17.87 -15.52 -41.59
CA ASP A 516 18.10 -14.33 -42.40
C ASP A 516 19.42 -13.66 -42.05
N TYR A 517 19.82 -13.71 -40.78
CA TYR A 517 21.10 -13.10 -40.41
C TYR A 517 22.28 -13.93 -40.92
N VAL A 518 22.18 -15.26 -40.86
CA VAL A 518 23.29 -16.07 -41.38
C VAL A 518 23.30 -16.15 -42.90
N CYS A 519 22.23 -15.71 -43.57
CA CYS A 519 22.22 -15.61 -45.02
C CYS A 519 22.55 -14.22 -45.54
N SER A 520 23.07 -13.35 -44.68
CA SER A 520 23.55 -12.00 -45.03
C SER A 520 22.44 -11.14 -45.65
N ARG A 521 21.22 -11.35 -45.20
CA ARG A 521 20.07 -10.63 -45.73
C ARG A 521 19.97 -9.26 -45.06
N ASP A 522 19.32 -8.32 -45.74
CA ASP A 522 19.21 -6.95 -45.27
C ASP A 522 18.11 -6.78 -44.22
N GLU A 523 16.96 -7.40 -44.45
CA GLU A 523 15.75 -7.14 -43.71
C GLU A 523 15.19 -8.47 -43.19
N PRO A 524 14.46 -8.45 -42.08
CA PRO A 524 13.80 -9.68 -41.60
C PRO A 524 12.75 -10.21 -42.57
N SER A 525 12.49 -11.51 -42.48
CA SER A 525 11.44 -12.13 -43.28
C SER A 525 10.06 -11.87 -42.72
N VAL A 526 9.93 -11.69 -41.42
CA VAL A 526 8.63 -11.55 -40.77
C VAL A 526 8.36 -10.09 -40.54
N ALA A 527 7.25 -9.60 -41.10
CA ALA A 527 6.84 -8.21 -40.90
C ALA A 527 5.89 -8.07 -39.74
N ALA A 528 5.00 -9.05 -39.54
CA ALA A 528 4.02 -8.98 -38.48
C ALA A 528 3.64 -10.39 -38.06
N MET A 529 2.95 -10.48 -36.93
CA MET A 529 2.34 -11.71 -36.46
C MET A 529 0.85 -11.45 -36.26
N VAL A 530 0.04 -12.50 -36.38
CA VAL A 530 -1.40 -12.39 -36.19
C VAL A 530 -1.81 -13.39 -35.13
N TYR A 531 -2.18 -12.89 -33.95
CA TYR A 531 -2.73 -13.73 -32.88
C TYR A 531 -4.04 -13.10 -32.44
N PRO A 532 -5.18 -13.76 -32.67
CA PRO A 532 -6.48 -13.11 -32.43
C PRO A 532 -6.89 -13.03 -30.96
N PHE A 533 -6.16 -13.66 -30.04
CA PHE A 533 -6.59 -13.72 -28.65
C PHE A 533 -5.91 -12.69 -27.76
N THR A 534 -5.27 -11.68 -28.35
CA THR A 534 -4.68 -10.59 -27.58
C THR A 534 -4.63 -9.35 -28.46
N GLY A 535 -4.39 -8.20 -27.82
CA GLY A 535 -4.39 -6.93 -28.50
C GLY A 535 -3.13 -6.70 -29.32
N ASP A 536 -3.09 -5.53 -29.94
CA ASP A 536 -1.99 -5.15 -30.81
C ASP A 536 -0.82 -4.72 -29.95
N HIS A 537 0.29 -5.44 -30.02
CA HIS A 537 1.47 -5.07 -29.25
C HIS A 537 2.70 -5.35 -30.12
N LYS A 538 3.88 -5.36 -29.51
CA LYS A 538 5.13 -5.67 -30.20
C LYS A 538 5.83 -6.79 -29.45
N GLN A 539 6.39 -7.74 -30.20
CA GLN A 539 7.19 -8.82 -29.66
C GLN A 539 8.66 -8.53 -29.90
N LYS A 540 9.50 -8.91 -28.96
CA LYS A 540 10.92 -8.61 -29.02
C LYS A 540 11.69 -9.80 -29.58
N PHE A 541 12.42 -9.58 -30.66
CA PHE A 541 13.16 -10.64 -31.34
C PHE A 541 14.60 -10.20 -31.55
N TYR A 542 15.41 -11.13 -32.03
CA TYR A 542 16.84 -10.91 -32.21
C TYR A 542 17.22 -10.90 -33.68
N TRP A 543 17.99 -9.90 -34.08
CA TRP A 543 18.62 -9.80 -35.39
C TRP A 543 20.13 -9.86 -35.11
N GLY A 544 20.67 -11.07 -35.12
CA GLY A 544 22.07 -11.27 -34.80
C GLY A 544 22.33 -10.99 -33.34
N HIS A 545 22.99 -9.87 -33.07
CA HIS A 545 23.16 -9.37 -31.71
C HIS A 545 22.14 -8.32 -31.34
N LYS A 546 21.64 -7.56 -32.31
CA LYS A 546 20.72 -6.45 -32.06
C LYS A 546 19.34 -7.01 -31.76
N GLU A 547 18.53 -6.23 -31.04
CA GLU A 547 17.16 -6.61 -30.75
C GLU A 547 16.20 -5.73 -31.54
N ILE A 548 15.22 -6.36 -32.18
CA ILE A 548 14.21 -5.67 -32.97
C ILE A 548 12.85 -5.97 -32.37
N LEU A 549 11.83 -5.28 -32.90
CA LEU A 549 10.44 -5.49 -32.52
C LEU A 549 9.63 -5.87 -33.74
N ILE A 550 8.77 -6.85 -33.60
CA ILE A 550 7.85 -7.29 -34.66
C ILE A 550 6.43 -7.10 -34.14
N PRO A 551 5.57 -6.38 -34.86
CA PRO A 551 4.22 -6.08 -34.35
C PRO A 551 3.32 -7.31 -34.40
N VAL A 552 2.66 -7.58 -33.28
CA VAL A 552 1.68 -8.63 -33.16
C VAL A 552 0.30 -7.97 -33.22
N PHE A 553 -0.40 -8.19 -34.33
CA PHE A 553 -1.73 -7.66 -34.56
C PHE A 553 -2.78 -8.68 -34.14
N LYS A 554 -4.00 -8.18 -33.94
CA LYS A 554 -5.11 -9.03 -33.54
C LYS A 554 -5.91 -9.51 -34.75
N ASN A 555 -6.24 -8.61 -35.65
CA ASN A 555 -6.97 -8.94 -36.87
C ASN A 555 -6.01 -9.00 -38.05
N MET A 556 -6.40 -9.78 -39.06
CA MET A 556 -5.57 -9.94 -40.23
C MET A 556 -5.65 -8.72 -41.15
N ALA A 557 -6.78 -8.02 -41.15
CA ALA A 557 -6.93 -6.82 -41.97
C ALA A 557 -6.02 -5.70 -41.49
N ASP A 558 -5.83 -5.59 -40.18
CA ASP A 558 -4.89 -4.62 -39.63
C ASP A 558 -3.46 -4.99 -40.02
N ALA A 559 -3.17 -6.28 -40.12
CA ALA A 559 -1.84 -6.70 -40.53
C ALA A 559 -1.60 -6.49 -42.01
N MET A 560 -2.65 -6.56 -42.83
CA MET A 560 -2.47 -6.32 -44.26
C MET A 560 -2.46 -4.83 -44.60
N ARG A 561 -3.15 -4.00 -43.81
CA ARG A 561 -3.16 -2.57 -44.10
C ARG A 561 -1.81 -1.93 -43.81
N LYS A 562 -1.18 -2.30 -42.69
CA LYS A 562 0.11 -1.71 -42.34
C LYS A 562 1.25 -2.25 -43.20
N HIS A 563 1.08 -3.41 -43.82
CA HIS A 563 2.16 -4.10 -44.52
C HIS A 563 1.68 -4.53 -45.90
N PRO A 564 1.85 -3.69 -46.93
CA PRO A 564 1.50 -4.09 -48.29
C PRO A 564 2.59 -4.84 -49.02
N GLU A 565 3.81 -4.91 -48.49
CA GLU A 565 4.91 -5.63 -49.10
C GLU A 565 4.94 -7.10 -48.71
N VAL A 566 4.04 -7.54 -47.85
CA VAL A 566 3.96 -8.94 -47.44
C VAL A 566 3.34 -9.74 -48.58
N ASP A 567 4.06 -10.75 -49.05
CA ASP A 567 3.55 -11.57 -50.15
C ASP A 567 3.50 -13.05 -49.83
N VAL A 568 3.73 -13.42 -48.56
CA VAL A 568 3.61 -14.80 -48.10
C VAL A 568 3.02 -14.79 -46.70
N LEU A 569 2.07 -15.69 -46.45
CA LEU A 569 1.56 -15.90 -45.11
C LEU A 569 1.88 -17.32 -44.68
N ILE A 570 2.40 -17.48 -43.47
CA ILE A 570 2.67 -18.77 -42.87
C ILE A 570 1.59 -19.01 -41.83
N ASN A 571 0.83 -20.08 -42.00
CA ASN A 571 -0.37 -20.33 -41.21
C ASN A 571 -0.07 -21.45 -40.23
N PHE A 572 0.29 -21.08 -39.00
CA PHE A 572 0.53 -22.02 -37.91
C PHE A 572 -0.73 -22.31 -37.12
N ALA A 573 -1.90 -22.21 -37.74
CA ALA A 573 -3.14 -22.49 -37.03
C ALA A 573 -3.29 -23.99 -36.78
N SER A 574 -4.22 -24.33 -35.90
CA SER A 574 -4.50 -25.72 -35.60
C SER A 574 -5.32 -26.34 -36.72
N LEU A 575 -5.60 -27.65 -36.59
CA LEU A 575 -6.32 -28.37 -37.64
C LEU A 575 -7.77 -27.92 -37.78
N ARG A 576 -8.35 -27.38 -36.72
CA ARG A 576 -9.76 -27.01 -36.74
C ARG A 576 -9.96 -25.54 -37.08
N SER A 577 -8.87 -24.76 -37.15
CA SER A 577 -8.96 -23.34 -37.43
C SER A 577 -7.99 -22.90 -38.53
N ALA A 578 -7.44 -23.83 -39.30
CA ALA A 578 -6.60 -23.46 -40.44
C ALA A 578 -7.44 -23.19 -41.68
N TYR A 579 -8.60 -23.83 -41.77
CA TYR A 579 -9.49 -23.63 -42.92
C TYR A 579 -10.04 -22.22 -42.94
N ASP A 580 -10.53 -21.74 -41.80
CA ASP A 580 -11.08 -20.39 -41.72
C ASP A 580 -10.01 -19.33 -41.91
N SER A 581 -8.81 -19.58 -41.36
CA SER A 581 -7.71 -18.63 -41.50
C SER A 581 -7.23 -18.56 -42.95
N THR A 582 -7.16 -19.71 -43.63
CA THR A 582 -6.74 -19.71 -45.03
C THR A 582 -7.81 -19.11 -45.95
N MET A 583 -9.08 -19.39 -45.66
CA MET A 583 -10.18 -18.81 -46.44
C MET A 583 -10.25 -17.30 -46.26
N GLU A 584 -10.01 -16.82 -45.03
CA GLU A 584 -9.95 -15.39 -44.80
C GLU A 584 -8.66 -14.79 -45.38
N THR A 585 -7.61 -15.59 -45.54
CA THR A 585 -6.39 -15.09 -46.15
C THR A 585 -6.53 -14.90 -47.65
N MET A 586 -7.21 -15.82 -48.34
CA MET A 586 -7.16 -15.84 -49.80
C MET A 586 -7.95 -14.72 -50.48
N ASN A 587 -8.73 -13.91 -49.75
CA ASN A 587 -9.37 -12.77 -50.38
C ASN A 587 -8.53 -11.50 -50.31
N TYR A 588 -7.28 -11.60 -49.86
CA TYR A 588 -6.31 -10.51 -49.96
C TYR A 588 -5.43 -10.77 -51.17
N ALA A 589 -5.32 -9.78 -52.05
CA ALA A 589 -4.60 -9.96 -53.29
C ALA A 589 -3.08 -9.85 -53.14
N GLN A 590 -2.60 -9.33 -52.02
CA GLN A 590 -1.16 -9.19 -51.84
C GLN A 590 -0.50 -10.51 -51.45
N ILE A 591 -1.24 -11.40 -50.80
CA ILE A 591 -0.70 -12.70 -50.41
C ILE A 591 -0.62 -13.57 -51.65
N ARG A 592 0.59 -13.88 -52.10
CA ARG A 592 0.77 -14.69 -53.29
C ARG A 592 0.98 -16.16 -52.99
N THR A 593 1.43 -16.51 -51.79
CA THR A 593 1.63 -17.91 -51.44
C THR A 593 1.37 -18.09 -49.94
N ILE A 594 0.75 -19.22 -49.60
CA ILE A 594 0.37 -19.55 -48.23
C ILE A 594 1.04 -20.86 -47.84
N ALA A 595 1.52 -20.95 -46.61
CA ALA A 595 2.07 -22.17 -46.06
C ALA A 595 1.19 -22.63 -44.90
N ILE A 596 0.60 -23.81 -45.03
CA ILE A 596 -0.23 -24.39 -43.99
C ILE A 596 0.58 -25.46 -43.28
N ILE A 597 0.63 -25.39 -41.95
CA ILE A 597 1.49 -26.27 -41.18
C ILE A 597 0.70 -27.41 -40.51
N ALA A 598 -0.61 -27.25 -40.36
CA ALA A 598 -1.38 -28.09 -39.44
C ALA A 598 -1.53 -29.53 -39.93
N GLU A 599 -1.48 -30.46 -38.98
CA GLU A 599 -1.58 -31.88 -39.32
C GLU A 599 -2.93 -32.52 -38.96
N GLY A 600 -3.75 -32.75 -39.97
CA GLY A 600 -5.03 -33.37 -39.81
C GLY A 600 -6.23 -32.57 -40.26
N ILE A 601 -6.06 -31.63 -41.18
CA ILE A 601 -7.19 -30.91 -41.75
C ILE A 601 -7.98 -31.90 -42.59
N PRO A 602 -9.29 -32.02 -42.38
CA PRO A 602 -10.07 -33.03 -43.11
C PRO A 602 -10.17 -32.70 -44.60
N GLU A 603 -10.25 -33.76 -45.39
CA GLU A 603 -9.87 -33.70 -46.80
C GLU A 603 -10.84 -32.90 -47.66
N ALA A 604 -12.11 -32.80 -47.27
CA ALA A 604 -13.04 -31.93 -48.00
C ALA A 604 -12.68 -30.47 -47.81
N LEU A 605 -12.23 -30.11 -46.61
CA LEU A 605 -11.85 -28.73 -46.32
C LEU A 605 -10.59 -28.33 -47.09
N THR A 606 -9.61 -29.23 -47.17
CA THR A 606 -8.42 -28.89 -47.95
C THR A 606 -8.69 -28.98 -49.44
N ARG A 607 -9.73 -29.74 -49.87
CA ARG A 607 -10.13 -29.68 -51.27
C ARG A 607 -10.74 -28.34 -51.62
N LYS A 608 -11.55 -27.78 -50.71
CA LYS A 608 -12.07 -26.43 -50.91
C LYS A 608 -10.95 -25.38 -50.89
N LEU A 609 -9.93 -25.60 -50.05
CA LEU A 609 -8.77 -24.70 -50.04
C LEU A 609 -8.01 -24.76 -51.36
N ILE A 610 -7.84 -25.97 -51.92
CA ILE A 610 -7.19 -26.14 -53.22
C ILE A 610 -7.97 -25.43 -54.32
N LYS A 611 -9.31 -25.57 -54.31
CA LYS A 611 -10.08 -24.98 -55.40
C LYS A 611 -10.13 -23.46 -55.31
N LYS A 612 -10.13 -22.88 -54.09
CA LYS A 612 -10.11 -21.43 -54.03
C LYS A 612 -8.71 -20.88 -54.32
N ALA A 613 -7.66 -21.65 -53.99
CA ALA A 613 -6.32 -21.24 -54.38
C ALA A 613 -6.13 -21.29 -55.89
N ASP A 614 -6.72 -22.28 -56.55
CA ASP A 614 -6.63 -22.34 -58.00
C ASP A 614 -7.48 -21.27 -58.66
N GLN A 615 -8.59 -20.87 -58.03
CA GLN A 615 -9.38 -19.76 -58.56
C GLN A 615 -8.63 -18.44 -58.41
N LYS A 616 -8.09 -18.18 -57.23
CA LYS A 616 -7.41 -16.92 -56.95
C LYS A 616 -6.00 -16.86 -57.53
N GLY A 617 -5.35 -18.00 -57.72
CA GLY A 617 -4.01 -18.00 -58.27
C GLY A 617 -2.90 -17.90 -57.25
N VAL A 618 -3.14 -18.34 -56.01
CA VAL A 618 -2.12 -18.35 -54.97
C VAL A 618 -1.56 -19.75 -54.87
N THR A 619 -0.32 -19.85 -54.40
CA THR A 619 0.37 -21.13 -54.28
C THR A 619 0.33 -21.58 -52.83
N ILE A 620 -0.51 -22.54 -52.51
CA ILE A 620 -0.52 -23.14 -51.17
C ILE A 620 0.59 -24.17 -51.10
N ILE A 621 1.57 -23.91 -50.24
CA ILE A 621 2.42 -24.98 -49.76
C ILE A 621 1.57 -25.83 -48.83
N GLY A 622 1.44 -27.11 -49.18
CA GLY A 622 0.36 -27.97 -48.74
C GLY A 622 0.27 -28.19 -47.24
N PRO A 623 -0.90 -28.63 -46.78
CA PRO A 623 -1.08 -28.88 -45.34
C PRO A 623 -0.25 -30.06 -44.88
N ALA A 624 -0.07 -30.13 -43.56
CA ALA A 624 0.73 -31.16 -42.88
C ALA A 624 2.18 -31.16 -43.37
N THR A 625 2.74 -29.97 -43.52
CA THR A 625 4.12 -29.82 -43.96
C THR A 625 4.93 -29.16 -42.86
N VAL A 626 6.25 -29.30 -42.95
CA VAL A 626 7.14 -28.56 -42.07
C VAL A 626 7.40 -27.17 -42.65
N GLY A 627 7.24 -26.99 -43.95
CA GLY A 627 7.48 -25.74 -44.62
C GLY A 627 8.34 -25.96 -45.85
N GLY A 628 9.10 -24.93 -46.21
CA GLY A 628 10.07 -25.06 -47.28
C GLY A 628 11.22 -24.10 -47.02
N ILE A 629 12.39 -24.48 -47.50
CA ILE A 629 13.60 -23.68 -47.28
C ILE A 629 14.24 -23.38 -48.62
N LYS A 630 14.41 -22.09 -48.92
CA LYS A 630 15.21 -21.64 -50.04
C LYS A 630 16.48 -21.02 -49.48
N PRO A 631 17.63 -21.70 -49.55
CA PRO A 631 18.84 -21.18 -48.90
C PRO A 631 19.33 -19.89 -49.54
N GLY A 632 19.63 -18.92 -48.68
CA GLY A 632 20.03 -17.60 -49.10
C GLY A 632 18.94 -16.57 -49.09
N CYS A 633 17.68 -16.97 -49.21
CA CYS A 633 16.57 -16.03 -49.31
C CYS A 633 15.55 -16.15 -48.18
N PHE A 634 15.01 -17.34 -47.95
CA PHE A 634 13.79 -17.44 -47.15
C PHE A 634 13.65 -18.86 -46.61
N LYS A 635 13.02 -18.96 -45.44
CA LYS A 635 12.81 -20.24 -44.77
C LYS A 635 11.47 -20.18 -44.07
N ILE A 636 10.64 -21.21 -44.25
CA ILE A 636 9.28 -21.20 -43.75
C ILE A 636 9.28 -21.80 -42.35
N GLY A 637 9.20 -20.95 -41.33
CA GLY A 637 8.93 -21.39 -39.98
C GLY A 637 10.03 -22.19 -39.31
N ASN A 638 9.77 -23.49 -39.14
CA ASN A 638 10.65 -24.39 -38.40
C ASN A 638 11.36 -25.37 -39.32
N THR A 639 11.39 -25.14 -40.62
CA THR A 639 12.07 -26.07 -41.50
C THR A 639 13.58 -25.90 -41.38
N GLY A 640 14.28 -27.01 -41.50
CA GLY A 640 15.70 -27.05 -41.19
C GLY A 640 15.97 -27.43 -39.75
N GLY A 641 15.24 -26.83 -38.80
CA GLY A 641 15.44 -27.11 -37.40
C GLY A 641 16.10 -25.95 -36.69
N MET A 642 17.09 -26.25 -35.84
CA MET A 642 17.92 -25.22 -35.23
C MET A 642 18.95 -24.72 -36.23
N LEU A 643 19.77 -23.76 -35.81
CA LEU A 643 20.87 -23.31 -36.65
C LEU A 643 22.03 -24.28 -36.69
N ASP A 644 22.09 -25.25 -35.78
CA ASP A 644 23.11 -26.28 -35.87
C ASP A 644 22.91 -27.11 -37.13
N ASN A 645 21.65 -27.37 -37.48
CA ASN A 645 21.32 -28.14 -38.67
C ASN A 645 21.41 -27.28 -39.93
N ILE A 646 21.16 -25.98 -39.82
CA ILE A 646 21.32 -25.09 -40.97
C ILE A 646 22.80 -24.92 -41.30
N LEU A 647 23.62 -24.71 -40.29
CA LEU A 647 25.04 -24.48 -40.52
C LEU A 647 25.78 -25.78 -40.82
N ALA A 648 25.32 -26.91 -40.29
CA ALA A 648 25.96 -28.18 -40.60
C ALA A 648 25.63 -28.66 -42.01
N SER A 649 24.49 -28.27 -42.56
CA SER A 649 24.08 -28.67 -43.90
C SER A 649 24.27 -27.56 -44.92
N LYS A 650 25.00 -26.50 -44.55
CA LYS A 650 25.42 -25.41 -45.44
C LYS A 650 24.26 -24.72 -46.12
N LEU A 651 23.17 -24.51 -45.37
CA LEU A 651 21.94 -23.97 -45.93
C LEU A 651 21.90 -22.46 -45.92
N TYR A 652 23.05 -21.79 -45.85
CA TYR A 652 23.11 -20.34 -45.84
C TYR A 652 23.49 -19.75 -47.18
N ARG A 653 23.90 -20.57 -48.15
CA ARG A 653 24.25 -20.10 -49.48
C ARG A 653 23.51 -20.92 -50.52
N PRO A 654 23.10 -20.30 -51.63
CA PRO A 654 22.33 -21.04 -52.64
C PRO A 654 23.20 -22.01 -53.42
N GLY A 655 22.62 -23.15 -53.75
CA GLY A 655 23.29 -24.12 -54.60
C GLY A 655 22.68 -24.16 -55.98
N SER A 656 22.52 -25.37 -56.53
CA SER A 656 21.88 -25.52 -57.82
C SER A 656 20.97 -26.74 -57.88
N VAL A 657 20.61 -27.32 -56.75
CA VAL A 657 19.79 -28.53 -56.70
C VAL A 657 18.49 -28.21 -56.00
N ALA A 658 17.38 -28.46 -56.66
CA ALA A 658 16.09 -28.36 -55.99
C ALA A 658 15.63 -29.75 -55.56
N TYR A 659 14.73 -29.78 -54.59
CA TYR A 659 14.16 -31.07 -54.20
C TYR A 659 12.73 -30.88 -53.76
N VAL A 660 11.93 -31.94 -53.94
CA VAL A 660 10.57 -32.00 -53.44
C VAL A 660 10.40 -33.31 -52.67
N SER A 661 9.95 -33.20 -51.42
CA SER A 661 9.61 -34.33 -50.58
C SER A 661 8.14 -34.27 -50.20
N ARG A 662 7.64 -35.37 -49.66
CA ARG A 662 6.27 -35.39 -49.15
C ARG A 662 6.24 -35.10 -47.65
N SER A 663 6.82 -35.97 -46.84
CA SER A 663 6.93 -35.70 -45.42
C SER A 663 8.09 -34.74 -45.16
N GLY A 664 8.08 -34.15 -43.97
CA GLY A 664 9.08 -33.16 -43.61
C GLY A 664 10.34 -33.76 -43.02
N GLY A 665 10.21 -34.94 -42.42
CA GLY A 665 11.34 -35.56 -41.72
C GLY A 665 12.46 -36.04 -42.62
N MET A 666 12.21 -36.16 -43.92
CA MET A 666 13.23 -36.58 -44.87
C MET A 666 13.87 -35.40 -45.59
N SER A 667 13.30 -34.20 -45.46
CA SER A 667 13.90 -33.01 -46.07
C SER A 667 15.21 -32.65 -45.40
N ASN A 668 15.35 -32.94 -44.10
CA ASN A 668 16.61 -32.72 -43.40
C ASN A 668 17.70 -33.63 -43.95
N GLU A 669 17.37 -34.91 -44.17
CA GLU A 669 18.34 -35.85 -44.72
C GLU A 669 18.66 -35.52 -46.17
N LEU A 670 17.69 -35.01 -46.93
CA LEU A 670 17.99 -34.56 -48.29
C LEU A 670 18.88 -33.34 -48.29
N ASN A 671 18.68 -32.42 -47.34
CA ASN A 671 19.57 -31.28 -47.17
C ASN A 671 20.99 -31.74 -46.85
N ASN A 672 21.13 -32.76 -45.99
CA ASN A 672 22.45 -33.28 -45.65
C ASN A 672 23.11 -33.96 -46.84
N ILE A 673 22.35 -34.71 -47.61
CA ILE A 673 22.89 -35.44 -48.75
C ILE A 673 23.34 -34.48 -49.85
N ILE A 674 22.49 -33.49 -50.16
CA ILE A 674 22.86 -32.50 -51.17
C ILE A 674 23.97 -31.58 -50.66
N SER A 675 24.12 -31.42 -49.34
CA SER A 675 25.25 -30.66 -48.83
C SER A 675 26.55 -31.43 -48.97
N ARG A 676 26.54 -32.73 -48.68
CA ARG A 676 27.78 -33.49 -48.66
C ARG A 676 28.16 -34.11 -50.00
N THR A 677 27.28 -34.09 -51.00
CA THR A 677 27.66 -34.57 -52.33
C THR A 677 27.64 -33.48 -53.40
N THR A 678 26.99 -32.36 -53.15
CA THR A 678 26.76 -31.36 -54.19
C THR A 678 27.14 -29.99 -53.63
N ASP A 679 27.08 -28.95 -54.46
CA ASP A 679 27.39 -27.58 -54.04
C ASP A 679 26.29 -26.95 -53.22
N GLY A 680 25.13 -27.59 -53.07
CA GLY A 680 24.13 -27.09 -52.16
C GLY A 680 22.70 -27.07 -52.69
N VAL A 681 21.75 -26.83 -51.79
CA VAL A 681 20.34 -26.77 -52.17
C VAL A 681 20.03 -25.36 -52.65
N TYR A 682 19.35 -25.26 -53.79
CA TYR A 682 18.83 -23.98 -54.25
C TYR A 682 17.49 -23.68 -53.61
N GLU A 683 16.63 -24.68 -53.50
CA GLU A 683 15.29 -24.53 -52.96
C GLU A 683 14.79 -25.93 -52.58
N GLY A 684 13.99 -26.01 -51.53
CA GLY A 684 13.43 -27.30 -51.18
C GLY A 684 12.12 -27.18 -50.44
N VAL A 685 11.09 -27.86 -50.92
CA VAL A 685 9.75 -27.75 -50.39
C VAL A 685 9.23 -29.14 -50.08
N ALA A 686 8.80 -29.36 -48.84
CA ALA A 686 8.02 -30.53 -48.46
C ALA A 686 6.56 -30.19 -48.68
N ILE A 687 5.88 -30.99 -49.51
CA ILE A 687 4.52 -30.64 -49.88
C ILE A 687 3.48 -31.10 -48.86
N GLY A 688 3.84 -31.98 -47.95
CA GLY A 688 2.91 -32.38 -46.91
C GLY A 688 2.56 -33.85 -46.91
N GLY A 689 2.14 -34.35 -45.75
CA GLY A 689 1.72 -35.72 -45.59
C GLY A 689 0.23 -35.95 -45.69
N ASP A 690 -0.54 -34.93 -46.07
CA ASP A 690 -1.96 -35.09 -46.31
C ASP A 690 -2.20 -35.80 -47.63
N ARG A 691 -3.43 -36.27 -47.81
CA ARG A 691 -3.77 -37.01 -49.02
C ARG A 691 -3.97 -36.08 -50.22
N TYR A 692 -4.54 -34.89 -49.99
CA TYR A 692 -4.74 -33.89 -51.03
C TYR A 692 -3.94 -32.65 -50.65
N PRO A 693 -2.66 -32.58 -51.02
CA PRO A 693 -1.85 -31.40 -50.69
C PRO A 693 -2.23 -30.21 -51.55
N GLY A 694 -1.97 -29.01 -51.02
CA GLY A 694 -2.24 -27.79 -51.77
C GLY A 694 -1.38 -27.61 -53.00
N SER A 695 -0.22 -28.25 -53.02
CA SER A 695 0.60 -28.34 -54.22
C SER A 695 1.18 -29.74 -54.28
N THR A 696 1.06 -30.38 -55.44
CA THR A 696 1.58 -31.72 -55.63
C THR A 696 3.04 -31.64 -56.10
N PHE A 697 3.56 -32.74 -56.64
CA PHE A 697 4.91 -32.74 -57.21
C PHE A 697 4.99 -31.81 -58.41
N MET A 698 3.92 -31.76 -59.22
CA MET A 698 4.01 -31.13 -60.53
C MET A 698 4.01 -29.62 -60.45
N ASP A 699 3.28 -29.05 -59.48
CA ASP A 699 3.23 -27.59 -59.33
C ASP A 699 4.55 -27.01 -58.89
N HIS A 700 5.44 -27.83 -58.33
CA HIS A 700 6.79 -27.39 -57.99
C HIS A 700 7.83 -27.81 -59.02
N VAL A 701 7.63 -28.93 -59.73
CA VAL A 701 8.59 -29.28 -60.77
C VAL A 701 8.45 -28.35 -61.98
N LEU A 702 7.23 -27.91 -62.31
CA LEU A 702 7.09 -26.80 -63.26
C LEU A 702 7.66 -25.49 -62.72
N ARG A 703 7.65 -25.31 -61.41
CA ARG A 703 8.20 -24.08 -60.84
C ARG A 703 9.72 -24.07 -60.89
N TYR A 704 10.34 -25.24 -60.77
CA TYR A 704 11.78 -25.36 -60.86
C TYR A 704 12.26 -25.36 -62.30
N GLN A 705 11.48 -25.93 -63.22
CA GLN A 705 11.89 -26.01 -64.62
C GLN A 705 11.96 -24.62 -65.26
N ASP A 706 11.13 -23.68 -64.80
CA ASP A 706 11.16 -22.33 -65.35
C ASP A 706 12.23 -21.45 -64.72
N THR A 707 12.68 -21.77 -63.49
CA THR A 707 13.68 -20.93 -62.84
C THR A 707 15.07 -21.22 -63.41
N PRO A 708 15.84 -20.19 -63.78
CA PRO A 708 17.14 -20.45 -64.40
C PRO A 708 18.24 -20.83 -63.42
N GLY A 709 18.07 -20.57 -62.12
CA GLY A 709 19.15 -20.79 -61.17
C GLY A 709 19.41 -22.24 -60.85
N VAL A 710 18.38 -23.07 -60.84
CA VAL A 710 18.54 -24.48 -60.52
C VAL A 710 18.99 -25.26 -61.74
N LYS A 711 19.90 -26.21 -61.53
CA LYS A 711 20.45 -27.01 -62.61
C LYS A 711 20.03 -28.47 -62.58
N MET A 712 19.49 -28.97 -61.47
CA MET A 712 18.95 -30.32 -61.41
C MET A 712 17.93 -30.42 -60.28
N ILE A 713 16.96 -31.32 -60.48
CA ILE A 713 15.83 -31.48 -59.57
C ILE A 713 15.90 -32.89 -58.98
N VAL A 714 15.54 -33.02 -57.71
CA VAL A 714 15.47 -34.29 -57.00
C VAL A 714 14.09 -34.42 -56.37
N VAL A 715 13.41 -35.53 -56.63
CA VAL A 715 12.09 -35.79 -56.09
C VAL A 715 12.12 -37.09 -55.31
N LEU A 716 11.71 -37.04 -54.05
CA LEU A 716 11.49 -38.25 -53.25
C LEU A 716 10.00 -38.43 -53.02
N GLY A 717 9.44 -39.47 -53.64
CA GLY A 717 8.04 -39.78 -53.49
C GLY A 717 7.80 -40.93 -52.51
N GLU A 718 6.52 -41.29 -52.40
CA GLU A 718 6.03 -42.29 -51.45
C GLU A 718 5.25 -43.33 -52.23
N ILE A 719 5.09 -44.52 -51.64
CA ILE A 719 4.16 -45.52 -52.18
C ILE A 719 2.75 -44.96 -52.15
N GLY A 720 2.02 -45.15 -53.25
CA GLY A 720 0.66 -44.68 -53.34
C GLY A 720 0.50 -43.42 -54.16
N GLY A 721 -0.52 -43.39 -55.02
CA GLY A 721 -0.79 -42.21 -55.83
C GLY A 721 0.05 -42.13 -57.08
N THR A 722 -0.61 -41.95 -58.22
CA THR A 722 0.06 -41.91 -59.52
C THR A 722 0.44 -40.49 -59.91
N GLU A 723 1.37 -39.92 -59.13
CA GLU A 723 1.86 -38.56 -59.39
C GLU A 723 3.17 -38.57 -60.16
N GLU A 724 4.04 -39.54 -59.89
CA GLU A 724 5.35 -39.61 -60.54
C GLU A 724 5.24 -40.01 -62.00
N TYR A 725 4.16 -40.71 -62.38
CA TYR A 725 3.92 -40.98 -63.80
C TYR A 725 3.62 -39.72 -64.58
N LYS A 726 3.09 -38.69 -63.93
CA LYS A 726 2.97 -37.39 -64.58
C LYS A 726 4.33 -36.76 -64.81
N ILE A 727 5.30 -37.03 -63.91
CA ILE A 727 6.66 -36.53 -64.12
C ILE A 727 7.29 -37.26 -65.30
N CYS A 728 7.02 -38.57 -65.41
CA CYS A 728 7.44 -39.33 -66.59
C CYS A 728 6.84 -38.75 -67.87
N ARG A 729 5.53 -38.46 -67.83
CA ARG A 729 4.85 -37.90 -68.99
C ARG A 729 5.36 -36.51 -69.35
N GLY A 730 5.77 -35.74 -68.35
CA GLY A 730 6.39 -34.45 -68.61
C GLY A 730 7.78 -34.58 -69.19
N ILE A 731 8.48 -35.69 -68.89
CA ILE A 731 9.75 -35.93 -69.58
C ILE A 731 9.52 -36.32 -71.04
N LYS A 732 8.57 -37.23 -71.30
CA LYS A 732 8.37 -37.74 -72.65
C LYS A 732 7.79 -36.70 -73.61
N GLU A 733 7.09 -35.68 -73.08
CA GLU A 733 6.64 -34.61 -73.95
C GLU A 733 7.68 -33.51 -74.10
N GLY A 734 8.75 -33.53 -73.30
CA GLY A 734 9.78 -32.52 -73.36
C GLY A 734 9.54 -31.29 -72.53
N ARG A 735 8.61 -31.35 -71.57
CA ARG A 735 8.34 -30.21 -70.71
C ARG A 735 9.47 -29.96 -69.72
N LEU A 736 10.09 -31.02 -69.23
CA LEU A 736 11.13 -30.93 -68.20
C LEU A 736 12.46 -31.32 -68.83
N THR A 737 13.38 -30.36 -68.91
CA THR A 737 14.67 -30.55 -69.56
C THR A 737 15.81 -30.77 -68.57
N LYS A 738 15.70 -30.20 -67.37
CA LYS A 738 16.75 -30.29 -66.38
C LYS A 738 16.85 -31.72 -65.84
N PRO A 739 18.05 -32.16 -65.43
CA PRO A 739 18.24 -33.54 -64.97
C PRO A 739 17.46 -33.84 -63.70
N ILE A 740 16.62 -34.87 -63.78
CA ILE A 740 15.73 -35.27 -62.70
C ILE A 740 16.32 -36.48 -62.01
N VAL A 741 16.29 -36.50 -60.69
CA VAL A 741 16.71 -37.64 -59.89
C VAL A 741 15.55 -37.96 -58.95
N CYS A 742 14.84 -39.03 -59.23
CA CYS A 742 13.72 -39.43 -58.39
C CYS A 742 14.06 -40.71 -57.63
N TRP A 743 13.36 -40.87 -56.52
CA TRP A 743 13.31 -42.14 -55.82
C TRP A 743 12.00 -42.18 -55.04
N CYS A 744 11.31 -43.30 -55.12
CA CYS A 744 10.06 -43.50 -54.40
C CYS A 744 10.36 -44.41 -53.22
N ILE A 745 10.34 -43.84 -52.02
CA ILE A 745 10.80 -44.56 -50.84
C ILE A 745 9.74 -45.56 -50.42
N GLY A 746 10.18 -46.60 -49.71
CA GLY A 746 9.24 -47.57 -49.18
C GLY A 746 8.70 -48.53 -50.22
N THR A 747 9.59 -49.34 -50.80
CA THR A 747 9.15 -50.41 -51.69
C THR A 747 8.33 -51.44 -50.93
N CYS A 748 9.05 -52.33 -50.22
CA CYS A 748 8.58 -53.20 -49.12
C CYS A 748 7.22 -53.84 -49.39
N ALA A 749 7.15 -54.59 -50.49
CA ALA A 749 5.94 -55.32 -50.87
C ALA A 749 5.93 -56.73 -50.30
N THR A 750 6.17 -56.85 -49.00
CA THR A 750 6.37 -58.16 -48.38
C THR A 750 5.47 -58.38 -47.18
N GLN A 767 -4.22 -50.74 -55.72
CA GLN A 767 -3.67 -50.74 -57.06
C GLN A 767 -2.29 -51.38 -57.09
N ALA A 768 -1.93 -51.92 -58.25
CA ALA A 768 -0.60 -52.46 -58.48
C ALA A 768 0.32 -51.49 -59.22
N SER A 769 -0.22 -50.36 -59.68
CA SER A 769 0.57 -49.32 -60.30
C SER A 769 1.01 -48.24 -59.33
N GLU A 770 0.55 -48.30 -58.09
CA GLU A 770 0.92 -47.33 -57.06
C GLU A 770 1.99 -47.84 -56.12
N THR A 771 2.52 -49.03 -56.36
CA THR A 771 3.66 -49.52 -55.59
C THR A 771 4.92 -48.80 -56.05
N ALA A 772 5.85 -48.58 -55.11
CA ALA A 772 7.05 -47.79 -55.40
C ALA A 772 7.98 -48.47 -56.40
N VAL A 773 7.95 -49.80 -56.50
CA VAL A 773 8.80 -50.47 -57.49
C VAL A 773 8.31 -50.20 -58.91
N ALA A 774 7.00 -50.06 -59.11
CA ALA A 774 6.48 -49.75 -60.44
C ALA A 774 6.77 -48.31 -60.81
N LYS A 775 6.70 -47.41 -59.84
CA LYS A 775 7.04 -46.01 -60.08
C LYS A 775 8.52 -45.84 -60.38
N ASN A 776 9.38 -46.55 -59.64
CA ASN A 776 10.81 -46.49 -59.89
C ASN A 776 11.17 -47.11 -61.23
N GLN A 777 10.44 -48.16 -61.64
CA GLN A 777 10.69 -48.76 -62.94
C GLN A 777 10.27 -47.84 -64.08
N ALA A 778 9.11 -47.18 -63.93
CA ALA A 778 8.66 -46.27 -64.99
C ALA A 778 9.42 -44.95 -64.98
N LEU A 779 10.04 -44.58 -63.86
CA LEU A 779 10.90 -43.40 -63.83
C LEU A 779 12.27 -43.71 -64.41
N LYS A 780 12.78 -44.92 -64.18
CA LYS A 780 14.10 -45.29 -64.68
C LYS A 780 14.09 -45.46 -66.20
N GLU A 781 12.94 -45.78 -66.78
CA GLU A 781 12.84 -45.96 -68.22
C GLU A 781 12.60 -44.66 -68.97
N ALA A 782 12.12 -43.60 -68.30
CA ALA A 782 11.70 -42.39 -68.99
C ALA A 782 12.82 -41.37 -69.20
N GLY A 783 13.97 -41.56 -68.56
CA GLY A 783 15.05 -40.59 -68.62
C GLY A 783 15.37 -39.91 -67.30
N VAL A 784 14.96 -40.48 -66.17
CA VAL A 784 15.22 -39.93 -64.85
C VAL A 784 16.26 -40.81 -64.18
N PHE A 785 17.32 -40.20 -63.66
CA PHE A 785 18.38 -40.93 -62.99
C PHE A 785 17.86 -41.46 -61.66
N VAL A 786 17.56 -42.76 -61.61
CA VAL A 786 16.99 -43.40 -60.43
C VAL A 786 18.02 -44.39 -59.90
N PRO A 787 18.37 -44.33 -58.62
CA PRO A 787 19.33 -45.29 -58.07
C PRO A 787 18.69 -46.67 -57.87
N ARG A 788 19.54 -47.63 -57.49
CA ARG A 788 19.06 -48.97 -57.20
C ARG A 788 18.45 -49.06 -55.81
N SER A 789 18.99 -48.32 -54.84
CA SER A 789 18.47 -48.31 -53.49
C SER A 789 18.55 -46.88 -52.96
N PHE A 790 18.31 -46.71 -51.67
CA PHE A 790 18.53 -45.41 -51.05
C PHE A 790 20.00 -45.19 -50.73
N ASP A 791 20.78 -46.26 -50.57
CA ASP A 791 22.20 -46.13 -50.27
C ASP A 791 22.98 -45.52 -51.41
N GLU A 792 22.50 -45.69 -52.64
CA GLU A 792 23.16 -45.14 -53.82
C GLU A 792 22.56 -43.82 -54.26
N LEU A 793 21.73 -43.20 -53.42
CA LEU A 793 21.09 -41.94 -53.81
C LEU A 793 22.09 -40.79 -53.77
N GLY A 794 22.90 -40.70 -52.71
CA GLY A 794 23.95 -39.70 -52.69
C GLY A 794 25.00 -39.95 -53.75
N GLU A 795 25.25 -41.22 -54.06
CA GLU A 795 26.18 -41.57 -55.13
C GLU A 795 25.65 -41.14 -56.50
N ILE A 796 24.36 -41.32 -56.76
CA ILE A 796 23.86 -40.94 -58.09
C ILE A 796 23.69 -39.42 -58.18
N ILE A 797 23.37 -38.73 -57.07
CA ILE A 797 23.32 -37.26 -57.09
C ILE A 797 24.72 -36.70 -57.32
N GLN A 798 25.73 -37.27 -56.67
CA GLN A 798 27.11 -36.85 -56.89
C GLN A 798 27.58 -37.17 -58.31
N SER A 799 27.10 -38.27 -58.90
CA SER A 799 27.51 -38.64 -60.25
C SER A 799 26.92 -37.70 -61.29
N VAL A 800 25.61 -37.40 -61.17
CA VAL A 800 24.98 -36.41 -62.05
C VAL A 800 25.58 -35.03 -61.86
N TYR A 801 25.97 -34.70 -60.63
CA TYR A 801 26.58 -33.39 -60.37
C TYR A 801 27.96 -33.27 -61.00
N GLU A 802 28.79 -34.31 -60.86
CA GLU A 802 30.13 -34.22 -61.45
C GLU A 802 30.07 -34.30 -62.97
N ASP A 803 29.11 -35.03 -63.53
CA ASP A 803 28.93 -35.04 -64.98
C ASP A 803 28.34 -33.71 -65.48
N LEU A 804 27.59 -33.01 -64.63
CA LEU A 804 27.00 -31.74 -65.04
C LEU A 804 27.96 -30.57 -64.84
N VAL A 805 28.98 -30.74 -63.99
CA VAL A 805 30.12 -29.82 -64.02
C VAL A 805 31.04 -30.16 -65.19
N ALA A 806 31.10 -31.43 -65.60
CA ALA A 806 32.03 -31.87 -66.64
C ALA A 806 31.76 -31.24 -68.01
N ASN A 807 30.54 -30.75 -68.27
CA ASN A 807 30.26 -29.99 -69.48
C ASN A 807 30.15 -28.49 -69.22
N GLY A 808 30.31 -28.05 -67.97
CA GLY A 808 30.49 -26.64 -67.70
C GLY A 808 29.24 -25.79 -67.66
N VAL A 809 28.18 -26.25 -67.01
CA VAL A 809 27.02 -25.41 -66.75
C VAL A 809 26.86 -25.08 -65.27
N ILE A 810 27.41 -25.88 -64.37
CA ILE A 810 27.44 -25.56 -62.95
C ILE A 810 28.81 -25.00 -62.62
N VAL A 811 28.85 -23.73 -62.22
CA VAL A 811 30.08 -23.10 -61.76
C VAL A 811 29.97 -22.93 -60.25
N PRO A 812 30.63 -23.78 -59.46
CA PRO A 812 30.51 -23.68 -57.99
C PRO A 812 31.24 -22.45 -57.47
N ALA A 813 30.53 -21.62 -56.73
CA ALA A 813 31.14 -20.44 -56.12
C ALA A 813 31.97 -20.84 -54.91
N GLN A 814 32.97 -20.02 -54.59
CA GLN A 814 33.82 -20.31 -53.45
C GLN A 814 33.15 -19.84 -52.17
N GLU A 815 33.18 -20.69 -51.16
CA GLU A 815 32.31 -20.58 -50.00
C GLU A 815 32.75 -19.44 -49.08
N VAL A 816 31.87 -18.46 -48.91
CA VAL A 816 32.04 -17.36 -47.97
C VAL A 816 31.60 -17.86 -46.60
N PRO A 817 32.32 -17.55 -45.52
CA PRO A 817 31.84 -17.94 -44.19
C PRO A 817 30.62 -17.12 -43.81
N PRO A 818 29.69 -17.72 -43.07
CA PRO A 818 28.45 -17.01 -42.71
C PRO A 818 28.68 -16.07 -41.54
N PRO A 819 27.89 -15.01 -41.43
CA PRO A 819 27.95 -14.15 -40.23
C PRO A 819 27.43 -14.90 -39.02
N THR A 820 28.31 -15.10 -38.03
CA THR A 820 28.00 -15.96 -36.90
C THR A 820 27.06 -15.26 -35.93
N VAL A 821 26.35 -16.07 -35.13
CA VAL A 821 25.45 -15.56 -34.11
C VAL A 821 25.93 -16.04 -32.75
N PRO A 822 25.63 -15.32 -31.67
CA PRO A 822 25.72 -15.93 -30.34
C PRO A 822 24.61 -16.94 -30.18
N MET A 823 24.83 -17.94 -29.33
CA MET A 823 23.99 -19.13 -29.47
C MET A 823 22.60 -18.98 -28.84
N ASP A 824 22.48 -18.96 -27.51
CA ASP A 824 21.29 -18.75 -26.69
C ASP A 824 21.72 -18.88 -25.24
N TYR A 825 20.93 -18.35 -24.32
CA TYR A 825 21.17 -18.68 -22.92
C TYR A 825 20.50 -19.99 -22.54
N SER A 826 19.26 -20.18 -22.98
CA SER A 826 18.49 -21.37 -22.61
C SER A 826 19.06 -22.64 -23.22
N TRP A 827 19.62 -22.56 -24.43
CA TRP A 827 20.21 -23.75 -25.02
C TRP A 827 21.55 -24.07 -24.39
N ALA A 828 22.35 -23.06 -24.07
CA ALA A 828 23.64 -23.31 -23.43
C ALA A 828 23.50 -23.73 -21.98
N ARG A 829 22.38 -23.41 -21.33
CA ARG A 829 22.16 -23.91 -19.98
C ARG A 829 21.37 -25.21 -19.96
N GLU A 830 20.63 -25.50 -21.04
CA GLU A 830 19.94 -26.79 -21.12
C GLU A 830 20.93 -27.93 -21.28
N LEU A 831 21.96 -27.73 -22.09
CA LEU A 831 23.05 -28.69 -22.18
C LEU A 831 24.18 -28.36 -21.21
N GLY A 832 23.99 -27.34 -20.38
CA GLY A 832 24.78 -27.14 -19.18
C GLY A 832 26.23 -26.76 -19.34
N LEU A 833 26.52 -25.74 -20.14
CA LEU A 833 27.90 -25.33 -20.37
C LEU A 833 28.16 -23.90 -19.95
N ILE A 834 27.20 -23.31 -19.24
CA ILE A 834 27.32 -21.95 -18.74
C ILE A 834 26.79 -21.96 -17.32
N ARG A 835 27.41 -21.17 -16.44
CA ARG A 835 26.99 -21.13 -15.05
C ARG A 835 26.57 -19.73 -14.62
N LYS A 836 25.38 -19.63 -14.06
CA LYS A 836 24.87 -18.33 -13.59
C LYS A 836 24.56 -18.39 -12.10
N PRO A 837 25.06 -17.44 -11.32
CA PRO A 837 24.64 -17.35 -9.92
C PRO A 837 23.22 -16.86 -9.81
N ALA A 838 22.46 -17.48 -8.93
CA ALA A 838 21.06 -17.20 -8.76
C ALA A 838 20.82 -16.33 -7.54
N SER A 839 19.78 -15.51 -7.60
CA SER A 839 19.29 -14.75 -6.46
C SER A 839 18.11 -15.53 -5.85
N PHE A 840 17.44 -14.92 -4.87
CA PHE A 840 16.10 -15.32 -4.40
C PHE A 840 16.04 -16.75 -3.85
N MET A 841 16.80 -17.00 -2.78
CA MET A 841 17.20 -18.38 -2.43
C MET A 841 16.03 -19.26 -1.99
N THR A 842 14.90 -18.68 -1.53
CA THR A 842 13.59 -19.32 -1.29
C THR A 842 13.54 -20.70 -0.60
N SER A 843 13.78 -20.77 0.70
CA SER A 843 13.56 -22.05 1.36
C SER A 843 12.09 -22.33 1.67
N ILE A 844 11.23 -22.24 0.67
CA ILE A 844 9.77 -22.28 0.80
C ILE A 844 9.13 -22.55 -0.57
N CYS A 845 8.19 -23.50 -0.62
CA CYS A 845 7.27 -23.68 -1.74
C CYS A 845 7.89 -23.93 -3.12
N ASP A 846 8.42 -25.14 -3.36
CA ASP A 846 8.83 -25.53 -4.70
C ASP A 846 7.61 -25.69 -5.60
N GLU A 847 7.43 -24.75 -6.53
CA GLU A 847 6.33 -24.80 -7.48
C GLU A 847 6.63 -25.67 -8.70
N ARG A 848 7.90 -25.97 -8.96
CA ARG A 848 8.30 -26.79 -10.09
C ARG A 848 8.05 -28.25 -9.79
N GLY A 849 7.89 -29.02 -10.85
CA GLY A 849 7.65 -30.44 -10.70
C GLY A 849 6.19 -30.80 -10.85
N GLN A 850 5.88 -32.04 -10.51
CA GLN A 850 4.56 -32.57 -10.74
C GLN A 850 3.57 -32.22 -9.65
N GLU A 851 4.04 -31.80 -8.48
CA GLU A 851 3.18 -31.44 -7.37
C GLU A 851 3.72 -30.19 -6.72
N LEU A 852 2.80 -29.41 -6.16
CA LEU A 852 3.18 -28.31 -5.30
C LEU A 852 3.70 -28.86 -3.99
N ILE A 853 4.98 -28.69 -3.76
CA ILE A 853 5.60 -28.99 -2.49
C ILE A 853 5.57 -27.71 -1.66
N TYR A 854 5.13 -27.83 -0.41
CA TYR A 854 5.31 -26.81 0.62
C TYR A 854 6.71 -26.95 1.18
N ALA A 855 6.93 -26.62 2.46
CA ALA A 855 8.24 -26.69 3.11
C ALA A 855 9.11 -27.88 2.72
N GLY A 856 8.62 -29.09 2.94
CA GLY A 856 9.24 -30.24 2.33
C GLY A 856 8.19 -31.25 1.95
N MET A 857 6.94 -30.87 2.13
CA MET A 857 5.81 -31.76 2.10
C MET A 857 4.92 -31.45 0.91
N PRO A 858 4.53 -32.46 0.13
CA PRO A 858 3.67 -32.20 -1.03
C PRO A 858 2.26 -31.85 -0.61
N ILE A 859 1.50 -31.28 -1.56
CA ILE A 859 0.17 -30.77 -1.24
C ILE A 859 -0.81 -31.91 -0.98
N THR A 860 -0.56 -33.08 -1.59
CA THR A 860 -1.40 -34.25 -1.31
C THR A 860 -1.12 -34.78 0.08
N GLU A 861 0.11 -34.66 0.56
CA GLU A 861 0.40 -34.99 1.95
C GLU A 861 -0.14 -33.93 2.91
N VAL A 862 -0.27 -32.68 2.44
CA VAL A 862 -0.88 -31.64 3.27
C VAL A 862 -2.34 -31.97 3.52
N PHE A 863 -3.07 -32.37 2.49
CA PHE A 863 -4.47 -32.68 2.69
C PHE A 863 -4.71 -34.10 3.18
N LYS A 864 -3.71 -34.97 3.07
CA LYS A 864 -3.85 -36.34 3.53
C LYS A 864 -3.52 -36.51 5.01
N GLU A 865 -2.56 -35.74 5.52
CA GLU A 865 -2.23 -35.74 6.94
C GLU A 865 -3.20 -34.91 7.77
N GLU A 866 -4.15 -34.24 7.11
CA GLU A 866 -5.26 -33.52 7.75
C GLU A 866 -4.73 -32.38 8.63
N MET A 867 -3.85 -31.57 8.05
CA MET A 867 -3.44 -30.34 8.68
C MET A 867 -4.20 -29.18 8.05
N GLY A 868 -4.69 -28.28 8.90
CA GLY A 868 -5.54 -27.21 8.46
C GLY A 868 -4.76 -26.01 7.97
N ILE A 869 -5.28 -24.83 8.29
CA ILE A 869 -4.56 -23.59 7.99
C ILE A 869 -3.43 -23.37 8.98
N GLY A 870 -3.55 -23.89 10.20
CA GLY A 870 -2.43 -23.84 11.12
C GLY A 870 -1.28 -24.72 10.71
N GLY A 871 -1.59 -25.85 10.07
CA GLY A 871 -0.54 -26.70 9.53
C GLY A 871 0.20 -26.06 8.38
N VAL A 872 -0.52 -25.40 7.47
CA VAL A 872 0.19 -24.77 6.36
C VAL A 872 0.84 -23.47 6.77
N LEU A 873 0.40 -22.80 7.85
CA LEU A 873 1.24 -21.74 8.41
C LEU A 873 2.49 -22.29 9.05
N GLY A 874 2.42 -23.46 9.69
CA GLY A 874 3.62 -24.10 10.18
C GLY A 874 4.58 -24.47 9.08
N LEU A 875 4.05 -24.89 7.93
CA LEU A 875 4.90 -25.26 6.79
C LEU A 875 5.45 -24.03 6.07
N LEU A 876 4.63 -23.03 5.81
CA LEU A 876 5.12 -21.89 5.04
C LEU A 876 5.94 -20.93 5.89
N TRP A 877 5.58 -20.74 7.16
CA TRP A 877 6.23 -19.68 7.93
C TRP A 877 7.44 -20.20 8.67
N PHE A 878 7.35 -21.38 9.27
CA PHE A 878 8.43 -21.94 10.06
C PHE A 878 9.16 -23.08 9.38
N GLN A 879 8.66 -23.58 8.25
CA GLN A 879 9.16 -24.75 7.53
C GLN A 879 9.24 -26.00 8.39
N LYS A 880 8.25 -26.18 9.26
CA LYS A 880 8.26 -27.28 10.22
C LYS A 880 6.87 -27.90 10.31
N ARG A 881 6.83 -29.21 10.52
CA ARG A 881 5.55 -29.89 10.73
C ARG A 881 5.24 -29.76 12.21
N LEU A 882 4.33 -28.84 12.54
CA LEU A 882 3.99 -28.61 13.92
C LEU A 882 3.07 -29.71 14.43
N PRO A 883 3.06 -29.96 15.74
CA PRO A 883 2.13 -30.94 16.30
C PRO A 883 0.70 -30.45 16.22
N LYS A 884 -0.24 -31.40 16.37
CA LYS A 884 -1.64 -31.15 16.06
C LYS A 884 -2.33 -30.20 17.04
N TYR A 885 -1.76 -29.97 18.22
CA TYR A 885 -2.32 -28.95 19.09
C TYR A 885 -1.82 -27.56 18.75
N SER A 886 -0.60 -27.45 18.25
CA SER A 886 -0.03 -26.16 17.88
C SER A 886 -0.67 -25.58 16.64
N CYS A 887 -1.03 -26.44 15.67
CA CYS A 887 -1.77 -25.99 14.49
C CYS A 887 -3.16 -25.49 14.87
N GLN A 888 -3.82 -26.20 15.79
CA GLN A 888 -5.14 -25.77 16.23
C GLN A 888 -5.07 -24.51 17.08
N PHE A 889 -3.96 -24.30 17.79
CA PHE A 889 -3.79 -23.05 18.51
C PHE A 889 -3.54 -21.89 17.56
N ILE A 890 -2.81 -22.14 16.46
CA ILE A 890 -2.61 -21.11 15.46
C ILE A 890 -3.93 -20.73 14.79
N GLU A 891 -4.77 -21.72 14.51
CA GLU A 891 -6.11 -21.45 13.96
C GLU A 891 -6.98 -20.68 14.96
N MET A 892 -6.88 -21.01 16.24
CA MET A 892 -7.63 -20.32 17.28
C MET A 892 -7.19 -18.86 17.41
N CYS A 893 -5.88 -18.61 17.29
CA CYS A 893 -5.36 -17.25 17.31
C CYS A 893 -5.77 -16.47 16.08
N LEU A 894 -5.86 -17.11 14.93
CA LEU A 894 -6.37 -16.44 13.75
C LEU A 894 -7.87 -16.18 13.85
N MET A 895 -8.57 -16.96 14.67
CA MET A 895 -10.00 -16.75 14.85
C MET A 895 -10.30 -15.64 15.85
N VAL A 896 -9.45 -15.44 16.86
CA VAL A 896 -9.69 -14.34 17.80
C VAL A 896 -9.06 -13.02 17.35
N THR A 897 -7.98 -13.05 16.58
CA THR A 897 -7.40 -11.84 16.01
C THR A 897 -8.03 -11.44 14.70
N ALA A 898 -9.25 -11.90 14.44
CA ALA A 898 -10.10 -11.44 13.34
C ALA A 898 -10.68 -10.09 13.74
N ASP A 899 -11.83 -9.73 13.17
CA ASP A 899 -12.40 -8.41 13.39
C ASP A 899 -12.63 -8.09 14.87
N HIS A 900 -12.42 -6.83 15.21
CA HIS A 900 -12.67 -6.22 16.51
C HIS A 900 -13.42 -4.92 16.30
N GLY A 901 -14.46 -4.96 15.49
CA GLY A 901 -15.29 -3.81 15.28
C GLY A 901 -14.70 -2.80 14.33
N PRO A 902 -15.54 -1.90 13.82
CA PRO A 902 -15.11 -0.91 12.84
C PRO A 902 -14.54 0.37 13.42
N ALA A 903 -14.51 0.52 14.73
CA ALA A 903 -14.02 1.75 15.32
C ALA A 903 -12.51 1.82 15.28
N VAL A 904 -11.85 0.66 15.36
CA VAL A 904 -10.41 0.61 15.49
C VAL A 904 -9.76 1.07 14.17
N SER A 905 -8.47 1.36 14.25
CA SER A 905 -7.81 2.26 13.29
C SER A 905 -7.75 1.69 11.88
N GLY A 906 -7.39 0.43 11.75
CA GLY A 906 -7.28 -0.19 10.45
C GLY A 906 -8.61 -0.50 9.81
N ALA A 907 -9.58 -0.93 10.62
CA ALA A 907 -10.93 -1.14 10.14
C ALA A 907 -11.54 0.16 9.66
N HIS A 908 -11.24 1.25 10.36
CA HIS A 908 -11.65 2.57 9.93
C HIS A 908 -11.07 2.92 8.57
N ASN A 909 -9.77 2.69 8.37
CA ASN A 909 -9.14 3.00 7.09
C ASN A 909 -9.68 2.14 5.96
N THR A 910 -9.97 0.87 6.22
CA THR A 910 -10.57 -0.01 5.22
C THR A 910 -11.97 0.47 4.82
N ILE A 911 -12.73 0.98 5.79
CA ILE A 911 -14.08 1.45 5.48
C ILE A 911 -14.04 2.78 4.72
N ILE A 912 -13.12 3.68 5.08
CA ILE A 912 -12.96 4.93 4.34
C ILE A 912 -12.51 4.66 2.91
N CYS A 913 -11.76 3.59 2.73
CA CYS A 913 -11.28 3.21 1.41
C CYS A 913 -12.38 2.52 0.60
N ALA A 914 -13.19 1.70 1.25
CA ALA A 914 -14.27 1.00 0.58
C ALA A 914 -15.40 1.94 0.19
N ARG A 915 -15.62 2.99 0.97
CA ARG A 915 -16.62 3.98 0.63
C ARG A 915 -16.17 4.95 -0.43
N ALA A 916 -14.86 5.05 -0.67
CA ALA A 916 -14.33 5.76 -1.83
C ALA A 916 -14.36 4.92 -3.09
N GLY A 917 -14.90 3.70 -3.01
CA GLY A 917 -15.19 2.90 -4.18
C GLY A 917 -13.98 2.29 -4.84
N LYS A 918 -13.04 1.75 -4.06
CA LYS A 918 -11.78 1.41 -4.71
C LYS A 918 -11.74 0.03 -5.34
N ASP A 919 -11.47 -0.99 -4.52
CA ASP A 919 -11.42 -2.42 -4.81
C ASP A 919 -10.98 -3.08 -3.52
N LEU A 920 -10.96 -4.42 -3.54
CA LEU A 920 -10.71 -5.16 -2.31
C LEU A 920 -9.27 -5.02 -1.85
N VAL A 921 -8.34 -5.05 -2.78
CA VAL A 921 -6.93 -5.05 -2.45
C VAL A 921 -6.49 -3.70 -1.92
N SER A 922 -6.96 -2.60 -2.54
CA SER A 922 -6.62 -1.27 -2.05
C SER A 922 -7.26 -0.96 -0.72
N SER A 923 -8.47 -1.46 -0.47
CA SER A 923 -9.15 -1.23 0.80
C SER A 923 -8.47 -2.01 1.93
N LEU A 924 -8.31 -3.32 1.73
CA LEU A 924 -7.60 -4.18 2.67
C LEU A 924 -6.20 -3.66 2.94
N THR A 925 -5.51 -3.21 1.90
CA THR A 925 -4.16 -2.72 2.00
C THR A 925 -4.07 -1.40 2.74
N SER A 926 -4.98 -0.47 2.48
CA SER A 926 -5.04 0.79 3.19
C SER A 926 -5.41 0.62 4.65
N GLY A 927 -6.11 -0.45 5.00
CA GLY A 927 -6.31 -0.74 6.40
C GLY A 927 -5.20 -1.54 7.04
N LEU A 928 -4.52 -2.36 6.25
CA LEU A 928 -3.42 -3.17 6.74
C LEU A 928 -2.20 -2.32 7.02
N LEU A 929 -2.05 -1.21 6.33
CA LEU A 929 -0.90 -0.35 6.57
C LEU A 929 -1.09 0.58 7.74
N THR A 930 -1.67 0.11 8.84
CA THR A 930 -1.73 0.80 10.10
C THR A 930 -1.32 -0.12 11.22
N ILE A 931 -1.14 -1.41 10.93
CA ILE A 931 -0.69 -2.38 11.89
C ILE A 931 0.79 -2.14 12.11
N GLY A 932 1.09 -1.38 13.15
CA GLY A 932 2.41 -0.89 13.43
C GLY A 932 2.77 -1.16 14.87
N ASP A 933 3.00 -0.08 15.62
CA ASP A 933 3.27 -0.16 17.05
C ASP A 933 2.08 0.14 17.94
N ARG A 934 1.25 1.12 17.58
CA ARG A 934 0.13 1.51 18.41
C ARG A 934 -1.11 0.67 18.17
N PHE A 935 -1.35 0.28 16.93
CA PHE A 935 -2.46 -0.59 16.57
C PHE A 935 -1.87 -1.89 16.05
N GLY A 936 -2.13 -2.99 16.75
CA GLY A 936 -1.71 -4.28 16.27
C GLY A 936 -0.27 -4.66 16.54
N GLY A 937 0.44 -3.89 17.34
CA GLY A 937 1.82 -4.24 17.62
C GLY A 937 2.07 -4.63 19.05
N ALA A 938 1.00 -4.96 19.78
CA ALA A 938 1.14 -5.50 21.12
C ALA A 938 1.39 -7.00 21.11
N LEU A 939 1.13 -7.67 19.99
CA LEU A 939 1.45 -9.09 19.84
C LEU A 939 2.94 -9.33 19.95
N ASP A 940 3.73 -8.56 19.21
CA ASP A 940 5.16 -8.79 19.15
C ASP A 940 5.87 -8.11 20.31
N ALA A 941 5.40 -6.93 20.71
CA ALA A 941 6.02 -6.22 21.82
C ALA A 941 5.70 -6.86 23.16
N ALA A 942 4.48 -7.37 23.33
CA ALA A 942 4.08 -8.06 24.55
C ALA A 942 4.68 -9.45 24.66
N ALA A 943 5.38 -9.91 23.64
CA ALA A 943 6.16 -11.14 23.71
C ALA A 943 7.64 -10.87 23.87
N LYS A 944 8.16 -9.84 23.20
CA LYS A 944 9.55 -9.44 23.41
C LYS A 944 9.78 -8.96 24.84
N MET A 945 8.82 -8.24 25.41
CA MET A 945 8.98 -7.71 26.77
C MET A 945 8.97 -8.81 27.81
N PHE A 946 7.97 -9.71 27.73
CA PHE A 946 7.90 -10.81 28.68
C PHE A 946 9.01 -11.81 28.47
N SER A 947 9.53 -11.96 27.24
CA SER A 947 10.66 -12.85 27.03
C SER A 947 11.96 -12.24 27.53
N LYS A 948 12.14 -10.93 27.38
CA LYS A 948 13.33 -10.28 27.91
C LYS A 948 13.27 -10.17 29.42
N ALA A 949 12.09 -10.25 30.01
CA ALA A 949 11.98 -10.30 31.46
C ALA A 949 12.13 -11.70 32.03
N PHE A 950 11.62 -12.70 31.35
CA PHE A 950 11.69 -14.07 31.84
C PHE A 950 13.06 -14.69 31.63
N ASP A 951 13.75 -14.32 30.55
CA ASP A 951 15.08 -14.85 30.29
C ASP A 951 16.18 -14.06 30.98
N SER A 952 15.87 -12.89 31.54
CA SER A 952 16.85 -12.19 32.36
C SER A 952 16.92 -12.80 33.75
N GLY A 953 15.86 -13.47 34.17
CA GLY A 953 15.87 -14.19 35.42
C GLY A 953 15.46 -13.36 36.60
N ILE A 954 14.37 -12.62 36.48
CA ILE A 954 13.83 -11.87 37.61
C ILE A 954 12.41 -12.34 37.87
N ILE A 955 12.02 -12.30 39.14
CA ILE A 955 10.70 -12.72 39.59
C ILE A 955 9.70 -11.65 39.13
N PRO A 956 8.42 -12.00 38.94
CA PRO A 956 7.45 -11.01 38.42
C PRO A 956 7.27 -9.78 39.29
N MET A 957 7.37 -9.91 40.61
CA MET A 957 7.22 -8.81 41.54
C MET A 957 8.34 -7.79 41.43
N GLU A 958 9.49 -8.16 40.85
CA GLU A 958 10.52 -7.21 40.50
C GLU A 958 10.40 -6.69 39.08
N PHE A 959 9.76 -7.44 38.18
CA PHE A 959 9.57 -6.98 36.81
C PHE A 959 8.54 -5.87 36.74
N VAL A 960 7.47 -5.97 37.54
CA VAL A 960 6.43 -4.93 37.54
C VAL A 960 7.01 -3.62 38.08
N ASN A 961 7.82 -3.69 39.13
CA ASN A 961 8.43 -2.49 39.69
C ASN A 961 9.58 -1.98 38.84
N LYS A 962 10.23 -2.85 38.07
CA LYS A 962 11.22 -2.39 37.11
C LYS A 962 10.57 -1.59 35.98
N MET A 963 9.40 -2.05 35.52
CA MET A 963 8.65 -1.29 34.53
C MET A 963 7.81 -0.19 35.15
N LYS A 964 8.01 0.08 36.43
CA LYS A 964 7.27 1.14 37.12
C LYS A 964 8.18 2.35 37.35
N LYS A 965 9.48 2.15 37.26
CA LYS A 965 10.46 3.21 37.47
C LYS A 965 10.99 3.79 36.16
N GLU A 966 10.44 3.39 35.02
CA GLU A 966 10.93 3.84 33.73
C GLU A 966 9.87 4.48 32.87
N GLY A 967 8.66 4.68 33.38
CA GLY A 967 7.54 4.85 32.47
C GLY A 967 7.26 3.51 31.84
N LYS A 968 6.86 3.54 30.55
CA LYS A 968 6.67 2.40 29.65
C LYS A 968 5.87 1.23 30.26
N LEU A 969 4.55 1.40 30.38
CA LEU A 969 3.59 0.37 30.79
C LEU A 969 3.83 -1.00 30.18
N ILE A 970 3.49 -2.05 30.94
CA ILE A 970 3.67 -3.42 30.48
C ILE A 970 2.73 -3.69 29.31
N MET A 971 3.30 -3.95 28.14
CA MET A 971 2.52 -4.26 26.96
C MET A 971 1.84 -5.61 27.11
N GLY A 972 0.55 -5.66 26.78
CA GLY A 972 -0.22 -6.88 26.95
C GLY A 972 -0.92 -7.03 28.28
N ILE A 973 -1.07 -5.95 29.04
CA ILE A 973 -1.77 -5.94 30.32
C ILE A 973 -2.82 -4.84 30.29
N GLY A 974 -4.07 -5.21 30.55
CA GLY A 974 -5.09 -4.21 30.72
C GLY A 974 -6.22 -4.31 29.72
N HIS A 975 -7.44 -4.15 30.21
CA HIS A 975 -8.62 -4.00 29.38
C HIS A 975 -9.41 -2.80 29.87
N ARG A 976 -10.21 -2.16 29.03
CA ARG A 976 -11.02 -1.05 29.50
C ARG A 976 -12.35 -1.46 30.15
N VAL A 977 -12.83 -2.69 29.94
CA VAL A 977 -14.12 -3.07 30.51
C VAL A 977 -14.03 -4.39 31.27
N LYS A 978 -13.66 -5.47 30.57
CA LYS A 978 -13.65 -6.81 31.16
C LYS A 978 -12.46 -6.91 32.12
N SER A 979 -12.75 -7.06 33.41
CA SER A 979 -11.70 -6.81 34.39
C SER A 979 -11.22 -8.02 35.19
N ILE A 980 -12.04 -8.43 36.14
CA ILE A 980 -11.86 -9.60 37.01
C ILE A 980 -13.19 -9.71 37.73
N ASN A 981 -13.62 -10.95 38.00
CA ASN A 981 -15.02 -11.35 38.19
C ASN A 981 -15.89 -11.00 36.97
N ASN A 982 -15.25 -10.79 35.82
CA ASN A 982 -15.79 -10.38 34.53
C ASN A 982 -14.70 -10.61 33.49
N PRO A 983 -14.38 -11.85 33.13
CA PRO A 983 -13.23 -12.09 32.26
C PRO A 983 -13.56 -11.78 30.80
N ASP A 984 -12.51 -11.76 29.98
CA ASP A 984 -12.61 -11.24 28.62
C ASP A 984 -13.27 -12.22 27.65
N MET A 985 -13.29 -13.51 27.99
CA MET A 985 -14.00 -14.58 27.29
C MET A 985 -13.50 -14.88 25.89
N ARG A 986 -12.46 -14.20 25.42
CA ARG A 986 -11.62 -14.71 24.35
C ARG A 986 -10.18 -14.83 24.76
N VAL A 987 -9.77 -14.12 25.82
CA VAL A 987 -8.59 -14.48 26.59
C VAL A 987 -8.80 -15.80 27.29
N GLN A 988 -10.05 -16.10 27.68
CA GLN A 988 -10.35 -17.30 28.45
C GLN A 988 -10.37 -18.56 27.60
N ILE A 989 -10.86 -18.48 26.36
CA ILE A 989 -10.88 -19.64 25.47
C ILE A 989 -9.46 -20.02 25.09
N LEU A 990 -8.65 -19.01 24.78
CA LEU A 990 -7.23 -19.23 24.52
C LEU A 990 -6.52 -19.77 25.74
N LYS A 991 -6.81 -19.21 26.92
CA LYS A 991 -6.10 -19.58 28.14
C LYS A 991 -6.43 -21.00 28.57
N ASP A 992 -7.68 -21.42 28.45
CA ASP A 992 -8.01 -22.83 28.66
C ASP A 992 -7.66 -23.73 27.49
N TYR A 993 -7.28 -23.18 26.34
CA TYR A 993 -6.62 -24.05 25.37
C TYR A 993 -5.17 -24.30 25.75
N VAL A 994 -4.44 -23.27 26.15
CA VAL A 994 -3.04 -23.40 26.52
C VAL A 994 -2.87 -24.14 27.85
N ARG A 995 -3.90 -24.19 28.69
CA ARG A 995 -3.76 -24.97 29.91
C ARG A 995 -3.95 -26.46 29.68
N GLN A 996 -4.73 -26.85 28.68
CA GLN A 996 -5.13 -28.25 28.50
C GLN A 996 -4.25 -29.00 27.51
N HIS A 997 -4.12 -28.50 26.28
CA HIS A 997 -3.51 -29.23 25.18
C HIS A 997 -2.05 -28.86 24.98
N PHE A 998 -1.32 -28.54 26.02
CA PHE A 998 -0.14 -27.73 25.76
C PHE A 998 0.87 -27.93 26.87
N PRO A 999 1.88 -28.77 26.70
CA PRO A 999 2.80 -29.08 27.80
C PRO A 999 3.81 -27.96 28.03
N ALA A 1000 4.19 -27.80 29.32
CA ALA A 1000 5.34 -27.03 29.74
C ALA A 1000 5.29 -25.57 29.32
N THR A 1001 4.40 -24.78 29.91
CA THR A 1001 4.19 -23.40 29.49
C THR A 1001 4.68 -22.35 30.51
N PRO A 1002 5.98 -22.08 30.56
CA PRO A 1002 6.50 -21.26 31.67
C PRO A 1002 6.28 -19.76 31.50
N LEU A 1003 6.34 -19.24 30.27
CA LEU A 1003 6.18 -17.80 30.09
C LEU A 1003 4.73 -17.38 30.28
N LEU A 1004 3.77 -18.25 29.99
CA LEU A 1004 2.39 -17.92 30.33
C LEU A 1004 2.18 -17.94 31.84
N ASP A 1005 2.85 -18.85 32.56
CA ASP A 1005 2.78 -18.84 34.01
C ASP A 1005 3.40 -17.58 34.60
N TYR A 1006 4.50 -17.13 34.00
CA TYR A 1006 5.10 -15.86 34.39
C TYR A 1006 4.16 -14.69 34.13
N ALA A 1007 3.49 -14.70 32.97
CA ALA A 1007 2.56 -13.62 32.64
C ALA A 1007 1.33 -13.65 33.52
N LEU A 1008 0.91 -14.83 33.97
CA LEU A 1008 -0.20 -14.94 34.90
C LEU A 1008 0.19 -14.52 36.31
N GLU A 1009 1.47 -14.67 36.67
CA GLU A 1009 1.93 -14.13 37.95
C GLU A 1009 2.01 -12.60 37.90
N VAL A 1010 2.46 -12.04 36.77
CA VAL A 1010 2.39 -10.58 36.57
C VAL A 1010 0.94 -10.13 36.57
N GLU A 1011 0.02 -10.96 36.06
CA GLU A 1011 -1.40 -10.65 36.11
C GLU A 1011 -1.92 -10.65 37.54
N LYS A 1012 -1.51 -11.62 38.35
CA LYS A 1012 -1.90 -11.65 39.76
C LYS A 1012 -1.38 -10.44 40.51
N ILE A 1013 -0.19 -9.97 40.15
CA ILE A 1013 0.37 -8.78 40.81
C ILE A 1013 -0.34 -7.52 40.34
N THR A 1014 -0.68 -7.42 39.05
CA THR A 1014 -1.27 -6.19 38.53
C THR A 1014 -2.76 -6.10 38.83
N THR A 1015 -3.48 -7.22 38.95
CA THR A 1015 -4.89 -7.13 39.32
C THR A 1015 -5.10 -6.77 40.78
N SER A 1016 -4.05 -6.73 41.59
CA SER A 1016 -4.16 -6.18 42.92
C SER A 1016 -4.08 -4.65 42.90
N LYS A 1017 -3.42 -4.09 41.90
CA LYS A 1017 -3.34 -2.63 41.78
C LYS A 1017 -4.67 -2.07 41.33
N LYS A 1018 -5.18 -2.57 40.21
CA LYS A 1018 -6.43 -2.14 39.62
C LYS A 1018 -7.29 -3.36 39.35
N PRO A 1019 -8.60 -3.18 39.24
CA PRO A 1019 -9.44 -4.34 38.95
C PRO A 1019 -9.48 -4.63 37.45
N ASN A 1020 -9.12 -3.65 36.63
CA ASN A 1020 -9.15 -3.80 35.18
C ASN A 1020 -7.78 -3.95 34.52
N LEU A 1021 -6.86 -4.64 35.19
CA LEU A 1021 -5.53 -4.88 34.65
C LEU A 1021 -5.39 -6.37 34.44
N ILE A 1022 -5.88 -6.88 33.31
CA ILE A 1022 -5.85 -8.30 33.07
C ILE A 1022 -4.96 -8.51 31.86
N LEU A 1023 -4.63 -9.76 31.55
CA LEU A 1023 -3.99 -10.05 30.27
C LEU A 1023 -4.89 -9.71 29.11
N ASN A 1024 -4.33 -8.98 28.15
CA ASN A 1024 -5.00 -8.75 26.87
C ASN A 1024 -5.09 -10.04 26.08
N VAL A 1025 -5.82 -9.99 24.96
CA VAL A 1025 -5.66 -11.06 24.00
C VAL A 1025 -4.36 -10.84 23.22
N ASP A 1026 -3.96 -9.58 23.05
CA ASP A 1026 -2.73 -9.23 22.35
C ASP A 1026 -1.49 -9.48 23.18
N GLY A 1027 -1.64 -9.80 24.47
CA GLY A 1027 -0.50 -10.16 25.28
C GLY A 1027 -0.47 -11.65 25.54
N LEU A 1028 -1.65 -12.25 25.66
CA LEU A 1028 -1.70 -13.69 25.90
C LEU A 1028 -1.34 -14.46 24.66
N ILE A 1029 -1.71 -13.97 23.46
CA ILE A 1029 -1.27 -14.65 22.25
C ILE A 1029 0.24 -14.51 22.07
N GLY A 1030 0.80 -13.37 22.46
CA GLY A 1030 2.25 -13.20 22.39
C GLY A 1030 3.00 -14.16 23.30
N VAL A 1031 2.61 -14.22 24.58
CA VAL A 1031 3.36 -15.08 25.49
C VAL A 1031 3.03 -16.57 25.24
N ALA A 1032 1.81 -16.90 24.82
CA ALA A 1032 1.50 -18.29 24.53
C ALA A 1032 2.10 -18.73 23.20
N PHE A 1033 2.40 -17.81 22.30
CA PHE A 1033 3.09 -18.15 21.08
C PHE A 1033 4.58 -18.31 21.29
N VAL A 1034 5.18 -17.55 22.21
CA VAL A 1034 6.56 -17.84 22.61
C VAL A 1034 6.65 -19.19 23.31
N ASP A 1035 5.66 -19.53 24.15
CA ASP A 1035 5.61 -20.87 24.72
C ASP A 1035 5.39 -21.94 23.65
N MET A 1036 4.60 -21.63 22.62
CA MET A 1036 4.40 -22.57 21.52
C MET A 1036 5.69 -22.80 20.75
N LEU A 1037 6.48 -21.75 20.55
CA LEU A 1037 7.71 -21.91 19.79
C LEU A 1037 8.78 -22.62 20.61
N ARG A 1038 9.09 -22.11 21.80
CA ARG A 1038 10.23 -22.63 22.55
C ARG A 1038 9.88 -23.79 23.48
N ASN A 1039 8.62 -24.23 23.51
CA ASN A 1039 8.21 -25.22 24.49
C ASN A 1039 7.71 -26.52 23.90
N CYS A 1040 7.29 -26.55 22.64
CA CYS A 1040 6.96 -27.84 22.03
C CYS A 1040 8.23 -28.42 21.43
N GLY A 1041 8.09 -29.29 20.45
CA GLY A 1041 9.27 -29.72 19.73
C GLY A 1041 9.75 -28.70 18.71
N SER A 1042 10.53 -29.18 17.74
CA SER A 1042 10.77 -28.55 16.45
C SER A 1042 11.61 -27.28 16.46
N PHE A 1043 11.78 -26.62 17.60
CA PHE A 1043 12.53 -25.38 17.66
C PHE A 1043 13.52 -25.48 18.80
N THR A 1044 14.76 -25.05 18.55
CA THR A 1044 15.75 -25.30 19.61
C THR A 1044 15.71 -24.24 20.69
N ARG A 1045 16.42 -23.12 20.50
CA ARG A 1045 16.08 -21.86 21.16
C ARG A 1045 16.62 -20.68 20.36
N GLU A 1046 17.37 -20.94 19.30
CA GLU A 1046 17.82 -19.86 18.44
C GLU A 1046 17.01 -19.77 17.16
N GLU A 1047 16.31 -20.84 16.79
CA GLU A 1047 15.21 -20.71 15.85
C GLU A 1047 14.02 -20.04 16.52
N ALA A 1048 13.72 -20.42 17.76
CA ALA A 1048 12.55 -19.91 18.45
C ALA A 1048 12.67 -18.43 18.79
N ASP A 1049 13.88 -17.93 19.01
CA ASP A 1049 14.05 -16.51 19.25
C ASP A 1049 14.19 -15.71 17.96
N GLU A 1050 14.68 -16.33 16.89
CA GLU A 1050 14.75 -15.64 15.62
C GLU A 1050 13.37 -15.44 15.02
N TYR A 1051 12.48 -16.41 15.20
CA TYR A 1051 11.11 -16.21 14.72
C TYR A 1051 10.35 -15.19 15.56
N ILE A 1052 10.82 -14.92 16.77
CA ILE A 1052 10.19 -13.95 17.63
C ILE A 1052 10.79 -12.57 17.42
N ASP A 1053 11.95 -12.54 16.75
CA ASP A 1053 12.65 -11.30 16.48
C ASP A 1053 12.41 -10.79 15.06
N ILE A 1054 12.37 -11.71 14.09
CA ILE A 1054 12.14 -11.34 12.71
C ILE A 1054 10.75 -10.74 12.52
N GLY A 1055 9.78 -11.26 13.28
CA GLY A 1055 8.43 -10.73 13.19
C GLY A 1055 7.32 -11.69 12.82
N ALA A 1056 7.41 -12.95 13.22
CA ALA A 1056 6.35 -13.92 12.93
C ALA A 1056 5.13 -13.76 13.81
N LEU A 1057 5.15 -12.83 14.77
CA LEU A 1057 3.97 -12.48 15.56
C LEU A 1057 3.20 -11.30 15.03
N ASN A 1058 3.83 -10.44 14.23
CA ASN A 1058 3.06 -9.47 13.48
C ASN A 1058 2.22 -10.15 12.42
N GLY A 1059 2.74 -11.24 11.85
CA GLY A 1059 2.03 -11.98 10.83
C GLY A 1059 0.77 -12.66 11.31
N ILE A 1060 0.73 -13.07 12.58
CA ILE A 1060 -0.49 -13.66 13.15
C ILE A 1060 -1.59 -12.61 13.22
N PHE A 1061 -1.28 -11.40 13.69
CA PHE A 1061 -2.28 -10.35 13.75
C PHE A 1061 -2.69 -9.90 12.36
N VAL A 1062 -1.76 -9.79 11.43
CA VAL A 1062 -2.09 -9.29 10.10
C VAL A 1062 -2.93 -10.31 9.34
N LEU A 1063 -2.58 -11.59 9.41
CA LEU A 1063 -3.35 -12.61 8.73
C LEU A 1063 -4.69 -12.87 9.40
N GLY A 1064 -4.79 -12.69 10.72
CA GLY A 1064 -6.09 -12.79 11.36
C GLY A 1064 -6.98 -11.62 11.03
N ARG A 1065 -6.45 -10.40 11.13
CA ARG A 1065 -7.21 -9.19 10.92
C ARG A 1065 -7.54 -8.94 9.45
N SER A 1066 -6.87 -9.62 8.52
CA SER A 1066 -7.25 -9.49 7.12
C SER A 1066 -8.63 -10.08 6.84
N MET A 1067 -9.05 -11.10 7.59
CA MET A 1067 -10.41 -11.62 7.46
C MET A 1067 -11.43 -10.57 7.85
N GLY A 1068 -11.18 -9.87 8.97
CA GLY A 1068 -12.08 -8.82 9.39
C GLY A 1068 -12.08 -7.62 8.48
N PHE A 1069 -10.93 -7.30 7.90
CA PHE A 1069 -10.88 -6.14 7.01
C PHE A 1069 -11.55 -6.43 5.66
N ILE A 1070 -11.39 -7.65 5.14
CA ILE A 1070 -12.11 -8.02 3.92
C ILE A 1070 -13.61 -8.10 4.20
N GLY A 1071 -13.99 -8.57 5.40
CA GLY A 1071 -15.40 -8.54 5.78
C GLY A 1071 -15.96 -7.14 5.89
N HIS A 1072 -15.14 -6.19 6.36
CA HIS A 1072 -15.57 -4.80 6.41
C HIS A 1072 -15.70 -4.20 5.03
N TYR A 1073 -14.80 -4.54 4.11
CA TYR A 1073 -14.92 -4.07 2.73
C TYR A 1073 -16.19 -4.59 2.06
N LEU A 1074 -16.44 -5.90 2.18
CA LEU A 1074 -17.63 -6.49 1.60
C LEU A 1074 -18.89 -5.96 2.24
N ASP A 1075 -18.83 -5.62 3.52
CA ASP A 1075 -19.95 -5.03 4.22
C ASP A 1075 -20.26 -3.63 3.70
N GLN A 1076 -19.23 -2.79 3.53
CA GLN A 1076 -19.51 -1.45 3.02
C GLN A 1076 -19.85 -1.43 1.54
N LYS A 1077 -19.47 -2.47 0.79
CA LYS A 1077 -19.94 -2.59 -0.59
C LYS A 1077 -21.36 -3.13 -0.66
N ARG A 1078 -21.78 -3.91 0.32
CA ARG A 1078 -23.12 -4.44 0.32
C ARG A 1078 -24.15 -3.47 0.88
N LEU A 1079 -23.75 -2.59 1.80
CA LEU A 1079 -24.64 -1.55 2.27
C LEU A 1079 -24.71 -0.36 1.33
N LYS A 1080 -23.81 -0.28 0.33
CA LYS A 1080 -23.80 0.73 -0.73
C LYS A 1080 -23.71 2.14 -0.18
N GLN A 1081 -22.63 2.42 0.54
CA GLN A 1081 -22.45 3.71 1.17
C GLN A 1081 -21.59 4.62 0.31
N GLY A 1082 -21.84 5.92 0.40
CA GLY A 1082 -21.17 6.88 -0.43
C GLY A 1082 -19.87 7.34 0.16
N LEU A 1083 -19.24 8.29 -0.54
CA LEU A 1083 -17.96 8.84 -0.13
C LEU A 1083 -18.07 9.54 1.21
N TYR A 1084 -17.07 9.34 2.05
CA TYR A 1084 -17.04 9.93 3.38
C TYR A 1084 -16.33 11.28 3.34
N ARG A 1085 -16.82 12.22 4.14
CA ARG A 1085 -16.34 13.58 4.06
C ARG A 1085 -15.81 14.13 5.38
N HIS A 1086 -16.14 13.54 6.53
CA HIS A 1086 -15.64 13.93 7.85
C HIS A 1086 -15.91 15.38 8.24
N PRO A 1087 -17.03 15.65 8.92
CA PRO A 1087 -17.52 17.02 9.11
C PRO A 1087 -16.53 17.95 9.80
N TRP A 1088 -16.62 19.23 9.46
CA TRP A 1088 -15.63 20.22 9.85
C TRP A 1088 -15.67 20.54 11.33
N ASP A 1089 -16.77 20.23 12.02
CA ASP A 1089 -16.80 20.46 13.46
C ASP A 1089 -16.35 19.23 14.23
N ASP A 1090 -15.27 18.62 13.77
CA ASP A 1090 -14.59 17.57 14.49
C ASP A 1090 -13.10 17.73 14.28
N ILE A 1091 -12.67 18.88 13.75
CA ILE A 1091 -11.35 19.03 13.15
C ILE A 1091 -10.52 20.11 13.84
N SER A 1092 -11.10 21.31 14.05
CA SER A 1092 -10.48 22.40 14.84
C SER A 1092 -9.12 22.84 14.27
N TYR A 1093 -9.20 23.49 13.11
CA TYR A 1093 -8.04 24.04 12.41
C TYR A 1093 -7.29 25.05 13.27
N VAL A 1094 -5.97 24.89 13.38
CA VAL A 1094 -5.18 25.65 14.36
C VAL A 1094 -4.02 26.35 13.66
N LEU A 1095 -4.20 26.62 12.37
CA LEU A 1095 -3.25 27.19 11.42
C LEU A 1095 -2.53 28.45 11.91
N PRO A 1096 -1.30 28.72 11.43
CA PRO A 1096 -0.63 29.97 11.79
C PRO A 1096 -1.28 31.21 11.21
N GLU A 1097 -0.78 32.39 11.61
CA GLU A 1097 -1.48 33.63 11.32
C GLU A 1097 -1.35 34.03 9.85
N HIS A 1098 -0.13 34.29 9.39
CA HIS A 1098 0.11 34.59 7.98
C HIS A 1098 1.54 34.18 7.67
N MET A 1099 1.71 32.98 7.12
CA MET A 1099 3.02 32.46 6.82
C MET A 1099 3.38 32.77 5.37
N SER B 2 57.86 2.33 -0.56
CA SER B 2 58.84 3.12 -1.29
C SER B 2 59.30 4.32 -0.45
N ALA B 3 60.50 4.21 0.12
CA ALA B 3 61.13 5.30 0.85
C ALA B 3 62.03 6.08 -0.10
N LYS B 4 61.65 7.32 -0.39
CA LYS B 4 62.39 8.15 -1.33
C LYS B 4 62.76 9.48 -0.70
N ALA B 5 63.68 10.19 -1.35
CA ALA B 5 64.40 11.30 -0.73
C ALA B 5 63.52 12.52 -0.56
N ILE B 6 64.01 13.46 0.24
CA ILE B 6 63.31 14.69 0.57
C ILE B 6 64.25 15.84 0.22
N SER B 7 63.66 17.00 -0.08
CA SER B 7 64.47 18.20 -0.20
C SER B 7 64.96 18.61 1.18
N GLU B 8 66.19 19.12 1.21
CA GLU B 8 66.87 19.38 2.48
C GLU B 8 66.28 20.59 3.21
N GLN B 9 65.69 21.52 2.44
CA GLN B 9 64.89 22.59 3.02
C GLN B 9 63.72 22.03 3.81
N THR B 10 63.00 21.06 3.23
CA THR B 10 61.91 20.40 3.93
C THR B 10 62.42 19.57 5.11
N GLY B 11 63.62 19.00 4.97
CA GLY B 11 64.18 18.19 6.04
C GLY B 11 64.49 19.01 7.29
N LYS B 12 65.22 20.12 7.11
CA LYS B 12 65.45 21.01 8.24
C LYS B 12 64.20 21.79 8.64
N GLU B 13 63.21 21.91 7.75
CA GLU B 13 61.90 22.47 8.10
C GLU B 13 61.24 21.66 9.20
N LEU B 14 60.98 20.37 8.94
CA LEU B 14 60.38 19.55 10.00
C LEU B 14 61.37 19.25 11.14
N LEU B 15 62.68 19.37 10.89
CA LEU B 15 63.63 19.17 11.97
C LEU B 15 63.54 20.31 12.99
N TYR B 16 63.45 21.55 12.52
CA TYR B 16 63.25 22.68 13.44
C TYR B 16 61.83 22.68 14.00
N LYS B 17 60.87 22.11 13.26
CA LYS B 17 59.48 22.17 13.68
C LYS B 17 59.11 21.11 14.71
N PHE B 18 59.76 19.94 14.70
CA PHE B 18 59.25 18.83 15.50
C PHE B 18 60.30 18.16 16.37
N ILE B 19 61.44 18.77 16.64
CA ILE B 19 62.37 18.14 17.57
C ILE B 19 61.85 18.36 18.99
N CYS B 20 62.18 17.43 19.87
CA CYS B 20 61.79 17.52 21.28
CA CYS B 20 61.79 17.51 21.27
C CYS B 20 62.96 17.02 22.12
N THR B 21 63.83 17.95 22.51
CA THR B 21 64.94 17.67 23.40
C THR B 21 65.33 19.00 24.05
N THR B 22 66.03 18.91 25.17
CA THR B 22 66.30 20.12 25.94
C THR B 22 67.45 20.92 25.37
N SER B 23 68.27 20.33 24.51
CA SER B 23 69.38 21.06 23.90
C SER B 23 68.85 22.08 22.89
N ALA B 24 69.39 23.29 22.96
CA ALA B 24 68.89 24.41 22.16
C ALA B 24 69.40 24.30 20.73
N ILE B 25 68.49 23.94 19.81
CA ILE B 25 68.80 24.04 18.38
C ILE B 25 68.79 25.53 18.00
N GLN B 26 69.95 26.04 17.60
CA GLN B 26 70.03 27.46 17.26
C GLN B 26 69.84 27.65 15.76
N ASN B 27 69.69 28.93 15.37
CA ASN B 27 69.28 29.36 14.03
C ASN B 27 68.01 28.65 13.57
N ARG B 28 67.01 28.58 14.46
CA ARG B 28 65.72 28.00 14.11
C ARG B 28 64.96 28.94 13.18
N PHE B 29 64.26 28.34 12.20
CA PHE B 29 63.51 29.03 11.15
C PHE B 29 64.36 29.99 10.34
N LYS B 30 65.66 29.70 10.17
CA LYS B 30 66.57 30.58 9.46
C LYS B 30 67.09 29.84 8.23
N TYR B 31 66.35 29.96 7.13
CA TYR B 31 66.72 29.39 5.84
C TYR B 31 66.05 30.21 4.76
N ALA B 32 66.66 30.22 3.58
CA ALA B 32 66.10 30.95 2.44
C ALA B 32 66.26 30.11 1.19
N ARG B 33 65.37 30.34 0.23
CA ARG B 33 65.40 29.66 -1.05
C ARG B 33 65.32 30.68 -2.18
N VAL B 34 66.31 30.68 -3.06
CA VAL B 34 66.35 31.58 -4.21
C VAL B 34 66.33 30.72 -5.47
N THR B 35 65.53 31.17 -6.45
CA THR B 35 65.22 30.49 -7.70
C THR B 35 65.49 31.46 -8.84
N PRO B 36 65.56 30.97 -10.09
CA PRO B 36 65.54 31.89 -11.23
C PRO B 36 64.17 32.52 -11.47
N ASP B 37 63.13 32.02 -10.80
CA ASP B 37 61.76 32.51 -10.97
C ASP B 37 61.36 33.46 -9.84
N THR B 38 62.30 34.24 -9.32
CA THR B 38 62.01 35.26 -8.33
C THR B 38 62.91 36.47 -8.53
N ASP B 39 62.50 37.58 -7.91
CA ASP B 39 63.38 38.71 -7.70
C ASP B 39 63.89 38.70 -6.26
N TRP B 40 64.83 39.58 -5.96
CA TRP B 40 65.55 39.52 -4.69
C TRP B 40 64.92 40.35 -3.59
N ALA B 41 64.13 41.39 -3.93
CA ALA B 41 63.75 42.40 -2.95
C ALA B 41 62.72 41.88 -1.95
N ARG B 42 61.82 40.99 -2.38
CA ARG B 42 60.76 40.49 -1.50
C ARG B 42 61.32 39.64 -0.37
N LEU B 43 62.18 38.66 -0.70
CA LEU B 43 62.83 37.90 0.34
C LEU B 43 64.04 38.64 0.91
N LEU B 44 64.38 39.81 0.36
CA LEU B 44 65.32 40.69 1.05
C LEU B 44 64.65 41.34 2.25
N GLN B 45 63.44 41.87 2.07
CA GLN B 45 62.81 42.59 3.18
C GLN B 45 62.04 41.64 4.11
N ASP B 46 61.44 40.57 3.58
CA ASP B 46 60.77 39.60 4.44
C ASP B 46 61.75 38.68 5.17
N HIS B 47 63.01 38.64 4.77
CA HIS B 47 64.02 37.97 5.57
C HIS B 47 64.99 39.04 6.07
N PRO B 48 64.71 39.66 7.22
CA PRO B 48 65.66 40.66 7.74
C PRO B 48 66.91 40.04 8.33
N TRP B 49 66.91 38.74 8.63
CA TRP B 49 68.08 38.10 9.24
C TRP B 49 69.19 37.82 8.24
N LEU B 50 68.96 38.01 6.93
CA LEU B 50 70.10 38.08 6.01
C LEU B 50 70.91 39.35 6.26
N LEU B 51 70.28 40.37 6.85
CA LEU B 51 70.87 41.68 7.10
C LEU B 51 71.77 41.71 8.33
N SER B 52 71.95 40.57 9.02
CA SER B 52 72.66 40.55 10.29
C SER B 52 73.90 39.65 10.29
N GLN B 53 73.83 38.46 9.69
CA GLN B 53 74.88 37.47 9.82
C GLN B 53 75.55 37.23 8.47
N ASN B 54 76.56 36.37 8.48
CA ASN B 54 77.19 35.95 7.23
C ASN B 54 76.54 34.65 6.75
N LEU B 55 76.82 34.28 5.50
CA LEU B 55 75.97 33.35 4.76
C LEU B 55 76.77 32.16 4.23
N VAL B 56 76.06 31.05 4.03
CA VAL B 56 76.56 29.91 3.26
C VAL B 56 75.41 29.41 2.38
N VAL B 57 75.72 29.13 1.12
CA VAL B 57 74.72 28.80 0.11
C VAL B 57 75.03 27.42 -0.47
N LYS B 58 73.97 26.70 -0.85
CA LYS B 58 74.10 25.33 -1.33
C LYS B 58 73.05 25.08 -2.40
N PRO B 59 73.33 24.20 -3.37
CA PRO B 59 72.27 23.82 -4.32
C PRO B 59 71.28 22.86 -3.66
N ASP B 60 69.99 23.19 -3.77
CA ASP B 60 68.93 22.38 -3.15
C ASP B 60 68.29 21.50 -4.23
N GLN B 61 69.05 20.50 -4.69
CA GLN B 61 68.56 19.53 -5.68
C GLN B 61 69.07 18.12 -5.45
N LEU B 62 69.32 17.74 -4.19
CA LEU B 62 69.75 16.40 -3.77
C LEU B 62 71.07 15.99 -4.47
N ILE B 63 72.05 16.87 -4.40
CA ILE B 63 73.31 16.70 -5.09
C ILE B 63 74.25 15.93 -4.17
N LYS B 64 74.87 14.87 -4.69
CA LYS B 64 75.76 14.04 -3.89
C LYS B 64 77.16 14.65 -3.89
N ARG B 65 77.74 14.77 -2.68
CA ARG B 65 79.13 15.19 -2.43
C ARG B 65 79.43 16.57 -3.04
N ARG B 66 78.78 17.59 -2.48
CA ARG B 66 78.90 18.95 -3.01
C ARG B 66 80.24 19.61 -2.69
N GLY B 67 81.03 19.03 -1.77
CA GLY B 67 82.26 19.68 -1.37
C GLY B 67 83.37 19.58 -2.41
N LYS B 68 83.71 18.36 -2.83
CA LYS B 68 84.83 18.15 -3.75
C LYS B 68 84.51 18.51 -5.19
N LEU B 69 83.23 18.69 -5.53
CA LEU B 69 82.84 19.07 -6.88
C LEU B 69 82.72 20.59 -7.03
N GLY B 70 82.92 21.34 -5.96
CA GLY B 70 82.98 22.79 -6.02
C GLY B 70 81.64 23.45 -6.29
N LEU B 71 80.63 23.11 -5.48
CA LEU B 71 79.29 23.67 -5.63
C LEU B 71 78.84 24.48 -4.43
N VAL B 72 79.61 24.52 -3.35
CA VAL B 72 79.23 25.21 -2.12
C VAL B 72 80.01 26.52 -2.01
N GLY B 73 79.31 27.59 -1.62
CA GLY B 73 79.93 28.87 -1.38
C GLY B 73 80.01 29.19 0.11
N VAL B 74 81.23 29.19 0.65
CA VAL B 74 81.44 29.25 2.10
C VAL B 74 81.87 30.65 2.51
N ASN B 75 81.17 31.20 3.52
CA ASN B 75 81.50 32.44 4.23
C ASN B 75 81.56 33.64 3.29
N LEU B 76 80.39 34.05 2.81
CA LEU B 76 80.27 35.18 1.91
C LEU B 76 79.08 36.04 2.29
N THR B 77 79.17 37.35 2.05
CA THR B 77 78.13 38.30 2.45
C THR B 77 77.08 38.43 1.33
N LEU B 78 76.08 39.30 1.56
CA LEU B 78 74.80 39.21 0.86
C LEU B 78 74.93 39.55 -0.62
N ASP B 79 75.46 40.73 -0.94
CA ASP B 79 75.65 41.08 -2.34
C ASP B 79 76.80 40.29 -2.96
N GLY B 80 77.76 39.85 -2.14
CA GLY B 80 78.73 38.88 -2.60
C GLY B 80 78.08 37.55 -2.99
N VAL B 81 77.10 37.12 -2.20
CA VAL B 81 76.28 35.94 -2.54
C VAL B 81 75.50 36.19 -3.82
N LYS B 82 75.03 37.42 -4.03
CA LYS B 82 74.33 37.79 -5.26
C LYS B 82 75.25 37.70 -6.49
N SER B 83 76.49 38.17 -6.37
CA SER B 83 77.42 38.07 -7.50
C SER B 83 77.97 36.67 -7.66
N TRP B 84 77.94 35.86 -6.60
CA TRP B 84 78.32 34.45 -6.69
C TRP B 84 77.23 33.63 -7.36
N LEU B 85 75.97 34.01 -7.11
CA LEU B 85 74.80 33.32 -7.62
C LEU B 85 74.41 33.82 -9.01
N LYS B 86 74.97 34.97 -9.42
CA LYS B 86 74.74 35.47 -10.78
C LYS B 86 75.21 34.53 -11.89
N PRO B 87 76.43 33.89 -11.86
CA PRO B 87 76.74 32.96 -12.94
C PRO B 87 76.40 31.51 -12.62
N ARG B 88 75.56 31.27 -11.61
CA ARG B 88 75.31 29.89 -11.19
C ARG B 88 73.82 29.52 -11.16
N LEU B 89 72.96 30.48 -10.86
CA LEU B 89 71.53 30.21 -10.69
C LEU B 89 70.86 30.17 -12.06
N GLY B 90 70.62 28.96 -12.55
CA GLY B 90 69.93 28.77 -13.82
C GLY B 90 70.81 28.34 -14.97
N GLN B 91 71.99 27.79 -14.71
CA GLN B 91 72.92 27.38 -15.75
C GLN B 91 73.32 25.93 -15.56
N GLU B 92 73.91 25.39 -16.63
CA GLU B 92 74.17 23.95 -16.73
C GLU B 92 75.34 23.53 -15.85
N ALA B 93 75.22 22.35 -15.25
CA ALA B 93 76.31 21.74 -14.50
C ALA B 93 76.16 20.23 -14.51
N THR B 94 77.28 19.53 -14.38
CA THR B 94 77.32 18.08 -14.32
C THR B 94 77.85 17.64 -12.96
N VAL B 95 77.22 16.63 -12.38
CA VAL B 95 77.76 15.94 -11.22
C VAL B 95 77.64 14.44 -11.47
N GLY B 96 78.66 13.70 -11.04
CA GLY B 96 78.72 12.27 -11.29
C GLY B 96 78.84 11.97 -12.77
N LYS B 97 77.77 11.47 -13.35
CA LYS B 97 77.67 11.28 -14.80
C LYS B 97 76.39 11.91 -15.36
N ALA B 98 75.77 12.82 -14.61
CA ALA B 98 74.49 13.40 -14.98
C ALA B 98 74.58 14.91 -15.02
N THR B 99 74.01 15.50 -16.07
CA THR B 99 74.00 16.94 -16.30
C THR B 99 72.63 17.53 -16.00
N GLY B 100 72.58 18.86 -15.90
CA GLY B 100 71.30 19.54 -15.79
C GLY B 100 71.46 20.94 -15.25
N PHE B 101 70.36 21.70 -15.37
CA PHE B 101 70.28 23.04 -14.81
C PHE B 101 70.09 22.99 -13.30
N LEU B 102 70.37 24.11 -12.64
CA LEU B 102 70.24 24.26 -11.19
C LEU B 102 69.27 25.40 -10.91
N LYS B 103 68.07 25.05 -10.47
CA LYS B 103 66.97 25.98 -10.31
C LYS B 103 66.64 26.27 -8.85
N ASN B 104 67.38 25.72 -7.90
CA ASN B 104 67.10 25.92 -6.49
C ASN B 104 68.41 26.13 -5.74
N PHE B 105 68.47 27.19 -4.93
CA PHE B 105 69.58 27.35 -4.00
C PHE B 105 69.06 27.74 -2.62
N LEU B 106 69.70 27.21 -1.58
CA LEU B 106 69.36 27.49 -0.20
C LEU B 106 70.45 28.35 0.42
N ILE B 107 70.03 29.36 1.17
CA ILE B 107 70.92 30.23 1.94
C ILE B 107 70.67 29.95 3.42
N GLU B 108 71.76 29.80 4.17
CA GLU B 108 71.73 29.48 5.58
C GLU B 108 72.72 30.41 6.30
N PRO B 109 72.42 30.83 7.52
CA PRO B 109 73.39 31.64 8.29
C PRO B 109 74.63 30.83 8.62
N PHE B 110 75.78 31.26 8.08
CA PHE B 110 77.04 30.58 8.32
C PHE B 110 77.47 30.74 9.77
N VAL B 111 78.08 29.69 10.31
CA VAL B 111 78.57 29.68 11.69
C VAL B 111 80.09 29.53 11.66
N PRO B 112 80.84 30.39 12.36
CA PRO B 112 82.27 30.15 12.53
C PRO B 112 82.52 29.11 13.60
N HIS B 113 83.37 28.14 13.26
CA HIS B 113 83.63 27.01 14.14
C HIS B 113 84.96 26.38 13.74
N SER B 114 85.34 25.36 14.47
CA SER B 114 86.55 24.60 14.17
C SER B 114 86.18 23.25 13.56
N GLN B 115 87.09 22.71 12.75
CA GLN B 115 86.89 21.39 12.16
C GLN B 115 87.17 20.25 13.13
N ALA B 116 87.64 20.55 14.35
CA ALA B 116 87.92 19.50 15.32
C ALA B 116 86.69 19.03 16.06
N GLU B 117 85.64 19.86 16.15
CA GLU B 117 84.42 19.45 16.83
C GLU B 117 83.15 19.60 15.98
N GLU B 118 83.28 19.59 14.65
CA GLU B 118 82.16 19.20 13.80
C GLU B 118 82.06 17.67 13.85
N PHE B 119 80.85 17.16 14.00
CA PHE B 119 80.65 15.72 14.21
C PHE B 119 79.76 15.14 13.13
N TYR B 120 79.66 13.82 13.16
CA TYR B 120 78.89 13.06 12.18
C TYR B 120 77.87 12.20 12.92
N VAL B 121 76.60 12.29 12.53
CA VAL B 121 75.59 11.38 13.07
C VAL B 121 74.68 10.96 11.93
N CYS B 122 74.17 9.73 12.01
CA CYS B 122 73.20 9.23 11.05
C CYS B 122 72.38 8.12 11.66
N ILE B 123 71.10 8.04 11.27
CA ILE B 123 70.24 6.92 11.60
C ILE B 123 69.63 6.40 10.31
N TYR B 124 69.83 5.11 10.03
CA TYR B 124 69.18 4.49 8.88
C TYR B 124 68.45 3.23 9.30
N ALA B 125 67.57 2.77 8.43
CA ALA B 125 66.73 1.61 8.70
C ALA B 125 67.29 0.36 8.06
N THR B 126 67.21 -0.75 8.78
CA THR B 126 67.48 -2.08 8.26
C THR B 126 66.30 -2.97 8.61
N ARG B 127 66.39 -4.25 8.24
CA ARG B 127 65.27 -5.15 8.46
C ARG B 127 65.09 -5.49 9.92
N GLU B 128 66.19 -5.78 10.62
CA GLU B 128 66.11 -6.22 12.01
C GLU B 128 66.08 -5.06 13.00
N GLY B 129 66.20 -3.83 12.54
CA GLY B 129 66.05 -2.69 13.43
C GLY B 129 66.45 -1.37 12.79
N ASP B 130 67.04 -0.50 13.61
CA ASP B 130 67.53 0.81 13.17
C ASP B 130 68.98 0.96 13.60
N TYR B 131 69.84 1.34 12.65
CA TYR B 131 71.24 1.60 12.94
C TYR B 131 71.45 3.08 13.21
N VAL B 132 72.02 3.38 14.38
CA VAL B 132 72.44 4.73 14.75
C VAL B 132 73.96 4.72 14.77
N LEU B 133 74.57 5.50 13.88
CA LEU B 133 76.02 5.57 13.76
C LEU B 133 76.49 6.99 14.04
N PHE B 134 77.50 7.09 14.89
CA PHE B 134 78.14 8.35 15.27
C PHE B 134 79.62 8.26 14.93
N HIS B 135 80.21 9.39 14.55
CA HIS B 135 81.65 9.46 14.37
C HIS B 135 82.16 10.86 14.72
N HIS B 136 83.29 10.89 15.42
CA HIS B 136 83.84 12.13 15.96
C HIS B 136 84.61 12.93 14.93
N GLU B 137 85.11 12.29 13.88
CA GLU B 137 85.76 12.95 12.77
C GLU B 137 84.64 13.41 11.84
N GLY B 138 84.38 14.71 11.83
CA GLY B 138 83.35 15.29 11.00
C GLY B 138 83.85 15.62 9.61
N GLY B 139 83.11 16.49 8.93
CA GLY B 139 83.47 16.91 7.59
C GLY B 139 83.11 15.88 6.55
N VAL B 140 83.43 16.23 5.31
CA VAL B 140 83.19 15.33 4.17
C VAL B 140 84.34 14.35 3.98
N ASP B 141 85.44 14.52 4.73
CA ASP B 141 86.65 13.75 4.54
C ASP B 141 86.68 12.47 5.39
N VAL B 142 85.50 11.94 5.73
CA VAL B 142 85.45 10.72 6.54
C VAL B 142 85.77 9.49 5.69
N GLY B 143 85.25 9.43 4.47
CA GLY B 143 85.55 8.30 3.60
C GLY B 143 84.79 7.05 4.03
N ASP B 144 85.56 6.01 4.36
CA ASP B 144 85.01 4.71 4.75
C ASP B 144 84.37 4.85 6.12
N VAL B 145 83.04 4.83 6.16
CA VAL B 145 82.35 5.12 7.41
C VAL B 145 81.82 3.85 8.09
N ASP B 146 81.60 2.76 7.34
CA ASP B 146 80.95 1.59 7.90
C ASP B 146 81.91 0.64 8.61
N ALA B 147 83.20 0.95 8.67
CA ALA B 147 84.16 0.10 9.36
C ALA B 147 84.70 0.72 10.64
N LYS B 148 84.65 2.05 10.77
CA LYS B 148 85.29 2.74 11.89
C LYS B 148 84.32 3.47 12.82
N ALA B 149 83.12 3.80 12.35
CA ALA B 149 82.20 4.58 13.16
C ALA B 149 81.51 3.71 14.21
N GLN B 150 80.99 4.37 15.24
CA GLN B 150 80.31 3.67 16.32
C GLN B 150 78.85 3.44 15.95
N LYS B 151 78.49 2.17 15.76
CA LYS B 151 77.12 1.80 15.42
C LYS B 151 76.41 1.14 16.58
N LEU B 152 75.10 1.36 16.64
CA LEU B 152 74.20 0.70 17.58
C LEU B 152 72.92 0.34 16.84
N LEU B 153 72.54 -0.92 16.90
CA LEU B 153 71.25 -1.33 16.35
C LEU B 153 70.23 -1.35 17.46
N VAL B 154 69.31 -0.39 17.43
CA VAL B 154 68.15 -0.43 18.30
C VAL B 154 67.07 -1.27 17.62
N GLY B 155 66.54 -2.23 18.35
CA GLY B 155 65.64 -3.19 17.77
C GLY B 155 64.28 -2.62 17.48
N VAL B 156 63.51 -3.38 16.71
CA VAL B 156 62.11 -3.04 16.48
C VAL B 156 61.31 -3.40 17.73
N ASP B 157 60.36 -2.52 18.08
CA ASP B 157 59.55 -2.58 19.31
C ASP B 157 60.46 -2.58 20.55
N GLU B 158 61.33 -1.57 20.61
CA GLU B 158 62.06 -1.23 21.82
C GLU B 158 62.46 0.24 21.73
N LYS B 159 62.55 0.88 22.90
CA LYS B 159 62.89 2.30 22.98
C LYS B 159 64.36 2.45 23.36
N LEU B 160 64.97 3.52 22.85
CA LEU B 160 66.37 3.79 23.12
C LEU B 160 66.60 4.15 24.59
N ASN B 161 67.58 3.48 25.20
CA ASN B 161 68.06 3.84 26.51
C ASN B 161 69.17 4.87 26.35
N PRO B 162 69.10 6.03 27.03
CA PRO B 162 70.23 6.97 26.98
C PRO B 162 71.50 6.45 27.63
N GLU B 163 71.40 5.44 28.49
CA GLU B 163 72.59 4.90 29.13
C GLU B 163 73.43 4.10 28.14
N ASP B 164 72.79 3.45 27.17
CA ASP B 164 73.54 2.72 26.15
C ASP B 164 74.28 3.67 25.21
N ILE B 165 73.69 4.84 24.90
CA ILE B 165 74.37 5.74 23.99
C ILE B 165 75.45 6.53 24.73
N LYS B 166 75.25 6.81 26.02
CA LYS B 166 76.35 7.40 26.78
C LYS B 166 77.45 6.38 27.09
N LYS B 167 77.16 5.08 26.97
CA LYS B 167 78.16 4.05 27.17
C LYS B 167 78.93 3.68 25.90
N HIS B 168 78.25 3.61 24.76
CA HIS B 168 78.74 2.87 23.60
C HIS B 168 79.02 3.73 22.38
N LEU B 169 78.32 4.84 22.19
CA LEU B 169 78.34 5.51 20.89
C LEU B 169 79.31 6.68 20.89
N LEU B 170 79.37 7.42 21.99
CA LEU B 170 80.18 8.64 22.08
C LEU B 170 81.52 8.34 22.75
N VAL B 171 82.08 7.15 22.50
CA VAL B 171 83.26 6.70 23.24
C VAL B 171 84.51 7.45 22.77
N HIS B 172 84.52 7.91 21.51
CA HIS B 172 85.62 8.70 20.97
C HIS B 172 85.26 10.17 20.86
N ALA B 173 84.24 10.61 21.58
CA ALA B 173 83.79 11.99 21.58
C ALA B 173 84.36 12.74 22.79
N PRO B 174 84.53 14.05 22.68
CA PRO B 174 84.93 14.84 23.86
C PRO B 174 83.84 14.83 24.93
N GLU B 175 84.25 14.57 26.17
CA GLU B 175 83.32 14.42 27.28
C GLU B 175 82.60 15.71 27.63
N ASP B 176 83.24 16.86 27.37
CA ASP B 176 82.62 18.17 27.58
C ASP B 176 81.35 18.35 26.75
N LYS B 177 81.25 17.67 25.61
CA LYS B 177 80.04 17.66 24.81
C LYS B 177 79.28 16.34 24.82
N LYS B 178 79.66 15.36 25.67
CA LYS B 178 78.96 14.07 25.58
C LYS B 178 77.56 14.13 26.16
N GLU B 179 77.33 14.94 27.19
CA GLU B 179 76.01 14.95 27.82
C GLU B 179 75.02 15.73 26.96
N ILE B 180 75.50 16.67 26.14
CA ILE B 180 74.62 17.45 25.27
C ILE B 180 74.10 16.58 24.12
N LEU B 181 75.02 16.18 23.23
CA LEU B 181 74.68 15.57 21.94
C LEU B 181 73.86 14.30 22.11
N ALA B 182 74.18 13.51 23.14
CA ALA B 182 73.44 12.27 23.44
C ALA B 182 71.96 12.54 23.57
N SER B 183 71.60 13.53 24.40
CA SER B 183 70.20 13.93 24.53
C SER B 183 69.65 14.41 23.21
N PHE B 184 70.45 15.20 22.49
CA PHE B 184 70.09 15.67 21.16
C PHE B 184 69.86 14.51 20.21
N ILE B 185 70.76 13.51 20.24
CA ILE B 185 70.62 12.37 19.34
C ILE B 185 69.39 11.57 19.73
N SER B 186 69.12 11.48 21.03
CA SER B 186 67.90 10.82 21.52
C SER B 186 66.67 11.58 21.03
N GLY B 187 66.72 12.91 21.08
CA GLY B 187 65.63 13.69 20.56
C GLY B 187 65.49 13.53 19.06
N LEU B 188 66.62 13.39 18.37
CA LEU B 188 66.58 13.16 16.93
C LEU B 188 66.04 11.78 16.63
N PHE B 189 66.24 10.81 17.54
CA PHE B 189 65.59 9.52 17.35
C PHE B 189 64.09 9.64 17.57
N ASN B 190 63.65 10.53 18.45
CA ASN B 190 62.23 10.83 18.56
C ASN B 190 61.74 11.57 17.32
N PHE B 191 62.66 12.20 16.59
CA PHE B 191 62.35 12.73 15.27
C PHE B 191 62.46 11.66 14.19
N TYR B 192 63.28 10.63 14.41
CA TYR B 192 63.45 9.62 13.37
C TYR B 192 62.28 8.66 13.33
N GLU B 193 61.70 8.34 14.49
CA GLU B 193 60.71 7.27 14.59
C GLU B 193 59.29 7.78 14.37
N ASP B 194 58.89 8.83 15.09
CA ASP B 194 57.53 9.34 15.03
C ASP B 194 57.31 10.35 13.93
N LEU B 195 58.26 10.48 13.00
CA LEU B 195 58.03 11.16 11.73
C LEU B 195 58.15 10.20 10.55
N TYR B 196 58.40 8.91 10.82
CA TYR B 196 58.44 7.82 9.85
C TYR B 196 59.52 8.05 8.79
N PHE B 197 60.73 8.35 9.26
CA PHE B 197 61.90 8.44 8.40
C PHE B 197 62.46 7.05 8.13
N THR B 198 63.35 6.99 7.14
CA THR B 198 64.09 5.78 6.81
C THR B 198 65.59 5.99 6.85
N TYR B 199 66.07 7.13 6.34
CA TYR B 199 67.51 7.37 6.22
C TYR B 199 67.77 8.85 6.51
N LEU B 200 68.64 9.14 7.47
CA LEU B 200 68.82 10.53 7.91
C LEU B 200 70.24 10.74 8.39
N GLU B 201 70.98 11.57 7.67
CA GLU B 201 72.36 11.93 7.99
C GLU B 201 72.43 13.41 8.35
N ILE B 202 73.16 13.72 9.42
CA ILE B 202 73.71 15.04 9.66
C ILE B 202 75.22 14.90 9.52
N ASN B 203 75.78 15.52 8.49
CA ASN B 203 77.19 15.38 8.14
C ASN B 203 77.64 16.62 7.41
N PRO B 204 78.24 17.60 8.13
CA PRO B 204 78.58 17.55 9.54
C PRO B 204 77.55 18.18 10.49
N LEU B 205 77.56 17.71 11.73
CA LEU B 205 76.80 18.28 12.83
C LEU B 205 77.66 19.34 13.51
N VAL B 206 77.35 20.61 13.29
CA VAL B 206 78.17 21.69 13.80
C VAL B 206 77.67 22.02 15.20
N VAL B 207 78.31 21.44 16.20
CA VAL B 207 78.05 21.77 17.59
C VAL B 207 79.23 22.54 18.15
N THR B 208 78.93 23.70 18.72
CA THR B 208 79.89 24.60 19.36
C THR B 208 79.49 24.75 20.84
N LYS B 209 80.25 25.59 21.56
CA LYS B 209 79.87 25.98 22.91
C LYS B 209 78.54 26.73 22.96
N ASP B 210 78.18 27.39 21.85
CA ASP B 210 76.93 28.15 21.78
C ASP B 210 75.70 27.25 21.73
N GLY B 211 75.81 26.08 21.12
CA GLY B 211 74.70 25.13 21.07
C GLY B 211 74.92 24.12 19.96
N VAL B 212 73.82 23.56 19.47
CA VAL B 212 73.85 22.57 18.39
C VAL B 212 73.33 23.21 17.11
N TYR B 213 73.89 22.77 15.99
CA TYR B 213 73.56 23.29 14.68
C TYR B 213 73.62 22.14 13.68
N VAL B 214 72.64 22.08 12.79
CA VAL B 214 72.75 21.25 11.60
C VAL B 214 73.18 22.15 10.45
N LEU B 215 74.16 21.69 9.68
CA LEU B 215 74.55 22.40 8.46
C LEU B 215 74.15 21.63 7.21
N ASP B 216 74.31 20.31 7.22
CA ASP B 216 73.99 19.47 6.08
C ASP B 216 73.12 18.30 6.55
N LEU B 217 72.10 17.99 5.75
CA LEU B 217 71.16 16.92 6.04
C LEU B 217 71.02 16.06 4.80
N ALA B 218 70.71 14.77 5.01
CA ALA B 218 70.42 13.89 3.89
C ALA B 218 69.38 12.86 4.33
N ALA B 219 68.18 12.91 3.76
CA ALA B 219 67.10 12.08 4.28
C ALA B 219 66.26 11.47 3.16
N LYS B 220 66.04 10.17 3.28
CA LYS B 220 65.02 9.45 2.54
C LYS B 220 63.91 9.09 3.52
N VAL B 221 62.68 9.51 3.21
CA VAL B 221 61.55 9.31 4.09
C VAL B 221 60.58 8.35 3.41
N ASP B 222 59.81 7.63 4.21
CA ASP B 222 58.86 6.62 3.74
C ASP B 222 57.54 7.29 3.39
N ALA B 223 57.29 7.48 2.09
CA ALA B 223 56.09 8.21 1.66
C ALA B 223 54.82 7.43 1.89
N THR B 224 54.91 6.09 1.95
CA THR B 224 53.75 5.24 2.14
C THR B 224 53.13 5.35 3.52
N ALA B 225 53.82 6.00 4.47
CA ALA B 225 53.24 6.34 5.76
C ALA B 225 52.57 7.71 5.75
N ASP B 226 52.18 8.20 4.57
CA ASP B 226 51.57 9.53 4.45
CA ASP B 226 51.58 9.53 4.46
C ASP B 226 50.28 9.61 5.24
N TYR B 227 49.49 8.53 5.27
CA TYR B 227 48.24 8.49 6.02
C TYR B 227 48.46 8.59 7.53
N ILE B 228 49.68 8.36 8.02
CA ILE B 228 49.98 8.58 9.42
C ILE B 228 50.47 10.01 9.65
N CYS B 229 51.05 10.64 8.62
CA CYS B 229 51.83 11.86 8.85
C CYS B 229 51.30 13.07 8.07
N LYS B 230 50.08 12.99 7.53
CA LYS B 230 49.51 14.11 6.80
C LYS B 230 49.23 15.30 7.71
N VAL B 231 49.00 15.04 9.00
CA VAL B 231 48.82 16.13 9.94
C VAL B 231 50.17 16.68 10.40
N LYS B 232 51.27 15.97 10.14
CA LYS B 232 52.58 16.38 10.63
C LYS B 232 53.52 16.81 9.51
N TRP B 233 53.42 16.20 8.32
CA TRP B 233 54.21 16.66 7.20
C TRP B 233 53.59 17.89 6.54
N GLY B 234 52.33 17.77 6.13
CA GLY B 234 51.67 18.87 5.45
C GLY B 234 52.00 18.90 3.98
N ASP B 235 52.25 20.10 3.45
CA ASP B 235 52.57 20.27 2.04
C ASP B 235 54.04 19.92 1.81
N ILE B 236 54.29 18.61 1.74
CA ILE B 236 55.63 18.05 1.56
C ILE B 236 55.80 17.65 0.11
N GLU B 237 56.96 18.00 -0.46
CA GLU B 237 57.28 17.68 -1.84
C GLU B 237 58.44 16.70 -1.89
N PHE B 238 58.35 15.74 -2.82
CA PHE B 238 59.43 14.80 -3.04
C PHE B 238 60.11 15.12 -4.37
N PRO B 239 61.36 15.55 -4.36
CA PRO B 239 62.02 15.96 -5.60
C PRO B 239 62.47 14.77 -6.40
N PRO B 240 62.65 14.93 -7.72
CA PRO B 240 63.30 13.89 -8.51
C PRO B 240 64.80 13.90 -8.28
N PRO B 241 65.51 12.84 -8.66
CA PRO B 241 66.97 12.89 -8.64
C PRO B 241 67.49 13.84 -9.72
N PHE B 242 68.73 14.27 -9.53
CA PHE B 242 69.32 15.22 -10.46
C PHE B 242 69.70 14.51 -11.76
N GLY B 243 69.10 14.95 -12.84
CA GLY B 243 69.39 14.40 -14.16
C GLY B 243 68.96 15.41 -15.19
N ARG B 244 68.68 14.91 -16.39
CA ARG B 244 68.29 15.78 -17.49
C ARG B 244 66.88 16.34 -17.28
N GLU B 245 66.59 17.43 -17.99
CA GLU B 245 65.28 18.05 -17.91
C GLU B 245 64.23 17.16 -18.54
N ALA B 246 63.08 17.04 -17.89
CA ALA B 246 62.02 16.17 -18.35
C ALA B 246 61.37 16.74 -19.61
N TYR B 247 61.13 15.86 -20.58
CA TYR B 247 60.44 16.25 -21.81
C TYR B 247 58.98 16.54 -21.49
N PRO B 248 58.31 17.39 -22.29
CA PRO B 248 56.89 17.69 -22.02
C PRO B 248 55.97 16.49 -22.19
N GLU B 249 56.33 15.52 -23.02
CA GLU B 249 55.51 14.31 -23.12
C GLU B 249 55.71 13.40 -21.92
N GLU B 250 56.91 13.38 -21.34
CA GLU B 250 57.11 12.70 -20.06
C GLU B 250 56.30 13.35 -18.96
N ALA B 251 56.18 14.69 -18.99
CA ALA B 251 55.34 15.38 -18.04
C ALA B 251 53.86 15.09 -18.28
N TYR B 252 53.45 14.93 -19.54
CA TYR B 252 52.06 14.59 -19.84
C TYR B 252 51.70 13.19 -19.36
N ILE B 253 52.60 12.23 -19.55
CA ILE B 253 52.37 10.88 -19.06
C ILE B 253 52.40 10.85 -17.53
N ALA B 254 53.22 11.71 -16.91
CA ALA B 254 53.21 11.84 -15.46
C ALA B 254 51.90 12.44 -14.96
N ASP B 255 51.33 13.39 -15.70
CA ASP B 255 50.03 13.96 -15.32
C ASP B 255 48.91 12.93 -15.46
N LEU B 256 48.94 12.14 -16.55
CA LEU B 256 47.92 11.13 -16.77
C LEU B 256 48.03 9.99 -15.76
N ASP B 257 49.24 9.70 -15.27
CA ASP B 257 49.39 8.78 -14.15
C ASP B 257 48.90 9.40 -12.86
N ALA B 258 49.13 10.70 -12.67
CA ALA B 258 48.79 11.36 -11.42
C ALA B 258 47.30 11.55 -11.24
N LYS B 259 46.53 11.66 -12.33
CA LYS B 259 45.09 11.81 -12.16
C LYS B 259 44.39 10.46 -12.05
N SER B 260 44.99 9.40 -12.62
CA SER B 260 44.39 8.08 -12.70
C SER B 260 44.80 7.22 -11.52
N GLY B 261 44.22 6.02 -11.46
CA GLY B 261 44.50 5.09 -10.38
C GLY B 261 45.46 3.99 -10.78
N ALA B 262 45.69 3.84 -12.08
CA ALA B 262 46.61 2.84 -12.59
C ALA B 262 48.06 3.32 -12.48
N SER B 263 48.98 2.45 -12.88
CA SER B 263 50.41 2.73 -12.86
C SER B 263 50.90 2.99 -14.28
N LEU B 264 51.21 4.24 -14.58
CA LEU B 264 51.71 4.64 -15.88
C LEU B 264 53.10 5.23 -15.71
N LYS B 265 54.07 4.68 -16.42
CA LYS B 265 55.44 5.17 -16.34
C LYS B 265 56.02 5.29 -17.73
N LEU B 266 56.84 6.31 -17.95
CA LEU B 266 57.52 6.51 -19.23
C LEU B 266 58.78 7.31 -18.98
N THR B 267 59.95 6.75 -19.33
CA THR B 267 61.20 7.48 -19.26
C THR B 267 62.01 7.16 -20.51
N LEU B 268 62.47 8.19 -21.21
CA LEU B 268 63.24 7.99 -22.42
C LEU B 268 64.70 7.75 -22.08
N LEU B 269 65.34 6.88 -22.85
CA LEU B 269 66.78 6.69 -22.75
C LEU B 269 67.53 7.49 -23.82
N ASN B 270 67.01 7.51 -25.05
CA ASN B 270 67.37 8.45 -26.10
C ASN B 270 66.21 8.61 -27.08
N PRO B 271 65.84 9.85 -27.42
CA PRO B 271 64.63 10.05 -28.24
C PRO B 271 64.77 9.60 -29.68
N LYS B 272 65.98 9.36 -30.18
CA LYS B 272 66.19 8.94 -31.56
C LYS B 272 66.68 7.48 -31.57
N GLY B 273 65.99 6.64 -30.79
CA GLY B 273 66.19 5.21 -30.88
C GLY B 273 65.15 4.54 -31.75
N ARG B 274 65.44 3.30 -32.14
CA ARG B 274 64.50 2.54 -32.96
C ARG B 274 63.75 1.47 -32.17
N ILE B 275 64.21 1.12 -30.98
CA ILE B 275 63.57 0.07 -30.18
C ILE B 275 62.71 0.77 -29.14
N TRP B 276 61.45 1.03 -29.48
CA TRP B 276 60.48 1.58 -28.56
C TRP B 276 59.64 0.44 -27.98
N THR B 277 59.45 0.46 -26.66
CA THR B 277 58.72 -0.59 -25.97
C THR B 277 57.52 -0.02 -25.22
N MET B 278 56.41 -0.74 -25.31
CA MET B 278 55.17 -0.42 -24.60
C MET B 278 54.73 -1.73 -23.94
N VAL B 279 55.20 -1.96 -22.72
CA VAL B 279 55.05 -3.24 -22.04
C VAL B 279 54.02 -3.11 -20.94
N ALA B 280 53.12 -4.09 -20.83
CA ALA B 280 52.24 -4.22 -19.69
C ALA B 280 52.94 -5.06 -18.62
N GLY B 281 53.25 -4.44 -17.49
CA GLY B 281 53.93 -5.11 -16.40
C GLY B 281 55.17 -4.39 -15.91
N GLY B 282 55.49 -4.54 -14.63
CA GLY B 282 56.66 -3.90 -14.07
C GLY B 282 57.91 -4.75 -14.21
N GLY B 283 57.89 -5.93 -13.59
CA GLY B 283 58.97 -6.88 -13.77
C GLY B 283 59.09 -7.37 -15.19
N ALA B 284 57.97 -7.42 -15.92
CA ALA B 284 58.00 -7.76 -17.34
C ALA B 284 58.80 -6.73 -18.14
N SER B 285 58.50 -5.45 -17.96
CA SER B 285 59.21 -4.39 -18.70
C SER B 285 60.68 -4.31 -18.28
N VAL B 286 60.96 -4.61 -17.00
CA VAL B 286 62.34 -4.69 -16.55
C VAL B 286 63.08 -5.83 -17.26
N VAL B 287 62.42 -6.98 -17.44
CA VAL B 287 63.05 -8.10 -18.12
C VAL B 287 63.19 -7.86 -19.62
N TYR B 288 62.21 -7.18 -20.25
CA TYR B 288 62.33 -6.83 -21.67
C TYR B 288 63.47 -5.84 -21.92
N SER B 289 63.60 -4.81 -21.07
CA SER B 289 64.70 -3.87 -21.23
C SER B 289 66.05 -4.52 -20.91
N ASP B 290 66.06 -5.47 -19.98
CA ASP B 290 67.26 -6.25 -19.68
C ASP B 290 67.70 -7.06 -20.89
N THR B 291 66.75 -7.73 -21.54
CA THR B 291 67.06 -8.58 -22.69
C THR B 291 67.44 -7.73 -23.91
N ILE B 292 66.90 -6.52 -24.02
CA ILE B 292 67.31 -5.63 -25.10
C ILE B 292 68.74 -5.13 -24.87
N CYS B 293 69.06 -4.70 -23.66
CA CYS B 293 70.40 -4.22 -23.37
C CYS B 293 71.44 -5.33 -23.19
N ASP B 294 71.03 -6.61 -23.20
CA ASP B 294 72.03 -7.67 -23.25
C ASP B 294 72.16 -8.31 -24.63
N LEU B 295 71.25 -8.04 -25.55
CA LEU B 295 71.33 -8.58 -26.91
C LEU B 295 71.73 -7.53 -27.93
N GLY B 296 72.61 -6.59 -27.54
CA GLY B 296 73.20 -5.65 -28.48
C GLY B 296 72.41 -4.37 -28.69
N GLY B 297 71.26 -4.22 -28.07
CA GLY B 297 70.47 -3.01 -28.25
C GLY B 297 70.69 -1.99 -27.15
N VAL B 298 71.95 -1.81 -26.74
CA VAL B 298 72.27 -0.91 -25.64
C VAL B 298 72.07 0.54 -26.03
N ASN B 299 72.44 0.90 -27.25
CA ASN B 299 72.57 2.30 -27.65
C ASN B 299 71.24 2.89 -28.08
N GLU B 300 70.49 2.17 -28.91
CA GLU B 300 69.27 2.66 -29.51
C GLU B 300 68.01 2.13 -28.83
N LEU B 301 68.11 1.58 -27.63
CA LEU B 301 66.92 1.38 -26.81
C LEU B 301 66.37 2.74 -26.42
N ALA B 302 65.19 3.06 -26.94
CA ALA B 302 64.71 4.44 -26.91
C ALA B 302 64.14 4.81 -25.54
N ASN B 303 63.44 3.90 -24.89
CA ASN B 303 62.76 4.22 -23.65
C ASN B 303 62.58 2.97 -22.81
N TYR B 304 62.19 3.19 -21.57
CA TYR B 304 61.61 2.15 -20.74
C TYR B 304 60.44 2.75 -19.98
N GLY B 305 59.34 2.03 -19.97
CA GLY B 305 58.13 2.49 -19.31
C GLY B 305 57.13 1.35 -19.33
N GLU B 306 56.00 1.58 -18.68
CA GLU B 306 55.03 0.50 -18.55
C GLU B 306 53.65 1.08 -18.35
N TYR B 307 52.65 0.23 -18.60
CA TYR B 307 51.26 0.49 -18.29
C TYR B 307 50.72 -0.71 -17.54
N SER B 308 50.37 -0.52 -16.28
CA SER B 308 49.91 -1.64 -15.47
C SER B 308 48.84 -1.14 -14.50
N GLY B 309 48.30 -2.06 -13.71
CA GLY B 309 47.17 -1.75 -12.88
C GLY B 309 45.86 -1.65 -13.63
N ALA B 310 45.77 -2.23 -14.83
CA ALA B 310 44.64 -2.25 -15.74
C ALA B 310 44.10 -0.85 -16.04
N PRO B 311 44.77 -0.06 -16.87
CA PRO B 311 44.27 1.29 -17.18
C PRO B 311 43.04 1.24 -18.06
N SER B 312 42.39 2.41 -18.19
CA SER B 312 41.17 2.52 -18.96
C SER B 312 41.47 2.53 -20.45
N GLU B 313 40.42 2.67 -21.25
CA GLU B 313 40.60 2.74 -22.70
C GLU B 313 41.20 4.07 -23.12
N GLN B 314 40.71 5.17 -22.54
CA GLN B 314 41.23 6.49 -22.85
C GLN B 314 42.67 6.65 -22.38
N GLN B 315 43.01 6.04 -21.25
CA GLN B 315 44.35 6.19 -20.70
C GLN B 315 45.39 5.44 -21.52
N THR B 316 45.09 4.19 -21.93
CA THR B 316 46.01 3.50 -22.80
C THR B 316 45.99 4.03 -24.23
N TYR B 317 44.89 4.68 -24.65
CA TYR B 317 44.91 5.36 -25.93
C TYR B 317 45.84 6.56 -25.89
N ASP B 318 45.83 7.32 -24.80
CA ASP B 318 46.74 8.45 -24.68
C ASP B 318 48.19 8.00 -24.55
N TYR B 319 48.43 6.90 -23.82
CA TYR B 319 49.79 6.37 -23.68
C TYR B 319 50.32 5.87 -25.01
N ALA B 320 49.52 5.11 -25.75
CA ALA B 320 49.97 4.62 -27.05
C ALA B 320 50.05 5.75 -28.08
N LYS B 321 49.22 6.78 -27.94
CA LYS B 321 49.31 7.96 -28.79
C LYS B 321 50.62 8.70 -28.57
N THR B 322 51.02 8.87 -27.30
CA THR B 322 52.27 9.56 -26.98
C THR B 322 53.48 8.75 -27.44
N ILE B 323 53.45 7.43 -27.25
CA ILE B 323 54.61 6.62 -27.66
C ILE B 323 54.64 6.42 -29.17
N LEU B 324 53.52 6.60 -29.88
CA LEU B 324 53.54 6.55 -31.33
C LEU B 324 53.97 7.88 -31.93
N SER B 325 53.61 8.99 -31.27
CA SER B 325 54.02 10.30 -31.75
C SER B 325 55.50 10.57 -31.48
N LEU B 326 56.04 10.02 -30.39
CA LEU B 326 57.44 10.30 -30.08
C LEU B 326 58.41 9.55 -30.98
N MET B 327 57.98 8.51 -31.68
CA MET B 327 58.82 7.86 -32.68
C MET B 327 58.41 8.23 -34.10
N THR B 328 57.66 9.32 -34.25
CA THR B 328 57.26 9.88 -35.53
C THR B 328 58.13 11.08 -35.92
N ARG B 329 58.81 11.69 -34.94
CA ARG B 329 59.48 12.98 -35.12
C ARG B 329 60.65 12.88 -36.09
N GLU B 330 61.45 11.81 -35.99
CA GLU B 330 62.55 11.58 -36.91
C GLU B 330 62.63 10.10 -37.26
N LYS B 331 63.39 9.80 -38.33
CA LYS B 331 63.47 8.47 -38.89
C LYS B 331 64.88 7.92 -38.67
N HIS B 332 65.00 6.59 -38.73
CA HIS B 332 66.24 5.87 -38.51
C HIS B 332 66.42 4.94 -39.70
N PRO B 333 67.61 4.88 -40.29
CA PRO B 333 67.77 4.14 -41.56
C PRO B 333 67.61 2.64 -41.45
N ASP B 334 67.84 2.05 -40.28
CA ASP B 334 67.65 0.62 -40.11
C ASP B 334 66.19 0.23 -39.88
N GLY B 335 65.33 1.19 -39.64
CA GLY B 335 63.94 0.92 -39.33
C GLY B 335 63.68 0.84 -37.84
N LYS B 336 62.47 1.24 -37.46
CA LYS B 336 62.07 1.34 -36.06
C LYS B 336 61.26 0.12 -35.65
N ILE B 337 61.32 -0.19 -34.35
CA ILE B 337 60.72 -1.40 -33.80
C ILE B 337 59.81 -0.99 -32.64
N LEU B 338 58.59 -1.51 -32.64
CA LEU B 338 57.66 -1.33 -31.52
C LEU B 338 57.42 -2.67 -30.86
N ILE B 339 57.84 -2.81 -29.62
CA ILE B 339 57.68 -4.04 -28.85
C ILE B 339 56.52 -3.84 -27.90
N ILE B 340 55.37 -4.40 -28.23
CA ILE B 340 54.22 -4.44 -27.33
C ILE B 340 54.21 -5.84 -26.73
N GLY B 341 54.90 -5.98 -25.59
CA GLY B 341 55.06 -7.24 -24.94
C GLY B 341 54.20 -7.37 -23.70
N GLY B 342 54.63 -8.23 -22.81
CA GLY B 342 53.96 -8.40 -21.54
C GLY B 342 53.99 -9.85 -21.11
N SER B 343 53.75 -10.06 -19.83
CA SER B 343 53.61 -11.39 -19.29
C SER B 343 52.13 -11.76 -19.34
N ILE B 344 51.79 -12.88 -18.69
CA ILE B 344 50.41 -13.33 -18.67
C ILE B 344 49.60 -12.48 -17.70
N ALA B 345 48.59 -11.80 -18.21
CA ALA B 345 47.72 -10.99 -17.38
C ALA B 345 46.84 -11.87 -16.51
N ASN B 346 46.40 -11.32 -15.38
CA ASN B 346 45.60 -12.08 -14.42
C ASN B 346 44.12 -12.03 -14.77
N PHE B 347 43.55 -10.83 -14.81
CA PHE B 347 42.12 -10.66 -15.05
C PHE B 347 41.78 -9.66 -16.13
N THR B 348 42.77 -8.97 -16.70
CA THR B 348 42.51 -7.95 -17.70
C THR B 348 42.09 -8.58 -19.02
N ASN B 349 41.00 -8.08 -19.59
CA ASN B 349 40.62 -8.46 -20.94
C ASN B 349 41.64 -7.86 -21.92
N VAL B 350 42.26 -8.72 -22.72
CA VAL B 350 43.31 -8.30 -23.64
C VAL B 350 42.72 -7.40 -24.73
N ALA B 351 41.46 -7.64 -25.09
CA ALA B 351 40.83 -6.91 -26.18
C ALA B 351 40.56 -5.46 -25.85
N ALA B 352 40.40 -5.10 -24.57
CA ALA B 352 40.14 -3.69 -24.24
C ALA B 352 41.40 -2.83 -24.38
N THR B 353 42.53 -3.30 -23.83
CA THR B 353 43.78 -2.59 -24.00
C THR B 353 44.25 -2.62 -25.45
N PHE B 354 44.02 -3.74 -26.15
CA PHE B 354 44.33 -3.77 -27.57
C PHE B 354 43.38 -2.89 -28.38
N LYS B 355 42.17 -2.64 -27.89
CA LYS B 355 41.28 -1.68 -28.54
C LYS B 355 41.81 -0.25 -28.38
N GLY B 356 42.38 0.05 -27.21
CA GLY B 356 43.09 1.32 -27.06
C GLY B 356 44.30 1.44 -27.98
N ILE B 357 45.07 0.35 -28.11
CA ILE B 357 46.25 0.37 -28.97
C ILE B 357 45.86 0.51 -30.44
N VAL B 358 44.79 -0.16 -30.89
CA VAL B 358 44.42 -0.02 -32.29
C VAL B 358 43.71 1.31 -32.54
N ARG B 359 43.12 1.93 -31.50
CA ARG B 359 42.62 3.28 -31.65
C ARG B 359 43.75 4.27 -31.81
N ALA B 360 44.91 3.99 -31.21
CA ALA B 360 46.06 4.84 -31.48
C ALA B 360 46.72 4.51 -32.83
N ILE B 361 46.74 3.24 -33.22
CA ILE B 361 47.50 2.82 -34.40
C ILE B 361 46.74 3.13 -35.68
N ARG B 362 45.46 2.77 -35.75
CA ARG B 362 44.69 2.97 -36.97
C ARG B 362 44.38 4.45 -37.22
N ASP B 363 44.52 5.31 -36.21
CA ASP B 363 44.49 6.75 -36.42
C ASP B 363 45.86 7.30 -36.81
N TYR B 364 46.94 6.56 -36.53
CA TYR B 364 48.30 6.95 -36.86
C TYR B 364 48.94 6.01 -37.87
N GLN B 365 48.14 5.42 -38.77
CA GLN B 365 48.65 4.37 -39.65
C GLN B 365 49.63 4.92 -40.69
N GLY B 366 49.30 6.08 -41.26
CA GLY B 366 50.14 6.76 -42.23
C GLY B 366 51.53 7.13 -41.73
N PRO B 367 51.61 7.98 -40.69
CA PRO B 367 52.94 8.33 -40.14
C PRO B 367 53.72 7.17 -39.57
N LEU B 368 53.06 6.09 -39.14
CA LEU B 368 53.82 4.92 -38.70
C LEU B 368 54.39 4.14 -39.88
N LYS B 369 53.63 4.00 -40.97
CA LYS B 369 54.25 3.35 -42.13
C LYS B 369 55.08 4.31 -42.98
N GLU B 370 55.21 5.57 -42.57
CA GLU B 370 56.27 6.41 -43.13
C GLU B 370 57.64 5.95 -42.65
N HIS B 371 57.79 5.75 -41.34
CA HIS B 371 59.09 5.65 -40.69
C HIS B 371 59.64 4.23 -40.67
N GLU B 372 59.06 3.31 -41.44
CA GLU B 372 59.54 1.94 -41.64
C GLU B 372 59.58 1.16 -40.32
N VAL B 373 58.41 1.01 -39.72
CA VAL B 373 58.31 0.43 -38.39
C VAL B 373 57.89 -1.03 -38.52
N THR B 374 58.27 -1.82 -37.51
CA THR B 374 57.85 -3.20 -37.40
C THR B 374 57.39 -3.44 -35.97
N ILE B 375 56.19 -3.99 -35.83
CA ILE B 375 55.54 -4.14 -34.53
C ILE B 375 55.55 -5.60 -34.14
N PHE B 376 56.17 -5.91 -33.00
CA PHE B 376 56.17 -7.27 -32.47
C PHE B 376 55.38 -7.27 -31.17
N VAL B 377 54.40 -8.17 -31.08
CA VAL B 377 53.45 -8.20 -29.98
C VAL B 377 53.49 -9.58 -29.35
N ARG B 378 53.61 -9.62 -28.03
CA ARG B 378 53.48 -10.86 -27.28
C ARG B 378 52.56 -10.62 -26.09
N ARG B 379 51.64 -11.55 -25.87
CA ARG B 379 50.62 -11.34 -24.84
C ARG B 379 50.19 -12.68 -24.27
N GLY B 380 49.49 -12.61 -23.15
CA GLY B 380 48.87 -13.79 -22.56
C GLY B 380 47.85 -13.36 -21.53
N GLY B 381 46.89 -14.24 -21.28
CA GLY B 381 45.91 -13.99 -20.24
C GLY B 381 44.49 -14.28 -20.67
N PRO B 382 43.54 -13.54 -20.10
CA PRO B 382 42.12 -13.74 -20.44
C PRO B 382 41.82 -13.16 -21.82
N ASN B 383 41.38 -14.02 -22.74
CA ASN B 383 40.97 -13.68 -24.10
C ASN B 383 42.09 -13.00 -24.88
N TYR B 384 43.25 -13.66 -24.92
CA TYR B 384 44.40 -13.06 -25.59
C TYR B 384 44.42 -13.40 -27.07
N GLN B 385 43.88 -14.55 -27.46
CA GLN B 385 43.95 -15.01 -28.85
C GLN B 385 43.12 -14.12 -29.75
N GLU B 386 41.94 -13.70 -29.29
CA GLU B 386 41.09 -12.82 -30.08
C GLU B 386 41.67 -11.42 -30.17
N GLY B 387 42.35 -10.95 -29.13
CA GLY B 387 43.01 -9.65 -29.22
C GLY B 387 44.21 -9.68 -30.16
N LEU B 388 44.97 -10.77 -30.16
CA LEU B 388 46.05 -10.95 -31.12
C LEU B 388 45.51 -11.00 -32.54
N ARG B 389 44.36 -11.65 -32.74
CA ARG B 389 43.74 -11.69 -34.06
C ARG B 389 43.26 -10.30 -34.50
N VAL B 390 42.72 -9.52 -33.56
CA VAL B 390 42.30 -8.15 -33.86
C VAL B 390 43.49 -7.29 -34.30
N MET B 391 44.59 -7.33 -33.54
CA MET B 391 45.70 -6.47 -33.92
C MET B 391 46.47 -6.99 -35.13
N GLY B 392 46.43 -8.30 -35.38
CA GLY B 392 46.97 -8.82 -36.63
C GLY B 392 46.15 -8.43 -37.84
N GLU B 393 44.82 -8.41 -37.72
CA GLU B 393 44.02 -7.99 -38.87
C GLU B 393 44.07 -6.47 -39.06
N VAL B 394 44.29 -5.71 -37.99
CA VAL B 394 44.57 -4.27 -38.14
C VAL B 394 45.91 -4.06 -38.83
N GLY B 395 46.91 -4.90 -38.55
CA GLY B 395 48.15 -4.83 -39.31
C GLY B 395 47.98 -5.24 -40.76
N LYS B 396 47.10 -6.20 -41.04
CA LYS B 396 46.90 -6.66 -42.41
C LYS B 396 46.11 -5.65 -43.25
N THR B 397 45.13 -4.96 -42.67
CA THR B 397 44.43 -3.93 -43.43
C THR B 397 45.26 -2.66 -43.56
N THR B 398 45.87 -2.20 -42.47
CA THR B 398 46.62 -0.95 -42.51
C THR B 398 47.96 -1.07 -43.20
N GLY B 399 48.44 -2.30 -43.44
CA GLY B 399 49.70 -2.51 -44.11
C GLY B 399 50.92 -2.50 -43.22
N ILE B 400 50.77 -2.14 -41.95
CA ILE B 400 51.90 -2.12 -41.02
C ILE B 400 52.22 -3.56 -40.62
N PRO B 401 53.49 -3.98 -40.64
CA PRO B 401 53.82 -5.35 -40.22
C PRO B 401 53.66 -5.54 -38.72
N ILE B 402 52.71 -6.37 -38.33
CA ILE B 402 52.45 -6.69 -36.93
C ILE B 402 52.53 -8.20 -36.76
N HIS B 403 53.50 -8.65 -35.96
CA HIS B 403 53.70 -10.06 -35.69
C HIS B 403 53.22 -10.34 -34.26
N VAL B 404 52.07 -10.98 -34.15
CA VAL B 404 51.47 -11.27 -32.85
C VAL B 404 51.95 -12.63 -32.36
N PHE B 405 52.03 -12.78 -31.04
CA PHE B 405 52.54 -13.99 -30.43
C PHE B 405 51.81 -14.26 -29.13
N GLY B 406 51.69 -15.54 -28.78
CA GLY B 406 50.97 -15.91 -27.58
C GLY B 406 51.85 -16.43 -26.46
N THR B 407 51.31 -17.36 -25.66
CA THR B 407 52.05 -17.95 -24.57
C THR B 407 52.88 -19.15 -25.01
N GLU B 408 52.83 -19.51 -26.29
CA GLU B 408 53.68 -20.60 -26.79
C GLU B 408 55.10 -20.12 -27.07
N THR B 409 55.30 -18.81 -27.16
CA THR B 409 56.61 -18.21 -27.35
C THR B 409 57.18 -17.86 -25.97
N HIS B 410 58.50 -17.87 -25.86
CA HIS B 410 59.16 -17.28 -24.70
C HIS B 410 58.87 -15.79 -24.65
N MET B 411 58.98 -15.22 -23.44
CA MET B 411 58.49 -13.85 -23.22
C MET B 411 59.34 -12.83 -23.96
N THR B 412 60.66 -12.90 -23.81
CA THR B 412 61.58 -11.96 -24.42
C THR B 412 62.25 -12.51 -25.66
N ALA B 413 61.63 -13.50 -26.32
CA ALA B 413 62.14 -13.94 -27.61
C ALA B 413 61.89 -12.91 -28.69
N ILE B 414 60.85 -12.09 -28.54
CA ILE B 414 60.41 -11.19 -29.61
C ILE B 414 61.38 -10.03 -29.77
N VAL B 415 62.14 -9.68 -28.72
CA VAL B 415 63.23 -8.72 -28.91
C VAL B 415 64.51 -9.38 -29.39
N GLY B 416 64.61 -10.70 -29.30
CA GLY B 416 65.72 -11.39 -29.95
C GLY B 416 65.53 -11.54 -31.44
N MET B 417 64.28 -11.75 -31.88
CA MET B 417 63.94 -11.78 -33.29
C MET B 417 63.43 -10.44 -33.84
N ALA B 418 63.31 -9.42 -33.00
CA ALA B 418 63.09 -8.08 -33.51
C ALA B 418 64.40 -7.47 -34.00
N LEU B 419 65.50 -7.75 -33.30
CA LEU B 419 66.83 -7.28 -33.67
C LEU B 419 67.52 -8.18 -34.70
N GLY B 420 66.82 -9.18 -35.23
CA GLY B 420 67.39 -10.00 -36.28
C GLY B 420 68.45 -10.99 -35.86
N HIS B 421 68.53 -11.29 -34.55
CA HIS B 421 69.54 -12.22 -34.07
C HIS B 421 69.06 -13.67 -34.16
N ARG B 422 67.78 -13.87 -34.42
CA ARG B 422 67.17 -15.19 -34.56
C ARG B 422 65.99 -15.01 -35.50
N PRO B 423 65.61 -16.04 -36.27
CA PRO B 423 64.66 -15.82 -37.37
C PRO B 423 63.23 -15.51 -36.91
N ILE B 424 62.44 -15.03 -37.86
CA ILE B 424 61.05 -14.66 -37.63
C ILE B 424 60.16 -15.79 -38.15
N PRO B 425 59.50 -16.56 -37.28
CA PRO B 425 58.57 -17.62 -37.71
C PRO B 425 57.30 -17.06 -38.35
N GLY B 487 58.49 -22.48 16.20
CA GLY B 487 59.06 -23.02 14.98
C GLY B 487 58.12 -22.93 13.79
N LYS B 488 58.69 -22.63 12.62
CA LYS B 488 57.91 -22.47 11.41
C LYS B 488 57.73 -23.81 10.71
N SER B 489 56.55 -24.01 10.14
CA SER B 489 56.24 -25.27 9.49
C SER B 489 56.95 -25.36 8.13
N THR B 490 56.99 -26.57 7.59
CA THR B 490 57.55 -26.82 6.27
C THR B 490 56.52 -27.23 5.24
N THR B 491 55.35 -27.71 5.65
CA THR B 491 54.23 -27.98 4.75
C THR B 491 53.17 -26.95 5.07
N LEU B 492 53.18 -25.84 4.34
CA LEU B 492 52.20 -24.78 4.57
C LEU B 492 50.82 -25.19 4.07
N PHE B 493 50.76 -25.74 2.86
CA PHE B 493 49.49 -26.04 2.20
C PHE B 493 49.38 -27.53 1.93
N SER B 494 48.16 -28.02 1.92
CA SER B 494 47.87 -29.42 1.68
C SER B 494 46.46 -29.52 1.11
N ARG B 495 46.02 -30.75 0.87
CA ARG B 495 44.67 -30.96 0.35
C ARG B 495 43.60 -30.93 1.45
N HIS B 496 43.99 -30.66 2.69
CA HIS B 496 43.05 -30.47 3.79
C HIS B 496 43.20 -29.09 4.42
N THR B 497 43.82 -28.16 3.70
CA THR B 497 44.06 -26.82 4.22
C THR B 497 42.80 -25.99 4.11
N LYS B 498 42.40 -25.36 5.22
CA LYS B 498 41.25 -24.49 5.22
C LYS B 498 41.64 -23.07 5.58
N ALA B 499 41.00 -22.11 4.92
CA ALA B 499 41.36 -20.71 4.96
C ALA B 499 40.22 -19.85 5.48
N ILE B 500 40.60 -18.68 5.98
CA ILE B 500 39.67 -17.62 6.35
C ILE B 500 40.14 -16.37 5.62
N VAL B 501 39.24 -15.75 4.87
CA VAL B 501 39.58 -14.60 4.03
C VAL B 501 39.10 -13.34 4.74
N TRP B 502 39.99 -12.37 4.91
CA TRP B 502 39.63 -11.09 5.49
C TRP B 502 39.29 -10.14 4.35
N GLY B 503 38.03 -9.76 4.24
CA GLY B 503 37.62 -8.81 3.22
C GLY B 503 36.46 -9.32 2.38
N MET B 504 35.83 -8.42 1.63
CA MET B 504 34.73 -8.78 0.73
C MET B 504 35.34 -9.05 -0.63
N GLN B 505 35.79 -10.29 -0.83
CA GLN B 505 36.62 -10.67 -1.97
C GLN B 505 36.04 -11.92 -2.64
N THR B 506 34.76 -11.84 -3.01
CA THR B 506 34.04 -12.98 -3.58
C THR B 506 34.65 -13.48 -4.88
N ARG B 507 35.30 -12.60 -5.64
CA ARG B 507 35.95 -13.03 -6.87
C ARG B 507 37.15 -13.92 -6.57
N ALA B 508 37.94 -13.55 -5.56
CA ALA B 508 39.10 -14.34 -5.18
C ALA B 508 38.68 -15.66 -4.54
N VAL B 509 37.64 -15.64 -3.72
CA VAL B 509 37.13 -16.86 -3.10
C VAL B 509 36.56 -17.80 -4.17
N GLN B 510 35.89 -17.24 -5.17
CA GLN B 510 35.34 -18.07 -6.24
C GLN B 510 36.46 -18.66 -7.11
N GLY B 511 37.53 -17.89 -7.32
CA GLY B 511 38.69 -18.43 -8.01
C GLY B 511 39.36 -19.55 -7.24
N MET B 512 39.42 -19.42 -5.91
CA MET B 512 39.97 -20.48 -5.08
C MET B 512 39.10 -21.74 -5.13
N LEU B 513 37.78 -21.58 -5.13
CA LEU B 513 36.90 -22.76 -5.19
C LEU B 513 36.94 -23.41 -6.57
N ASP B 514 37.07 -22.61 -7.63
CA ASP B 514 37.22 -23.16 -8.97
C ASP B 514 38.52 -23.92 -9.10
N PHE B 515 39.61 -23.39 -8.52
CA PHE B 515 40.88 -24.09 -8.48
C PHE B 515 40.77 -25.40 -7.71
N ASP B 516 40.02 -25.40 -6.61
CA ASP B 516 39.84 -26.64 -5.85
C ASP B 516 39.02 -27.66 -6.61
N TYR B 517 38.07 -27.21 -7.43
CA TYR B 517 37.28 -28.17 -8.20
C TYR B 517 38.10 -28.75 -9.35
N VAL B 518 38.92 -27.93 -10.01
CA VAL B 518 39.72 -28.49 -11.10
C VAL B 518 40.94 -29.26 -10.59
N CYS B 519 41.26 -29.18 -9.30
CA CYS B 519 42.31 -30.00 -8.70
C CYS B 519 41.77 -31.24 -8.01
N SER B 520 40.51 -31.59 -8.25
CA SER B 520 39.86 -32.82 -7.77
C SER B 520 39.87 -32.91 -6.25
N ARG B 521 39.77 -31.76 -5.59
CA ARG B 521 39.82 -31.70 -4.15
C ARG B 521 38.44 -32.03 -3.57
N ASP B 522 38.40 -32.49 -2.32
CA ASP B 522 37.17 -32.90 -1.67
C ASP B 522 36.37 -31.74 -1.13
N GLU B 523 37.03 -30.77 -0.52
CA GLU B 523 36.42 -29.73 0.28
C GLU B 523 36.92 -28.38 -0.20
N PRO B 524 36.13 -27.31 -0.05
CA PRO B 524 36.62 -25.97 -0.39
C PRO B 524 37.79 -25.52 0.48
N SER B 525 38.59 -24.60 -0.06
CA SER B 525 39.68 -24.01 0.70
C SER B 525 39.21 -22.97 1.70
N VAL B 526 38.11 -22.28 1.42
CA VAL B 526 37.65 -21.16 2.23
C VAL B 526 36.56 -21.68 3.14
N ALA B 527 36.75 -21.53 4.45
CA ALA B 527 35.76 -21.90 5.43
C ALA B 527 34.87 -20.73 5.81
N ALA B 528 35.42 -19.53 5.87
CA ALA B 528 34.67 -18.36 6.27
C ALA B 528 35.29 -17.13 5.63
N MET B 529 34.53 -16.03 5.71
CA MET B 529 35.03 -14.71 5.34
C MET B 529 34.84 -13.79 6.53
N VAL B 530 35.68 -12.76 6.63
CA VAL B 530 35.60 -11.79 7.72
C VAL B 530 35.47 -10.40 7.09
N TYR B 531 34.29 -9.81 7.21
CA TYR B 531 34.06 -8.43 6.79
C TYR B 531 33.44 -7.68 7.96
N PRO B 532 34.14 -6.72 8.55
CA PRO B 532 33.65 -6.10 9.80
C PRO B 532 32.53 -5.10 9.61
N PHE B 533 32.15 -4.73 8.39
CA PHE B 533 31.19 -3.67 8.16
C PHE B 533 29.79 -4.19 7.87
N THR B 534 29.52 -5.46 8.15
CA THR B 534 28.19 -6.03 8.00
C THR B 534 28.04 -7.21 8.95
N GLY B 535 26.81 -7.64 9.15
CA GLY B 535 26.50 -8.70 10.09
C GLY B 535 26.86 -10.07 9.56
N ASP B 536 26.57 -11.07 10.38
CA ASP B 536 26.90 -12.45 10.07
C ASP B 536 25.86 -12.98 9.09
N HIS B 537 26.27 -13.34 7.89
CA HIS B 537 25.35 -13.91 6.91
C HIS B 537 26.08 -15.01 6.15
N LYS B 538 25.52 -15.44 5.02
CA LYS B 538 26.14 -16.43 4.16
C LYS B 538 26.23 -15.89 2.74
N GLN B 539 27.36 -16.12 2.09
CA GLN B 539 27.57 -15.75 0.70
C GLN B 539 27.45 -17.01 -0.16
N LYS B 540 26.90 -16.83 -1.36
CA LYS B 540 26.62 -17.95 -2.25
C LYS B 540 27.75 -18.08 -3.26
N PHE B 541 28.37 -19.26 -3.31
CA PHE B 541 29.50 -19.53 -4.18
C PHE B 541 29.25 -20.80 -4.97
N TYR B 542 30.14 -21.09 -5.91
CA TYR B 542 30.01 -22.22 -6.81
C TYR B 542 31.10 -23.25 -6.54
N TRP B 543 30.68 -24.51 -6.44
CA TRP B 543 31.56 -25.67 -6.40
C TRP B 543 31.25 -26.46 -7.66
N GLY B 544 31.99 -26.17 -8.73
CA GLY B 544 31.74 -26.78 -10.02
C GLY B 544 30.43 -26.32 -10.61
N HIS B 545 29.44 -27.21 -10.61
CA HIS B 545 28.08 -26.87 -10.96
C HIS B 545 27.21 -26.58 -9.75
N LYS B 546 27.52 -27.19 -8.61
CA LYS B 546 26.69 -27.06 -7.42
C LYS B 546 26.94 -25.71 -6.77
N GLU B 547 25.96 -25.22 -6.02
CA GLU B 547 26.10 -23.97 -5.28
C GLU B 547 26.22 -24.26 -3.79
N ILE B 548 27.20 -23.64 -3.15
CA ILE B 548 27.44 -23.78 -1.73
C ILE B 548 27.30 -22.42 -1.06
N LEU B 549 27.35 -22.42 0.27
CA LEU B 549 27.31 -21.21 1.08
C LEU B 549 28.56 -21.15 1.93
N ILE B 550 29.16 -19.97 2.01
CA ILE B 550 30.32 -19.70 2.86
C ILE B 550 29.94 -18.62 3.85
N PRO B 551 30.09 -18.85 5.16
CA PRO B 551 29.64 -17.86 6.15
C PRO B 551 30.54 -16.64 6.20
N VAL B 552 29.92 -15.46 6.14
CA VAL B 552 30.61 -14.18 6.29
C VAL B 552 30.35 -13.70 7.70
N PHE B 553 31.39 -13.72 8.52
CA PHE B 553 31.33 -13.27 9.90
C PHE B 553 31.76 -11.81 10.00
N LYS B 554 31.40 -11.20 11.12
CA LYS B 554 31.75 -9.81 11.35
C LYS B 554 33.04 -9.67 12.15
N ASN B 555 33.17 -10.43 13.22
CA ASN B 555 34.37 -10.43 14.04
C ASN B 555 35.23 -11.65 13.73
N MET B 556 36.53 -11.52 13.97
CA MET B 556 37.45 -12.61 13.68
C MET B 556 37.38 -13.71 14.72
N ALA B 557 37.02 -13.36 15.97
CA ALA B 557 36.88 -14.36 17.03
C ALA B 557 35.72 -15.29 16.76
N ASP B 558 34.63 -14.77 16.20
CA ASP B 558 33.51 -15.61 15.80
C ASP B 558 33.91 -16.54 14.66
N ALA B 559 34.81 -16.09 13.78
CA ALA B 559 35.27 -16.92 12.69
C ALA B 559 36.22 -18.00 13.18
N MET B 560 36.99 -17.73 14.23
CA MET B 560 37.91 -18.73 14.75
C MET B 560 37.21 -19.73 15.66
N ARG B 561 36.13 -19.32 16.35
CA ARG B 561 35.42 -20.24 17.23
C ARG B 561 34.67 -21.30 16.44
N LYS B 562 34.01 -20.91 15.35
CA LYS B 562 33.25 -21.88 14.57
C LYS B 562 34.15 -22.78 13.73
N HIS B 563 35.38 -22.36 13.45
CA HIS B 563 36.26 -23.07 12.53
C HIS B 563 37.63 -23.26 13.16
N PRO B 564 37.85 -24.38 13.86
CA PRO B 564 39.18 -24.66 14.41
C PRO B 564 40.13 -25.36 13.45
N GLU B 565 39.65 -25.81 12.29
CA GLU B 565 40.49 -26.46 11.29
C GLU B 565 41.14 -25.48 10.35
N VAL B 566 40.84 -24.19 10.47
CA VAL B 566 41.44 -23.17 9.64
C VAL B 566 42.88 -22.93 10.09
N ASP B 567 43.83 -23.10 9.18
CA ASP B 567 45.23 -22.92 9.53
C ASP B 567 45.94 -21.90 8.65
N VAL B 568 45.22 -21.17 7.81
CA VAL B 568 45.76 -20.10 6.99
C VAL B 568 44.73 -18.97 6.94
N LEU B 569 45.20 -17.74 7.07
CA LEU B 569 44.37 -16.57 6.85
C LEU B 569 44.94 -15.77 5.69
N ILE B 570 44.07 -15.38 4.78
CA ILE B 570 44.44 -14.52 3.65
C ILE B 570 43.89 -13.14 3.95
N ASN B 571 44.77 -12.16 4.02
CA ASN B 571 44.43 -10.83 4.51
C ASN B 571 44.38 -9.88 3.33
N PHE B 572 43.17 -9.67 2.80
CA PHE B 572 42.94 -8.73 1.71
C PHE B 572 42.64 -7.32 2.21
N ALA B 573 43.15 -6.95 3.39
CA ALA B 573 42.90 -5.62 3.92
C ALA B 573 43.69 -4.58 3.13
N SER B 574 43.33 -3.32 3.34
CA SER B 574 44.02 -2.22 2.68
C SER B 574 45.34 -1.94 3.39
N LEU B 575 46.11 -0.98 2.87
CA LEU B 575 47.44 -0.69 3.39
C LEU B 575 47.38 -0.08 4.78
N ARG B 576 46.29 0.59 5.12
CA ARG B 576 46.15 1.26 6.41
C ARG B 576 45.43 0.43 7.47
N SER B 577 44.96 -0.75 7.09
CA SER B 577 44.26 -1.62 8.03
C SER B 577 44.73 -3.07 7.93
N ALA B 578 45.87 -3.34 7.30
CA ALA B 578 46.42 -4.69 7.28
C ALA B 578 47.26 -4.96 8.51
N TYR B 579 47.85 -3.92 9.08
CA TYR B 579 48.66 -4.07 10.29
C TYR B 579 47.82 -4.49 11.48
N ASP B 580 46.68 -3.82 11.68
CA ASP B 580 45.81 -4.16 12.80
C ASP B 580 45.17 -5.53 12.62
N SER B 581 44.80 -5.87 11.38
CA SER B 581 44.21 -7.18 11.10
C SER B 581 45.22 -8.30 11.31
N THR B 582 46.47 -8.09 10.90
CA THR B 582 47.50 -9.11 11.09
C THR B 582 47.90 -9.24 12.56
N MET B 583 47.99 -8.11 13.28
CA MET B 583 48.30 -8.14 14.70
C MET B 583 47.19 -8.81 15.50
N GLU B 584 45.94 -8.57 15.13
CA GLU B 584 44.82 -9.27 15.75
C GLU B 584 44.76 -10.73 15.31
N THR B 585 45.31 -11.06 14.15
CA THR B 585 45.35 -12.45 13.71
C THR B 585 46.37 -13.27 14.47
N MET B 586 47.55 -12.70 14.74
CA MET B 586 48.67 -13.50 15.24
C MET B 586 48.52 -13.96 16.69
N ASN B 587 47.52 -13.51 17.44
CA ASN B 587 47.32 -14.06 18.77
C ASN B 587 46.37 -15.25 18.79
N TYR B 588 45.99 -15.76 17.63
CA TYR B 588 45.28 -17.03 17.51
C TYR B 588 46.28 -18.11 17.14
N ALA B 589 46.30 -19.19 17.92
CA ALA B 589 47.30 -20.23 17.73
C ALA B 589 46.98 -21.18 16.59
N GLN B 590 45.74 -21.17 16.08
CA GLN B 590 45.39 -22.09 15.01
C GLN B 590 45.89 -21.59 13.65
N ILE B 591 46.03 -20.27 13.49
CA ILE B 591 46.53 -19.70 12.24
C ILE B 591 48.03 -19.94 12.18
N ARG B 592 48.46 -20.80 11.25
CA ARG B 592 49.88 -21.11 11.12
C ARG B 592 50.58 -20.29 10.05
N THR B 593 49.85 -19.74 9.08
CA THR B 593 50.46 -18.92 8.05
C THR B 593 49.47 -17.84 7.61
N ILE B 594 50.00 -16.65 7.34
CA ILE B 594 49.20 -15.49 6.95
C ILE B 594 49.70 -15.01 5.60
N ALA B 595 48.76 -14.61 4.74
CA ALA B 595 49.09 -14.00 3.45
C ALA B 595 48.58 -12.56 3.46
N ILE B 596 49.50 -11.61 3.31
CA ILE B 596 49.16 -10.19 3.25
C ILE B 596 49.24 -9.75 1.79
N ILE B 597 48.17 -9.12 1.31
CA ILE B 597 48.08 -8.77 -0.10
C ILE B 597 48.37 -7.29 -0.36
N ALA B 598 48.27 -6.44 0.66
CA ALA B 598 48.19 -5.00 0.47
C ALA B 598 49.50 -4.38 -0.02
N GLU B 599 49.36 -3.39 -0.89
CA GLU B 599 50.47 -2.65 -1.48
C GLU B 599 50.66 -1.36 -0.70
N GLY B 600 51.80 -1.23 -0.04
CA GLY B 600 52.20 0.03 0.54
C GLY B 600 52.12 0.13 2.04
N ILE B 601 52.20 -0.99 2.76
CA ILE B 601 52.26 -0.97 4.21
C ILE B 601 53.61 -0.37 4.60
N PRO B 602 53.65 0.67 5.43
CA PRO B 602 54.93 1.32 5.75
C PRO B 602 55.85 0.41 6.56
N GLU B 603 57.15 0.61 6.34
CA GLU B 603 58.13 -0.43 6.60
C GLU B 603 58.36 -0.70 8.09
N ALA B 604 58.11 0.28 8.96
CA ALA B 604 58.18 0.02 10.40
C ALA B 604 57.06 -0.92 10.84
N LEU B 605 55.89 -0.76 10.25
CA LEU B 605 54.74 -1.60 10.60
C LEU B 605 54.96 -3.03 10.15
N THR B 606 55.51 -3.22 8.94
CA THR B 606 55.78 -4.59 8.50
C THR B 606 57.01 -5.17 9.21
N ARG B 607 57.90 -4.33 9.74
CA ARG B 607 58.97 -4.84 10.59
C ARG B 607 58.42 -5.37 11.92
N LYS B 608 57.44 -4.66 12.49
CA LYS B 608 56.77 -5.17 13.68
C LYS B 608 55.98 -6.45 13.39
N LEU B 609 55.39 -6.54 12.19
CA LEU B 609 54.70 -7.77 11.79
C LEU B 609 55.67 -8.93 11.67
N ILE B 610 56.86 -8.69 11.10
CA ILE B 610 57.90 -9.71 10.98
C ILE B 610 58.35 -10.18 12.36
N LYS B 611 58.55 -9.24 13.30
CA LYS B 611 59.06 -9.65 14.61
C LYS B 611 58.02 -10.40 15.43
N LYS B 612 56.73 -10.05 15.29
CA LYS B 612 55.73 -10.82 16.03
C LYS B 612 55.48 -12.18 15.37
N ALA B 613 55.63 -12.26 14.04
CA ALA B 613 55.54 -13.56 13.38
C ALA B 613 56.70 -14.48 13.77
N ASP B 614 57.90 -13.91 13.92
CA ASP B 614 59.03 -14.70 14.36
C ASP B 614 58.93 -15.10 15.83
N GLN B 615 58.29 -14.26 16.65
CA GLN B 615 58.04 -14.64 18.04
C GLN B 615 57.01 -15.76 18.13
N LYS B 616 55.89 -15.62 17.41
CA LYS B 616 54.81 -16.59 17.47
C LYS B 616 55.09 -17.84 16.66
N GLY B 617 55.91 -17.75 15.61
CA GLY B 617 56.21 -18.91 14.80
C GLY B 617 55.27 -19.12 13.63
N VAL B 618 54.64 -18.07 13.13
CA VAL B 618 53.77 -18.16 11.97
C VAL B 618 54.54 -17.70 10.75
N THR B 619 54.14 -18.19 9.58
CA THR B 619 54.81 -17.88 8.32
C THR B 619 54.00 -16.84 7.58
N ILE B 620 54.46 -15.59 7.59
CA ILE B 620 53.83 -14.55 6.79
C ILE B 620 54.33 -14.67 5.36
N ILE B 621 53.43 -14.97 4.44
CA ILE B 621 53.68 -14.67 3.04
C ILE B 621 53.61 -13.17 2.89
N GLY B 622 54.70 -12.58 2.41
CA GLY B 622 55.01 -11.18 2.62
C GLY B 622 54.02 -10.20 2.03
N PRO B 623 54.06 -8.96 2.50
CA PRO B 623 53.15 -7.93 1.98
C PRO B 623 53.49 -7.58 0.54
N ALA B 624 52.52 -6.95 -0.11
CA ALA B 624 52.58 -6.54 -1.52
C ALA B 624 52.83 -7.73 -2.44
N THR B 625 52.13 -8.83 -2.16
CA THR B 625 52.25 -10.03 -2.99
C THR B 625 50.91 -10.32 -3.65
N VAL B 626 50.96 -11.15 -4.69
CA VAL B 626 49.73 -11.65 -5.28
C VAL B 626 49.25 -12.89 -4.53
N GLY B 627 50.15 -13.58 -3.84
CA GLY B 627 49.82 -14.77 -3.09
C GLY B 627 50.81 -15.87 -3.41
N GLY B 628 50.37 -17.12 -3.31
CA GLY B 628 51.17 -18.24 -3.73
C GLY B 628 50.26 -19.36 -4.17
N ILE B 629 50.76 -20.18 -5.10
CA ILE B 629 49.97 -21.27 -5.65
C ILE B 629 50.75 -22.57 -5.49
N LYS B 630 50.13 -23.53 -4.82
CA LYS B 630 50.62 -24.90 -4.78
C LYS B 630 49.67 -25.75 -5.60
N PRO B 631 50.06 -26.16 -6.82
CA PRO B 631 49.13 -26.87 -7.70
C PRO B 631 48.74 -28.24 -7.15
N GLY B 632 47.43 -28.50 -7.17
CA GLY B 632 46.88 -29.70 -6.62
C GLY B 632 46.29 -29.56 -5.22
N CYS B 633 46.76 -28.58 -4.45
CA CYS B 633 46.32 -28.43 -3.07
C CYS B 633 45.64 -27.11 -2.77
N PHE B 634 46.26 -25.98 -3.08
CA PHE B 634 45.84 -24.71 -2.52
C PHE B 634 46.35 -23.57 -3.36
N LYS B 635 45.59 -22.47 -3.36
CA LYS B 635 45.92 -21.29 -4.13
C LYS B 635 45.46 -20.07 -3.35
N ILE B 636 46.34 -19.09 -3.21
CA ILE B 636 46.08 -17.93 -2.35
C ILE B 636 45.40 -16.86 -3.20
N GLY B 637 44.09 -16.72 -3.04
CA GLY B 637 43.36 -15.59 -3.58
C GLY B 637 43.28 -15.49 -5.09
N ASN B 638 44.02 -14.53 -5.64
CA ASN B 638 43.96 -14.22 -7.07
C ASN B 638 45.22 -14.62 -7.81
N THR B 639 46.05 -15.48 -7.22
CA THR B 639 47.27 -15.87 -7.91
C THR B 639 46.93 -16.87 -9.01
N GLY B 640 47.68 -16.79 -10.09
CA GLY B 640 47.33 -17.52 -11.31
C GLY B 640 46.46 -16.72 -12.25
N GLY B 641 45.43 -16.07 -11.71
CA GLY B 641 44.52 -15.30 -12.54
C GLY B 641 43.17 -15.97 -12.68
N MET B 642 42.64 -15.98 -13.89
CA MET B 642 41.44 -16.74 -14.20
C MET B 642 41.79 -18.22 -14.35
N LEU B 643 40.78 -19.04 -14.61
CA LEU B 643 41.02 -20.45 -14.90
C LEU B 643 41.58 -20.70 -16.28
N ASP B 644 41.50 -19.71 -17.18
CA ASP B 644 42.16 -19.86 -18.47
C ASP B 644 43.67 -19.95 -18.31
N ASN B 645 44.20 -19.19 -17.35
CA ASN B 645 45.63 -19.20 -17.08
C ASN B 645 46.03 -20.40 -16.23
N ILE B 646 45.12 -20.89 -15.39
CA ILE B 646 45.40 -22.09 -14.60
C ILE B 646 45.42 -23.31 -15.50
N LEU B 647 44.44 -23.42 -16.40
CA LEU B 647 44.35 -24.58 -17.27
C LEU B 647 45.35 -24.52 -18.42
N ALA B 648 45.72 -23.31 -18.86
CA ALA B 648 46.73 -23.19 -19.92
C ALA B 648 48.13 -23.49 -19.41
N SER B 649 48.40 -23.26 -18.13
CA SER B 649 49.71 -23.49 -17.55
C SER B 649 49.74 -24.76 -16.71
N LYS B 650 48.71 -25.61 -16.84
CA LYS B 650 48.66 -26.96 -16.26
C LYS B 650 48.82 -26.94 -14.73
N LEU B 651 48.23 -25.96 -14.08
CA LEU B 651 48.41 -25.77 -12.65
C LEU B 651 47.42 -26.56 -11.81
N TYR B 652 46.84 -27.63 -12.36
CA TYR B 652 45.89 -28.44 -11.62
C TYR B 652 46.50 -29.74 -11.10
N ARG B 653 47.72 -30.08 -11.49
CA ARG B 653 48.40 -31.27 -11.02
C ARG B 653 49.78 -30.90 -10.51
N PRO B 654 50.27 -31.57 -9.46
CA PRO B 654 51.57 -31.21 -8.90
C PRO B 654 52.71 -31.67 -9.79
N GLY B 655 53.75 -30.84 -9.85
CA GLY B 655 54.96 -31.21 -10.56
C GLY B 655 56.09 -31.53 -9.62
N SER B 656 57.30 -31.07 -9.95
CA SER B 656 58.44 -31.26 -9.05
C SER B 656 59.35 -30.05 -9.00
N VAL B 657 58.90 -28.88 -9.46
CA VAL B 657 59.71 -27.67 -9.51
C VAL B 657 59.08 -26.63 -8.60
N ALA B 658 59.85 -26.14 -7.65
CA ALA B 658 59.39 -25.01 -6.86
C ALA B 658 59.99 -23.72 -7.42
N TYR B 659 59.37 -22.60 -7.12
CA TYR B 659 59.94 -21.32 -7.51
C TYR B 659 59.61 -20.26 -6.48
N VAL B 660 60.49 -19.27 -6.38
CA VAL B 660 60.28 -18.09 -5.56
C VAL B 660 60.55 -16.86 -6.42
N SER B 661 59.57 -15.95 -6.48
CA SER B 661 59.70 -14.68 -7.14
C SER B 661 59.49 -13.56 -6.13
N ARG B 662 59.85 -12.34 -6.54
CA ARG B 662 59.59 -11.17 -5.70
C ARG B 662 58.26 -10.51 -6.06
N SER B 663 58.16 -9.98 -7.27
CA SER B 663 56.90 -9.43 -7.73
C SER B 663 55.98 -10.56 -8.20
N GLY B 664 54.70 -10.24 -8.31
CA GLY B 664 53.70 -11.22 -8.67
C GLY B 664 53.52 -11.40 -10.17
N GLY B 665 53.84 -10.36 -10.93
CA GLY B 665 53.61 -10.35 -12.36
C GLY B 665 54.51 -11.30 -13.14
N MET B 666 55.59 -11.77 -12.53
CA MET B 666 56.48 -12.72 -13.19
C MET B 666 56.22 -14.15 -12.78
N SER B 667 55.39 -14.38 -11.75
CA SER B 667 55.05 -15.73 -11.35
C SER B 667 54.18 -16.42 -12.40
N ASN B 668 53.38 -15.65 -13.13
CA ASN B 668 52.59 -16.21 -14.23
C ASN B 668 53.50 -16.71 -15.35
N GLU B 669 54.51 -15.92 -15.70
CA GLU B 669 55.46 -16.33 -16.73
C GLU B 669 56.32 -17.50 -16.28
N LEU B 670 56.65 -17.55 -14.98
CA LEU B 670 57.36 -18.72 -14.47
C LEU B 670 56.50 -19.96 -14.48
N ASN B 671 55.21 -19.82 -14.18
CA ASN B 671 54.26 -20.92 -14.33
C ASN B 671 54.20 -21.43 -15.76
N ASN B 672 54.19 -20.49 -16.72
CA ASN B 672 54.14 -20.87 -18.13
C ASN B 672 55.42 -21.58 -18.57
N ILE B 673 56.57 -21.09 -18.10
CA ILE B 673 57.86 -21.65 -18.49
C ILE B 673 58.03 -23.05 -17.90
N ILE B 674 57.71 -23.21 -16.62
CA ILE B 674 57.79 -24.53 -15.99
C ILE B 674 56.72 -25.48 -16.54
N SER B 675 55.60 -24.94 -17.04
CA SER B 675 54.62 -25.81 -17.68
C SER B 675 55.12 -26.31 -19.04
N ARG B 676 55.74 -25.45 -19.83
CA ARG B 676 56.10 -25.82 -21.19
C ARG B 676 57.48 -26.44 -21.32
N THR B 677 58.31 -26.42 -20.27
CA THR B 677 59.59 -27.11 -20.32
C THR B 677 59.70 -28.27 -19.34
N THR B 678 58.85 -28.33 -18.33
CA THR B 678 59.02 -29.29 -17.24
C THR B 678 57.67 -29.97 -17.00
N ASP B 679 57.64 -30.94 -16.08
CA ASP B 679 56.41 -31.66 -15.75
C ASP B 679 55.47 -30.86 -14.87
N GLY B 680 55.88 -29.69 -14.39
CA GLY B 680 54.95 -28.82 -13.69
C GLY B 680 55.46 -28.20 -12.41
N VAL B 681 54.73 -27.23 -11.89
CA VAL B 681 55.08 -26.56 -10.64
C VAL B 681 54.57 -27.39 -9.47
N TYR B 682 55.43 -27.61 -8.47
CA TYR B 682 55.01 -28.22 -7.23
C TYR B 682 54.44 -27.18 -6.28
N GLU B 683 55.08 -26.00 -6.21
CA GLU B 683 54.69 -24.93 -5.31
C GLU B 683 55.35 -23.66 -5.82
N GLY B 684 54.67 -22.54 -5.66
CA GLY B 684 55.28 -21.29 -6.04
C GLY B 684 54.76 -20.11 -5.27
N VAL B 685 55.66 -19.33 -4.66
CA VAL B 685 55.30 -18.24 -3.77
C VAL B 685 56.01 -16.98 -4.23
N ALA B 686 55.24 -15.92 -4.49
CA ALA B 686 55.78 -14.59 -4.67
C ALA B 686 55.86 -13.93 -3.30
N ILE B 687 57.05 -13.50 -2.91
CA ILE B 687 57.24 -13.02 -1.54
C ILE B 687 56.85 -11.56 -1.38
N GLY B 688 56.69 -10.82 -2.47
CA GLY B 688 56.25 -9.45 -2.36
C GLY B 688 57.22 -8.42 -2.88
N GLY B 689 56.70 -7.25 -3.25
CA GLY B 689 57.50 -6.14 -3.73
C GLY B 689 57.86 -5.12 -2.67
N ASP B 690 57.55 -5.39 -1.41
CA ASP B 690 57.96 -4.50 -0.33
C ASP B 690 59.45 -4.67 -0.05
N ARG B 691 60.00 -3.72 0.71
CA ARG B 691 61.42 -3.75 1.00
C ARG B 691 61.74 -4.77 2.10
N TYR B 692 60.86 -4.92 3.09
CA TYR B 692 61.01 -5.90 4.16
C TYR B 692 59.86 -6.89 4.08
N PRO B 693 59.99 -7.95 3.29
CA PRO B 693 58.90 -8.93 3.19
C PRO B 693 58.82 -9.80 4.43
N GLY B 694 57.63 -10.34 4.68
CA GLY B 694 57.42 -11.23 5.81
C GLY B 694 58.16 -12.54 5.70
N SER B 695 58.50 -12.96 4.49
CA SER B 695 59.39 -14.08 4.26
C SER B 695 60.29 -13.72 3.09
N THR B 696 61.59 -13.92 3.26
CA THR B 696 62.56 -13.63 2.23
C THR B 696 62.73 -14.87 1.34
N PHE B 697 63.81 -14.89 0.55
CA PHE B 697 64.12 -16.06 -0.27
C PHE B 697 64.42 -17.27 0.61
N MET B 698 65.10 -17.04 1.74
CA MET B 698 65.69 -18.14 2.49
C MET B 698 64.65 -18.93 3.28
N ASP B 699 63.61 -18.25 3.79
CA ASP B 699 62.56 -18.91 4.55
C ASP B 699 61.73 -19.86 3.69
N HIS B 700 61.75 -19.69 2.37
CA HIS B 700 61.10 -20.60 1.45
C HIS B 700 62.05 -21.61 0.82
N VAL B 701 63.33 -21.25 0.63
CA VAL B 701 64.27 -22.23 0.10
C VAL B 701 64.60 -23.30 1.15
N LEU B 702 64.67 -22.93 2.43
CA LEU B 702 64.69 -23.96 3.48
C LEU B 702 63.39 -24.74 3.55
N ARG B 703 62.28 -24.13 3.18
CA ARG B 703 61.01 -24.84 3.21
C ARG B 703 60.90 -25.86 2.09
N TYR B 704 61.52 -25.55 0.94
CA TYR B 704 61.52 -26.48 -0.19
C TYR B 704 62.58 -27.55 -0.02
N GLN B 705 63.71 -27.23 0.60
CA GLN B 705 64.79 -28.21 0.76
C GLN B 705 64.38 -29.35 1.68
N ASP B 706 63.49 -29.08 2.65
CA ASP B 706 63.05 -30.14 3.56
C ASP B 706 61.90 -30.95 2.98
N THR B 707 61.14 -30.42 2.02
CA THR B 707 60.01 -31.18 1.48
C THR B 707 60.51 -32.21 0.48
N PRO B 708 60.06 -33.46 0.58
CA PRO B 708 60.58 -34.50 -0.32
C PRO B 708 59.99 -34.48 -1.72
N GLY B 709 58.85 -33.80 -1.92
CA GLY B 709 58.17 -33.87 -3.21
C GLY B 709 58.84 -33.08 -4.31
N VAL B 710 59.46 -31.97 -3.98
CA VAL B 710 60.11 -31.12 -4.97
C VAL B 710 61.50 -31.65 -5.28
N LYS B 711 61.87 -31.60 -6.56
CA LYS B 711 63.16 -32.10 -7.01
C LYS B 711 64.11 -31.01 -7.49
N MET B 712 63.63 -29.81 -7.75
CA MET B 712 64.51 -28.69 -8.09
C MET B 712 63.81 -27.38 -7.79
N ILE B 713 64.63 -26.36 -7.46
CA ILE B 713 64.15 -25.05 -7.03
C ILE B 713 64.59 -24.02 -8.04
N VAL B 714 63.74 -23.03 -8.31
CA VAL B 714 64.03 -21.92 -9.20
C VAL B 714 63.75 -20.62 -8.45
N VAL B 715 64.73 -19.72 -8.44
CA VAL B 715 64.61 -18.43 -7.77
C VAL B 715 64.85 -17.33 -8.79
N LEU B 716 63.89 -16.41 -8.91
CA LEU B 716 64.09 -15.19 -9.69
C LEU B 716 64.15 -14.00 -8.73
N GLY B 717 65.34 -13.41 -8.65
CA GLY B 717 65.57 -12.25 -7.81
C GLY B 717 65.58 -10.95 -8.59
N GLU B 718 65.84 -9.88 -7.86
CA GLU B 718 65.81 -8.51 -8.37
C GLU B 718 67.14 -7.85 -8.05
N ILE B 719 67.47 -6.78 -8.79
CA ILE B 719 68.60 -5.94 -8.42
C ILE B 719 68.36 -5.30 -7.06
N GLY B 720 69.37 -5.33 -6.20
CA GLY B 720 69.26 -4.75 -4.87
C GLY B 720 69.07 -5.78 -3.78
N GLY B 721 69.80 -5.60 -2.68
CA GLY B 721 69.67 -6.50 -1.54
C GLY B 721 70.50 -7.74 -1.67
N THR B 722 71.30 -8.04 -0.66
CA THR B 722 72.21 -9.18 -0.68
C THR B 722 71.55 -10.42 -0.05
N GLU B 723 70.52 -10.91 -0.73
CA GLU B 723 69.80 -12.10 -0.28
C GLU B 723 70.27 -13.36 -0.99
N GLU B 724 70.62 -13.24 -2.28
CA GLU B 724 71.04 -14.40 -3.07
C GLU B 724 72.43 -14.89 -2.67
N TYR B 725 73.25 -14.03 -2.08
CA TYR B 725 74.53 -14.48 -1.53
C TYR B 725 74.34 -15.39 -0.33
N LYS B 726 73.22 -15.26 0.39
CA LYS B 726 72.89 -16.24 1.42
C LYS B 726 72.53 -17.59 0.79
N ILE B 727 71.93 -17.58 -0.41
CA ILE B 727 71.66 -18.84 -1.10
C ILE B 727 72.96 -19.49 -1.54
N CYS B 728 73.92 -18.66 -2.00
CA CYS B 728 75.26 -19.15 -2.28
C CYS B 728 75.91 -19.76 -1.05
N ARG B 729 75.82 -19.06 0.09
CA ARG B 729 76.40 -19.54 1.34
C ARG B 729 75.73 -20.81 1.83
N GLY B 730 74.44 -20.96 1.56
CA GLY B 730 73.76 -22.20 1.88
C GLY B 730 74.15 -23.35 0.96
N ILE B 731 74.57 -23.04 -0.27
CA ILE B 731 75.14 -24.09 -1.11
C ILE B 731 76.52 -24.51 -0.61
N LYS B 732 77.39 -23.54 -0.29
CA LYS B 732 78.77 -23.87 0.10
C LYS B 732 78.86 -24.57 1.45
N GLU B 733 77.88 -24.40 2.33
CA GLU B 733 77.88 -25.16 3.57
C GLU B 733 77.19 -26.51 3.42
N GLY B 734 76.51 -26.74 2.30
CA GLY B 734 75.82 -27.99 2.08
C GLY B 734 74.41 -28.06 2.62
N ARG B 735 73.80 -26.91 2.95
CA ARG B 735 72.43 -26.90 3.46
C ARG B 735 71.42 -27.24 2.36
N LEU B 736 71.68 -26.80 1.14
CA LEU B 736 70.76 -26.95 0.01
C LEU B 736 71.37 -27.94 -0.97
N THR B 737 70.72 -29.09 -1.12
CA THR B 737 71.23 -30.17 -1.97
C THR B 737 70.52 -30.26 -3.32
N LYS B 738 69.24 -29.86 -3.37
CA LYS B 738 68.46 -29.96 -4.58
C LYS B 738 68.96 -28.95 -5.62
N PRO B 739 68.84 -29.27 -6.92
CA PRO B 739 69.35 -28.39 -7.97
C PRO B 739 68.65 -27.04 -8.01
N ILE B 740 69.45 -25.98 -7.89
CA ILE B 740 68.96 -24.61 -7.82
C ILE B 740 69.18 -23.97 -9.19
N VAL B 741 68.19 -23.23 -9.66
CA VAL B 741 68.28 -22.44 -10.89
C VAL B 741 67.88 -21.03 -10.52
N CYS B 742 68.84 -20.13 -10.45
CA CYS B 742 68.56 -18.74 -10.12
C CYS B 742 68.77 -17.86 -11.34
N TRP B 743 68.09 -16.72 -11.31
CA TRP B 743 68.38 -15.62 -12.21
C TRP B 743 67.94 -14.33 -11.53
N CYS B 744 68.78 -13.33 -11.57
CA CYS B 744 68.46 -12.02 -11.00
C CYS B 744 68.13 -11.08 -12.14
N ILE B 745 66.86 -10.75 -12.27
CA ILE B 745 66.38 -10.01 -13.43
C ILE B 745 66.81 -8.55 -13.33
N GLY B 746 66.91 -7.89 -14.48
CA GLY B 746 67.21 -6.48 -14.47
C GLY B 746 68.66 -6.17 -14.20
N THR B 747 69.55 -6.61 -15.09
CA THR B 747 70.95 -6.22 -15.01
C THR B 747 71.10 -4.73 -15.23
N CYS B 748 71.08 -4.33 -16.50
CA CYS B 748 70.85 -2.96 -17.02
C CYS B 748 71.59 -1.87 -16.23
N ALA B 749 72.92 -2.01 -16.18
CA ALA B 749 73.77 -1.04 -15.50
C ALA B 749 74.25 0.04 -16.48
N THR B 750 73.32 0.66 -17.20
CA THR B 750 73.68 1.56 -18.28
C THR B 750 72.99 2.92 -18.16
N GLN B 767 75.39 0.43 -3.56
CA GLN B 767 76.37 -0.66 -3.48
C GLN B 767 76.69 -1.22 -4.86
N ALA B 768 77.88 -1.78 -4.99
CA ALA B 768 78.29 -2.47 -6.21
C ALA B 768 78.14 -3.97 -6.11
N SER B 769 77.81 -4.50 -4.93
CA SER B 769 77.55 -5.91 -4.75
C SER B 769 76.07 -6.25 -4.85
N GLU B 770 75.20 -5.26 -5.00
CA GLU B 770 73.77 -5.48 -5.13
C GLU B 770 73.29 -5.38 -6.58
N THR B 771 74.19 -5.20 -7.53
CA THR B 771 73.82 -5.25 -8.93
C THR B 771 73.60 -6.71 -9.33
N ALA B 772 72.66 -6.93 -10.26
CA ALA B 772 72.27 -8.28 -10.65
C ALA B 772 73.37 -9.05 -11.35
N VAL B 773 74.32 -8.37 -12.00
CA VAL B 773 75.42 -9.08 -12.64
C VAL B 773 76.37 -9.67 -11.61
N ALA B 774 76.55 -9.01 -10.45
CA ALA B 774 77.40 -9.55 -9.41
C ALA B 774 76.74 -10.73 -8.73
N LYS B 775 75.42 -10.65 -8.53
CA LYS B 775 74.66 -11.76 -7.96
C LYS B 775 74.65 -12.97 -8.89
N ASN B 776 74.48 -12.73 -10.19
CA ASN B 776 74.50 -13.82 -11.15
C ASN B 776 75.89 -14.43 -11.26
N GLN B 777 76.94 -13.62 -11.13
CA GLN B 777 78.30 -14.16 -11.16
C GLN B 777 78.59 -14.99 -9.92
N ALA B 778 78.16 -14.52 -8.74
CA ALA B 778 78.42 -15.29 -7.53
C ALA B 778 77.51 -16.50 -7.41
N LEU B 779 76.35 -16.50 -8.08
CA LEU B 779 75.49 -17.68 -8.11
C LEU B 779 76.01 -18.71 -9.10
N LYS B 780 76.57 -18.24 -10.23
CA LYS B 780 77.07 -19.17 -11.24
C LYS B 780 78.34 -19.89 -10.77
N GLU B 781 79.09 -19.28 -9.85
CA GLU B 781 80.30 -19.90 -9.34
C GLU B 781 80.06 -20.85 -8.18
N ALA B 782 78.91 -20.76 -7.51
CA ALA B 782 78.69 -21.51 -6.28
C ALA B 782 78.10 -22.90 -6.51
N GLY B 783 77.62 -23.20 -7.71
CA GLY B 783 76.95 -24.45 -7.99
C GLY B 783 75.49 -24.33 -8.36
N VAL B 784 75.03 -23.15 -8.76
CA VAL B 784 73.65 -22.89 -9.15
C VAL B 784 73.62 -22.72 -10.67
N PHE B 785 72.73 -23.47 -11.33
CA PHE B 785 72.60 -23.40 -12.78
C PHE B 785 71.99 -22.05 -13.16
N VAL B 786 72.81 -21.13 -13.64
CA VAL B 786 72.38 -19.78 -13.99
C VAL B 786 72.52 -19.62 -15.50
N PRO B 787 71.48 -19.20 -16.21
CA PRO B 787 71.60 -18.99 -17.65
C PRO B 787 72.39 -17.73 -17.98
N ARG B 788 72.64 -17.55 -19.28
CA ARG B 788 73.33 -16.35 -19.73
C ARG B 788 72.39 -15.15 -19.84
N SER B 789 71.13 -15.40 -20.20
CA SER B 789 70.14 -14.34 -20.31
C SER B 789 68.82 -14.89 -19.79
N PHE B 790 67.74 -14.13 -19.98
CA PHE B 790 66.42 -14.66 -19.69
C PHE B 790 65.90 -15.55 -20.80
N ASP B 791 66.40 -15.38 -22.03
CA ASP B 791 65.96 -16.20 -23.15
C ASP B 791 66.37 -17.66 -22.99
N GLU B 792 67.45 -17.91 -22.26
CA GLU B 792 67.93 -19.25 -22.04
C GLU B 792 67.47 -19.83 -20.71
N LEU B 793 66.50 -19.18 -20.05
CA LEU B 793 66.05 -19.67 -18.76
C LEU B 793 65.19 -20.91 -18.91
N GLY B 794 64.25 -20.91 -19.86
CA GLY B 794 63.50 -22.12 -20.13
C GLY B 794 64.36 -23.24 -20.67
N GLU B 795 65.41 -22.88 -21.43
CA GLU B 795 66.37 -23.86 -21.93
C GLU B 795 67.17 -24.49 -20.79
N ILE B 796 67.60 -23.69 -19.81
CA ILE B 796 68.40 -24.29 -18.74
C ILE B 796 67.51 -25.07 -17.77
N ILE B 797 66.26 -24.63 -17.56
CA ILE B 797 65.33 -25.41 -16.74
C ILE B 797 65.02 -26.75 -17.40
N GLN B 798 64.80 -26.74 -18.72
CA GLN B 798 64.58 -27.98 -19.46
C GLN B 798 65.82 -28.87 -19.46
N SER B 799 67.01 -28.27 -19.47
CA SER B 799 68.24 -29.06 -19.48
C SER B 799 68.47 -29.74 -18.14
N VAL B 800 68.30 -29.00 -17.04
CA VAL B 800 68.40 -29.61 -15.70
C VAL B 800 67.31 -30.65 -15.50
N TYR B 801 66.12 -30.41 -16.06
CA TYR B 801 65.03 -31.38 -15.91
C TYR B 801 65.31 -32.67 -16.67
N GLU B 802 65.80 -32.57 -17.91
CA GLU B 802 66.06 -33.80 -18.66
C GLU B 802 67.29 -34.53 -18.11
N ASP B 803 68.26 -33.81 -17.56
CA ASP B 803 69.38 -34.47 -16.89
C ASP B 803 68.97 -35.09 -15.56
N LEU B 804 67.94 -34.52 -14.90
CA LEU B 804 67.48 -35.06 -13.63
C LEU B 804 66.48 -36.20 -13.80
N VAL B 805 65.85 -36.31 -14.98
CA VAL B 805 65.19 -37.56 -15.34
C VAL B 805 66.21 -38.60 -15.79
N ALA B 806 67.34 -38.17 -16.37
CA ALA B 806 68.33 -39.09 -16.93
C ALA B 806 68.99 -39.99 -15.89
N ASN B 807 68.98 -39.61 -14.60
CA ASN B 807 69.43 -40.50 -13.54
C ASN B 807 68.28 -41.10 -12.75
N GLY B 808 67.04 -40.78 -13.09
CA GLY B 808 65.89 -41.51 -12.56
C GLY B 808 65.43 -41.15 -11.17
N VAL B 809 65.32 -39.86 -10.86
CA VAL B 809 64.69 -39.43 -9.62
C VAL B 809 63.37 -38.72 -9.86
N ILE B 810 63.15 -38.15 -11.04
CA ILE B 810 61.87 -37.58 -11.42
C ILE B 810 61.13 -38.60 -12.27
N VAL B 811 60.00 -39.09 -11.77
CA VAL B 811 59.15 -39.98 -12.54
C VAL B 811 57.90 -39.19 -12.91
N PRO B 812 57.78 -38.74 -14.17
CA PRO B 812 56.62 -37.94 -14.57
C PRO B 812 55.37 -38.79 -14.65
N ALA B 813 54.32 -38.37 -13.93
CA ALA B 813 53.06 -39.09 -13.99
C ALA B 813 52.32 -38.75 -15.28
N GLN B 814 51.45 -39.67 -15.71
CA GLN B 814 50.70 -39.45 -16.94
C GLN B 814 49.48 -38.59 -16.65
N GLU B 815 49.26 -37.59 -17.51
CA GLU B 815 48.39 -36.48 -17.20
C GLU B 815 46.92 -36.89 -17.27
N VAL B 816 46.25 -36.77 -16.14
CA VAL B 816 44.80 -36.97 -16.01
C VAL B 816 44.13 -35.67 -16.46
N PRO B 817 43.04 -35.73 -17.23
CA PRO B 817 42.32 -34.50 -17.56
C PRO B 817 41.61 -33.94 -16.33
N PRO B 818 41.52 -32.62 -16.23
CA PRO B 818 40.89 -32.02 -15.04
C PRO B 818 39.38 -32.04 -15.14
N PRO B 819 38.68 -32.07 -14.01
CA PRO B 819 37.21 -31.92 -14.03
C PRO B 819 36.83 -30.53 -14.50
N THR B 820 36.13 -30.46 -15.63
CA THR B 820 35.85 -29.18 -16.26
C THR B 820 34.74 -28.44 -15.53
N VAL B 821 34.72 -27.12 -15.72
CA VAL B 821 33.70 -26.25 -15.15
C VAL B 821 32.93 -25.58 -16.27
N PRO B 822 31.67 -25.20 -16.06
CA PRO B 822 31.04 -24.21 -16.94
C PRO B 822 31.68 -22.86 -16.68
N MET B 823 31.65 -22.00 -17.71
CA MET B 823 32.60 -20.89 -17.66
C MET B 823 32.15 -19.74 -16.75
N ASP B 824 31.14 -18.96 -17.14
CA ASP B 824 30.48 -17.86 -16.43
C ASP B 824 29.43 -17.28 -17.36
N TYR B 825 28.46 -16.57 -16.81
CA TYR B 825 27.59 -15.80 -17.68
C TYR B 825 28.20 -14.45 -18.02
N SER B 826 28.77 -13.77 -17.02
CA SER B 826 29.32 -12.44 -17.21
C SER B 826 30.55 -12.44 -18.09
N TRP B 827 31.37 -13.50 -18.03
CA TRP B 827 32.53 -13.55 -18.90
C TRP B 827 32.15 -13.90 -20.32
N ALA B 828 31.18 -14.79 -20.51
CA ALA B 828 30.73 -15.15 -21.86
C ALA B 828 29.92 -14.04 -22.51
N ARG B 829 29.32 -13.15 -21.73
CA ARG B 829 28.64 -12.00 -22.33
C ARG B 829 29.53 -10.78 -22.42
N GLU B 830 30.60 -10.72 -21.63
CA GLU B 830 31.56 -9.63 -21.76
C GLU B 830 32.32 -9.72 -23.07
N LEU B 831 32.73 -10.94 -23.44
CA LEU B 831 33.31 -11.16 -24.76
C LEU B 831 32.26 -11.55 -25.79
N GLY B 832 30.99 -11.54 -25.41
CA GLY B 832 29.88 -11.50 -26.35
C GLY B 832 29.64 -12.74 -27.19
N LEU B 833 29.56 -13.91 -26.55
CA LEU B 833 29.35 -15.15 -27.30
C LEU B 833 28.08 -15.86 -26.89
N ILE B 834 27.27 -15.20 -26.07
CA ILE B 834 26.00 -15.74 -25.61
C ILE B 834 24.97 -14.64 -25.76
N ARG B 835 23.75 -15.00 -26.11
CA ARG B 835 22.70 -14.00 -26.28
C ARG B 835 21.51 -14.26 -25.37
N LYS B 836 21.09 -13.24 -24.64
CA LYS B 836 19.96 -13.36 -23.74
C LYS B 836 18.89 -12.33 -24.08
N PRO B 837 17.64 -12.75 -24.23
CA PRO B 837 16.56 -11.77 -24.40
C PRO B 837 16.28 -11.06 -23.08
N ALA B 838 16.08 -9.76 -23.17
CA ALA B 838 15.89 -8.92 -22.01
C ALA B 838 14.42 -8.60 -21.81
N SER B 839 14.04 -8.40 -20.56
CA SER B 839 12.72 -7.88 -20.20
C SER B 839 12.86 -6.37 -19.95
N PHE B 840 11.79 -5.74 -19.48
CA PHE B 840 11.82 -4.41 -18.85
C PHE B 840 12.31 -3.30 -19.76
N MET B 841 11.59 -3.07 -20.88
CA MET B 841 12.18 -2.40 -22.03
C MET B 841 12.52 -0.92 -21.78
N THR B 842 11.91 -0.27 -20.80
CA THR B 842 12.25 1.06 -20.23
C THR B 842 12.62 2.21 -21.19
N SER B 843 11.65 2.79 -21.89
CA SER B 843 12.00 3.98 -22.65
C SER B 843 12.07 5.24 -21.79
N ILE B 844 12.85 5.22 -20.71
CA ILE B 844 12.91 6.25 -19.69
C ILE B 844 14.17 6.08 -18.84
N CYS B 845 14.91 7.17 -18.62
CA CYS B 845 15.95 7.27 -17.60
C CYS B 845 17.11 6.26 -17.71
N ASP B 846 18.02 6.44 -18.66
CA ASP B 846 19.26 5.67 -18.70
C ASP B 846 20.15 6.06 -17.52
N GLU B 847 20.27 5.17 -16.53
CA GLU B 847 21.13 5.40 -15.39
C GLU B 847 22.58 5.02 -15.63
N ARG B 848 22.86 4.23 -16.66
CA ARG B 848 24.21 3.80 -16.98
C ARG B 848 24.95 4.92 -17.69
N GLY B 849 26.26 4.88 -17.59
CA GLY B 849 27.08 5.89 -18.22
C GLY B 849 27.55 6.93 -17.25
N GLN B 850 28.12 7.99 -17.82
CA GLN B 850 28.76 9.02 -17.01
C GLN B 850 27.79 10.05 -16.47
N GLU B 851 26.60 10.13 -17.04
CA GLU B 851 25.59 11.09 -16.60
C GLU B 851 24.24 10.42 -16.57
N LEU B 852 23.40 10.88 -15.66
CA LEU B 852 21.99 10.50 -15.68
C LEU B 852 21.30 11.17 -16.84
N ILE B 853 20.92 10.37 -17.81
CA ILE B 853 20.09 10.83 -18.91
C ILE B 853 18.65 10.59 -18.51
N TYR B 854 17.81 11.61 -18.69
CA TYR B 854 16.36 11.50 -18.67
C TYR B 854 15.90 10.97 -20.01
N ALA B 855 14.69 11.33 -20.47
CA ALA B 855 14.11 10.88 -21.74
C ALA B 855 15.11 10.75 -22.89
N GLY B 856 15.76 11.85 -23.25
CA GLY B 856 16.92 11.73 -24.11
C GLY B 856 17.95 12.77 -23.72
N MET B 857 17.67 13.47 -22.63
CA MET B 857 18.37 14.66 -22.25
C MET B 857 19.15 14.44 -20.97
N PRO B 858 20.44 14.80 -20.93
CA PRO B 858 21.22 14.59 -19.70
C PRO B 858 20.80 15.54 -18.60
N ILE B 859 21.22 15.21 -17.38
CA ILE B 859 20.77 15.96 -16.20
C ILE B 859 21.39 17.36 -16.17
N THR B 860 22.59 17.51 -16.75
CA THR B 860 23.20 18.82 -16.86
C THR B 860 22.47 19.69 -17.86
N GLU B 861 21.91 19.09 -18.91
CA GLU B 861 21.05 19.82 -19.81
C GLU B 861 19.69 20.10 -19.19
N VAL B 862 19.24 19.27 -18.25
CA VAL B 862 18.00 19.53 -17.53
C VAL B 862 18.15 20.80 -16.69
N PHE B 863 19.26 20.91 -15.97
CA PHE B 863 19.43 22.10 -15.15
C PHE B 863 19.99 23.29 -15.92
N LYS B 864 20.54 23.07 -17.10
CA LYS B 864 21.09 24.15 -17.90
C LYS B 864 20.04 24.83 -18.78
N GLU B 865 19.08 24.06 -19.29
CA GLU B 865 17.98 24.61 -20.06
C GLU B 865 16.90 25.22 -19.18
N GLU B 866 17.04 25.13 -17.86
CA GLU B 866 16.20 25.79 -16.85
C GLU B 866 14.75 25.30 -16.98
N MET B 867 14.59 23.98 -16.99
CA MET B 867 13.27 23.38 -16.88
C MET B 867 13.07 22.90 -15.45
N GLY B 868 11.89 23.18 -14.91
CA GLY B 868 11.61 22.92 -13.52
C GLY B 868 11.13 21.49 -13.29
N ILE B 869 10.18 21.35 -12.38
CA ILE B 869 9.55 20.06 -12.16
C ILE B 869 8.55 19.75 -13.26
N GLY B 870 7.97 20.76 -13.90
CA GLY B 870 7.13 20.51 -15.05
C GLY B 870 7.93 20.02 -16.24
N GLY B 871 9.17 20.49 -16.38
CA GLY B 871 10.02 19.99 -17.44
C GLY B 871 10.43 18.54 -17.24
N VAL B 872 10.76 18.16 -16.00
CA VAL B 872 11.13 16.77 -15.78
C VAL B 872 9.91 15.86 -15.74
N LEU B 873 8.71 16.36 -15.45
CA LEU B 873 7.52 15.55 -15.71
C LEU B 873 7.27 15.38 -17.20
N GLY B 874 7.56 16.41 -18.00
CA GLY B 874 7.49 16.24 -19.45
C GLY B 874 8.49 15.23 -19.97
N LEU B 875 9.67 15.18 -19.36
CA LEU B 875 10.69 14.23 -19.79
C LEU B 875 10.42 12.82 -19.28
N LEU B 876 10.04 12.66 -18.03
CA LEU B 876 9.84 11.31 -17.51
C LEU B 876 8.50 10.72 -17.92
N TRP B 877 7.45 11.52 -18.01
CA TRP B 877 6.13 10.94 -18.22
C TRP B 877 5.78 10.84 -19.69
N PHE B 878 6.11 11.86 -20.48
CA PHE B 878 5.77 11.90 -21.89
C PHE B 878 6.96 11.68 -22.82
N GLN B 879 8.18 11.67 -22.28
CA GLN B 879 9.45 11.60 -23.03
C GLN B 879 9.57 12.69 -24.07
N LYS B 880 9.13 13.90 -23.73
CA LYS B 880 9.10 15.00 -24.69
C LYS B 880 9.55 16.28 -24.00
N ARG B 881 10.25 17.14 -24.74
CA ARG B 881 10.64 18.44 -24.22
C ARG B 881 9.46 19.37 -24.45
N LEU B 882 8.69 19.63 -23.40
CA LEU B 882 7.52 20.47 -23.51
C LEU B 882 7.94 21.93 -23.60
N PRO B 883 7.10 22.77 -24.22
CA PRO B 883 7.39 24.21 -24.23
C PRO B 883 7.26 24.83 -22.85
N LYS B 884 7.84 26.02 -22.71
CA LYS B 884 8.04 26.63 -21.40
C LYS B 884 6.75 27.08 -20.72
N TYR B 885 5.65 27.22 -21.46
CA TYR B 885 4.37 27.49 -20.81
C TYR B 885 3.69 26.23 -20.32
N SER B 886 3.90 25.12 -21.00
CA SER B 886 3.29 23.86 -20.60
C SER B 886 3.93 23.28 -19.35
N CYS B 887 5.24 23.46 -19.19
CA CYS B 887 5.90 23.06 -17.95
C CYS B 887 5.42 23.89 -16.77
N GLN B 888 5.24 25.19 -16.98
CA GLN B 888 4.75 26.05 -15.91
C GLN B 888 3.29 25.77 -15.60
N PHE B 889 2.51 25.33 -16.58
CA PHE B 889 1.14 24.92 -16.32
C PHE B 889 1.10 23.62 -15.53
N ILE B 890 2.02 22.70 -15.81
CA ILE B 890 2.11 21.46 -15.05
C ILE B 890 2.48 21.75 -13.60
N GLU B 891 3.41 22.68 -13.38
CA GLU B 891 3.77 23.10 -12.03
C GLU B 891 2.60 23.77 -11.32
N MET B 892 1.83 24.58 -12.04
CA MET B 892 0.66 25.24 -11.48
C MET B 892 -0.42 24.24 -11.09
N CYS B 893 -0.61 23.19 -11.91
CA CYS B 893 -1.54 22.13 -11.58
C CYS B 893 -1.09 21.31 -10.38
N LEU B 894 0.22 21.09 -10.25
CA LEU B 894 0.72 20.43 -9.05
C LEU B 894 0.60 21.31 -7.81
N MET B 895 0.57 22.63 -8.00
CA MET B 895 0.41 23.53 -6.87
C MET B 895 -1.04 23.65 -6.42
N VAL B 896 -2.01 23.53 -7.33
CA VAL B 896 -3.41 23.60 -6.90
C VAL B 896 -3.98 22.24 -6.50
N THR B 897 -3.46 21.13 -7.06
CA THR B 897 -3.86 19.80 -6.64
C THR B 897 -3.07 19.30 -5.47
N ALA B 898 -2.48 20.19 -4.68
CA ALA B 898 -1.87 19.89 -3.39
C ALA B 898 -2.98 19.76 -2.37
N ASP B 899 -2.67 19.98 -1.10
CA ASP B 899 -3.65 19.75 -0.03
C ASP B 899 -4.96 20.53 -0.23
N HIS B 900 -6.04 19.88 0.16
CA HIS B 900 -7.40 20.41 0.20
C HIS B 900 -8.02 20.08 1.54
N GLY B 901 -7.28 20.33 2.61
CA GLY B 901 -7.80 20.13 3.94
C GLY B 901 -7.78 18.69 4.38
N PRO B 902 -7.90 18.47 5.69
CA PRO B 902 -7.83 17.12 6.26
C PRO B 902 -9.14 16.36 6.29
N ALA B 903 -10.23 16.97 5.86
CA ALA B 903 -11.51 16.30 5.94
C ALA B 903 -11.66 15.27 4.84
N VAL B 904 -11.05 15.52 3.70
CA VAL B 904 -11.22 14.69 2.52
C VAL B 904 -10.59 13.32 2.76
N SER B 905 -10.95 12.36 1.91
CA SER B 905 -10.86 10.94 2.25
C SER B 905 -9.42 10.45 2.42
N GLY B 906 -8.53 10.84 1.50
CA GLY B 906 -7.15 10.40 1.57
C GLY B 906 -6.36 11.08 2.65
N ALA B 907 -6.61 12.38 2.85
CA ALA B 907 -5.99 13.11 3.95
C ALA B 907 -6.41 12.54 5.29
N HIS B 908 -7.67 12.12 5.38
CA HIS B 908 -8.16 11.43 6.56
C HIS B 908 -7.41 10.15 6.82
N ASN B 909 -7.23 9.32 5.77
CA ASN B 909 -6.50 8.06 5.92
C ASN B 909 -5.04 8.27 6.31
N THR B 910 -4.41 9.29 5.74
CA THR B 910 -3.02 9.62 6.09
C THR B 910 -2.91 10.04 7.55
N ILE B 911 -3.90 10.78 8.05
CA ILE B 911 -3.85 11.23 9.44
C ILE B 911 -4.13 10.07 10.41
N ILE B 912 -5.07 9.18 10.05
CA ILE B 912 -5.33 8.00 10.88
C ILE B 912 -4.11 7.09 10.92
N CYS B 913 -3.35 7.09 9.84
CA CYS B 913 -2.14 6.28 9.75
C CYS B 913 -0.98 6.92 10.53
N ALA B 914 -0.88 8.25 10.45
CA ALA B 914 0.18 8.97 11.15
C ALA B 914 -0.04 8.97 12.65
N ARG B 915 -1.28 8.96 13.10
CA ARG B 915 -1.58 8.89 14.51
C ARG B 915 -1.44 7.49 15.08
N ALA B 916 -1.43 6.47 14.24
CA ALA B 916 -1.05 5.12 14.63
C ALA B 916 0.46 4.93 14.67
N GLY B 917 1.22 5.98 14.40
CA GLY B 917 2.64 5.96 14.61
C GLY B 917 3.43 5.16 13.61
N LYS B 918 3.11 5.27 12.33
CA LYS B 918 3.72 4.29 11.43
C LYS B 918 5.08 4.69 10.88
N ASP B 919 5.09 5.50 9.83
CA ASP B 919 6.23 6.09 9.13
C ASP B 919 5.64 6.86 7.97
N LEU B 920 6.50 7.57 7.23
CA LEU B 920 6.03 8.47 6.20
C LEU B 920 5.46 7.72 5.01
N VAL B 921 6.10 6.63 4.63
CA VAL B 921 5.73 5.90 3.43
C VAL B 921 4.42 5.16 3.64
N SER B 922 4.22 4.54 4.81
CA SER B 922 2.97 3.86 5.09
C SER B 922 1.81 4.81 5.25
N SER B 923 2.05 6.00 5.80
CA SER B 923 0.99 6.99 5.97
C SER B 923 0.58 7.59 4.64
N LEU B 924 1.57 8.10 3.88
CA LEU B 924 1.34 8.60 2.53
C LEU B 924 0.68 7.56 1.65
N THR B 925 1.12 6.32 1.76
CA THR B 925 0.62 5.23 0.95
C THR B 925 -0.82 4.85 1.31
N SER B 926 -1.14 4.80 2.62
CA SER B 926 -2.49 4.53 3.07
C SER B 926 -3.45 5.64 2.72
N GLY B 927 -2.96 6.86 2.55
CA GLY B 927 -3.82 7.90 2.03
C GLY B 927 -3.88 7.96 0.53
N LEU B 928 -2.82 7.55 -0.14
CA LEU B 928 -2.78 7.54 -1.59
C LEU B 928 -3.64 6.45 -2.17
N LEU B 929 -3.84 5.37 -1.44
CA LEU B 929 -4.69 4.29 -1.93
C LEU B 929 -6.15 4.54 -1.72
N THR B 930 -6.62 5.75 -1.94
CA THR B 930 -8.03 6.09 -1.98
C THR B 930 -8.32 6.93 -3.21
N ILE B 931 -7.28 7.37 -3.92
CA ILE B 931 -7.43 8.12 -5.14
C ILE B 931 -7.88 7.15 -6.21
N GLY B 932 -9.18 7.10 -6.41
CA GLY B 932 -9.84 6.14 -7.26
C GLY B 932 -10.78 6.82 -8.21
N ASP B 933 -12.07 6.48 -8.08
CA ASP B 933 -13.12 7.12 -8.85
C ASP B 933 -13.89 8.20 -8.10
N ARG B 934 -14.18 8.01 -6.83
CA ARG B 934 -14.97 8.98 -6.07
C ARG B 934 -14.13 10.10 -5.49
N PHE B 935 -12.91 9.81 -5.07
CA PHE B 935 -11.98 10.80 -4.55
C PHE B 935 -10.79 10.85 -5.51
N GLY B 936 -10.58 11.99 -6.15
CA GLY B 936 -9.43 12.16 -6.99
C GLY B 936 -9.53 11.59 -8.39
N GLY B 937 -10.69 11.14 -8.82
CA GLY B 937 -10.80 10.58 -10.15
C GLY B 937 -11.65 11.41 -11.07
N ALA B 938 -11.90 12.66 -10.71
CA ALA B 938 -12.58 13.59 -11.60
C ALA B 938 -11.64 14.24 -12.59
N LEU B 939 -10.33 14.17 -12.34
CA LEU B 939 -9.33 14.66 -13.28
C LEU B 939 -9.39 13.89 -14.59
N ASP B 940 -9.38 12.56 -14.50
CA ASP B 940 -9.32 11.73 -15.69
C ASP B 940 -10.70 11.53 -16.29
N ALA B 941 -11.73 11.40 -15.46
CA ALA B 941 -13.08 11.22 -15.95
C ALA B 941 -13.65 12.49 -16.54
N ALA B 942 -13.35 13.64 -15.95
CA ALA B 942 -13.79 14.93 -16.47
C ALA B 942 -13.04 15.35 -17.71
N ALA B 943 -12.03 14.61 -18.11
CA ALA B 943 -11.36 14.81 -19.39
C ALA B 943 -11.78 13.80 -20.42
N LYS B 944 -11.98 12.54 -20.02
CA LYS B 944 -12.53 11.54 -20.94
C LYS B 944 -13.94 11.90 -21.38
N MET B 945 -14.76 12.44 -20.47
CA MET B 945 -16.14 12.76 -20.80
C MET B 945 -16.22 13.93 -21.77
N PHE B 946 -15.50 15.02 -21.48
CA PHE B 946 -15.50 16.18 -22.35
C PHE B 946 -14.79 15.89 -23.67
N SER B 947 -13.81 14.98 -23.69
CA SER B 947 -13.17 14.62 -24.94
C SER B 947 -14.07 13.73 -25.79
N LYS B 948 -14.80 12.81 -25.17
CA LYS B 948 -15.73 11.98 -25.92
C LYS B 948 -16.95 12.77 -26.37
N ALA B 949 -17.24 13.89 -25.74
CA ALA B 949 -18.30 14.77 -26.21
C ALA B 949 -17.85 15.73 -27.28
N PHE B 950 -16.63 16.24 -27.18
CA PHE B 950 -16.13 17.21 -28.15
C PHE B 950 -15.70 16.55 -29.45
N ASP B 951 -15.17 15.32 -29.38
CA ASP B 951 -14.75 14.61 -30.58
C ASP B 951 -15.88 13.85 -31.24
N SER B 952 -17.03 13.70 -30.58
CA SER B 952 -18.19 13.13 -31.25
C SER B 952 -18.86 14.17 -32.14
N GLY B 953 -18.66 15.44 -31.85
CA GLY B 953 -19.14 16.50 -32.70
C GLY B 953 -20.54 16.94 -32.38
N ILE B 954 -20.83 17.18 -31.12
CA ILE B 954 -22.12 17.73 -30.71
C ILE B 954 -21.88 19.04 -29.99
N ILE B 955 -22.84 19.95 -30.14
CA ILE B 955 -22.80 21.27 -29.52
C ILE B 955 -23.05 21.08 -28.02
N PRO B 956 -22.57 22.00 -27.16
CA PRO B 956 -22.73 21.81 -25.71
C PRO B 956 -24.17 21.72 -25.23
N MET B 957 -25.09 22.44 -25.86
CA MET B 957 -26.49 22.43 -25.50
C MET B 957 -27.16 21.09 -25.77
N GLU B 958 -26.58 20.25 -26.62
CA GLU B 958 -27.03 18.88 -26.77
C GLU B 958 -26.28 17.91 -25.87
N PHE B 959 -25.05 18.24 -25.46
CA PHE B 959 -24.29 17.39 -24.56
C PHE B 959 -24.86 17.41 -23.15
N VAL B 960 -25.31 18.58 -22.69
CA VAL B 960 -25.89 18.68 -21.35
C VAL B 960 -27.20 17.89 -21.28
N ASN B 961 -28.02 17.97 -22.32
CA ASN B 961 -29.27 17.22 -22.34
C ASN B 961 -29.05 15.75 -22.63
N LYS B 962 -27.97 15.39 -23.31
CA LYS B 962 -27.62 13.98 -23.46
C LYS B 962 -27.22 13.36 -22.12
N MET B 963 -26.47 14.12 -21.31
CA MET B 963 -26.14 13.65 -19.97
C MET B 963 -27.25 13.94 -18.97
N LYS B 964 -28.41 14.35 -19.45
CA LYS B 964 -29.56 14.61 -18.57
C LYS B 964 -30.59 13.49 -18.68
N LYS B 965 -30.51 12.72 -19.76
CA LYS B 965 -31.44 11.62 -20.01
C LYS B 965 -30.87 10.26 -19.62
N GLU B 966 -29.69 10.22 -19.00
CA GLU B 966 -29.05 8.96 -18.65
C GLU B 966 -28.70 8.84 -17.18
N GLY B 967 -29.13 9.79 -16.34
CA GLY B 967 -28.44 9.93 -15.07
C GLY B 967 -27.07 10.50 -15.35
N LYS B 968 -26.08 10.05 -14.56
CA LYS B 968 -24.64 10.31 -14.69
C LYS B 968 -24.28 11.79 -14.94
N LEU B 969 -24.37 12.60 -13.89
CA LEU B 969 -23.93 14.01 -13.86
C LEU B 969 -22.61 14.28 -14.55
N ILE B 970 -22.47 15.47 -15.14
CA ILE B 970 -21.25 15.85 -15.84
C ILE B 970 -20.11 15.98 -14.85
N MET B 971 -19.10 15.12 -14.99
CA MET B 971 -17.94 15.16 -14.12
C MET B 971 -17.13 16.42 -14.39
N GLY B 972 -16.73 17.10 -13.32
CA GLY B 972 -16.01 18.34 -13.45
C GLY B 972 -16.85 19.59 -13.48
N ILE B 973 -18.12 19.51 -13.07
CA ILE B 973 -19.03 20.64 -13.01
C ILE B 973 -19.63 20.71 -11.61
N GLY B 974 -19.47 21.86 -10.96
CA GLY B 974 -20.16 22.06 -9.70
C GLY B 974 -19.24 22.30 -8.53
N HIS B 975 -19.61 23.27 -7.69
CA HIS B 975 -18.96 23.49 -6.42
C HIS B 975 -20.04 23.63 -5.35
N ARG B 976 -19.67 23.38 -4.10
CA ARG B 976 -20.65 23.50 -3.03
C ARG B 976 -20.89 24.96 -2.66
N VAL B 977 -19.86 25.81 -2.73
CA VAL B 977 -19.94 27.16 -2.16
C VAL B 977 -19.67 28.23 -3.21
N LYS B 978 -18.48 28.19 -3.82
CA LYS B 978 -18.06 29.23 -4.77
C LYS B 978 -18.84 29.04 -6.06
N SER B 979 -19.69 29.99 -6.41
CA SER B 979 -20.69 29.70 -7.43
C SER B 979 -20.55 30.48 -8.73
N ILE B 980 -20.93 31.76 -8.69
CA ILE B 980 -20.87 32.73 -9.77
C ILE B 980 -21.23 34.04 -9.09
N ASN B 981 -20.59 35.13 -9.52
CA ASN B 981 -20.34 36.37 -8.74
C ASN B 981 -19.57 36.08 -7.45
N ASN B 982 -18.90 34.93 -7.41
CA ASN B 982 -18.13 34.37 -6.29
C ASN B 982 -17.29 33.22 -6.86
N PRO B 983 -16.25 33.50 -7.64
CA PRO B 983 -15.53 32.42 -8.32
C PRO B 983 -14.60 31.69 -7.37
N ASP B 984 -14.08 30.55 -7.86
CA ASP B 984 -13.36 29.61 -7.00
C ASP B 984 -11.94 30.05 -6.67
N MET B 985 -11.36 30.93 -7.47
CA MET B 985 -10.08 31.61 -7.25
C MET B 985 -8.87 30.69 -7.27
N ARG B 986 -9.05 29.41 -7.52
CA ARG B 986 -7.98 28.56 -8.04
C ARG B 986 -8.34 27.92 -9.35
N VAL B 987 -9.63 27.84 -9.67
CA VAL B 987 -10.09 27.68 -11.05
C VAL B 987 -9.75 28.93 -11.85
N GLN B 988 -9.75 30.10 -11.20
CA GLN B 988 -9.53 31.35 -11.90
C GLN B 988 -8.07 31.59 -12.26
N ILE B 989 -7.14 31.20 -11.37
CA ILE B 989 -5.72 31.37 -11.66
C ILE B 989 -5.31 30.46 -12.81
N LEU B 990 -5.79 29.22 -12.76
CA LEU B 990 -5.57 28.29 -13.86
C LEU B 990 -6.22 28.78 -15.15
N LYS B 991 -7.45 29.30 -15.05
CA LYS B 991 -8.20 29.69 -16.24
C LYS B 991 -7.58 30.90 -16.91
N ASP B 992 -7.11 31.88 -16.14
CA ASP B 992 -6.34 32.97 -16.72
C ASP B 992 -4.90 32.60 -17.04
N TYR B 993 -4.41 31.44 -16.62
CA TYR B 993 -3.17 30.97 -17.23
C TYR B 993 -3.42 30.38 -18.60
N VAL B 994 -4.46 29.56 -18.75
CA VAL B 994 -4.78 28.93 -20.02
C VAL B 994 -5.33 29.93 -21.03
N ARG B 995 -5.84 31.08 -20.59
CA ARG B 995 -6.28 32.06 -21.56
C ARG B 995 -5.13 32.88 -22.13
N GLN B 996 -4.05 33.05 -21.38
CA GLN B 996 -2.98 33.97 -21.76
C GLN B 996 -1.82 33.28 -22.47
N HIS B 997 -1.22 32.27 -21.85
CA HIS B 997 0.04 31.68 -22.30
C HIS B 997 -0.16 30.43 -23.13
N PHE B 998 -1.24 30.34 -23.90
CA PHE B 998 -1.66 29.00 -24.26
C PHE B 998 -2.47 29.06 -25.55
N PRO B 999 -1.88 28.77 -26.70
CA PRO B 999 -2.61 28.94 -27.97
C PRO B 999 -3.59 27.81 -28.22
N ALA B 1000 -4.69 28.16 -28.90
CA ALA B 1000 -5.62 27.22 -29.52
C ALA B 1000 -6.24 26.23 -28.53
N THR B 1001 -7.11 26.70 -27.65
CA THR B 1001 -7.68 25.86 -26.60
C THR B 1001 -9.16 25.52 -26.78
N PRO B 1002 -9.50 24.55 -27.64
CA PRO B 1002 -10.91 24.37 -28.01
C PRO B 1002 -11.72 23.61 -26.97
N LEU B 1003 -11.14 22.63 -26.28
CA LEU B 1003 -11.91 21.85 -25.33
C LEU B 1003 -12.20 22.66 -24.07
N LEU B 1004 -11.34 23.60 -23.70
CA LEU B 1004 -11.69 24.49 -22.61
C LEU B 1004 -12.80 25.44 -23.01
N ASP B 1005 -12.82 25.89 -24.26
CA ASP B 1005 -13.92 26.72 -24.74
C ASP B 1005 -15.24 25.94 -24.76
N TYR B 1006 -15.17 24.67 -25.13
CA TYR B 1006 -16.33 23.79 -25.05
C TYR B 1006 -16.81 23.62 -23.61
N ALA B 1007 -15.86 23.44 -22.68
CA ALA B 1007 -16.23 23.28 -21.27
C ALA B 1007 -16.77 24.56 -20.68
N LEU B 1008 -16.30 25.71 -21.16
CA LEU B 1008 -16.84 26.99 -20.71
C LEU B 1008 -18.22 27.26 -21.31
N GLU B 1009 -18.51 26.72 -22.49
CA GLU B 1009 -19.87 26.81 -23.01
C GLU B 1009 -20.83 25.89 -22.24
N VAL B 1010 -20.37 24.69 -21.86
CA VAL B 1010 -21.15 23.84 -20.95
C VAL B 1010 -21.32 24.54 -19.61
N GLU B 1011 -20.31 25.30 -19.18
CA GLU B 1011 -20.43 26.08 -17.94
C GLU B 1011 -21.47 27.18 -18.07
N LYS B 1012 -21.49 27.88 -19.21
CA LYS B 1012 -22.50 28.90 -19.45
C LYS B 1012 -23.90 28.31 -19.47
N ILE B 1013 -24.04 27.09 -19.98
CA ILE B 1013 -25.35 26.45 -20.01
C ILE B 1013 -25.75 25.96 -18.62
N THR B 1014 -24.81 25.43 -17.85
CA THR B 1014 -25.15 24.87 -16.55
C THR B 1014 -25.30 25.93 -15.46
N THR B 1015 -24.61 27.08 -15.57
CA THR B 1015 -24.83 28.14 -14.59
C THR B 1015 -26.15 28.86 -14.77
N SER B 1016 -26.88 28.59 -15.85
CA SER B 1016 -28.24 29.08 -15.95
C SER B 1016 -29.21 28.20 -15.19
N LYS B 1017 -28.88 26.91 -15.03
CA LYS B 1017 -29.73 26.01 -14.25
C LYS B 1017 -29.63 26.32 -12.77
N LYS B 1018 -28.41 26.32 -12.25
CA LYS B 1018 -28.13 26.57 -10.85
C LYS B 1018 -27.06 27.65 -10.75
N PRO B 1019 -27.00 28.38 -9.64
CA PRO B 1019 -25.86 29.27 -9.44
C PRO B 1019 -24.53 28.55 -9.24
N ASN B 1020 -24.56 27.42 -8.53
CA ASN B 1020 -23.34 26.69 -8.19
C ASN B 1020 -22.99 25.50 -9.06
N LEU B 1021 -23.00 25.70 -10.38
CA LEU B 1021 -22.63 24.65 -11.31
C LEU B 1021 -21.50 25.23 -12.13
N ILE B 1022 -20.35 25.41 -11.49
CA ILE B 1022 -19.24 26.04 -12.19
C ILE B 1022 -18.26 24.93 -12.53
N LEU B 1023 -17.24 25.23 -13.33
CA LEU B 1023 -16.15 24.29 -13.51
C LEU B 1023 -15.41 24.06 -12.21
N ASN B 1024 -15.19 22.79 -11.88
CA ASN B 1024 -14.32 22.40 -10.79
C ASN B 1024 -12.87 22.74 -11.13
N VAL B 1025 -12.00 22.58 -10.14
CA VAL B 1025 -10.59 22.54 -10.48
C VAL B 1025 -10.25 21.18 -11.07
N ASP B 1026 -10.97 20.13 -10.63
CA ASP B 1026 -10.77 18.78 -11.11
C ASP B 1026 -11.36 18.55 -12.50
N GLY B 1027 -12.11 19.52 -13.02
CA GLY B 1027 -12.60 19.42 -14.38
C GLY B 1027 -11.84 20.35 -15.30
N LEU B 1028 -11.44 21.50 -14.77
CA LEU B 1028 -10.69 22.44 -15.60
C LEU B 1028 -9.27 21.96 -15.82
N ILE B 1029 -8.65 21.30 -14.83
CA ILE B 1029 -7.33 20.73 -15.09
C ILE B 1029 -7.42 19.59 -16.09
N GLY B 1030 -8.50 18.81 -16.06
CA GLY B 1030 -8.68 17.75 -17.04
C GLY B 1030 -8.82 18.27 -18.46
N VAL B 1031 -9.71 19.24 -18.66
CA VAL B 1031 -9.92 19.72 -20.02
C VAL B 1031 -8.75 20.60 -20.49
N ALA B 1032 -8.11 21.35 -19.59
CA ALA B 1032 -6.95 22.15 -19.99
C ALA B 1032 -5.72 21.29 -20.20
N PHE B 1033 -5.67 20.11 -19.60
CA PHE B 1033 -4.57 19.20 -19.85
C PHE B 1033 -4.76 18.44 -21.16
N VAL B 1034 -6.00 18.13 -21.54
CA VAL B 1034 -6.23 17.61 -22.88
C VAL B 1034 -5.90 18.67 -23.93
N ASP B 1035 -6.24 19.94 -23.67
CA ASP B 1035 -5.80 21.00 -24.58
C ASP B 1035 -4.28 21.15 -24.58
N MET B 1036 -3.63 20.95 -23.44
CA MET B 1036 -2.18 21.00 -23.38
C MET B 1036 -1.55 19.87 -24.20
N LEU B 1037 -2.15 18.69 -24.17
CA LEU B 1037 -1.58 17.57 -24.91
C LEU B 1037 -1.84 17.71 -26.41
N ARG B 1038 -3.10 17.87 -26.80
CA ARG B 1038 -3.43 17.81 -28.22
C ARG B 1038 -3.35 19.17 -28.91
N ASN B 1039 -2.99 20.24 -28.21
CA ASN B 1039 -3.06 21.57 -28.79
C ASN B 1039 -1.73 22.29 -28.89
N CYS B 1040 -0.72 21.90 -28.13
CA CYS B 1040 0.61 22.48 -28.35
C CYS B 1040 1.33 21.66 -29.40
N GLY B 1041 2.65 21.70 -29.39
CA GLY B 1041 3.37 20.78 -30.26
C GLY B 1041 3.45 19.37 -29.70
N SER B 1042 4.42 18.61 -30.19
CA SER B 1042 4.98 17.42 -29.56
C SER B 1042 4.07 16.19 -29.52
N PHE B 1043 2.76 16.34 -29.73
CA PHE B 1043 1.85 15.20 -29.64
C PHE B 1043 0.96 15.22 -30.87
N THR B 1044 0.76 14.06 -31.50
CA THR B 1044 0.04 14.14 -32.76
C THR B 1044 -1.47 14.16 -32.57
N ARG B 1045 -2.10 12.99 -32.43
CA ARG B 1045 -3.38 12.88 -31.75
C ARG B 1045 -3.58 11.47 -31.21
N GLU B 1046 -2.67 10.56 -31.53
CA GLU B 1046 -2.76 9.22 -30.98
C GLU B 1046 -1.78 9.00 -29.85
N GLU B 1047 -0.75 9.84 -29.75
CA GLU B 1047 -0.02 9.96 -28.51
C GLU B 1047 -0.85 10.73 -27.48
N ALA B 1048 -1.53 11.79 -27.93
CA ALA B 1048 -2.27 12.65 -27.01
C ALA B 1048 -3.49 11.95 -26.43
N ASP B 1049 -4.10 11.02 -27.16
CA ASP B 1049 -5.21 10.25 -26.63
C ASP B 1049 -4.76 9.03 -25.83
N GLU B 1050 -3.59 8.49 -26.14
CA GLU B 1050 -3.08 7.38 -25.36
C GLU B 1050 -2.63 7.84 -23.98
N TYR B 1051 -2.05 9.03 -23.88
CA TYR B 1051 -1.70 9.55 -22.56
C TYR B 1051 -2.92 9.94 -21.75
N ILE B 1052 -4.06 10.13 -22.41
CA ILE B 1052 -5.29 10.47 -21.72
C ILE B 1052 -6.08 9.22 -21.37
N ASP B 1053 -5.69 8.10 -21.98
CA ASP B 1053 -6.36 6.83 -21.73
C ASP B 1053 -5.55 5.88 -20.86
N ILE B 1054 -4.23 6.06 -20.83
CA ILE B 1054 -3.38 5.19 -20.01
C ILE B 1054 -3.48 5.64 -18.56
N GLY B 1055 -3.68 6.93 -18.36
CA GLY B 1055 -3.84 7.48 -17.02
C GLY B 1055 -2.85 8.53 -16.56
N ALA B 1056 -2.34 9.36 -17.46
CA ALA B 1056 -1.40 10.40 -17.06
C ALA B 1056 -2.07 11.59 -16.37
N LEU B 1057 -3.40 11.59 -16.24
CA LEU B 1057 -4.11 12.58 -15.46
C LEU B 1057 -4.40 12.15 -14.03
N ASN B 1058 -4.40 10.85 -13.75
CA ASN B 1058 -4.40 10.41 -12.36
C ASN B 1058 -3.08 10.75 -11.72
N GLY B 1059 -1.98 10.71 -12.49
CA GLY B 1059 -0.67 11.02 -11.97
C GLY B 1059 -0.50 12.46 -11.55
N ILE B 1060 -1.19 13.39 -12.21
CA ILE B 1060 -1.13 14.79 -11.80
C ILE B 1060 -1.77 14.98 -10.43
N PHE B 1061 -2.92 14.37 -10.20
CA PHE B 1061 -3.56 14.47 -8.90
C PHE B 1061 -2.76 13.76 -7.82
N VAL B 1062 -2.21 12.59 -8.13
CA VAL B 1062 -1.49 11.82 -7.13
C VAL B 1062 -0.18 12.51 -6.76
N LEU B 1063 0.56 13.01 -7.74
CA LEU B 1063 1.81 13.70 -7.46
C LEU B 1063 1.58 15.07 -6.81
N GLY B 1064 0.47 15.74 -7.13
CA GLY B 1064 0.17 16.97 -6.44
C GLY B 1064 -0.26 16.74 -5.01
N ARG B 1065 -1.17 15.79 -4.79
CA ARG B 1065 -1.72 15.50 -3.48
C ARG B 1065 -0.75 14.80 -2.56
N SER B 1066 0.34 14.23 -3.08
CA SER B 1066 1.36 13.66 -2.21
C SER B 1066 2.08 14.71 -1.39
N MET B 1067 2.20 15.94 -1.90
CA MET B 1067 2.75 17.03 -1.09
C MET B 1067 1.86 17.33 0.10
N GLY B 1068 0.55 17.39 -0.11
CA GLY B 1068 -0.38 17.64 0.97
C GLY B 1068 -0.46 16.48 1.96
N PHE B 1069 -0.33 15.25 1.47
CA PHE B 1069 -0.40 14.12 2.39
C PHE B 1069 0.87 13.98 3.22
N ILE B 1070 2.04 14.26 2.65
CA ILE B 1070 3.26 14.28 3.44
C ILE B 1070 3.23 15.43 4.43
N GLY B 1071 2.66 16.57 4.03
CA GLY B 1071 2.49 17.67 4.96
C GLY B 1071 1.54 17.33 6.10
N HIS B 1072 0.51 16.54 5.82
CA HIS B 1072 -0.40 16.09 6.88
C HIS B 1072 0.27 15.10 7.81
N TYR B 1073 1.12 14.21 7.28
CA TYR B 1073 1.87 13.29 8.13
C TYR B 1073 2.82 14.04 9.05
N LEU B 1074 3.60 14.98 8.50
CA LEU B 1074 4.54 15.76 9.30
C LEU B 1074 3.81 16.62 10.31
N ASP B 1075 2.61 17.08 9.97
CA ASP B 1075 1.80 17.86 10.88
C ASP B 1075 1.32 17.02 12.07
N GLN B 1076 0.82 15.81 11.79
CA GLN B 1076 0.36 14.98 12.91
C GLN B 1076 1.51 14.40 13.73
N LYS B 1077 2.71 14.31 13.16
CA LYS B 1077 3.88 13.95 13.96
C LYS B 1077 4.41 15.11 14.77
N ARG B 1078 4.20 16.33 14.31
CA ARG B 1078 4.67 17.50 15.04
C ARG B 1078 3.70 17.92 16.14
N LEU B 1079 2.41 17.69 15.97
CA LEU B 1079 1.44 17.94 17.03
C LEU B 1079 1.41 16.83 18.07
N LYS B 1080 2.04 15.69 17.79
CA LYS B 1080 2.18 14.55 18.72
C LYS B 1080 0.85 14.02 19.20
N GLN B 1081 0.03 13.56 18.27
CA GLN B 1081 -1.31 13.08 18.60
C GLN B 1081 -1.31 11.57 18.74
N GLY B 1082 -2.19 11.07 19.60
CA GLY B 1082 -2.24 9.67 19.92
C GLY B 1082 -3.10 8.89 18.95
N LEU B 1083 -3.24 7.60 19.25
CA LEU B 1083 -4.00 6.69 18.42
C LEU B 1083 -5.48 7.10 18.39
N TYR B 1084 -6.08 7.01 17.21
CA TYR B 1084 -7.46 7.40 17.02
C TYR B 1084 -8.36 6.19 17.22
N ARG B 1085 -9.54 6.42 17.79
CA ARG B 1085 -10.40 5.33 18.19
C ARG B 1085 -11.80 5.38 17.60
N HIS B 1086 -12.26 6.55 17.11
CA HIS B 1086 -13.56 6.71 16.46
C HIS B 1086 -14.77 6.31 17.29
N PRO B 1087 -15.36 7.25 18.04
CA PRO B 1087 -16.34 6.92 19.08
C PRO B 1087 -17.55 6.14 18.57
N TRP B 1088 -18.11 5.33 19.45
CA TRP B 1088 -19.14 4.36 19.09
C TRP B 1088 -20.46 5.01 18.74
N ASP B 1089 -20.69 6.25 19.16
CA ASP B 1089 -21.92 6.93 18.78
C ASP B 1089 -21.75 7.71 17.49
N ASP B 1090 -21.11 7.10 16.52
CA ASP B 1090 -21.04 7.63 15.17
C ASP B 1090 -21.12 6.45 14.21
N ILE B 1091 -21.49 5.27 14.69
CA ILE B 1091 -21.25 4.02 13.98
C ILE B 1091 -22.55 3.26 13.69
N SER B 1092 -23.42 3.10 14.68
CA SER B 1092 -24.78 2.53 14.51
C SER B 1092 -24.74 1.11 13.93
N TYR B 1093 -24.29 0.18 14.77
CA TYR B 1093 -24.21 -1.24 14.44
C TYR B 1093 -25.58 -1.81 14.10
N VAL B 1094 -25.68 -2.51 12.96
CA VAL B 1094 -26.98 -2.90 12.41
C VAL B 1094 -26.99 -4.41 12.16
N LEU B 1095 -26.18 -5.14 12.93
CA LEU B 1095 -25.92 -6.58 12.85
C LEU B 1095 -27.16 -7.46 12.81
N PRO B 1096 -27.08 -8.66 12.19
CA PRO B 1096 -28.21 -9.59 12.22
C PRO B 1096 -28.52 -10.15 13.60
N GLU B 1097 -29.62 -10.90 13.70
CA GLU B 1097 -30.14 -11.28 15.01
C GLU B 1097 -29.31 -12.35 15.66
N HIS B 1098 -29.22 -13.53 15.04
CA HIS B 1098 -28.38 -14.61 15.55
C HIS B 1098 -28.00 -15.48 14.35
N MET B 1099 -26.82 -15.23 13.78
CA MET B 1099 -26.37 -15.96 12.61
C MET B 1099 -25.50 -17.14 13.04
N SER C 2 -7.21 2.33 57.41
CA SER C 2 -7.98 1.56 58.37
C SER C 2 -7.12 0.47 59.03
N ALA C 3 -6.70 0.73 60.27
CA ALA C 3 -5.96 -0.23 61.07
C ALA C 3 -6.94 -1.01 61.92
N LYS C 4 -7.09 -2.30 61.63
CA LYS C 4 -8.03 -3.15 62.34
C LYS C 4 -7.34 -4.38 62.90
N ALA C 5 -8.04 -5.07 63.80
CA ALA C 5 -7.43 -6.05 64.68
C ALA C 5 -7.05 -7.32 63.93
N ILE C 6 -6.25 -8.15 64.60
CA ILE C 6 -5.73 -9.39 64.06
C ILE C 6 -6.10 -10.49 65.05
N SER C 7 -6.23 -11.71 64.53
CA SER C 7 -6.34 -12.85 65.43
C SER C 7 -5.01 -13.10 66.12
N GLU C 8 -5.08 -13.51 67.38
CA GLU C 8 -3.88 -13.58 68.21
C GLU C 8 -3.00 -14.76 67.82
N GLN C 9 -3.61 -15.80 67.24
CA GLN C 9 -2.86 -16.88 66.61
C GLN C 9 -1.98 -16.34 65.48
N THR C 10 -2.55 -15.49 64.62
CA THR C 10 -1.78 -14.86 63.56
C THR C 10 -0.74 -13.90 64.13
N GLY C 11 -1.07 -13.24 65.24
CA GLY C 11 -0.13 -12.30 65.84
C GLY C 11 1.12 -12.98 66.36
N LYS C 12 0.95 -14.03 67.16
CA LYS C 12 2.12 -14.79 67.59
C LYS C 12 2.73 -15.64 66.48
N GLU C 13 1.97 -15.92 65.41
CA GLU C 13 2.52 -16.54 64.20
C GLU C 13 3.62 -15.69 63.59
N LEU C 14 3.28 -14.45 63.19
CA LEU C 14 4.35 -13.59 62.65
C LEU C 14 5.32 -13.12 63.72
N LEU C 15 4.93 -13.14 65.00
CA LEU C 15 5.87 -12.77 66.05
C LEU C 15 6.99 -13.82 66.17
N TYR C 16 6.64 -15.10 66.15
CA TYR C 16 7.66 -16.15 66.15
C TYR C 16 8.37 -16.23 64.81
N LYS C 17 7.72 -15.79 63.72
CA LYS C 17 8.31 -15.93 62.40
C LYS C 17 9.28 -14.81 62.05
N PHE C 18 9.09 -13.61 62.59
CA PHE C 18 9.86 -12.47 62.07
C PHE C 18 10.54 -11.63 63.15
N ILE C 19 10.71 -12.13 64.36
CA ILE C 19 11.48 -11.34 65.32
C ILE C 19 12.96 -11.47 64.99
N CYS C 20 13.72 -10.43 65.33
CA CYS C 20 15.16 -10.44 65.12
CA CYS C 20 15.16 -10.43 65.11
C CYS C 20 15.83 -9.77 66.31
N THR C 21 16.18 -10.58 67.29
CA THR C 21 16.91 -10.14 68.47
C THR C 21 17.62 -11.36 69.04
N THR C 22 18.64 -11.12 69.86
CA THR C 22 19.46 -12.22 70.32
C THR C 22 18.82 -12.99 71.48
N SER C 23 17.83 -12.40 72.13
CA SER C 23 17.14 -13.09 73.23
C SER C 23 16.30 -14.24 72.68
N ALA C 24 16.40 -15.39 73.33
CA ALA C 24 15.76 -16.62 72.86
C ALA C 24 14.27 -16.60 73.19
N ILE C 25 13.44 -16.40 72.16
CA ILE C 25 12.01 -16.61 72.33
C ILE C 25 11.75 -18.11 72.40
N GLN C 26 11.25 -18.57 73.55
CA GLN C 26 11.03 -19.99 73.72
C GLN C 26 9.58 -20.34 73.38
N ASN C 27 9.32 -21.66 73.31
CA ASN C 27 8.07 -22.24 72.79
C ASN C 27 7.71 -21.68 71.42
N ARG C 28 8.69 -21.62 70.52
CA ARG C 28 8.45 -21.17 69.16
C ARG C 28 7.71 -22.25 68.38
N PHE C 29 6.77 -21.80 67.53
CA PHE C 29 5.87 -22.64 66.73
C PHE C 29 5.05 -23.60 67.57
N LYS C 30 4.71 -23.22 68.81
CA LYS C 30 3.96 -24.08 69.72
C LYS C 30 2.63 -23.42 70.03
N TYR C 31 1.64 -23.70 69.18
CA TYR C 31 0.28 -23.22 69.35
C TYR C 31 -0.65 -24.19 68.65
N ALA C 32 -1.89 -24.26 69.12
CA ALA C 32 -2.88 -25.13 68.51
C ALA C 32 -4.21 -24.40 68.44
N ARG C 33 -5.04 -24.79 67.48
CA ARG C 33 -6.37 -24.22 67.30
C ARG C 33 -7.39 -25.34 67.19
N VAL C 34 -8.38 -25.35 68.07
CA VAL C 34 -9.45 -26.34 68.07
C VAL C 34 -10.77 -25.62 67.84
N THR C 35 -11.60 -26.20 66.97
CA THR C 35 -12.85 -25.68 66.46
C THR C 35 -13.95 -26.71 66.69
N PRO C 36 -15.23 -26.33 66.58
CA PRO C 36 -16.28 -27.37 66.52
C PRO C 36 -16.30 -28.12 65.20
N ASP C 37 -15.56 -27.65 64.20
CA ASP C 37 -15.52 -28.26 62.87
C ASP C 37 -14.28 -29.13 62.68
N THR C 38 -13.82 -29.78 63.74
CA THR C 38 -12.71 -30.73 63.65
C THR C 38 -12.92 -31.87 64.63
N ASP C 39 -12.18 -32.95 64.40
CA ASP C 39 -11.98 -33.99 65.40
C ASP C 39 -10.61 -33.80 66.06
N TRP C 40 -10.36 -34.58 67.11
CA TRP C 40 -9.19 -34.33 67.95
C TRP C 40 -7.96 -35.11 67.53
N ALA C 41 -8.12 -36.23 66.80
CA ALA C 41 -7.01 -37.18 66.62
C ALA C 41 -5.95 -36.66 65.67
N ARG C 42 -6.34 -35.88 64.65
CA ARG C 42 -5.39 -35.40 63.66
C ARG C 42 -4.41 -34.40 64.26
N LEU C 43 -4.91 -33.39 64.97
CA LEU C 43 -4.02 -32.48 65.67
C LEU C 43 -3.53 -33.08 66.99
N LEU C 44 -4.03 -34.26 67.38
CA LEU C 44 -3.38 -34.99 68.46
C LEU C 44 -2.07 -35.59 68.00
N GLN C 45 -2.06 -36.22 66.82
CA GLN C 45 -0.82 -36.88 66.39
C GLN C 45 0.11 -35.92 65.65
N ASP C 46 -0.43 -34.96 64.89
CA ASP C 46 0.42 -33.96 64.24
C ASP C 46 0.95 -32.91 65.21
N HIS C 47 0.40 -32.80 66.41
CA HIS C 47 1.02 -31.98 67.43
C HIS C 47 1.49 -32.92 68.54
N PRO C 48 2.70 -33.47 68.46
CA PRO C 48 3.19 -34.32 69.54
C PRO C 48 3.57 -33.56 70.79
N TRP C 49 3.76 -32.24 70.70
CA TRP C 49 4.18 -31.45 71.86
C TRP C 49 3.04 -31.17 72.83
N LEU C 50 1.78 -31.50 72.47
CA LEU C 50 0.75 -31.56 73.51
C LEU C 50 1.00 -32.73 74.45
N LEU C 51 1.73 -33.75 73.99
CA LEU C 51 2.02 -34.97 74.72
C LEU C 51 3.14 -34.81 75.75
N SER C 52 3.70 -33.61 75.90
CA SER C 52 4.88 -33.41 76.74
C SER C 52 4.66 -32.42 77.89
N GLN C 53 3.98 -31.30 77.64
CA GLN C 53 3.90 -30.21 78.61
C GLN C 53 2.47 -30.05 79.09
N ASN C 54 2.28 -29.11 80.02
CA ASN C 54 0.94 -28.76 80.47
C ASN C 54 0.44 -27.56 79.65
N LEU C 55 -0.86 -27.29 79.76
CA LEU C 55 -1.57 -26.50 78.75
C LEU C 55 -2.28 -25.31 79.37
N VAL C 56 -2.50 -24.29 78.55
CA VAL C 56 -3.40 -23.18 78.85
C VAL C 56 -4.18 -22.86 77.57
N VAL C 57 -5.49 -22.67 77.72
CA VAL C 57 -6.40 -22.51 76.58
C VAL C 57 -7.12 -21.17 76.70
N LYS C 58 -7.43 -20.58 75.55
CA LYS C 58 -8.02 -19.24 75.49
C LYS C 58 -8.98 -19.18 74.31
N PRO C 59 -10.05 -18.39 74.40
CA PRO C 59 -10.89 -18.18 73.21
C PRO C 59 -10.20 -17.24 72.21
N ASP C 60 -10.13 -17.68 70.96
CA ASP C 60 -9.46 -16.90 69.91
C ASP C 60 -10.52 -16.20 69.07
N GLN C 61 -11.15 -15.17 69.67
CA GLN C 61 -12.15 -14.34 69.00
C GLN C 61 -12.10 -12.87 69.40
N LEU C 62 -10.91 -12.36 69.75
CA LEU C 62 -10.66 -10.96 70.11
C LEU C 62 -11.54 -10.51 71.28
N ILE C 63 -11.51 -11.31 72.35
CA ILE C 63 -12.36 -11.09 73.51
C ILE C 63 -11.62 -10.17 74.47
N LYS C 64 -12.30 -9.11 74.93
CA LYS C 64 -11.67 -8.15 75.82
C LYS C 64 -11.79 -8.63 77.26
N ARG C 65 -10.65 -8.59 77.98
CA ARG C 65 -10.54 -8.88 79.42
C ARG C 65 -11.07 -10.28 79.77
N ARG C 66 -10.35 -11.29 79.29
CA ARG C 66 -10.78 -12.68 79.48
C ARG C 66 -10.56 -13.19 80.90
N GLY C 67 -9.80 -12.48 81.73
CA GLY C 67 -9.49 -12.98 83.05
C GLY C 67 -10.67 -12.89 84.02
N LYS C 68 -11.22 -11.69 84.20
CA LYS C 68 -12.27 -11.47 85.19
C LYS C 68 -13.64 -11.98 84.73
N LEU C 69 -13.80 -12.30 83.45
CA LEU C 69 -15.07 -12.83 82.96
C LEU C 69 -15.08 -14.36 82.95
N GLY C 70 -13.97 -14.99 83.34
CA GLY C 70 -13.93 -16.43 83.52
C GLY C 70 -13.98 -17.22 82.23
N LEU C 71 -13.09 -16.89 81.29
CA LEU C 71 -13.03 -17.58 80.01
C LEU C 71 -11.72 -18.30 79.76
N VAL C 72 -10.75 -18.19 80.65
CA VAL C 72 -9.43 -18.79 80.47
C VAL C 72 -9.31 -20.01 81.37
N GLY C 73 -8.74 -21.09 80.82
CA GLY C 73 -8.48 -22.29 81.58
C GLY C 73 -6.99 -22.46 81.85
N VAL C 74 -6.60 -22.33 83.12
CA VAL C 74 -5.18 -22.23 83.49
C VAL C 74 -4.71 -23.55 84.09
N ASN C 75 -3.59 -24.05 83.56
CA ASN C 75 -2.82 -25.19 84.08
C ASN C 75 -3.67 -26.48 84.15
N LEU C 76 -3.96 -27.01 82.97
CA LEU C 76 -4.75 -28.23 82.86
C LEU C 76 -4.17 -29.15 81.79
N THR C 77 -4.31 -30.47 81.98
CA THR C 77 -3.71 -31.45 81.08
C THR C 77 -4.68 -31.77 79.93
N LEU C 78 -4.27 -32.69 79.05
CA LEU C 78 -4.81 -32.77 77.69
C LEU C 78 -6.27 -33.24 77.69
N ASP C 79 -6.55 -34.40 78.28
CA ASP C 79 -7.93 -34.85 78.34
C ASP C 79 -8.74 -34.03 79.34
N GLY C 80 -8.08 -33.44 80.35
CA GLY C 80 -8.73 -32.43 81.16
C GLY C 80 -9.14 -31.21 80.36
N VAL C 81 -8.28 -30.78 79.43
CA VAL C 81 -8.63 -29.72 78.49
C VAL C 81 -9.78 -30.14 77.59
N LYS C 82 -9.83 -31.43 77.22
CA LYS C 82 -10.94 -31.96 76.43
C LYS C 82 -12.26 -31.90 77.18
N SER C 83 -12.26 -32.26 78.47
CA SER C 83 -13.49 -32.20 79.25
C SER C 83 -13.83 -30.77 79.66
N TRP C 84 -12.85 -29.87 79.67
CA TRP C 84 -13.10 -28.46 79.91
C TRP C 84 -13.69 -27.79 78.67
N LEU C 85 -13.27 -28.24 77.50
CA LEU C 85 -13.69 -27.70 76.21
C LEU C 85 -14.97 -28.35 75.72
N LYS C 86 -15.36 -29.48 76.32
CA LYS C 86 -16.63 -30.12 75.99
C LYS C 86 -17.86 -29.25 76.25
N PRO C 87 -18.03 -28.53 77.41
CA PRO C 87 -19.21 -27.66 77.51
C PRO C 87 -18.96 -26.23 77.08
N ARG C 88 -17.90 -25.96 76.33
CA ARG C 88 -17.56 -24.58 76.01
C ARG C 88 -17.39 -24.33 74.51
N LEU C 89 -16.91 -25.32 73.78
CA LEU C 89 -16.59 -25.15 72.36
C LEU C 89 -17.87 -25.30 71.54
N GLY C 90 -18.43 -24.17 71.13
CA GLY C 90 -19.61 -24.14 70.29
C GLY C 90 -20.90 -23.75 71.00
N GLN C 91 -20.82 -23.08 72.14
CA GLN C 91 -21.99 -22.70 72.91
C GLN C 91 -21.97 -21.20 73.20
N GLU C 92 -23.14 -20.71 73.61
CA GLU C 92 -23.39 -19.28 73.72
C GLU C 92 -22.70 -18.69 74.94
N ALA C 93 -22.18 -17.47 74.78
CA ALA C 93 -21.61 -16.71 75.89
C ALA C 93 -21.73 -15.22 75.60
N THR C 94 -21.80 -14.43 76.66
CA THR C 94 -21.86 -12.98 76.58
C THR C 94 -20.61 -12.38 77.21
N VAL C 95 -20.04 -11.38 76.56
CA VAL C 95 -19.02 -10.53 77.15
C VAL C 95 -19.37 -9.08 76.88
N GLY C 96 -19.12 -8.22 77.86
CA GLY C 96 -19.49 -6.82 77.77
C GLY C 96 -21.00 -6.66 77.70
N LYS C 97 -21.49 -6.29 76.51
CA LYS C 97 -22.93 -6.25 76.25
C LYS C 97 -23.27 -7.03 74.98
N ALA C 98 -22.38 -7.91 74.53
CA ALA C 98 -22.56 -8.62 73.27
C ALA C 98 -22.48 -10.13 73.50
N THR C 99 -23.40 -10.85 72.87
CA THR C 99 -23.51 -12.30 72.97
C THR C 99 -23.00 -12.97 71.70
N GLY C 100 -22.79 -14.27 71.78
CA GLY C 100 -22.47 -15.05 70.59
C GLY C 100 -21.85 -16.39 70.94
N PHE C 101 -21.77 -17.23 69.90
CA PHE C 101 -21.11 -18.52 70.01
C PHE C 101 -19.59 -18.34 69.98
N LEU C 102 -18.88 -19.37 70.43
CA LEU C 102 -17.42 -19.40 70.48
C LEU C 102 -16.93 -20.59 69.65
N LYS C 103 -16.38 -20.29 68.48
CA LYS C 103 -16.01 -21.30 67.49
C LYS C 103 -14.51 -21.47 67.35
N ASN C 104 -13.70 -20.78 68.15
CA ASN C 104 -12.26 -20.88 68.05
C ASN C 104 -11.66 -20.91 69.44
N PHE C 105 -10.77 -21.88 69.69
CA PHE C 105 -9.97 -21.86 70.91
C PHE C 105 -8.52 -22.17 70.58
N LEU C 106 -7.61 -21.50 71.28
CA LEU C 106 -6.17 -21.67 71.12
C LEU C 106 -5.62 -22.38 72.35
N ILE C 107 -4.75 -23.35 72.10
CA ILE C 107 -4.01 -24.07 73.15
C ILE C 107 -2.55 -23.68 73.05
N GLU C 108 -1.95 -23.37 74.19
CA GLU C 108 -0.57 -22.93 74.30
C GLU C 108 0.10 -23.71 75.43
N PRO C 109 1.37 -24.04 75.31
CA PRO C 109 2.09 -24.69 76.43
C PRO C 109 2.19 -23.75 77.63
N PHE C 110 1.57 -24.15 78.74
CA PHE C 110 1.59 -23.34 79.96
C PHE C 110 2.99 -23.33 80.55
N VAL C 111 3.37 -22.19 81.12
CA VAL C 111 4.67 -22.02 81.76
C VAL C 111 4.46 -21.75 83.24
N PRO C 112 5.14 -22.48 84.14
CA PRO C 112 5.10 -22.11 85.56
C PRO C 112 6.05 -20.96 85.84
N HIS C 113 5.54 -19.96 86.55
CA HIS C 113 6.29 -18.73 86.79
C HIS C 113 5.68 -18.05 88.01
N SER C 114 6.28 -16.92 88.38
CA SER C 114 5.78 -16.10 89.46
C SER C 114 5.11 -14.85 88.91
N GLN C 115 4.15 -14.32 89.67
CA GLN C 115 3.49 -13.07 89.29
C GLN C 115 4.33 -11.84 89.57
N ALA C 116 5.50 -11.98 90.19
CA ALA C 116 6.33 -10.82 90.49
C ALA C 116 7.18 -10.39 89.29
N GLU C 117 7.46 -11.29 88.35
CA GLU C 117 8.24 -10.92 87.18
C GLU C 117 7.55 -11.25 85.85
N GLU C 118 6.23 -11.36 85.83
CA GLU C 118 5.49 -11.12 84.60
C GLU C 118 5.43 -9.62 84.37
N PHE C 119 5.68 -9.19 83.12
CA PHE C 119 5.80 -7.77 82.82
C PHE C 119 4.79 -7.36 81.77
N TYR C 120 4.72 -6.05 81.55
CA TYR C 120 3.78 -5.45 80.61
C TYR C 120 4.56 -4.61 79.61
N VAL C 121 4.33 -4.83 78.32
CA VAL C 121 4.91 -3.97 77.29
C VAL C 121 3.86 -3.74 76.22
N CYS C 122 3.90 -2.55 75.62
CA CYS C 122 3.01 -2.21 74.50
C CYS C 122 3.63 -1.12 73.66
N ILE C 123 3.39 -1.18 72.36
CA ILE C 123 3.74 -0.10 71.43
C ILE C 123 2.48 0.24 70.64
N TYR C 124 2.08 1.51 70.68
CA TYR C 124 0.97 1.96 69.86
C TYR C 124 1.37 3.19 69.07
N ALA C 125 0.57 3.51 68.05
CA ALA C 125 0.85 4.61 67.15
C ALA C 125 0.04 5.83 67.52
N THR C 126 0.67 7.00 67.42
CA THR C 126 0.02 8.29 67.51
C THR C 126 0.42 9.11 66.29
N ARG C 127 -0.05 10.36 66.23
CA ARG C 127 0.22 11.19 65.06
C ARG C 127 1.68 11.64 65.02
N GLU C 128 2.21 12.08 66.16
CA GLU C 128 3.56 12.63 66.18
C GLU C 128 4.64 11.57 66.37
N GLY C 129 4.26 10.30 66.55
CA GLY C 129 5.26 9.25 66.61
C GLY C 129 4.69 7.92 67.06
N ASP C 130 5.49 7.18 67.80
CA ASP C 130 5.11 5.88 68.36
C ASP C 130 5.36 5.89 69.86
N TYR C 131 4.36 5.49 70.63
CA TYR C 131 4.51 5.38 72.08
C TYR C 131 4.87 3.95 72.45
N VAL C 132 5.98 3.80 73.18
CA VAL C 132 6.40 2.54 73.76
C VAL C 132 6.24 2.67 75.27
N LEU C 133 5.36 1.86 75.84
CA LEU C 133 5.07 1.89 77.27
C LEU C 133 5.41 0.54 77.89
N PHE C 134 6.14 0.60 79.00
CA PHE C 134 6.54 -0.55 79.78
C PHE C 134 6.02 -0.38 81.21
N HIS C 135 5.67 -1.49 81.84
CA HIS C 135 5.32 -1.46 83.27
C HIS C 135 5.73 -2.77 83.93
N HIS C 136 6.28 -2.65 85.14
CA HIS C 136 6.85 -3.78 85.85
C HIS C 136 5.81 -4.62 86.57
N GLU C 137 4.66 -4.02 86.88
CA GLU C 137 3.53 -4.74 87.46
C GLU C 137 2.79 -5.36 86.30
N GLY C 138 2.90 -6.68 86.17
CA GLY C 138 2.25 -7.41 85.10
C GLY C 138 0.86 -7.83 85.47
N GLY C 139 0.34 -8.81 84.74
CA GLY C 139 -0.99 -9.32 84.98
C GLY C 139 -2.07 -8.42 84.42
N VAL C 140 -3.31 -8.85 84.63
CA VAL C 140 -4.47 -8.09 84.18
C VAL C 140 -4.87 -7.04 85.21
N ASP C 141 -4.25 -7.05 86.39
CA ASP C 141 -4.64 -6.20 87.51
C ASP C 141 -3.91 -4.86 87.52
N VAL C 142 -3.49 -4.39 86.35
CA VAL C 142 -2.77 -3.11 86.26
C VAL C 142 -3.75 -1.95 86.38
N GLY C 143 -4.90 -2.03 85.72
CA GLY C 143 -5.88 -0.97 85.81
C GLY C 143 -5.48 0.25 85.00
N ASP C 144 -5.32 1.38 85.70
CA ASP C 144 -4.98 2.66 85.09
C ASP C 144 -3.53 2.59 84.62
N VAL C 145 -3.34 2.50 83.31
CA VAL C 145 -2.00 2.28 82.78
C VAL C 145 -1.37 3.56 82.23
N ASP C 146 -2.17 4.55 81.82
CA ASP C 146 -1.64 5.71 81.13
C ASP C 146 -1.13 6.80 82.07
N ALA C 147 -1.21 6.59 83.39
CA ALA C 147 -0.68 7.59 84.33
C ALA C 147 0.56 7.12 85.07
N LYS C 148 0.81 5.82 85.16
CA LYS C 148 1.90 5.29 85.97
C LYS C 148 2.98 4.57 85.18
N ALA C 149 2.69 4.09 83.97
CA ALA C 149 3.67 3.32 83.22
C ALA C 149 4.72 4.23 82.58
N GLN C 150 5.86 3.62 82.24
CA GLN C 150 6.95 4.36 81.62
C GLN C 150 6.72 4.44 80.12
N LYS C 151 6.49 5.64 79.62
CA LYS C 151 6.27 5.88 78.20
C LYS C 151 7.47 6.59 77.56
N LEU C 152 7.69 6.26 76.29
CA LEU C 152 8.67 6.94 75.45
C LEU C 152 8.06 7.11 74.07
N LEU C 153 8.07 8.34 73.57
CA LEU C 153 7.64 8.58 72.21
C LEU C 153 8.86 8.62 71.32
N VAL C 154 9.02 7.60 70.49
CA VAL C 154 10.01 7.63 69.43
C VAL C 154 9.40 8.30 68.22
N GLY C 155 10.11 9.28 67.68
CA GLY C 155 9.55 10.12 66.64
C GLY C 155 9.47 9.41 65.30
N VAL C 156 8.74 10.04 64.39
CA VAL C 156 8.71 9.56 63.01
C VAL C 156 10.01 9.96 62.33
N ASP C 157 10.54 9.05 61.50
CA ASP C 157 11.85 9.16 60.84
C ASP C 157 12.97 9.34 61.88
N GLU C 158 13.01 8.42 62.83
CA GLU C 158 14.15 8.25 63.72
C GLU C 158 14.13 6.81 64.24
N LYS C 159 15.33 6.28 64.53
CA LYS C 159 15.49 4.92 64.99
C LYS C 159 15.70 4.92 66.50
N LEU C 160 15.22 3.86 67.15
CA LEU C 160 15.33 3.72 68.59
C LEU C 160 16.79 3.54 69.02
N ASN C 161 17.22 4.33 69.99
CA ASN C 161 18.50 4.13 70.64
C ASN C 161 18.29 3.18 71.82
N PRO C 162 19.06 2.09 71.93
CA PRO C 162 18.95 1.24 73.13
C PRO C 162 19.41 1.92 74.41
N GLU C 163 20.19 2.99 74.31
CA GLU C 163 20.64 3.67 75.52
C GLU C 163 19.49 4.45 76.17
N ASP C 164 18.55 4.97 75.37
CA ASP C 164 17.39 5.65 75.93
C ASP C 164 16.46 4.68 76.64
N ILE C 165 16.31 3.46 76.13
CA ILE C 165 15.41 2.52 76.78
C ILE C 165 16.07 1.89 78.00
N LYS C 166 17.40 1.71 77.97
CA LYS C 166 18.06 1.29 79.20
C LYS C 166 18.16 2.42 80.23
N LYS C 167 17.97 3.68 79.81
CA LYS C 167 17.96 4.80 80.74
C LYS C 167 16.59 5.10 81.32
N HIS C 168 15.53 5.03 80.51
CA HIS C 168 14.27 5.69 80.80
C HIS C 168 13.09 4.76 81.03
N LEU C 169 13.08 3.58 80.41
CA LEU C 169 11.85 2.79 80.34
C LEU C 169 11.82 1.71 81.42
N LEU C 170 12.97 1.08 81.67
CA LEU C 170 13.06 -0.05 82.59
C LEU C 170 13.54 0.42 83.96
N VAL C 171 13.13 1.62 84.38
CA VAL C 171 13.69 2.22 85.59
C VAL C 171 13.13 1.54 86.84
N HIS C 172 11.92 0.97 86.75
CA HIS C 172 11.33 0.23 87.85
C HIS C 172 11.38 -1.28 87.62
N ALA C 173 12.24 -1.73 86.73
CA ALA C 173 12.41 -3.13 86.41
C ALA C 173 13.60 -3.72 87.16
N PRO C 174 13.59 -5.02 87.45
CA PRO C 174 14.77 -5.66 88.04
C PRO C 174 15.95 -5.65 87.09
N GLU C 175 17.10 -5.24 87.61
CA GLU C 175 18.31 -5.06 86.79
C GLU C 175 18.83 -6.38 86.24
N ASP C 176 18.60 -7.48 86.95
CA ASP C 176 18.99 -8.81 86.48
C ASP C 176 18.34 -9.18 85.14
N LYS C 177 17.16 -8.61 84.85
CA LYS C 177 16.50 -8.78 83.58
C LYS C 177 16.51 -7.52 82.70
N LYS C 178 17.22 -6.45 83.08
CA LYS C 178 17.11 -5.24 82.26
C LYS C 178 17.86 -5.34 80.94
N GLU C 179 18.97 -6.08 80.90
CA GLU C 179 19.74 -6.14 79.68
C GLU C 179 19.08 -7.07 78.66
N ILE C 180 18.29 -8.03 79.13
CA ILE C 180 17.60 -8.96 78.23
C ILE C 180 16.45 -8.25 77.52
N LEU C 181 15.42 -7.85 78.29
CA LEU C 181 14.14 -7.39 77.76
C LEU C 181 14.29 -6.19 76.86
N ALA C 182 15.22 -5.28 77.20
CA ALA C 182 15.50 -4.09 76.40
C ALA C 182 15.83 -4.46 74.96
N SER C 183 16.78 -5.39 74.79
CA SER C 183 17.11 -5.89 73.46
C SER C 183 15.89 -6.53 72.81
N PHE C 184 15.15 -7.33 73.60
CA PHE C 184 13.91 -7.93 73.14
C PHE C 184 12.90 -6.88 72.70
N ILE C 185 12.76 -5.82 73.50
CA ILE C 185 11.79 -4.78 73.16
C ILE C 185 12.25 -4.05 71.92
N SER C 186 13.57 -3.87 71.78
CA SER C 186 14.13 -3.27 70.58
C SER C 186 13.86 -4.16 69.37
N GLY C 187 14.01 -5.47 69.55
CA GLY C 187 13.69 -6.39 68.47
C GLY C 187 12.21 -6.38 68.15
N LEU C 188 11.38 -6.22 69.19
CA LEU C 188 9.95 -6.12 68.97
C LEU C 188 9.60 -4.82 68.27
N PHE C 189 10.40 -3.75 68.48
CA PHE C 189 10.18 -2.55 67.70
C PHE C 189 10.58 -2.76 66.25
N ASN C 190 11.59 -3.61 66.00
CA ASN C 190 11.88 -4.01 64.63
C ASN C 190 10.78 -4.90 64.07
N PHE C 191 9.99 -5.51 64.96
CA PHE C 191 8.76 -6.19 64.57
C PHE C 191 7.61 -5.21 64.44
N TYR C 192 7.63 -4.11 65.19
CA TYR C 192 6.50 -3.18 65.15
C TYR C 192 6.52 -2.32 63.90
N GLU C 193 7.71 -1.94 63.43
CA GLU C 193 7.85 -0.97 62.36
C GLU C 193 7.83 -1.61 60.98
N ASP C 194 8.68 -2.60 60.76
CA ASP C 194 8.83 -3.23 59.45
C ASP C 194 7.83 -4.36 59.21
N LEU C 195 6.83 -4.49 60.05
CA LEU C 195 5.64 -5.30 59.74
C LEU C 195 4.39 -4.44 59.64
N TYR C 196 4.52 -3.12 59.80
CA TYR C 196 3.46 -2.13 59.64
C TYR C 196 2.31 -2.37 60.61
N PHE C 197 2.65 -2.51 61.88
CA PHE C 197 1.67 -2.59 62.95
C PHE C 197 1.22 -1.19 63.36
N THR C 198 0.14 -1.15 64.12
CA THR C 198 -0.37 0.09 64.70
C THR C 198 -0.49 0.00 66.21
N TYR C 199 -0.96 -1.13 66.74
CA TYR C 199 -1.24 -1.27 68.16
C TYR C 199 -0.85 -2.69 68.59
N LEU C 200 0.01 -2.82 69.60
CA LEU C 200 0.53 -4.14 69.93
C LEU C 200 0.86 -4.19 71.42
N GLU C 201 0.13 -5.03 72.15
CA GLU C 201 0.31 -5.25 73.59
C GLU C 201 0.78 -6.67 73.83
N ILE C 202 1.78 -6.82 74.69
CA ILE C 202 2.06 -8.06 75.39
C ILE C 202 1.73 -7.81 76.86
N ASN C 203 0.69 -8.49 77.35
CA ASN C 203 0.17 -8.25 78.70
C ASN C 203 -0.51 -9.53 79.18
N PRO C 204 0.22 -10.38 79.93
CA PRO C 204 1.57 -10.17 80.42
C PRO C 204 2.68 -10.80 79.57
N LEU C 205 3.87 -10.21 79.67
CA LEU C 205 5.10 -10.74 79.09
C LEU C 205 5.75 -11.66 80.11
N VAL C 206 5.67 -12.96 79.90
CA VAL C 206 6.16 -13.93 80.87
C VAL C 206 7.64 -14.17 80.55
N VAL C 207 8.51 -13.45 81.25
CA VAL C 207 9.94 -13.67 81.17
C VAL C 207 10.42 -14.29 82.48
N THR C 208 11.11 -15.41 82.35
CA THR C 208 11.71 -16.16 83.45
C THR C 208 13.22 -16.22 83.23
N LYS C 209 13.92 -16.92 84.13
CA LYS C 209 15.33 -17.21 83.94
C LYS C 209 15.59 -18.07 82.71
N ASP C 210 14.59 -18.85 82.28
CA ASP C 210 14.73 -19.72 81.12
C ASP C 210 14.76 -18.92 79.81
N GLY C 211 14.04 -17.80 79.75
CA GLY C 211 14.05 -16.97 78.56
C GLY C 211 12.84 -16.04 78.55
N VAL C 212 12.44 -15.61 77.36
CA VAL C 212 11.29 -14.73 77.18
C VAL C 212 10.14 -15.52 76.58
N TYR C 213 8.92 -15.15 76.98
CA TYR C 213 7.71 -15.82 76.55
C TYR C 213 6.63 -14.77 76.39
N VAL C 214 5.85 -14.86 75.32
CA VAL C 214 4.60 -14.13 75.22
C VAL C 214 3.47 -15.10 75.59
N LEU C 215 2.57 -14.64 76.44
CA LEU C 215 1.37 -15.41 76.75
C LEU C 215 0.12 -14.80 76.15
N ASP C 216 0.01 -13.47 76.19
CA ASP C 216 -1.15 -12.77 75.67
C ASP C 216 -0.69 -11.64 74.76
N LEU C 217 -1.38 -11.48 73.63
CA LEU C 217 -1.07 -10.48 72.63
C LEU C 217 -2.36 -9.73 72.28
N ALA C 218 -2.21 -8.47 71.87
CA ALA C 218 -3.36 -7.71 71.38
C ALA C 218 -2.88 -6.74 70.31
N ALA C 219 -3.30 -6.93 69.07
CA ALA C 219 -2.72 -6.16 67.98
C ALA C 219 -3.78 -5.72 66.97
N LYS C 220 -3.75 -4.44 66.64
CA LYS C 220 -4.41 -3.87 65.49
C LYS C 220 -3.34 -3.52 64.46
N VAL C 221 -3.47 -4.06 63.26
CA VAL C 221 -2.48 -3.88 62.21
C VAL C 221 -3.13 -3.06 61.08
N ASP C 222 -2.29 -2.33 60.35
CA ASP C 222 -2.73 -1.45 59.27
C ASP C 222 -2.86 -2.27 57.99
N ALA C 223 -4.10 -2.59 57.60
CA ALA C 223 -4.33 -3.45 56.45
C ALA C 223 -4.01 -2.75 55.13
N THR C 224 -4.08 -1.42 55.11
CA THR C 224 -3.82 -0.64 53.91
C THR C 224 -2.37 -0.68 53.46
N ALA C 225 -1.46 -1.18 54.30
CA ALA C 225 -0.08 -1.45 53.91
C ALA C 225 0.10 -2.86 53.36
N ASP C 226 -0.99 -3.48 52.89
CA ASP C 226 -0.93 -4.86 52.39
CA ASP C 226 -0.92 -4.86 52.40
C ASP C 226 0.01 -4.99 51.21
N TYR C 227 0.06 -3.96 50.34
CA TYR C 227 0.95 -3.96 49.18
C TYR C 227 2.42 -3.91 49.57
N ILE C 228 2.74 -3.53 50.81
CA ILE C 228 4.11 -3.60 51.29
C ILE C 228 4.39 -4.96 51.93
N CYS C 229 3.35 -5.64 52.45
CA CYS C 229 3.59 -6.75 53.35
C CYS C 229 2.98 -8.07 52.86
N LYS C 230 2.58 -8.14 51.58
CA LYS C 230 2.02 -9.36 51.03
C LYS C 230 3.05 -10.49 50.97
N VAL C 231 4.33 -10.13 50.86
CA VAL C 231 5.37 -11.14 50.89
C VAL C 231 5.71 -11.55 52.32
N LYS C 232 5.27 -10.76 53.31
CA LYS C 232 5.63 -11.02 54.70
C LYS C 232 4.45 -11.48 55.55
N TRP C 233 3.23 -10.99 55.26
CA TRP C 233 2.06 -11.49 55.97
C TRP C 233 1.59 -12.81 55.39
N GLY C 234 1.32 -12.83 54.09
CA GLY C 234 0.81 -14.05 53.46
C GLY C 234 -0.68 -14.17 53.62
N ASP C 235 -1.13 -15.39 53.92
CA ASP C 235 -2.56 -15.67 54.10
C ASP C 235 -2.98 -15.22 55.50
N ILE C 236 -3.19 -13.91 55.61
CA ILE C 236 -3.57 -13.26 56.86
C ILE C 236 -5.07 -12.99 56.85
N GLU C 237 -5.73 -13.29 57.96
CA GLU C 237 -7.16 -13.07 58.09
C GLU C 237 -7.43 -12.01 59.14
N PHE C 238 -8.41 -11.15 58.86
CA PHE C 238 -8.84 -10.14 59.82
C PHE C 238 -10.21 -10.53 60.37
N PRO C 239 -10.31 -10.85 61.66
CA PRO C 239 -11.58 -11.33 62.21
C PRO C 239 -12.53 -10.18 62.46
N PRO C 240 -13.84 -10.44 62.51
CA PRO C 240 -14.78 -9.43 62.96
C PRO C 240 -14.73 -9.29 64.47
N PRO C 241 -15.29 -8.22 65.03
CA PRO C 241 -15.43 -8.15 66.49
C PRO C 241 -16.48 -9.14 66.97
N PHE C 242 -16.41 -9.46 68.26
CA PHE C 242 -17.32 -10.44 68.83
C PHE C 242 -18.70 -9.82 68.99
N GLY C 243 -19.67 -10.41 68.32
CA GLY C 243 -21.06 -9.96 68.42
C GLY C 243 -21.94 -11.09 67.97
N ARG C 244 -23.13 -10.73 67.50
CA ARG C 244 -24.11 -11.72 67.08
C ARG C 244 -23.68 -12.37 65.76
N GLU C 245 -24.28 -13.53 65.49
CA GLU C 245 -23.98 -14.26 64.27
C GLU C 245 -24.56 -13.51 63.07
N ALA C 246 -23.78 -13.44 61.99
CA ALA C 246 -24.19 -12.69 60.80
C ALA C 246 -25.31 -13.42 60.08
N TYR C 247 -26.32 -12.66 59.66
CA TYR C 247 -27.41 -13.21 58.87
C TYR C 247 -26.90 -13.59 57.48
N PRO C 248 -27.54 -14.57 56.82
CA PRO C 248 -27.09 -14.95 55.47
C PRO C 248 -27.24 -13.86 54.43
N GLU C 249 -28.19 -12.93 54.61
CA GLU C 249 -28.29 -11.82 53.68
C GLU C 249 -27.20 -10.79 53.91
N GLU C 250 -26.77 -10.61 55.18
CA GLU C 250 -25.58 -9.80 55.45
C GLU C 250 -24.34 -10.42 54.82
N ALA C 251 -24.24 -11.75 54.83
CA ALA C 251 -23.15 -12.42 54.16
C ALA C 251 -23.23 -12.28 52.64
N TYR C 252 -24.45 -12.26 52.08
CA TYR C 252 -24.60 -12.07 50.64
C TYR C 252 -24.20 -10.66 50.21
N ILE C 253 -24.58 -9.65 51.00
CA ILE C 253 -24.17 -8.28 50.70
C ILE C 253 -22.66 -8.13 50.90
N ALA C 254 -22.08 -8.85 51.86
CA ALA C 254 -20.63 -8.85 52.02
C ALA C 254 -19.93 -9.50 50.83
N ASP C 255 -20.51 -10.56 50.27
CA ASP C 255 -19.95 -11.19 49.08
C ASP C 255 -20.03 -10.27 47.86
N LEU C 256 -21.18 -9.60 47.70
CA LEU C 256 -21.36 -8.68 46.58
C LEU C 256 -20.46 -7.46 46.70
N ASP C 257 -20.16 -7.03 47.92
CA ASP C 257 -19.13 -6.00 48.10
C ASP C 257 -17.74 -6.54 47.82
N ALA C 258 -17.48 -7.79 48.19
CA ALA C 258 -16.15 -8.36 48.05
C ALA C 258 -15.78 -8.66 46.61
N LYS C 259 -16.76 -8.93 45.75
CA LYS C 259 -16.40 -9.17 44.35
C LYS C 259 -16.33 -7.87 43.55
N SER C 260 -17.05 -6.84 43.98
CA SER C 260 -17.16 -5.58 43.25
C SER C 260 -16.11 -4.58 43.71
N GLY C 261 -16.09 -3.43 43.04
CA GLY C 261 -15.12 -2.39 43.35
C GLY C 261 -15.72 -1.25 44.15
N ALA C 262 -17.05 -1.21 44.23
CA ALA C 262 -17.75 -0.19 44.98
C ALA C 262 -17.77 -0.54 46.48
N SER C 263 -18.34 0.37 47.26
CA SER C 263 -18.46 0.19 48.70
C SER C 263 -19.91 -0.13 49.06
N LEU C 264 -20.15 -1.38 49.45
CA LEU C 264 -21.47 -1.87 49.83
C LEU C 264 -21.40 -2.31 51.29
N LYS C 265 -22.27 -1.76 52.12
CA LYS C 265 -22.31 -2.13 53.53
C LYS C 265 -23.75 -2.32 53.95
N LEU C 266 -23.98 -3.29 54.84
CA LEU C 266 -25.30 -3.55 55.38
C LEU C 266 -25.14 -4.22 56.73
N THR C 267 -25.67 -3.60 57.78
CA THR C 267 -25.69 -4.22 59.11
C THR C 267 -27.05 -3.94 59.74
N LEU C 268 -27.71 -5.00 60.21
CA LEU C 268 -29.01 -4.86 60.82
C LEU C 268 -28.88 -4.47 62.29
N LEU C 269 -29.78 -3.60 62.75
CA LEU C 269 -29.89 -3.31 64.17
C LEU C 269 -30.95 -4.12 64.87
N ASN C 270 -32.11 -4.30 64.22
CA ASN C 270 -33.11 -5.30 64.55
C ASN C 270 -33.92 -5.65 63.30
N PRO C 271 -34.13 -6.93 63.01
CA PRO C 271 -34.78 -7.31 61.75
C PRO C 271 -36.27 -6.98 61.68
N LYS C 272 -36.91 -6.69 62.81
CA LYS C 272 -38.34 -6.37 62.81
C LYS C 272 -38.52 -4.89 63.15
N GLY C 273 -37.75 -4.04 62.49
CA GLY C 273 -37.97 -2.62 62.56
C GLY C 273 -38.77 -2.12 61.36
N ARG C 274 -39.29 -0.90 61.49
CA ARG C 274 -40.04 -0.29 60.41
C ARG C 274 -39.27 0.77 59.65
N ILE C 275 -38.16 1.28 60.21
CA ILE C 275 -37.38 2.33 59.57
C ILE C 275 -36.19 1.65 58.90
N TRP C 276 -36.36 1.28 57.64
CA TRP C 276 -35.29 0.73 56.82
C TRP C 276 -34.71 1.84 55.96
N THR C 277 -33.39 1.93 55.91
CA THR C 277 -32.71 2.98 55.16
C THR C 277 -31.77 2.38 54.13
N MET C 278 -31.79 3.00 52.94
CA MET C 278 -30.91 2.65 51.83
C MET C 278 -30.31 3.97 51.35
N VAL C 279 -29.17 4.36 51.93
CA VAL C 279 -28.59 5.67 51.74
C VAL C 279 -27.36 5.56 50.84
N ALA C 280 -27.24 6.47 49.87
CA ALA C 280 -26.00 6.63 49.12
C ALA C 280 -25.10 7.62 49.86
N GLY C 281 -23.97 7.12 50.36
CA GLY C 281 -23.02 7.95 51.08
C GLY C 281 -22.62 7.38 52.42
N GLY C 282 -21.41 7.68 52.88
CA GLY C 282 -20.95 7.19 54.15
C GLY C 282 -21.31 8.12 55.30
N GLY C 283 -20.78 9.35 55.24
CA GLY C 283 -21.16 10.35 56.20
C GLY C 283 -22.63 10.72 56.12
N ALA C 284 -23.21 10.62 54.92
CA ALA C 284 -24.65 10.83 54.76
C ALA C 284 -25.45 9.80 55.56
N SER C 285 -25.14 8.50 55.40
CA SER C 285 -25.87 7.46 56.12
C SER C 285 -25.62 7.54 57.63
N VAL C 286 -24.41 7.97 58.02
CA VAL C 286 -24.14 8.21 59.43
C VAL C 286 -25.02 9.33 59.98
N VAL C 287 -25.21 10.40 59.20
CA VAL C 287 -26.05 11.51 59.65
C VAL C 287 -27.54 11.13 59.64
N TYR C 288 -27.99 10.33 58.67
CA TYR C 288 -29.38 9.85 58.67
C TYR C 288 -29.67 8.95 59.85
N SER C 289 -28.76 8.01 60.16
CA SER C 289 -28.98 7.15 61.32
C SER C 289 -28.88 7.94 62.62
N ASP C 290 -28.04 8.97 62.66
CA ASP C 290 -27.94 9.86 63.81
C ASP C 290 -29.27 10.59 64.04
N THR C 291 -29.85 11.12 62.96
CA THR C 291 -31.09 11.88 63.07
C THR C 291 -32.26 10.97 63.39
N ILE C 292 -32.21 9.71 62.95
CA ILE C 292 -33.27 8.75 63.32
C ILE C 292 -33.17 8.40 64.80
N CYS C 293 -31.96 8.11 65.29
CA CYS C 293 -31.80 7.77 66.70
C CYS C 293 -31.84 8.98 67.63
N ASP C 294 -31.90 10.21 67.12
CA ASP C 294 -32.16 11.34 68.00
C ASP C 294 -33.59 11.86 67.93
N LEU C 295 -34.37 11.44 66.93
CA LEU C 295 -35.77 11.86 66.82
C LEU C 295 -36.74 10.74 67.21
N GLY C 296 -36.39 9.92 68.20
CA GLY C 296 -37.30 8.95 68.75
C GLY C 296 -37.32 7.59 68.08
N GLY C 297 -36.57 7.40 67.02
CA GLY C 297 -36.54 6.13 66.33
C GLY C 297 -35.40 5.24 66.76
N VAL C 298 -35.13 5.19 68.07
CA VAL C 298 -34.00 4.44 68.59
C VAL C 298 -34.25 2.94 68.48
N ASN C 299 -35.48 2.50 68.75
CA ASN C 299 -35.76 1.09 68.95
C ASN C 299 -35.98 0.35 67.65
N GLU C 300 -36.77 0.93 66.75
CA GLU C 300 -37.18 0.29 65.52
C GLU C 300 -36.41 0.77 64.30
N LEU C 301 -35.26 1.44 64.48
CA LEU C 301 -34.33 1.61 63.38
C LEU C 301 -33.79 0.25 63.00
N ALA C 302 -34.13 -0.21 61.80
CA ALA C 302 -33.92 -1.61 61.46
C ALA C 302 -32.48 -1.91 61.08
N ASN C 303 -31.82 -0.99 60.38
CA ASN C 303 -30.49 -1.26 59.87
C ASN C 303 -29.74 0.04 59.66
N TYR C 304 -28.43 -0.09 59.43
CA TYR C 304 -27.64 0.98 58.86
C TYR C 304 -26.70 0.35 57.85
N GLY C 305 -26.62 0.97 56.69
CA GLY C 305 -25.78 0.48 55.60
C GLY C 305 -25.78 1.53 54.52
N GLU C 306 -24.98 1.28 53.49
CA GLU C 306 -24.83 2.27 52.45
C GLU C 306 -24.41 1.61 51.15
N TYR C 307 -24.62 2.35 50.07
CA TYR C 307 -24.12 1.99 48.74
C TYR C 307 -23.42 3.23 48.18
N SER C 308 -22.12 3.12 47.99
CA SER C 308 -21.34 4.27 47.51
C SER C 308 -20.22 3.76 46.62
N GLY C 309 -19.45 4.71 46.09
CA GLY C 309 -18.46 4.38 45.08
C GLY C 309 -19.04 4.11 43.71
N ALA C 310 -20.28 4.57 43.45
CA ALA C 310 -21.05 4.41 42.22
C ALA C 310 -21.16 2.96 41.78
N PRO C 311 -21.99 2.15 42.43
CA PRO C 311 -22.14 0.75 42.03
C PRO C 311 -22.87 0.60 40.70
N SER C 312 -22.82 -0.61 40.16
CA SER C 312 -23.42 -0.89 38.86
C SER C 312 -24.94 -1.02 39.01
N GLU C 313 -25.60 -1.30 37.89
CA GLU C 313 -27.04 -1.50 37.90
C GLU C 313 -27.42 -2.80 38.57
N GLN C 314 -26.70 -3.88 38.26
CA GLN C 314 -26.96 -5.20 38.86
C GLN C 314 -26.65 -5.19 40.35
N GLN C 315 -25.62 -4.44 40.76
CA GLN C 315 -25.22 -4.43 42.15
C GLN C 315 -26.22 -3.67 43.03
N THR C 316 -26.69 -2.50 42.57
CA THR C 316 -27.72 -1.81 43.32
C THR C 316 -29.08 -2.48 43.18
N TYR C 317 -29.32 -3.25 42.11
CA TYR C 317 -30.55 -4.05 42.05
C TYR C 317 -30.52 -5.16 43.10
N ASP C 318 -29.37 -5.82 43.27
CA ASP C 318 -29.26 -6.85 44.28
C ASP C 318 -29.34 -6.26 45.69
N TYR C 319 -28.74 -5.08 45.91
CA TYR C 319 -28.81 -4.45 47.21
C TYR C 319 -30.23 -4.02 47.56
N ALA C 320 -30.93 -3.40 46.62
CA ALA C 320 -32.30 -3.00 46.87
C ALA C 320 -33.24 -4.20 46.94
N LYS C 321 -32.92 -5.28 46.22
CA LYS C 321 -33.68 -6.53 46.33
C LYS C 321 -33.56 -7.13 47.72
N THR C 322 -32.33 -7.15 48.27
CA THR C 322 -32.11 -7.70 49.60
C THR C 322 -32.78 -6.85 50.67
N ILE C 323 -32.70 -5.52 50.55
CA ILE C 323 -33.29 -4.67 51.57
C ILE C 323 -34.82 -4.61 51.43
N LEU C 324 -35.36 -4.93 50.25
CA LEU C 324 -36.81 -5.01 50.11
C LEU C 324 -37.34 -6.35 50.59
N SER C 325 -36.56 -7.42 50.41
CA SER C 325 -36.98 -8.74 50.88
C SER C 325 -36.87 -8.86 52.38
N LEU C 326 -35.89 -8.18 53.00
CA LEU C 326 -35.73 -8.30 54.45
C LEU C 326 -36.79 -7.57 55.24
N MET C 327 -37.52 -6.63 54.64
CA MET C 327 -38.66 -6.02 55.30
C MET C 327 -39.98 -6.54 54.76
N THR C 328 -39.95 -7.71 54.11
CA THR C 328 -41.14 -8.39 53.63
C THR C 328 -41.52 -9.56 54.55
N ARG C 329 -40.58 -10.02 55.38
CA ARG C 329 -40.74 -11.25 56.15
C ARG C 329 -41.85 -11.15 57.20
N GLU C 330 -41.93 -10.02 57.90
CA GLU C 330 -42.99 -9.78 58.86
C GLU C 330 -43.47 -8.34 58.77
N LYS C 331 -44.63 -8.09 59.37
CA LYS C 331 -45.31 -6.80 59.27
C LYS C 331 -45.31 -6.12 60.63
N HIS C 332 -45.49 -4.79 60.63
CA HIS C 332 -45.47 -3.96 61.81
C HIS C 332 -46.75 -3.14 61.76
N PRO C 333 -47.47 -3.03 62.88
CA PRO C 333 -48.82 -2.41 62.84
C PRO C 333 -48.81 -0.91 62.54
N ASP C 334 -47.72 -0.20 62.85
CA ASP C 334 -47.65 1.22 62.56
C ASP C 334 -47.28 1.50 61.11
N GLY C 335 -46.86 0.50 60.35
CA GLY C 335 -46.42 0.68 58.98
C GLY C 335 -44.92 0.87 58.89
N LYS C 336 -44.37 0.43 57.77
CA LYS C 336 -42.93 0.42 57.54
C LYS C 336 -42.51 1.60 56.67
N ILE C 337 -41.26 2.04 56.85
CA ILE C 337 -40.74 3.24 56.21
C ILE C 337 -39.46 2.86 55.48
N LEU C 338 -39.35 3.27 54.22
CA LEU C 338 -38.13 3.12 53.45
C LEU C 338 -37.55 4.49 53.15
N ILE C 339 -36.38 4.78 53.70
CA ILE C 339 -35.71 6.06 53.52
C ILE C 339 -34.61 5.85 52.49
N ILE C 340 -34.85 6.29 51.26
CA ILE C 340 -33.82 6.31 50.22
C ILE C 340 -33.33 7.75 50.15
N GLY C 341 -32.31 8.05 50.95
CA GLY C 341 -31.79 9.39 51.06
C GLY C 341 -30.47 9.55 50.33
N GLY C 342 -29.71 10.53 50.78
CA GLY C 342 -28.38 10.75 50.25
C GLY C 342 -28.09 12.23 50.20
N SER C 343 -26.80 12.53 50.08
CA SER C 343 -26.37 13.89 49.87
C SER C 343 -26.26 14.14 48.37
N ILE C 344 -25.66 15.27 48.00
CA ILE C 344 -25.52 15.63 46.60
C ILE C 344 -24.40 14.79 45.99
N ALA C 345 -24.74 13.98 44.99
CA ALA C 345 -23.74 13.19 44.30
C ALA C 345 -22.85 14.08 43.44
N ASN C 346 -21.63 13.59 43.18
CA ASN C 346 -20.65 14.37 42.43
C ASN C 346 -20.82 14.17 40.92
N PHE C 347 -20.70 12.92 40.46
CA PHE C 347 -20.74 12.63 39.04
C PHE C 347 -21.69 11.51 38.68
N THR C 348 -22.31 10.86 39.65
CA THR C 348 -23.19 9.73 39.37
C THR C 348 -24.50 10.20 38.77
N ASN C 349 -24.89 9.56 37.66
CA ASN C 349 -26.21 9.79 37.11
C ASN C 349 -27.25 9.18 38.05
N VAL C 350 -28.19 10.02 38.50
CA VAL C 350 -29.19 9.59 39.48
C VAL C 350 -30.13 8.55 38.86
N ALA C 351 -30.36 8.66 37.55
CA ALA C 351 -31.31 7.78 36.87
C ALA C 351 -30.83 6.34 36.77
N ALA C 352 -29.50 6.09 36.79
CA ALA C 352 -29.03 4.71 36.70
C ALA C 352 -29.26 3.94 38.00
N THR C 353 -28.88 4.56 39.14
CA THR C 353 -29.14 3.93 40.43
C THR C 353 -30.64 3.87 40.72
N PHE C 354 -31.39 4.90 40.31
CA PHE C 354 -32.84 4.82 40.46
C PHE C 354 -33.46 3.81 39.51
N LYS C 355 -32.80 3.49 38.40
CA LYS C 355 -33.27 2.41 37.53
C LYS C 355 -33.05 1.06 38.20
N GLY C 356 -31.95 0.90 38.92
CA GLY C 356 -31.77 -0.28 39.76
C GLY C 356 -32.82 -0.39 40.86
N ILE C 357 -33.13 0.74 41.50
CA ILE C 357 -34.12 0.74 42.58
C ILE C 357 -35.52 0.43 42.06
N VAL C 358 -35.88 0.98 40.89
CA VAL C 358 -37.21 0.67 40.37
C VAL C 358 -37.27 -0.73 39.77
N ARG C 359 -36.12 -1.28 39.36
CA ARG C 359 -36.10 -2.69 38.95
C ARG C 359 -36.31 -3.60 40.16
N ALA C 360 -35.88 -3.16 41.33
CA ALA C 360 -36.21 -3.93 42.53
C ALA C 360 -37.64 -3.68 43.00
N ILE C 361 -38.15 -2.46 42.87
CA ILE C 361 -39.43 -2.08 43.44
C ILE C 361 -40.58 -2.57 42.58
N ARG C 362 -40.53 -2.32 41.27
CA ARG C 362 -41.63 -2.70 40.38
C ARG C 362 -41.73 -4.21 40.19
N ASP C 363 -40.67 -4.96 40.52
CA ASP C 363 -40.75 -6.41 40.60
C ASP C 363 -41.27 -6.87 41.96
N TYR C 364 -41.18 -6.03 42.99
CA TYR C 364 -41.63 -6.35 44.35
C TYR C 364 -42.78 -5.44 44.77
N GLN C 365 -43.63 -5.01 43.84
CA GLN C 365 -44.64 -4.00 44.15
C GLN C 365 -45.74 -4.57 45.04
N GLY C 366 -46.18 -5.80 44.77
CA GLY C 366 -47.17 -6.50 45.55
C GLY C 366 -46.82 -6.71 47.01
N PRO C 367 -45.73 -7.45 47.30
CA PRO C 367 -45.31 -7.63 48.70
C PRO C 367 -44.93 -6.37 49.43
N LEU C 368 -44.53 -5.30 48.72
CA LEU C 368 -44.27 -4.04 49.41
C LEU C 368 -45.56 -3.34 49.77
N LYS C 369 -46.57 -3.35 48.89
CA LYS C 369 -47.83 -2.76 49.32
C LYS C 369 -48.70 -3.72 50.12
N GLU C 370 -48.21 -4.93 50.42
CA GLU C 370 -48.83 -5.72 51.48
C GLU C 370 -48.54 -5.13 52.85
N HIS C 371 -47.28 -4.79 53.11
CA HIS C 371 -46.81 -4.52 54.47
C HIS C 371 -46.95 -3.07 54.90
N GLU C 372 -47.73 -2.27 54.15
CA GLU C 372 -48.10 -0.89 54.48
C GLU C 372 -46.86 0.01 54.60
N VAL C 373 -46.14 0.11 53.49
CA VAL C 373 -44.85 0.80 53.47
C VAL C 373 -45.05 2.21 52.93
N THR C 374 -44.17 3.11 53.33
CA THR C 374 -44.12 4.47 52.81
C THR C 374 -42.67 4.80 52.49
N ILE C 375 -42.43 5.25 51.25
CA ILE C 375 -41.08 5.45 50.75
C ILE C 375 -40.81 6.96 50.68
N PHE C 376 -39.79 7.42 51.38
CA PHE C 376 -39.37 8.81 51.32
C PHE C 376 -37.99 8.87 50.68
N VAL C 377 -37.86 9.69 49.64
CA VAL C 377 -36.67 9.74 48.81
C VAL C 377 -36.15 11.17 48.80
N ARG C 378 -34.86 11.34 49.07
CA ARG C 378 -34.21 12.63 48.90
C ARG C 378 -32.90 12.43 48.15
N ARG C 379 -32.64 13.29 47.18
CA ARG C 379 -31.50 13.10 46.30
C ARG C 379 -30.99 14.45 45.82
N GLY C 380 -29.79 14.43 45.25
CA GLY C 380 -29.22 15.58 44.60
C GLY C 380 -28.04 15.18 43.74
N GLY C 381 -27.76 15.99 42.74
CA GLY C 381 -26.60 15.77 41.91
C GLY C 381 -26.88 15.91 40.43
N PRO C 382 -26.14 15.14 39.62
CA PRO C 382 -26.33 15.19 38.16
C PRO C 382 -27.60 14.46 37.76
N ASN C 383 -28.54 15.21 37.15
CA ASN C 383 -29.81 14.70 36.62
C ASN C 383 -30.65 14.04 37.71
N TYR C 384 -30.88 14.79 38.79
CA TYR C 384 -31.64 14.23 39.90
C TYR C 384 -33.14 14.43 39.73
N GLN C 385 -33.54 15.50 39.05
CA GLN C 385 -34.96 15.83 38.92
C GLN C 385 -35.70 14.79 38.08
N GLU C 386 -35.07 14.33 37.00
CA GLU C 386 -35.67 13.32 36.16
C GLU C 386 -35.72 11.96 36.84
N GLY C 387 -34.74 11.64 37.68
CA GLY C 387 -34.80 10.40 38.44
C GLY C 387 -35.87 10.43 39.51
N LEU C 388 -36.04 11.59 40.17
CA LEU C 388 -37.14 11.76 41.11
C LEU C 388 -38.49 11.63 40.42
N ARG C 389 -38.60 12.18 39.20
CA ARG C 389 -39.84 12.04 38.44
C ARG C 389 -40.10 10.59 38.05
N VAL C 390 -39.04 9.85 37.69
CA VAL C 390 -39.18 8.43 37.37
C VAL C 390 -39.68 7.64 38.57
N MET C 391 -39.06 7.83 39.74
CA MET C 391 -39.50 7.03 40.87
C MET C 391 -40.83 7.51 41.45
N GLY C 392 -41.18 8.78 41.26
CA GLY C 392 -42.53 9.22 41.61
C GLY C 392 -43.59 8.66 40.70
N GLU C 393 -43.32 8.55 39.39
CA GLU C 393 -44.32 7.95 38.53
C GLU C 393 -44.39 6.43 38.70
N VAL C 394 -43.29 5.79 39.10
CA VAL C 394 -43.37 4.38 39.48
C VAL C 394 -44.20 4.20 40.76
N GLY C 395 -44.10 5.14 41.70
CA GLY C 395 -44.99 5.12 42.85
C GLY C 395 -46.44 5.37 42.49
N LYS C 396 -46.69 6.23 41.50
CA LYS C 396 -48.06 6.54 41.10
C LYS C 396 -48.72 5.41 40.32
N THR C 397 -47.97 4.70 39.47
CA THR C 397 -48.57 3.54 38.79
C THR C 397 -48.68 2.33 39.72
N THR C 398 -47.63 2.03 40.48
CA THR C 398 -47.67 0.84 41.33
C THR C 398 -48.52 1.02 42.58
N GLY C 399 -48.90 2.25 42.91
CA GLY C 399 -49.74 2.51 44.06
C GLY C 399 -48.99 2.67 45.37
N ILE C 400 -47.69 2.41 45.39
CA ILE C 400 -46.91 2.57 46.62
C ILE C 400 -46.67 4.07 46.84
N PRO C 401 -46.88 4.58 48.06
CA PRO C 401 -46.61 6.01 48.32
C PRO C 401 -45.12 6.33 48.30
N ILE C 402 -44.69 7.11 47.32
CA ILE C 402 -43.29 7.53 47.18
C ILE C 402 -43.26 9.04 47.16
N HIS C 403 -42.62 9.64 48.17
CA HIS C 403 -42.48 11.09 48.26
C HIS C 403 -41.05 11.46 47.92
N VAL C 404 -40.85 12.01 46.74
CA VAL C 404 -39.52 12.36 46.27
C VAL C 404 -39.20 13.79 46.67
N PHE C 405 -37.92 14.08 46.89
CA PHE C 405 -37.47 15.38 47.35
C PHE C 405 -36.11 15.70 46.74
N GLY C 406 -35.86 16.99 46.55
CA GLY C 406 -34.62 17.42 45.93
C GLY C 406 -33.66 18.10 46.87
N THR C 407 -32.88 19.04 46.35
CA THR C 407 -31.93 19.81 47.15
C THR C 407 -32.57 21.01 47.82
N GLU C 408 -33.85 21.26 47.59
CA GLU C 408 -34.54 22.36 48.27
C GLU C 408 -34.94 21.97 49.69
N THR C 409 -34.96 20.68 49.99
CA THR C 409 -35.24 20.16 51.32
C THR C 409 -33.92 20.00 52.07
N HIS C 410 -33.96 20.13 53.40
CA HIS C 410 -32.85 19.70 54.23
C HIS C 410 -32.64 18.20 54.08
N MET C 411 -31.41 17.74 54.37
CA MET C 411 -31.02 16.38 54.04
C MET C 411 -31.77 15.36 54.89
N THR C 412 -31.79 15.56 56.20
CA THR C 412 -32.43 14.64 57.14
C THR C 412 -33.78 15.12 57.61
N ALA C 413 -34.43 15.99 56.84
CA ALA C 413 -35.81 16.37 57.17
C ALA C 413 -36.76 15.21 56.89
N ILE C 414 -36.42 14.34 55.95
CA ILE C 414 -37.36 13.31 55.48
C ILE C 414 -37.54 12.22 56.53
N VAL C 415 -36.57 12.03 57.42
CA VAL C 415 -36.80 11.14 58.56
C VAL C 415 -37.48 11.85 59.72
N GLY C 416 -37.51 13.20 59.72
CA GLY C 416 -38.33 13.91 60.68
C GLY C 416 -39.81 13.90 60.30
N MET C 417 -40.11 13.96 59.01
CA MET C 417 -41.47 13.84 58.50
C MET C 417 -41.85 12.42 58.07
N ALA C 418 -40.91 11.48 58.13
CA ALA C 418 -41.29 10.08 57.99
C ALA C 418 -41.88 9.54 59.28
N LEU C 419 -41.33 9.98 60.42
CA LEU C 419 -41.82 9.58 61.74
C LEU C 419 -42.99 10.42 62.23
N GLY C 420 -43.52 11.32 61.39
CA GLY C 420 -44.70 12.08 61.75
C GLY C 420 -44.47 13.18 62.76
N HIS C 421 -43.23 13.61 62.96
CA HIS C 421 -42.94 14.66 63.93
C HIS C 421 -43.09 16.05 63.31
N ARG C 422 -43.21 16.14 61.99
CA ARG C 422 -43.38 17.37 61.25
C ARG C 422 -44.16 17.01 59.99
N PRO C 423 -44.96 17.92 59.44
CA PRO C 423 -45.92 17.54 58.39
C PRO C 423 -45.26 17.16 57.07
N ILE C 424 -46.08 16.54 56.21
CA ILE C 424 -45.66 16.06 54.90
C ILE C 424 -46.16 17.08 53.86
N PRO C 425 -45.27 17.87 53.24
CA PRO C 425 -45.68 18.80 52.17
C PRO C 425 -46.12 18.07 50.90
N GLY C 487 7.28 28.52 57.63
CA GLY C 487 5.97 29.00 58.01
C GLY C 487 4.91 28.74 56.97
N LYS C 488 3.71 28.37 57.42
CA LYS C 488 2.61 28.03 56.53
C LYS C 488 1.84 29.29 56.15
N SER C 489 1.39 29.35 54.89
CA SER C 489 0.69 30.52 54.41
C SER C 489 -0.75 30.53 54.95
N THR C 490 -1.39 31.69 54.81
CA THR C 490 -2.78 31.86 55.20
C THR C 490 -3.72 32.08 54.02
N THR C 491 -3.20 32.51 52.88
CA THR C 491 -3.98 32.61 51.65
C THR C 491 -3.46 31.52 50.72
N LEU C 492 -4.10 30.35 50.76
CA LEU C 492 -3.67 29.25 49.91
C LEU C 492 -4.04 29.49 48.45
N PHE C 493 -5.26 29.92 48.21
CA PHE C 493 -5.79 30.06 46.85
C PHE C 493 -6.17 31.51 46.58
N SER C 494 -6.08 31.89 45.31
CA SER C 494 -6.39 33.24 44.87
C SER C 494 -6.81 33.16 43.41
N ARG C 495 -7.09 34.33 42.83
CA ARG C 495 -7.45 34.39 41.42
C ARG C 495 -6.24 34.38 40.50
N HIS C 496 -5.03 34.24 41.04
CA HIS C 496 -3.82 34.07 40.25
C HIS C 496 -3.11 32.77 40.59
N THR C 497 -3.81 31.84 41.21
CA THR C 497 -3.21 30.58 41.63
C THR C 497 -3.11 29.63 40.44
N LYS C 498 -1.91 29.09 40.23
CA LYS C 498 -1.71 28.13 39.16
C LYS C 498 -1.28 26.78 39.73
N ALA C 499 -1.78 25.72 39.10
CA ALA C 499 -1.67 24.36 39.60
C ALA C 499 -0.95 23.46 38.61
N ILE C 500 -0.40 22.38 39.13
CA ILE C 500 0.15 21.29 38.36
C ILE C 500 -0.51 20.01 38.85
N VAL C 501 -1.10 19.25 37.94
CA VAL C 501 -1.87 18.07 38.28
C VAL C 501 -1.02 16.84 38.01
N TRP C 502 -0.88 15.97 38.99
CA TRP C 502 -0.16 14.72 38.81
C TRP C 502 -1.17 13.64 38.44
N GLY C 503 -1.10 13.16 37.21
CA GLY C 503 -1.97 12.09 36.78
C GLY C 503 -2.72 12.42 35.50
N MET C 504 -3.31 11.41 34.87
CA MET C 504 -4.10 11.60 33.65
C MET C 504 -5.54 11.80 34.08
N GLN C 505 -5.89 13.04 34.38
CA GLN C 505 -7.15 13.39 35.05
C GLN C 505 -7.85 14.51 34.29
N THR C 506 -8.05 14.30 32.98
CA THR C 506 -8.62 15.32 32.10
C THR C 506 -10.02 15.74 32.52
N ARG C 507 -10.78 14.86 33.16
CA ARG C 507 -12.11 15.23 33.63
C ARG C 507 -12.02 16.23 34.77
N ALA C 508 -11.10 16.02 35.69
CA ALA C 508 -10.92 16.94 36.81
C ALA C 508 -10.35 18.26 36.35
N VAL C 509 -9.41 18.24 35.40
CA VAL C 509 -8.83 19.46 34.86
C VAL C 509 -9.89 20.25 34.09
N GLN C 510 -10.76 19.56 33.37
CA GLN C 510 -11.82 20.24 32.64
C GLN C 510 -12.87 20.83 33.59
N GLY C 511 -13.13 20.13 34.70
CA GLY C 511 -14.00 20.70 35.72
C GLY C 511 -13.41 21.94 36.37
N MET C 512 -12.10 21.93 36.58
CA MET C 512 -11.42 23.11 37.12
C MET C 512 -11.47 24.28 36.15
N LEU C 513 -11.29 24.02 34.85
CA LEU C 513 -11.35 25.10 33.87
C LEU C 513 -12.77 25.63 33.70
N ASP C 514 -13.77 24.75 33.78
CA ASP C 514 -15.16 25.18 33.73
C ASP C 514 -15.51 26.03 34.94
N PHE C 515 -15.02 25.65 36.12
CA PHE C 515 -15.18 26.45 37.32
C PHE C 515 -14.52 27.82 37.18
N ASP C 516 -13.34 27.86 36.55
CA ASP C 516 -12.67 29.13 36.35
C ASP C 516 -13.41 30.01 35.36
N TYR C 517 -14.06 29.42 34.36
CA TYR C 517 -14.81 30.23 33.42
C TYR C 517 -16.09 30.77 34.04
N VAL C 518 -16.78 29.97 34.86
CA VAL C 518 -18.00 30.48 35.49
C VAL C 518 -17.71 31.40 36.67
N CYS C 519 -16.46 31.46 37.14
CA CYS C 519 -16.05 32.41 38.17
C CYS C 519 -15.41 33.67 37.60
N SER C 520 -15.53 33.89 36.28
CA SER C 520 -15.07 35.11 35.59
C SER C 520 -13.57 35.33 35.76
N ARG C 521 -12.81 34.25 35.85
CA ARG C 521 -11.39 34.32 36.06
C ARG C 521 -10.69 34.59 34.71
N ASP C 522 -9.47 35.15 34.78
CA ASP C 522 -8.72 35.52 33.60
C ASP C 522 -8.00 34.34 32.97
N GLU C 523 -7.39 33.50 33.78
CA GLU C 523 -6.44 32.49 33.36
C GLU C 523 -6.87 31.14 33.93
N PRO C 524 -6.54 30.03 33.26
CA PRO C 524 -6.82 28.71 33.83
C PRO C 524 -6.07 28.44 35.13
N SER C 525 -6.62 27.54 35.94
CA SER C 525 -5.95 27.12 37.16
C SER C 525 -4.83 26.12 36.90
N VAL C 526 -4.92 25.33 35.85
CA VAL C 526 -3.96 24.26 35.58
C VAL C 526 -2.97 24.77 34.55
N ALA C 527 -1.70 24.74 34.91
CA ALA C 527 -0.64 25.14 34.00
C ALA C 527 -0.06 23.94 33.26
N ALA C 528 0.03 22.80 33.93
CA ALA C 528 0.62 21.61 33.33
C ALA C 528 0.01 20.37 33.98
N MET C 529 0.26 19.23 33.35
CA MET C 529 -0.05 17.93 33.92
C MET C 529 1.23 17.11 33.95
N VAL C 530 1.31 16.16 34.88
CA VAL C 530 2.47 15.29 35.01
C VAL C 530 1.98 13.85 34.94
N TYR C 531 2.28 13.18 33.84
CA TYR C 531 2.01 11.74 33.69
C TYR C 531 3.29 11.07 33.27
N PRO C 532 3.88 10.22 34.12
CA PRO C 532 5.22 9.68 33.83
C PRO C 532 5.25 8.57 32.79
N PHE C 533 4.11 8.06 32.32
CA PHE C 533 4.09 6.92 31.44
C PHE C 533 3.93 7.30 29.97
N THR C 534 4.13 8.56 29.62
CA THR C 534 4.09 9.00 28.23
C THR C 534 4.96 10.24 28.09
N GLY C 535 5.26 10.59 26.85
CA GLY C 535 6.14 11.70 26.55
C GLY C 535 5.46 13.05 26.72
N ASP C 536 6.23 14.09 26.44
CA ASP C 536 5.77 15.46 26.60
C ASP C 536 4.89 15.81 25.41
N HIS C 537 3.62 16.10 25.66
CA HIS C 537 2.71 16.48 24.59
C HIS C 537 1.78 17.56 25.12
N LYS C 538 0.70 17.84 24.40
CA LYS C 538 -0.30 18.81 24.84
C LYS C 538 -1.68 18.14 24.82
N GLN C 539 -2.47 18.41 25.84
CA GLN C 539 -3.84 17.94 25.93
C GLN C 539 -4.78 19.08 25.59
N LYS C 540 -5.89 18.76 24.94
CA LYS C 540 -6.84 19.77 24.46
C LYS C 540 -7.98 19.90 25.45
N PHE C 541 -8.20 21.12 25.95
CA PHE C 541 -9.21 21.39 26.96
C PHE C 541 -10.07 22.56 26.49
N TYR C 542 -11.13 22.83 27.26
CA TYR C 542 -12.10 23.87 26.92
C TYR C 542 -12.05 25.00 27.92
N TRP C 543 -12.00 26.22 27.42
CA TRP C 543 -12.15 27.46 28.18
C TRP C 543 -13.44 28.09 27.66
N GLY C 544 -14.55 27.77 28.30
CA GLY C 544 -15.85 28.24 27.86
C GLY C 544 -16.23 27.61 26.54
N HIS C 545 -16.19 28.42 25.48
CA HIS C 545 -16.36 27.94 24.13
C HIS C 545 -15.03 27.70 23.42
N LYS C 546 -13.98 28.44 23.80
CA LYS C 546 -12.70 28.35 23.12
C LYS C 546 -11.97 27.08 23.56
N GLU C 547 -11.07 26.59 22.72
CA GLU C 547 -10.26 25.42 23.06
C GLU C 547 -8.83 25.86 23.32
N ILE C 548 -8.24 25.38 24.41
CA ILE C 548 -6.88 25.67 24.80
C ILE C 548 -6.10 24.36 24.86
N LEU C 549 -4.79 24.50 25.05
CA LEU C 549 -3.89 23.36 25.22
C LEU C 549 -3.18 23.47 26.55
N ILE C 550 -3.08 22.37 27.26
CA ILE C 550 -2.36 22.28 28.53
C ILE C 550 -1.24 21.25 28.36
N PRO C 551 0.02 21.61 28.64
CA PRO C 551 1.13 20.69 28.39
C PRO C 551 1.17 19.55 29.40
N VAL C 552 1.28 18.33 28.89
CA VAL C 552 1.45 17.14 29.69
C VAL C 552 2.92 16.76 29.64
N PHE C 553 3.60 16.94 30.76
CA PHE C 553 5.02 16.62 30.89
C PHE C 553 5.18 15.21 31.46
N LYS C 554 6.38 14.67 31.29
CA LYS C 554 6.68 13.33 31.78
C LYS C 554 7.33 13.39 33.16
N ASN C 555 8.31 14.25 33.34
CA ASN C 555 8.99 14.42 34.62
C ASN C 555 8.47 15.67 35.33
N MET C 556 8.57 15.67 36.65
CA MET C 556 8.08 16.79 37.43
C MET C 556 9.04 17.98 37.37
N ALA C 557 10.34 17.72 37.19
CA ALA C 557 11.32 18.80 37.08
C ALA C 557 11.12 19.60 35.81
N ASP C 558 10.74 18.94 34.72
CA ASP C 558 10.41 19.65 33.49
C ASP C 558 9.15 20.50 33.68
N ALA C 559 8.22 20.05 34.51
CA ALA C 559 7.01 20.82 34.77
C ALA C 559 7.29 22.00 35.67
N MET C 560 8.27 21.88 36.57
CA MET C 560 8.60 23.01 37.44
C MET C 560 9.50 24.03 36.76
N ARG C 561 10.33 23.59 35.81
CA ARG C 561 11.22 24.53 35.12
C ARG C 561 10.44 25.45 34.19
N LYS C 562 9.46 24.92 33.45
CA LYS C 562 8.70 25.74 32.54
C LYS C 562 7.69 26.62 33.24
N HIS C 563 7.31 26.29 34.47
CA HIS C 563 6.23 26.98 35.17
C HIS C 563 6.68 27.34 36.58
N PRO C 564 7.26 28.53 36.77
CA PRO C 564 7.62 28.97 38.12
C PRO C 564 6.50 29.65 38.90
N GLU C 565 5.38 29.96 38.25
CA GLU C 565 4.24 30.58 38.91
C GLU C 565 3.30 29.57 39.55
N VAL C 566 3.57 28.28 39.37
CA VAL C 566 2.75 27.23 39.97
C VAL C 566 3.05 27.16 41.45
N ASP C 567 2.03 27.32 42.28
CA ASP C 567 2.22 27.28 43.73
C ASP C 567 1.35 26.25 44.43
N VAL C 568 0.66 25.40 43.67
CA VAL C 568 -0.13 24.30 44.22
C VAL C 568 0.03 23.09 43.31
N LEU C 569 0.21 21.91 43.90
CA LEU C 569 0.19 20.67 43.15
C LEU C 569 -0.96 19.82 43.67
N ILE C 570 -1.75 19.28 42.74
CA ILE C 570 -2.82 18.36 43.06
C ILE C 570 -2.35 16.96 42.67
N ASN C 571 -2.30 16.07 43.64
CA ASN C 571 -1.67 14.76 43.49
C ASN C 571 -2.76 13.70 43.39
N PHE C 572 -3.12 13.35 42.15
CA PHE C 572 -4.10 12.29 41.89
C PHE C 572 -3.45 10.92 41.78
N ALA C 573 -2.31 10.71 42.44
CA ALA C 573 -1.65 9.41 42.38
C ALA C 573 -2.44 8.37 43.16
N SER C 574 -2.09 7.11 42.94
CA SER C 574 -2.73 6.02 43.66
C SER C 574 -2.16 5.92 45.06
N LEU C 575 -2.70 4.98 45.86
CA LEU C 575 -2.31 4.85 47.25
C LEU C 575 -0.88 4.36 47.41
N ARG C 576 -0.34 3.66 46.42
CA ARG C 576 0.98 3.08 46.52
C ARG C 576 2.05 3.97 45.89
N SER C 577 1.64 5.04 45.21
CA SER C 577 2.58 5.93 44.54
C SER C 577 2.31 7.40 44.86
N ALA C 578 1.53 7.70 45.90
CA ALA C 578 1.34 9.08 46.31
C ALA C 578 2.43 9.54 47.26
N TYR C 579 3.01 8.60 48.00
CA TYR C 579 4.09 8.93 48.93
C TYR C 579 5.33 9.39 48.19
N ASP C 580 5.73 8.64 47.15
CA ASP C 580 6.92 9.01 46.37
C ASP C 580 6.70 10.30 45.60
N SER C 581 5.49 10.50 45.06
CA SER C 581 5.18 11.72 44.33
C SER C 581 5.17 12.93 45.24
N THR C 582 4.63 12.79 46.46
CA THR C 582 4.62 13.90 47.41
C THR C 582 6.01 14.20 47.96
N MET C 583 6.81 13.15 48.22
CA MET C 583 8.17 13.34 48.68
C MET C 583 9.04 13.99 47.61
N GLU C 584 8.84 13.61 46.36
CA GLU C 584 9.53 14.27 45.26
C GLU C 584 8.99 15.68 45.01
N THR C 585 7.74 15.95 45.40
CA THR C 585 7.19 17.29 45.26
C THR C 585 7.76 18.25 46.28
N MET C 586 7.94 17.80 47.53
CA MET C 586 8.23 18.73 48.62
C MET C 586 9.64 19.31 48.60
N ASN C 587 10.54 18.86 47.73
CA ASN C 587 11.84 19.50 47.63
C ASN C 587 11.87 20.61 46.58
N TYR C 588 10.73 20.98 46.03
CA TYR C 588 10.59 22.17 45.19
C TYR C 588 10.02 23.29 46.05
N ALA C 589 10.69 24.44 46.06
CA ALA C 589 10.31 25.53 46.93
C ALA C 589 9.14 26.35 46.40
N GLN C 590 8.78 26.19 45.12
CA GLN C 590 7.68 26.97 44.58
C GLN C 590 6.33 26.39 44.96
N ILE C 591 6.26 25.09 45.20
CA ILE C 591 5.01 24.45 45.61
C ILE C 591 4.75 24.80 47.07
N ARG C 592 3.71 25.59 47.31
CA ARG C 592 3.39 26.02 48.67
C ARG C 592 2.31 25.16 49.32
N THR C 593 1.49 24.47 48.54
CA THR C 593 0.47 23.60 49.11
C THR C 593 0.23 22.43 48.18
N ILE C 594 0.00 21.26 48.78
CA ILE C 594 -0.19 20.00 48.04
C ILE C 594 -1.56 19.44 48.43
N ALA C 595 -2.27 18.88 47.45
CA ALA C 595 -3.53 18.19 47.69
C ALA C 595 -3.35 16.72 47.33
N ILE C 596 -3.52 15.84 48.29
CA ILE C 596 -3.43 14.40 48.08
C ILE C 596 -4.84 13.84 48.03
N ILE C 597 -5.15 13.07 46.99
CA ILE C 597 -6.50 12.60 46.77
C ILE C 597 -6.67 11.12 47.16
N ALA C 598 -5.57 10.37 47.25
CA ALA C 598 -5.64 8.91 47.29
C ALA C 598 -6.23 8.37 48.58
N GLU C 599 -7.01 7.30 48.46
CA GLU C 599 -7.65 6.69 49.61
C GLU C 599 -7.02 5.36 50.05
N GLY C 600 -6.27 5.41 51.15
CA GLY C 600 -5.64 4.25 51.72
C GLY C 600 -4.14 4.29 51.81
N ILE C 601 -3.52 5.47 51.87
CA ILE C 601 -2.10 5.58 52.10
C ILE C 601 -1.83 5.13 53.53
N PRO C 602 -0.92 4.19 53.76
CA PRO C 602 -0.70 3.67 55.12
C PRO C 602 -0.08 4.72 56.03
N GLU C 603 -0.44 4.61 57.31
CA GLU C 603 -0.38 5.74 58.22
C GLU C 603 1.04 6.16 58.59
N ALA C 604 2.01 5.26 58.53
CA ALA C 604 3.41 5.65 58.73
C ALA C 604 3.90 6.52 57.59
N LEU C 605 3.47 6.22 56.38
CA LEU C 605 3.88 6.99 55.21
C LEU C 605 3.29 8.40 55.25
N THR C 606 2.02 8.52 55.63
CA THR C 606 1.44 9.86 55.73
C THR C 606 1.95 10.60 56.97
N ARG C 607 2.44 9.88 57.99
CA ARG C 607 3.11 10.56 59.09
C ARG C 607 4.45 11.15 58.64
N LYS C 608 5.19 10.43 57.80
CA LYS C 608 6.41 10.99 57.22
C LYS C 608 6.11 12.16 56.29
N LEU C 609 4.98 12.10 55.57
CA LEU C 609 4.57 13.22 54.73
C LEU C 609 4.23 14.45 55.58
N ILE C 610 3.54 14.24 56.71
CA ILE C 610 3.23 15.34 57.63
C ILE C 610 4.50 15.97 58.19
N LYS C 611 5.48 15.14 58.58
CA LYS C 611 6.68 15.71 59.19
C LYS C 611 7.56 16.43 58.18
N LYS C 612 7.61 15.98 56.92
CA LYS C 612 8.39 16.73 55.95
C LYS C 612 7.65 17.99 55.49
N ALA C 613 6.31 17.97 55.50
CA ALA C 613 5.56 19.19 55.22
C ALA C 613 5.74 20.22 56.32
N ASP C 614 5.80 19.77 57.58
CA ASP C 614 6.03 20.70 58.68
C ASP C 614 7.47 21.20 58.70
N GLN C 615 8.42 20.40 58.23
CA GLN C 615 9.79 20.89 58.11
C GLN C 615 9.92 21.92 57.00
N LYS C 616 9.35 21.62 55.82
CA LYS C 616 9.46 22.51 54.67
C LYS C 616 8.51 23.70 54.74
N GLY C 617 7.39 23.57 55.44
CA GLY C 617 6.46 24.67 55.54
C GLY C 617 5.40 24.71 54.47
N VAL C 618 5.06 23.56 53.87
CA VAL C 618 4.01 23.48 52.87
C VAL C 618 2.74 22.98 53.56
N THR C 619 1.60 23.32 52.98
CA THR C 619 0.30 22.95 53.53
C THR C 619 -0.26 21.78 52.75
N ILE C 620 -0.20 20.58 53.31
CA ILE C 620 -0.84 19.42 52.69
C ILE C 620 -2.32 19.45 53.03
N ILE C 621 -3.14 19.60 52.00
CA ILE C 621 -4.53 19.20 52.12
C ILE C 621 -4.55 17.69 52.17
N GLY C 622 -5.10 17.14 53.26
CA GLY C 622 -4.82 15.80 53.71
C GLY C 622 -5.21 14.69 52.76
N PRO C 623 -4.65 13.50 52.96
CA PRO C 623 -4.97 12.37 52.10
C PRO C 623 -6.41 11.92 52.30
N ALA C 624 -6.89 11.15 51.33
CA ALA C 624 -8.26 10.61 51.28
C ALA C 624 -9.30 11.73 51.30
N THR C 625 -9.03 12.80 50.55
CA THR C 625 -9.95 13.92 50.46
C THR C 625 -10.47 14.04 49.03
N VAL C 626 -11.58 14.77 48.90
CA VAL C 626 -12.06 15.12 47.56
C VAL C 626 -11.36 16.37 47.06
N GLY C 627 -10.84 17.20 47.96
CA GLY C 627 -10.15 18.42 47.61
C GLY C 627 -10.68 19.56 48.46
N GLY C 628 -10.63 20.77 47.92
CA GLY C 628 -11.23 21.91 48.56
C GLY C 628 -11.65 22.91 47.51
N ILE C 629 -12.69 23.68 47.83
CA ILE C 629 -13.23 24.64 46.89
C ILE C 629 -13.27 26.02 47.56
N LYS C 630 -12.62 26.98 46.92
CA LYS C 630 -12.74 28.39 47.29
C LYS C 630 -13.52 29.08 46.18
N PRO C 631 -14.79 29.41 46.40
CA PRO C 631 -15.61 29.96 45.32
C PRO C 631 -15.14 31.33 44.87
N GLY C 632 -15.02 31.48 43.55
CA GLY C 632 -14.51 32.68 42.95
C GLY C 632 -13.04 32.62 42.54
N CYS C 633 -12.25 31.75 43.17
CA CYS C 633 -10.82 31.70 42.91
C CYS C 633 -10.34 30.35 42.39
N PHE C 634 -10.63 29.26 43.07
CA PHE C 634 -9.92 28.02 42.83
C PHE C 634 -10.72 26.84 43.35
N LYS C 635 -10.55 25.70 42.70
CA LYS C 635 -11.25 24.47 43.05
C LYS C 635 -10.32 23.30 42.79
N ILE C 636 -10.20 22.41 43.76
CA ILE C 636 -9.23 21.32 43.70
C ILE C 636 -9.90 20.13 43.04
N GLY C 637 -9.58 19.90 41.77
CA GLY C 637 -9.94 18.67 41.09
C GLY C 637 -11.41 18.43 40.86
N ASN C 638 -11.98 17.48 41.60
CA ASN C 638 -13.35 17.04 41.42
C ASN C 638 -14.26 17.47 42.55
N THR C 639 -13.85 18.43 43.37
CA THR C 639 -14.71 18.87 44.46
C THR C 639 -15.84 19.74 43.91
N GLY C 640 -16.99 19.61 44.53
CA GLY C 640 -18.21 20.19 43.99
C GLY C 640 -18.98 19.24 43.10
N GLY C 641 -18.27 18.57 42.19
CA GLY C 641 -18.92 17.64 41.28
C GLY C 641 -18.95 18.19 39.87
N MET C 642 -20.09 18.05 39.20
CA MET C 642 -20.31 18.68 37.91
C MET C 642 -20.63 20.17 38.10
N LEU C 643 -20.83 20.87 36.99
CA LEU C 643 -21.25 22.27 37.07
C LEU C 643 -22.72 22.44 37.45
N ASP C 644 -23.51 21.37 37.37
CA ASP C 644 -24.88 21.45 37.86
C ASP C 644 -24.89 21.68 39.36
N ASN C 645 -23.96 21.04 40.07
CA ASN C 645 -23.86 21.21 41.51
C ASN C 645 -23.17 22.50 41.89
N ILE C 646 -22.26 23.00 41.04
CA ILE C 646 -21.62 24.27 41.30
C ILE C 646 -22.61 25.41 41.10
N LEU C 647 -23.40 25.35 40.03
CA LEU C 647 -24.34 26.42 39.74
C LEU C 647 -25.59 26.33 40.60
N ALA C 648 -25.97 25.12 41.03
CA ALA C 648 -27.12 24.99 41.90
C ALA C 648 -26.82 25.44 43.33
N SER C 649 -25.56 25.36 43.76
CA SER C 649 -25.16 25.75 45.10
C SER C 649 -24.44 27.09 45.11
N LYS C 650 -24.50 27.83 44.01
CA LYS C 650 -24.03 29.22 43.89
C LYS C 650 -22.54 29.36 44.23
N LEU C 651 -21.75 28.39 43.80
CA LEU C 651 -20.34 28.34 44.16
C LEU C 651 -19.46 29.13 43.20
N TYR C 652 -20.01 30.09 42.47
CA TYR C 652 -19.23 30.89 41.53
C TYR C 652 -18.90 32.28 42.07
N ARG C 653 -19.47 32.67 43.21
CA ARG C 653 -19.18 33.95 43.82
C ARG C 653 -18.80 33.75 45.28
N PRO C 654 -17.88 34.55 45.82
CA PRO C 654 -17.45 34.35 47.19
C PRO C 654 -18.50 34.81 48.19
N GLY C 655 -18.62 34.07 49.28
CA GLY C 655 -19.50 34.46 50.37
C GLY C 655 -18.72 34.96 51.57
N SER C 656 -19.15 34.57 52.77
CA SER C 656 -18.41 34.95 53.98
C SER C 656 -18.37 33.82 55.00
N VAL C 657 -18.67 32.58 54.60
CA VAL C 657 -18.72 31.44 55.51
C VAL C 657 -17.66 30.44 55.09
N ALA C 658 -16.78 30.10 56.00
CA ALA C 658 -15.86 29.01 55.73
C ALA C 658 -16.37 27.75 56.39
N TYR C 659 -15.90 26.60 55.90
CA TYR C 659 -16.26 25.35 56.54
C TYR C 659 -15.11 24.35 56.43
N VAL C 660 -15.03 23.46 57.40
CA VAL C 660 -14.10 22.34 57.39
C VAL C 660 -14.89 21.06 57.68
N SER C 661 -14.76 20.09 56.79
CA SER C 661 -15.33 18.75 56.95
C SER C 661 -14.21 17.72 56.96
N ARG C 662 -14.56 16.51 57.37
CA ARG C 662 -13.60 15.40 57.32
C ARG C 662 -13.75 14.60 56.03
N SER C 663 -14.89 13.96 55.84
CA SER C 663 -15.15 13.27 54.59
C SER C 663 -15.60 14.27 53.53
N GLY C 664 -15.53 13.84 52.27
CA GLY C 664 -15.85 14.70 51.16
C GLY C 664 -17.32 14.72 50.80
N GLY C 665 -18.03 13.64 51.13
CA GLY C 665 -19.41 13.50 50.74
C GLY C 665 -20.38 14.44 51.45
N MET C 666 -19.94 15.05 52.55
CA MET C 666 -20.77 16.00 53.27
C MET C 666 -20.45 17.44 52.92
N SER C 667 -19.35 17.68 52.21
CA SER C 667 -19.02 19.05 51.79
C SER C 667 -20.01 19.56 50.75
N ASN C 668 -20.58 18.67 49.93
CA ASN C 668 -21.62 19.06 48.99
C ASN C 668 -22.88 19.52 49.72
N GLU C 669 -23.28 18.78 50.76
CA GLU C 669 -24.45 19.19 51.54
C GLU C 669 -24.19 20.45 52.34
N LEU C 670 -22.96 20.65 52.80
CA LEU C 670 -22.63 21.91 53.46
C LEU C 670 -22.64 23.08 52.49
N ASN C 671 -22.19 22.85 51.25
CA ASN C 671 -22.30 23.87 50.20
C ASN C 671 -23.75 24.22 49.93
N ASN C 672 -24.62 23.21 49.90
CA ASN C 672 -26.04 23.46 49.67
C ASN C 672 -26.68 24.22 50.82
N ILE C 673 -26.32 23.86 52.06
CA ILE C 673 -26.90 24.50 53.24
C ILE C 673 -26.46 25.95 53.34
N ILE C 674 -25.16 26.21 53.15
CA ILE C 674 -24.66 27.58 53.18
C ILE C 674 -25.15 28.38 51.98
N SER C 675 -25.47 27.72 50.86
CA SER C 675 -26.06 28.43 49.74
C SER C 675 -27.50 28.85 50.04
N ARG C 676 -28.29 27.97 50.64
CA ARG C 676 -29.71 28.24 50.82
C ARG C 676 -30.04 28.97 52.11
N THR C 677 -29.10 29.11 53.05
CA THR C 677 -29.37 29.90 54.23
C THR C 677 -28.50 31.14 54.37
N THR C 678 -27.40 31.22 53.62
CA THR C 678 -26.43 32.28 53.82
C THR C 678 -26.08 32.88 52.45
N ASP C 679 -25.25 33.92 52.44
CA ASP C 679 -24.83 34.57 51.20
C ASP C 679 -23.78 33.78 50.43
N GLY C 680 -23.27 32.68 50.99
CA GLY C 680 -22.39 31.81 50.24
C GLY C 680 -21.14 31.35 50.95
N VAL C 681 -20.45 30.38 50.36
CA VAL C 681 -19.21 29.86 50.90
C VAL C 681 -18.05 30.75 50.46
N TYR C 682 -17.20 31.12 51.40
CA TYR C 682 -15.96 31.81 51.07
C TYR C 682 -14.87 30.81 50.70
N GLU C 683 -14.77 29.71 51.45
CA GLU C 683 -13.75 28.70 51.26
C GLU C 683 -14.23 27.45 51.97
N GLY C 684 -13.90 26.28 51.42
CA GLY C 684 -14.25 25.05 52.10
C GLY C 684 -13.32 23.92 51.77
N VAL C 685 -12.77 23.28 52.80
CA VAL C 685 -11.75 22.24 52.64
C VAL C 685 -12.20 21.01 53.41
N ALA C 686 -12.27 19.88 52.71
CA ALA C 686 -12.41 18.57 53.35
C ALA C 686 -11.01 18.06 53.64
N ILE C 687 -10.72 17.77 54.91
CA ILE C 687 -9.36 17.42 55.29
C ILE C 687 -9.03 15.96 55.05
N GLY C 688 -10.03 15.11 54.85
CA GLY C 688 -9.75 13.73 54.54
C GLY C 688 -10.30 12.73 55.54
N GLY C 689 -10.52 11.49 55.09
CA GLY C 689 -10.99 10.42 55.93
C GLY C 689 -9.91 9.53 56.50
N ASP C 690 -8.64 9.89 56.31
CA ASP C 690 -7.55 9.14 56.91
C ASP C 690 -7.46 9.45 58.40
N ARG C 691 -6.71 8.63 59.11
CA ARG C 691 -6.58 8.80 60.56
C ARG C 691 -5.61 9.93 60.90
N TYR C 692 -4.54 10.10 60.12
CA TYR C 692 -3.58 11.18 60.30
C TYR C 692 -3.61 12.07 59.06
N PRO C 693 -4.49 13.06 59.00
CA PRO C 693 -4.54 13.93 57.82
C PRO C 693 -3.37 14.90 57.81
N GLY C 694 -3.03 15.36 56.61
CA GLY C 694 -1.96 16.33 56.45
C GLY C 694 -2.26 17.68 57.05
N SER C 695 -3.54 18.01 57.21
CA SER C 695 -3.96 19.18 57.97
C SER C 695 -5.19 18.79 58.76
N THR C 696 -5.19 19.10 60.04
CA THR C 696 -6.32 18.80 60.91
C THR C 696 -7.31 19.96 60.88
N PHE C 697 -8.23 20.00 61.85
CA PHE C 697 -9.16 21.12 61.96
C PHE C 697 -8.43 22.43 62.25
N MET C 698 -7.37 22.36 63.06
CA MET C 698 -6.78 23.56 63.63
C MET C 698 -5.95 24.32 62.61
N ASP C 699 -5.27 23.63 61.71
CA ASP C 699 -4.44 24.26 60.69
C ASP C 699 -5.27 25.06 59.69
N HIS C 700 -6.56 24.76 59.58
CA HIS C 700 -7.47 25.54 58.76
C HIS C 700 -8.29 26.55 59.53
N VAL C 701 -8.59 26.29 60.81
CA VAL C 701 -9.32 27.29 61.59
C VAL C 701 -8.40 28.48 61.92
N LEU C 702 -7.11 28.22 62.18
CA LEU C 702 -6.16 29.34 62.23
C LEU C 702 -6.00 30.02 60.88
N ARG C 703 -6.19 29.29 59.78
CA ARG C 703 -6.05 29.90 58.46
C ARG C 703 -7.25 30.79 58.14
N TYR C 704 -8.42 30.43 58.65
CA TYR C 704 -9.61 31.25 58.45
C TYR C 704 -9.67 32.42 59.41
N GLN C 705 -9.17 32.25 60.64
CA GLN C 705 -9.20 33.33 61.63
C GLN C 705 -8.34 34.51 61.22
N ASP C 706 -7.26 34.27 60.48
CA ASP C 706 -6.39 35.35 60.05
C ASP C 706 -6.89 36.02 58.77
N THR C 707 -7.71 35.34 57.96
CA THR C 707 -8.18 35.94 56.71
C THR C 707 -9.30 36.92 57.00
N PRO C 708 -9.25 38.14 56.45
CA PRO C 708 -10.29 39.14 56.77
C PRO C 708 -11.61 38.93 56.03
N GLY C 709 -11.61 38.15 54.94
CA GLY C 709 -12.81 38.05 54.12
C GLY C 709 -13.91 37.21 54.74
N VAL C 710 -13.57 36.20 55.49
CA VAL C 710 -14.56 35.31 56.09
C VAL C 710 -15.07 35.93 57.39
N LYS C 711 -16.38 35.79 57.62
CA LYS C 711 -17.01 36.35 58.80
C LYS C 711 -17.51 35.30 59.79
N MET C 712 -17.62 34.03 59.40
CA MET C 712 -17.98 32.97 60.33
C MET C 712 -17.48 31.63 59.79
N ILE C 713 -17.17 30.73 60.72
CA ILE C 713 -16.58 29.43 60.41
C ILE C 713 -17.56 28.34 60.83
N VAL C 714 -17.63 27.28 60.06
CA VAL C 714 -18.46 26.11 60.36
C VAL C 714 -17.58 24.87 60.28
N VAL C 715 -17.62 24.05 61.33
CA VAL C 715 -16.84 22.82 61.39
C VAL C 715 -17.78 21.65 61.63
N LEU C 716 -17.72 20.65 60.74
CA LEU C 716 -18.41 19.39 60.96
C LEU C 716 -17.38 18.30 61.24
N GLY C 717 -17.38 17.82 62.49
CA GLY C 717 -16.48 16.77 62.90
C GLY C 717 -17.15 15.40 62.95
N GLU C 718 -16.38 14.42 63.39
CA GLU C 718 -16.76 13.02 63.42
C GLU C 718 -16.55 12.50 64.84
N ILE C 719 -17.24 11.41 65.18
CA ILE C 719 -16.93 10.69 66.42
C ILE C 719 -15.51 10.16 66.37
N GLY C 720 -14.78 10.36 67.47
CA GLY C 720 -13.41 9.89 67.56
C GLY C 720 -12.38 10.99 67.41
N GLY C 721 -11.37 10.98 68.27
CA GLY C 721 -10.30 11.95 68.19
C GLY C 721 -10.63 13.26 68.89
N THR C 722 -9.74 13.71 69.76
CA THR C 722 -9.96 14.92 70.56
C THR C 722 -9.37 16.14 69.86
N GLU C 723 -9.95 16.48 68.71
CA GLU C 723 -9.52 17.65 67.95
C GLU C 723 -10.39 18.87 68.21
N GLU C 724 -11.69 18.67 68.42
CA GLU C 724 -12.62 19.77 68.65
C GLU C 724 -12.42 20.41 70.02
N TYR C 725 -11.86 19.68 70.98
CA TYR C 725 -11.51 20.28 72.26
C TYR C 725 -10.38 21.28 72.12
N LYS C 726 -9.52 21.12 71.11
CA LYS C 726 -8.55 22.16 70.81
C LYS C 726 -9.23 23.41 70.27
N ILE C 727 -10.34 23.25 69.54
CA ILE C 727 -11.09 24.41 69.08
C ILE C 727 -11.74 25.12 70.26
N CYS C 728 -12.24 24.34 71.23
CA CYS C 728 -12.72 24.90 72.49
C CYS C 728 -11.63 25.67 73.21
N ARG C 729 -10.44 25.08 73.31
CA ARG C 729 -9.30 25.71 73.98
C ARG C 729 -8.86 26.97 73.25
N GLY C 730 -8.97 26.99 71.93
CA GLY C 730 -8.69 28.20 71.17
C GLY C 730 -9.73 29.28 71.37
N ILE C 731 -10.97 28.88 71.67
CA ILE C 731 -11.96 29.90 72.04
C ILE C 731 -11.65 30.48 73.43
N LYS C 732 -11.36 29.62 74.42
CA LYS C 732 -11.17 30.09 75.79
C LYS C 732 -9.91 30.91 75.97
N GLU C 733 -8.90 30.75 75.10
CA GLU C 733 -7.73 31.61 75.18
C GLU C 733 -7.90 32.88 74.36
N GLY C 734 -8.95 32.96 73.54
CA GLY C 734 -9.18 34.13 72.71
C GLY C 734 -8.49 34.13 71.37
N ARG C 735 -8.01 32.97 70.90
CA ARG C 735 -7.35 32.90 69.61
C ARG C 735 -8.33 33.04 68.46
N LEU C 736 -9.54 32.52 68.61
CA LEU C 736 -10.55 32.49 67.57
C LEU C 736 -11.68 33.43 67.97
N THR C 737 -11.85 34.52 67.22
CA THR C 737 -12.82 35.55 67.52
C THR C 737 -14.08 35.45 66.66
N LYS C 738 -13.95 34.96 65.43
CA LYS C 738 -15.07 34.87 64.51
C LYS C 738 -16.08 33.82 64.98
N PRO C 739 -17.37 34.01 64.69
CA PRO C 739 -18.40 33.07 65.17
C PRO C 739 -18.24 31.68 64.59
N ILE C 740 -18.14 30.71 65.48
CA ILE C 740 -17.90 29.30 65.14
C ILE C 740 -19.23 28.57 65.25
N VAL C 741 -19.52 27.71 64.28
CA VAL C 741 -20.68 26.83 64.31
C VAL C 741 -20.16 25.41 64.08
N CYS C 742 -20.12 24.61 65.13
CA CYS C 742 -19.65 23.24 65.02
C CYS C 742 -20.81 22.26 65.18
N TRP C 743 -20.60 21.09 64.61
CA TRP C 743 -21.44 19.93 64.90
C TRP C 743 -20.62 18.69 64.64
N CYS C 744 -20.68 17.75 65.57
CA CYS C 744 -19.97 16.48 65.44
C CYS C 744 -20.99 15.42 65.07
N ILE C 745 -20.93 14.97 63.82
CA ILE C 745 -21.96 14.09 63.29
C ILE C 745 -21.79 12.69 63.85
N GLY C 746 -22.88 11.94 63.89
CA GLY C 746 -22.81 10.56 64.31
C GLY C 746 -22.68 10.41 65.81
N THR C 747 -23.71 10.82 66.54
CA THR C 747 -23.76 10.57 67.97
C THR C 747 -23.87 9.08 68.25
N CYS C 748 -25.10 8.55 68.11
CA CYS C 748 -25.48 7.13 67.95
C CYS C 748 -24.69 6.19 68.87
N ALA C 749 -24.81 6.44 70.17
CA ALA C 749 -24.16 5.60 71.18
C ALA C 749 -25.09 4.49 71.66
N THR C 750 -25.64 3.73 70.71
CA THR C 750 -26.68 2.76 71.03
C THR C 750 -26.37 1.37 70.48
N GLN C 767 -12.41 5.37 74.25
CA GLN C 767 -12.53 6.54 75.13
C GLN C 767 -13.98 6.99 75.24
N ALA C 768 -14.31 7.63 76.35
CA ALA C 768 -15.62 8.23 76.56
C ALA C 768 -15.62 9.73 76.28
N SER C 769 -14.46 10.32 76.04
CA SER C 769 -14.35 11.73 75.68
C SER C 769 -14.31 11.93 74.17
N GLU C 770 -14.27 10.86 73.39
CA GLU C 770 -14.25 10.95 71.94
C GLU C 770 -15.62 10.69 71.31
N THR C 771 -16.65 10.50 72.11
CA THR C 771 -18.00 10.39 71.58
C THR C 771 -18.48 11.79 71.19
N ALA C 772 -19.32 11.84 70.14
CA ALA C 772 -19.76 13.11 69.58
C ALA C 772 -20.65 13.90 70.53
N VAL C 773 -21.35 13.23 71.46
CA VAL C 773 -22.18 13.97 72.41
C VAL C 773 -21.31 14.74 73.41
N ALA C 774 -20.14 14.19 73.77
CA ALA C 774 -19.25 14.90 74.68
C ALA C 774 -18.59 16.08 73.99
N LYS C 775 -18.24 15.91 72.71
CA LYS C 775 -17.67 17.00 71.93
C LYS C 775 -18.68 18.11 71.71
N ASN C 776 -19.93 17.75 71.41
CA ASN C 776 -20.98 18.74 71.23
C ASN C 776 -21.31 19.46 72.53
N GLN C 777 -21.23 18.75 73.66
CA GLN C 777 -21.47 19.39 74.95
C GLN C 777 -20.34 20.35 75.31
N ALA C 778 -19.09 19.96 75.06
CA ALA C 778 -17.98 20.85 75.37
C ALA C 778 -17.84 21.99 74.38
N LEU C 779 -18.38 21.83 73.17
CA LEU C 779 -18.40 22.93 72.21
C LEU C 779 -19.53 23.90 72.50
N LYS C 780 -20.67 23.39 72.97
CA LYS C 780 -21.80 24.25 73.28
C LYS C 780 -21.55 25.11 74.51
N GLU C 781 -20.67 24.65 75.42
CA GLU C 781 -20.37 25.41 76.62
C GLU C 781 -19.26 26.45 76.42
N ALA C 782 -18.46 26.33 75.36
CA ALA C 782 -17.28 27.17 75.22
C ALA C 782 -17.55 28.47 74.47
N GLY C 783 -18.71 28.62 73.86
CA GLY C 783 -19.00 29.78 73.04
C GLY C 783 -19.18 29.51 71.56
N VAL C 784 -19.43 28.26 71.18
CA VAL C 784 -19.64 27.87 69.78
C VAL C 784 -21.12 27.56 69.59
N PHE C 785 -21.72 28.16 68.58
CA PHE C 785 -23.14 27.94 68.30
C PHE C 785 -23.33 26.53 67.77
N VAL C 786 -23.84 25.63 68.61
CA VAL C 786 -24.02 24.23 68.28
C VAL C 786 -25.51 23.94 68.26
N PRO C 787 -26.06 23.38 67.19
CA PRO C 787 -27.49 23.05 67.16
C PRO C 787 -27.81 21.83 68.02
N ARG C 788 -29.10 21.55 68.14
CA ARG C 788 -29.53 20.37 68.89
C ARG C 788 -29.43 19.11 68.06
N SER C 789 -29.66 19.21 66.76
CA SER C 789 -29.56 18.07 65.85
C SER C 789 -28.94 18.55 64.55
N PHE C 790 -28.94 17.70 63.54
CA PHE C 790 -28.53 18.14 62.21
C PHE C 790 -29.64 18.88 61.48
N ASP C 791 -30.91 18.64 61.87
CA ASP C 791 -32.03 19.31 61.22
C ASP C 791 -32.04 20.81 61.53
N GLU C 792 -31.47 21.22 62.66
CA GLU C 792 -31.41 22.61 63.03
C GLU C 792 -30.08 23.27 62.66
N LEU C 793 -29.27 22.60 61.84
CA LEU C 793 -27.98 23.17 61.49
C LEU C 793 -28.12 24.33 60.51
N GLY C 794 -28.95 24.15 59.48
CA GLY C 794 -29.24 25.27 58.58
C GLY C 794 -29.95 26.40 59.29
N GLU C 795 -30.80 26.06 60.27
CA GLU C 795 -31.49 27.07 61.07
C GLU C 795 -30.52 27.86 61.92
N ILE C 796 -29.53 27.20 62.53
CA ILE C 796 -28.62 27.95 63.39
C ILE C 796 -27.61 28.74 62.56
N ILE C 797 -27.23 28.22 61.38
CA ILE C 797 -26.35 28.99 60.48
C ILE C 797 -27.09 30.23 59.97
N GLN C 798 -28.37 30.08 59.61
CA GLN C 798 -29.17 31.23 59.20
C GLN C 798 -29.39 32.21 60.35
N SER C 799 -29.50 31.71 61.58
CA SER C 799 -29.71 32.60 62.72
C SER C 799 -28.47 33.42 63.04
N VAL C 800 -27.29 32.78 63.06
CA VAL C 800 -26.04 33.50 63.25
C VAL C 800 -25.79 34.47 62.10
N TYR C 801 -26.18 34.09 60.88
CA TYR C 801 -25.98 34.97 59.73
C TYR C 801 -26.89 36.20 59.80
N GLU C 802 -28.16 36.04 60.16
CA GLU C 802 -29.03 37.21 60.23
C GLU C 802 -28.68 38.09 61.44
N ASP C 803 -28.20 37.49 62.53
CA ASP C 803 -27.73 38.31 63.64
C ASP C 803 -26.41 39.00 63.32
N LEU C 804 -25.60 38.42 62.43
CA LEU C 804 -24.33 39.02 62.07
C LEU C 804 -24.48 40.06 60.96
N VAL C 805 -25.56 40.02 60.20
CA VAL C 805 -25.94 41.17 59.39
C VAL C 805 -26.60 42.25 60.25
N ALA C 806 -27.28 41.85 61.34
CA ALA C 806 -28.01 42.79 62.18
C ALA C 806 -27.13 43.84 62.87
N ASN C 807 -25.84 43.58 63.04
CA ASN C 807 -24.91 44.59 63.51
C ASN C 807 -24.03 45.17 62.42
N GLY C 808 -24.20 44.72 61.18
CA GLY C 808 -23.61 45.41 60.03
C GLY C 808 -22.14 45.13 59.75
N VAL C 809 -21.72 43.87 59.82
CA VAL C 809 -20.39 43.52 59.36
C VAL C 809 -20.41 42.66 58.09
N ILE C 810 -21.51 41.98 57.79
CA ILE C 810 -21.68 41.27 56.53
C ILE C 810 -22.52 42.15 55.61
N VAL C 811 -21.92 42.59 54.52
CA VAL C 811 -22.65 43.33 53.50
C VAL C 811 -22.82 42.42 52.29
N PRO C 812 -24.00 41.84 52.08
CA PRO C 812 -24.20 40.91 50.96
C PRO C 812 -24.20 41.66 49.63
N ALA C 813 -23.34 41.22 48.71
CA ALA C 813 -23.30 41.83 47.39
C ALA C 813 -24.45 41.31 46.55
N GLN C 814 -24.86 42.11 45.57
CA GLN C 814 -25.96 41.73 44.70
C GLN C 814 -25.46 40.80 43.61
N GLU C 815 -26.21 39.71 43.38
CA GLU C 815 -25.72 38.56 42.66
C GLU C 815 -25.64 38.84 41.16
N VAL C 816 -24.42 38.78 40.62
CA VAL C 816 -24.16 38.87 39.18
C VAL C 816 -24.41 37.49 38.59
N PRO C 817 -25.04 37.39 37.42
CA PRO C 817 -25.19 36.08 36.79
C PRO C 817 -23.85 35.57 36.27
N PRO C 818 -23.62 34.26 36.30
CA PRO C 818 -22.32 33.72 35.88
C PRO C 818 -22.25 33.62 34.37
N PRO C 819 -21.04 33.69 33.80
CA PRO C 819 -20.88 33.42 32.36
C PRO C 819 -21.18 31.97 32.06
N THR C 820 -22.21 31.74 31.25
CA THR C 820 -22.71 30.39 31.01
C THR C 820 -21.79 29.62 30.06
N VAL C 821 -21.87 28.30 30.14
CA VAL C 821 -21.11 27.41 29.27
C VAL C 821 -22.07 26.56 28.45
N PRO C 822 -21.68 26.12 27.26
CA PRO C 822 -22.40 25.01 26.64
C PRO C 822 -22.11 23.74 27.41
N MET C 823 -23.06 22.79 27.35
CA MET C 823 -23.02 21.76 28.39
C MET C 823 -21.98 20.66 28.16
N ASP C 824 -22.18 19.78 27.18
CA ASP C 824 -21.31 18.70 26.71
C ASP C 824 -22.06 17.96 25.63
N TYR C 825 -21.35 17.22 24.79
CA TYR C 825 -22.04 16.31 23.90
C TYR C 825 -22.34 14.99 24.59
N SER C 826 -21.35 14.45 25.33
CA SER C 826 -21.51 13.16 25.97
C SER C 826 -22.53 13.18 27.09
N TRP C 827 -22.65 14.30 27.81
CA TRP C 827 -23.66 14.36 28.86
C TRP C 827 -25.05 14.54 28.29
N ALA C 828 -25.19 15.34 27.24
CA ALA C 828 -26.49 15.52 26.61
C ALA C 828 -26.95 14.30 25.83
N ARG C 829 -26.04 13.44 25.41
CA ARG C 829 -26.46 12.20 24.77
C ARG C 829 -26.56 11.05 25.76
N GLU C 830 -25.90 11.15 26.91
CA GLU C 830 -26.05 10.13 27.94
C GLU C 830 -27.45 10.17 28.54
N LEU C 831 -27.97 11.36 28.79
CA LEU C 831 -29.35 11.53 29.20
C LEU C 831 -30.28 11.73 28.02
N GLY C 832 -29.75 11.65 26.80
CA GLY C 832 -30.54 11.44 25.60
C GLY C 832 -31.44 12.56 25.14
N LEU C 833 -30.90 13.77 25.03
CA LEU C 833 -31.71 14.93 24.63
C LEU C 833 -31.22 15.58 23.34
N ILE C 834 -30.25 14.93 22.70
CA ILE C 834 -29.70 15.41 21.44
C ILE C 834 -29.64 14.21 20.51
N ARG C 835 -29.86 14.44 19.23
CA ARG C 835 -29.84 13.34 18.27
C ARG C 835 -28.82 13.59 17.17
N LYS C 836 -27.96 12.60 16.94
CA LYS C 836 -26.93 12.71 15.89
C LYS C 836 -27.06 11.57 14.89
N PRO C 837 -27.10 11.87 13.61
CA PRO C 837 -27.05 10.80 12.60
C PRO C 837 -25.66 10.20 12.54
N ALA C 838 -25.62 8.88 12.45
CA ALA C 838 -24.38 8.14 12.47
C ALA C 838 -23.99 7.71 11.07
N SER C 839 -22.68 7.60 10.84
CA SER C 839 -22.14 7.01 9.63
C SER C 839 -21.78 5.55 9.93
N PHE C 840 -21.13 4.88 8.97
CA PHE C 840 -20.40 3.62 9.19
C PHE C 840 -21.28 2.47 9.69
N MET C 841 -22.27 2.09 8.88
CA MET C 841 -23.44 1.37 9.39
C MET C 841 -23.11 -0.06 9.89
N THR C 842 -22.00 -0.67 9.44
CA THR C 842 -21.37 -1.90 9.97
C THR C 842 -22.27 -3.10 10.33
N SER C 843 -22.80 -3.82 9.35
CA SER C 843 -23.50 -5.05 9.72
C SER C 843 -22.56 -6.22 10.00
N ILE C 844 -21.59 -6.02 10.89
CA ILE C 844 -20.49 -6.96 11.15
C ILE C 844 -19.82 -6.60 12.48
N CYS C 845 -19.60 -7.61 13.34
CA CYS C 845 -18.71 -7.52 14.50
C CYS C 845 -19.03 -6.44 15.54
N ASP C 846 -20.07 -6.65 16.34
CA ASP C 846 -20.31 -5.78 17.50
C ASP C 846 -19.23 -5.98 18.55
N GLU C 847 -18.34 -5.00 18.69
CA GLU C 847 -17.28 -5.05 19.69
C GLU C 847 -17.73 -4.58 21.07
N ARG C 848 -18.84 -3.86 21.16
CA ARG C 848 -19.35 -3.36 22.42
C ARG C 848 -20.05 -4.48 23.17
N GLY C 849 -20.12 -4.32 24.48
CA GLY C 849 -20.76 -5.31 25.31
C GLY C 849 -19.77 -6.23 25.98
N GLN C 850 -20.30 -7.28 26.58
CA GLN C 850 -19.50 -8.16 27.40
C GLN C 850 -18.77 -9.22 26.59
N GLU C 851 -19.18 -9.46 25.35
CA GLU C 851 -18.55 -10.45 24.49
C GLU C 851 -18.42 -9.89 23.10
N LEU C 852 -17.38 -10.33 22.41
CA LEU C 852 -17.26 -10.08 20.99
C LEU C 852 -18.27 -10.89 20.23
N ILE C 853 -19.25 -10.22 19.67
CA ILE C 853 -20.20 -10.84 18.77
C ILE C 853 -19.66 -10.69 17.36
N TYR C 854 -19.66 -11.79 16.61
CA TYR C 854 -19.47 -11.78 15.16
C TYR C 854 -20.79 -11.42 14.51
N ALA C 855 -21.07 -11.93 13.29
CA ALA C 855 -22.30 -11.63 12.54
C ALA C 855 -23.57 -11.53 13.39
N GLY C 856 -23.91 -12.60 14.10
CA GLY C 856 -24.91 -12.48 15.13
C GLY C 856 -24.56 -13.38 16.29
N MET C 857 -23.39 -13.99 16.21
CA MET C 857 -23.00 -15.10 17.04
C MET C 857 -21.84 -14.68 17.94
N PRO C 858 -21.92 -14.95 19.25
CA PRO C 858 -20.82 -14.57 20.15
C PRO C 858 -19.60 -15.43 19.94
N ILE C 859 -18.47 -14.96 20.46
CA ILE C 859 -17.19 -15.64 20.21
C ILE C 859 -17.12 -16.96 20.95
N THR C 860 -17.83 -17.07 22.09
CA THR C 860 -17.89 -18.34 22.81
C THR C 860 -18.73 -19.35 22.05
N GLU C 861 -19.75 -18.89 21.33
CA GLU C 861 -20.48 -19.78 20.43
C GLU C 861 -19.68 -20.10 19.18
N VAL C 862 -18.76 -19.23 18.77
CA VAL C 862 -17.89 -19.53 17.65
C VAL C 862 -16.97 -20.69 18.00
N PHE C 863 -16.39 -20.66 19.19
CA PHE C 863 -15.49 -21.75 19.56
C PHE C 863 -16.21 -22.95 20.14
N LYS C 864 -17.47 -22.79 20.54
CA LYS C 864 -18.24 -23.89 21.08
C LYS C 864 -18.94 -24.73 20.01
N GLU C 865 -19.40 -24.08 18.93
CA GLU C 865 -19.97 -24.79 17.80
C GLU C 865 -18.93 -25.42 16.90
N GLU C 866 -17.64 -25.19 17.18
CA GLU C 866 -16.50 -25.82 16.51
C GLU C 866 -16.48 -25.47 15.02
N MET C 867 -16.60 -24.17 14.74
CA MET C 867 -16.37 -23.68 13.39
C MET C 867 -14.97 -23.08 13.30
N GLY C 868 -14.27 -23.40 12.22
CA GLY C 868 -12.88 -23.03 12.08
C GLY C 868 -12.73 -21.65 11.50
N ILE C 869 -11.71 -21.51 10.65
CA ILE C 869 -11.53 -20.25 9.92
C ILE C 869 -12.53 -20.12 8.79
N GLY C 870 -13.00 -21.23 8.24
CA GLY C 870 -14.07 -21.15 7.26
C GLY C 870 -15.39 -20.71 7.87
N GLY C 871 -15.63 -21.09 9.12
CA GLY C 871 -16.82 -20.62 9.80
C GLY C 871 -16.78 -19.13 10.10
N VAL C 872 -15.62 -18.62 10.52
CA VAL C 872 -15.57 -17.18 10.79
C VAL C 872 -15.46 -16.38 9.51
N LEU C 873 -14.98 -16.94 8.39
CA LEU C 873 -15.17 -16.25 7.12
C LEU C 873 -16.62 -16.24 6.70
N GLY C 874 -17.37 -17.31 6.98
CA GLY C 874 -18.80 -17.29 6.73
C GLY C 874 -19.53 -16.25 7.57
N LEU C 875 -19.07 -16.06 8.81
CA LEU C 875 -19.68 -15.06 9.69
C LEU C 875 -19.27 -13.64 9.33
N LEU C 876 -17.99 -13.40 9.09
CA LEU C 876 -17.56 -12.03 8.82
C LEU C 876 -17.87 -11.58 7.41
N TRP C 877 -17.76 -12.48 6.42
CA TRP C 877 -17.87 -12.03 5.04
C TRP C 877 -19.29 -12.09 4.53
N PHE C 878 -20.03 -13.15 4.86
CA PHE C 878 -21.37 -13.34 4.37
C PHE C 878 -22.45 -13.11 5.42
N GLN C 879 -22.05 -12.95 6.69
CA GLN C 879 -22.96 -12.84 7.85
C GLN C 879 -23.92 -14.02 7.97
N LYS C 880 -23.44 -15.22 7.66
CA LYS C 880 -24.28 -16.40 7.64
C LYS C 880 -23.56 -17.57 8.27
N ARG C 881 -24.31 -18.43 8.96
CA ARG C 881 -23.72 -19.65 9.52
C ARG C 881 -23.74 -20.69 8.41
N LEU C 882 -22.59 -20.91 7.79
CA LEU C 882 -22.50 -21.85 6.70
C LEU C 882 -22.51 -23.28 7.23
N PRO C 883 -22.95 -24.24 6.41
CA PRO C 883 -22.88 -25.64 6.83
C PRO C 883 -21.45 -26.14 6.91
N LYS C 884 -21.28 -27.27 7.60
CA LYS C 884 -19.96 -27.73 8.00
C LYS C 884 -19.11 -28.22 6.84
N TYR C 885 -19.69 -28.51 5.68
CA TYR C 885 -18.87 -28.83 4.51
C TYR C 885 -18.40 -27.59 3.79
N SER C 886 -19.20 -26.53 3.81
CA SER C 886 -18.84 -25.29 3.15
C SER C 886 -17.72 -24.56 3.86
N CYS C 887 -17.69 -24.61 5.19
CA CYS C 887 -16.59 -24.04 5.95
C CYS C 887 -15.29 -24.80 5.68
N GLN C 888 -15.37 -26.13 5.60
CA GLN C 888 -14.18 -26.92 5.30
C GLN C 888 -13.72 -26.73 3.87
N PHE C 889 -14.65 -26.45 2.96
CA PHE C 889 -14.26 -26.13 1.59
C PHE C 889 -13.58 -24.77 1.52
N ILE C 890 -14.04 -23.81 2.32
CA ILE C 890 -13.39 -22.50 2.37
C ILE C 890 -11.97 -22.63 2.93
N GLU C 891 -11.80 -23.46 3.96
CA GLU C 891 -10.47 -23.72 4.49
C GLU C 891 -9.57 -24.42 3.47
N MET C 892 -10.14 -25.35 2.71
CA MET C 892 -9.38 -26.05 1.68
C MET C 892 -8.94 -25.10 0.56
N CYS C 893 -9.82 -24.17 0.19
CA CYS C 893 -9.47 -23.15 -0.80
C CYS C 893 -8.41 -22.19 -0.28
N LEU C 894 -8.44 -21.86 1.00
CA LEU C 894 -7.37 -21.04 1.57
C LEU C 894 -6.08 -21.82 1.67
N MET C 895 -6.14 -23.14 1.73
CA MET C 895 -4.93 -23.95 1.78
C MET C 895 -4.30 -24.15 0.41
N VAL C 896 -5.09 -24.19 -0.66
CA VAL C 896 -4.50 -24.33 -1.98
C VAL C 896 -4.15 -22.99 -2.64
N THR C 897 -4.85 -21.91 -2.29
CA THR C 897 -4.49 -20.57 -2.76
C THR C 897 -3.47 -19.91 -1.89
N ALA C 898 -2.69 -20.67 -1.13
CA ALA C 898 -1.52 -20.20 -0.41
C ALA C 898 -0.38 -20.07 -1.41
N ASP C 899 0.86 -20.16 -0.95
CA ASP C 899 2.01 -19.90 -1.82
C ASP C 899 2.04 -20.80 -3.06
N HIS C 900 2.49 -20.22 -4.16
CA HIS C 900 2.74 -20.84 -5.45
C HIS C 900 4.11 -20.44 -5.94
N GLY C 901 5.10 -20.54 -5.07
CA GLY C 901 6.46 -20.25 -5.44
C GLY C 901 6.78 -18.78 -5.51
N PRO C 902 8.08 -18.46 -5.51
CA PRO C 902 8.52 -17.06 -5.49
C PRO C 902 8.65 -16.41 -6.86
N ALA C 903 8.41 -17.15 -7.93
CA ALA C 903 8.58 -16.58 -9.26
C ALA C 903 7.42 -15.67 -9.62
N VAL C 904 6.24 -15.97 -9.10
CA VAL C 904 5.03 -15.27 -9.49
C VAL C 904 5.07 -13.83 -8.96
N SER C 905 4.19 -12.98 -9.50
CA SER C 905 4.41 -11.53 -9.50
C SER C 905 4.36 -10.92 -8.10
N GLY C 906 3.39 -11.32 -7.29
CA GLY C 906 3.26 -10.76 -5.97
C GLY C 906 4.28 -11.28 -4.98
N ALA C 907 4.62 -12.57 -5.11
CA ALA C 907 5.69 -13.14 -4.30
C ALA C 907 7.01 -12.49 -4.62
N HIS C 908 7.23 -12.17 -5.90
CA HIS C 908 8.40 -11.42 -6.31
C HIS C 908 8.45 -10.05 -5.65
N ASN C 909 7.33 -9.32 -5.66
CA ASN C 909 7.30 -7.99 -5.05
C ASN C 909 7.51 -8.04 -3.54
N THR C 910 6.97 -9.05 -2.87
CA THR C 910 7.18 -9.24 -1.44
C THR C 910 8.64 -9.52 -1.13
N ILE C 911 9.32 -10.28 -1.98
CA ILE C 911 10.72 -10.59 -1.74
C ILE C 911 11.61 -9.38 -2.02
N ILE C 912 11.30 -8.61 -3.06
CA ILE C 912 12.06 -7.38 -3.34
C ILE C 912 11.87 -6.37 -2.21
N CYS C 913 10.71 -6.42 -1.58
CA CYS C 913 10.43 -5.52 -0.46
C CYS C 913 11.10 -5.99 0.83
N ALA C 914 11.13 -7.30 1.04
CA ALA C 914 11.74 -7.88 2.23
C ALA C 914 13.26 -7.75 2.19
N ARG C 915 13.85 -7.80 1.00
CA ARG C 915 15.28 -7.64 0.85
C ARG C 915 15.71 -6.18 0.93
N ALA C 916 14.79 -5.24 0.75
CA ALA C 916 15.04 -3.84 1.05
C ALA C 916 14.87 -3.52 2.52
N GLY C 917 14.60 -4.52 3.35
CA GLY C 917 14.64 -4.37 4.78
C GLY C 917 13.49 -3.60 5.38
N LYS C 918 12.27 -3.85 4.93
CA LYS C 918 11.23 -2.92 5.33
C LYS C 918 10.55 -3.25 6.66
N ASP C 919 9.57 -4.16 6.63
CA ASP C 919 8.80 -4.71 7.73
C ASP C 919 7.78 -5.62 7.09
N LEU C 920 7.01 -6.32 7.92
CA LEU C 920 6.12 -7.36 7.42
C LEU C 920 4.95 -6.77 6.67
N VAL C 921 4.41 -5.66 7.16
CA VAL C 921 3.20 -5.08 6.58
C VAL C 921 3.50 -4.43 5.24
N SER C 922 4.63 -3.72 5.13
CA SER C 922 5.00 -3.12 3.85
C SER C 922 5.38 -4.16 2.80
N SER C 923 6.00 -5.26 3.22
CA SER C 923 6.37 -6.32 2.28
C SER C 923 5.14 -7.07 1.78
N LEU C 924 4.32 -7.55 2.72
CA LEU C 924 3.05 -8.20 2.38
C LEU C 924 2.18 -7.30 1.55
N THR C 925 2.12 -6.02 1.88
CA THR C 925 1.30 -5.05 1.19
C THR C 925 1.81 -4.77 -0.22
N SER C 926 3.12 -4.61 -0.40
CA SER C 926 3.71 -4.42 -1.71
C SER C 926 3.56 -5.64 -2.60
N GLY C 927 3.44 -6.82 -2.02
CA GLY C 927 3.12 -7.97 -2.83
C GLY C 927 1.64 -8.17 -3.07
N LEU C 928 0.81 -7.73 -2.12
CA LEU C 928 -0.64 -7.87 -2.24
C LEU C 928 -1.18 -6.90 -3.25
N LEU C 929 -0.51 -5.78 -3.47
CA LEU C 929 -1.00 -4.83 -4.45
C LEU C 929 -0.59 -5.17 -5.86
N THR C 930 -0.66 -6.43 -6.25
CA THR C 930 -0.51 -6.88 -7.61
C THR C 930 -1.61 -7.85 -7.96
N ILE C 931 -2.41 -8.26 -6.97
CA ILE C 931 -3.54 -9.14 -7.18
C ILE C 931 -4.62 -8.31 -7.84
N GLY C 932 -4.67 -8.39 -9.16
CA GLY C 932 -5.52 -7.55 -9.98
C GLY C 932 -6.28 -8.39 -10.97
N ASP C 933 -6.03 -8.16 -12.25
CA ASP C 933 -6.62 -8.95 -13.32
C ASP C 933 -5.71 -10.01 -13.90
N ARG C 934 -4.41 -9.73 -14.06
CA ARG C 934 -3.50 -10.68 -14.67
C ARG C 934 -2.93 -11.68 -13.67
N PHE C 935 -2.67 -11.25 -12.45
CA PHE C 935 -2.21 -12.11 -11.38
C PHE C 935 -3.28 -12.15 -10.31
N GLY C 936 -3.85 -13.32 -10.07
CA GLY C 936 -4.81 -13.47 -9.00
C GLY C 936 -6.23 -13.04 -9.31
N GLY C 937 -6.55 -12.74 -10.55
CA GLY C 937 -7.90 -12.31 -10.86
C GLY C 937 -8.64 -13.28 -11.73
N ALA C 938 -8.15 -14.51 -11.82
CA ALA C 938 -8.87 -15.57 -12.50
C ALA C 938 -9.91 -16.23 -11.61
N LEU C 939 -9.82 -16.03 -10.30
CA LEU C 939 -10.84 -16.52 -9.37
C LEU C 939 -12.20 -15.89 -9.65
N ASP C 940 -12.21 -14.56 -9.76
CA ASP C 940 -13.46 -13.84 -9.90
C ASP C 940 -13.91 -13.80 -11.35
N ALA C 941 -12.97 -13.68 -12.28
CA ALA C 941 -13.31 -13.65 -13.70
C ALA C 941 -13.73 -15.01 -14.22
N ALA C 942 -13.09 -16.08 -13.75
CA ALA C 942 -13.44 -17.44 -14.13
C ALA C 942 -14.73 -17.91 -13.47
N ALA C 943 -15.31 -17.13 -12.57
CA ALA C 943 -16.63 -17.40 -12.05
C ALA C 943 -17.69 -16.52 -12.67
N LYS C 944 -17.37 -15.25 -12.94
CA LYS C 944 -18.29 -14.38 -13.67
C LYS C 944 -18.53 -14.90 -15.09
N MET C 945 -17.50 -15.41 -15.74
CA MET C 945 -17.64 -15.88 -17.12
C MET C 945 -18.48 -17.13 -17.20
N PHE C 946 -18.19 -18.13 -16.35
CA PHE C 946 -18.96 -19.36 -16.35
C PHE C 946 -20.38 -19.14 -15.82
N SER C 947 -20.58 -18.16 -14.94
CA SER C 947 -21.93 -17.86 -14.48
C SER C 947 -22.73 -17.12 -15.52
N LYS C 948 -22.10 -16.22 -16.28
CA LYS C 948 -22.80 -15.54 -17.36
C LYS C 948 -23.06 -16.45 -18.54
N ALA C 949 -22.29 -17.53 -18.66
CA ALA C 949 -22.56 -18.54 -19.68
C ALA C 949 -23.60 -19.56 -19.26
N PHE C 950 -23.60 -19.95 -18.00
CA PHE C 950 -24.53 -20.96 -17.52
C PHE C 950 -25.93 -20.39 -17.29
N ASP C 951 -26.02 -19.12 -16.88
CA ASP C 951 -27.32 -18.49 -16.67
C ASP C 951 -27.90 -17.88 -17.93
N SER C 952 -27.12 -17.78 -19.00
CA SER C 952 -27.70 -17.36 -20.27
C SER C 952 -28.42 -18.52 -20.94
N GLY C 953 -28.04 -19.75 -20.59
CA GLY C 953 -28.76 -20.91 -21.06
C GLY C 953 -28.24 -21.44 -22.38
N ILE C 954 -26.92 -21.58 -22.50
CA ILE C 954 -26.32 -22.19 -23.68
C ILE C 954 -25.53 -23.41 -23.25
N ILE C 955 -25.49 -24.41 -24.14
CA ILE C 955 -24.78 -25.65 -23.90
C ILE C 955 -23.28 -25.35 -24.01
N PRO C 956 -22.41 -26.15 -23.35
CA PRO C 956 -20.97 -25.84 -23.36
C PRO C 956 -20.33 -25.82 -24.74
N MET C 957 -20.79 -26.66 -25.65
CA MET C 957 -20.26 -26.74 -27.00
C MET C 957 -20.56 -25.49 -27.83
N GLU C 958 -21.53 -24.69 -27.42
CA GLU C 958 -21.74 -23.38 -28.00
C GLU C 958 -21.02 -22.27 -27.24
N PHE C 959 -20.74 -22.47 -25.96
CA PHE C 959 -20.02 -21.47 -25.18
C PHE C 959 -18.54 -21.41 -25.59
N VAL C 960 -17.94 -22.57 -25.87
CA VAL C 960 -16.54 -22.59 -26.29
C VAL C 960 -16.37 -21.90 -27.64
N ASN C 961 -17.30 -22.14 -28.56
CA ASN C 961 -17.23 -21.51 -29.87
C ASN C 961 -17.67 -20.05 -29.83
N LYS C 962 -18.50 -19.67 -28.85
CA LYS C 962 -18.80 -18.26 -28.66
C LYS C 962 -17.57 -17.49 -28.18
N MET C 963 -16.80 -18.11 -27.28
CA MET C 963 -15.55 -17.50 -26.85
C MET C 963 -14.40 -17.77 -27.80
N LYS C 964 -14.71 -18.33 -28.97
CA LYS C 964 -13.69 -18.61 -29.98
C LYS C 964 -13.77 -17.59 -31.12
N LYS C 965 -14.91 -16.90 -31.22
CA LYS C 965 -15.13 -15.91 -32.27
C LYS C 965 -14.93 -14.48 -31.79
N GLU C 966 -14.45 -14.30 -30.56
CA GLU C 966 -14.29 -12.95 -30.00
C GLU C 966 -12.88 -12.68 -29.51
N GLY C 967 -11.92 -13.57 -29.74
CA GLY C 967 -10.73 -13.54 -28.92
C GLY C 967 -11.12 -14.02 -27.54
N LYS C 968 -10.49 -13.42 -26.52
CA LYS C 968 -10.78 -13.59 -25.08
C LYS C 968 -10.95 -15.03 -24.61
N LEU C 969 -9.83 -15.76 -24.50
CA LEU C 969 -9.74 -17.11 -23.95
C LEU C 969 -10.56 -17.34 -22.68
N ILE C 970 -11.06 -18.56 -22.52
CA ILE C 970 -11.87 -18.90 -21.35
C ILE C 970 -11.00 -18.85 -20.10
N MET C 971 -11.33 -17.93 -19.20
CA MET C 971 -10.61 -17.79 -17.93
C MET C 971 -10.87 -19.00 -17.06
N GLY C 972 -9.80 -19.55 -16.48
CA GLY C 972 -9.92 -20.74 -15.66
C GLY C 972 -9.75 -22.05 -16.39
N ILE C 973 -9.20 -22.03 -17.60
CA ILE C 973 -8.94 -23.23 -18.40
C ILE C 973 -7.47 -23.22 -18.82
N GLY C 974 -6.75 -24.28 -18.49
CA GLY C 974 -5.41 -24.42 -19.03
C GLY C 974 -4.34 -24.48 -17.96
N HIS C 975 -3.40 -25.39 -18.14
CA HIS C 975 -2.19 -25.45 -17.34
C HIS C 975 -1.01 -25.57 -18.27
N ARG C 976 0.18 -25.18 -17.79
CA ARG C 976 1.37 -25.28 -18.63
C ARG C 976 1.88 -26.72 -18.71
N VAL C 977 1.76 -27.49 -17.61
CA VAL C 977 2.44 -28.77 -17.50
C VAL C 977 1.44 -29.90 -17.25
N LYS C 978 0.71 -29.83 -16.15
CA LYS C 978 -0.19 -30.91 -15.74
C LYS C 978 -1.40 -30.90 -16.66
N SER C 979 -1.57 -31.95 -17.46
CA SER C 979 -2.49 -31.84 -18.59
C SER C 979 -3.72 -32.72 -18.54
N ILE C 980 -3.52 -34.01 -18.79
CA ILE C 980 -4.53 -35.07 -18.76
C ILE C 980 -3.71 -36.34 -18.92
N ASN C 981 -4.12 -37.41 -18.23
CA ASN C 981 -3.28 -38.55 -17.79
C ASN C 981 -2.12 -38.08 -16.92
N ASN C 982 -2.24 -36.88 -16.34
CA ASN C 982 -1.29 -36.15 -15.51
C ASN C 982 -2.03 -35.00 -14.84
N PRO C 983 -2.90 -35.27 -13.87
CA PRO C 983 -3.74 -34.21 -13.34
C PRO C 983 -2.99 -33.31 -12.37
N ASP C 984 -3.62 -32.19 -12.02
CA ASP C 984 -2.94 -31.12 -11.31
C ASP C 984 -2.73 -31.41 -9.83
N MET C 985 -3.53 -32.31 -9.26
CA MET C 985 -3.41 -32.86 -7.90
C MET C 985 -3.64 -31.85 -6.78
N ARG C 986 -3.98 -30.60 -7.11
CA ARG C 986 -4.68 -29.73 -6.18
C ARG C 986 -5.99 -29.24 -6.75
N VAL C 987 -6.16 -29.30 -8.08
CA VAL C 987 -7.47 -29.31 -8.69
C VAL C 987 -8.21 -30.59 -8.33
N GLN C 988 -7.48 -31.69 -8.15
CA GLN C 988 -8.10 -32.97 -7.90
C GLN C 988 -8.59 -33.13 -6.47
N ILE C 989 -7.87 -32.59 -5.49
CA ILE C 989 -8.31 -32.67 -4.10
C ILE C 989 -9.57 -31.83 -3.91
N LEU C 990 -9.57 -30.63 -4.49
CA LEU C 990 -10.75 -29.80 -4.48
C LEU C 990 -11.90 -30.45 -5.21
N LYS C 991 -11.63 -31.06 -6.37
CA LYS C 991 -12.67 -31.62 -7.21
C LYS C 991 -13.32 -32.83 -6.57
N ASP C 992 -12.53 -33.69 -5.92
CA ASP C 992 -13.12 -34.76 -5.13
C ASP C 992 -13.62 -34.32 -3.77
N TYR C 993 -13.35 -33.08 -3.34
CA TYR C 993 -14.15 -32.57 -2.23
C TYR C 993 -15.54 -32.12 -2.68
N VAL C 994 -15.61 -31.41 -3.80
CA VAL C 994 -16.88 -30.93 -4.32
C VAL C 994 -17.74 -32.06 -4.88
N ARG C 995 -17.15 -33.20 -5.24
CA ARG C 995 -17.98 -34.30 -5.69
C ARG C 995 -18.63 -35.06 -4.53
N GLN C 996 -17.98 -35.09 -3.37
CA GLN C 996 -18.42 -35.95 -2.27
C GLN C 996 -19.31 -35.23 -1.26
N HIS C 997 -18.84 -34.12 -0.69
CA HIS C 997 -19.49 -33.47 0.45
C HIS C 997 -20.40 -32.33 0.04
N PHE C 998 -21.03 -32.39 -1.11
CA PHE C 998 -21.46 -31.13 -1.69
C PHE C 998 -22.63 -31.37 -2.64
N PRO C 999 -23.86 -31.14 -2.20
CA PRO C 999 -25.01 -31.49 -3.04
C PRO C 999 -25.24 -30.47 -4.16
N ALA C 1000 -25.75 -30.97 -5.29
CA ALA C 1000 -26.33 -30.17 -6.36
C ALA C 1000 -25.36 -29.16 -6.95
N THR C 1001 -24.35 -29.60 -7.68
CA THR C 1001 -23.31 -28.72 -8.20
C THR C 1001 -23.34 -28.52 -9.71
N PRO C 1002 -24.24 -27.67 -10.23
CA PRO C 1002 -24.43 -27.63 -11.68
C PRO C 1002 -23.38 -26.85 -12.45
N LEU C 1003 -22.86 -25.76 -11.88
CA LEU C 1003 -21.87 -24.97 -12.61
C LEU C 1003 -20.53 -25.68 -12.69
N LEU C 1004 -20.19 -26.50 -11.71
CA LEU C 1004 -18.99 -27.32 -11.84
C LEU C 1004 -19.17 -28.39 -12.90
N ASP C 1005 -20.39 -28.95 -13.02
CA ASP C 1005 -20.66 -29.91 -14.09
C ASP C 1005 -20.57 -29.24 -15.46
N TYR C 1006 -21.06 -28.01 -15.56
CA TYR C 1006 -20.92 -27.23 -16.78
C TYR C 1006 -19.44 -26.96 -17.10
N ALA C 1007 -18.65 -26.62 -16.09
CA ALA C 1007 -17.23 -26.36 -16.30
C ALA C 1007 -16.47 -27.63 -16.65
N LEU C 1008 -16.92 -28.78 -16.14
CA LEU C 1008 -16.30 -30.04 -16.51
C LEU C 1008 -16.71 -30.49 -17.90
N GLU C 1009 -17.88 -30.08 -18.38
CA GLU C 1009 -18.23 -30.33 -19.78
C GLU C 1009 -17.43 -29.42 -20.73
N VAL C 1010 -17.22 -28.16 -20.34
CA VAL C 1010 -16.29 -27.29 -21.08
C VAL C 1010 -14.88 -27.87 -21.04
N GLU C 1011 -14.50 -28.51 -19.92
CA GLU C 1011 -13.21 -29.18 -19.83
C GLU C 1011 -13.12 -30.37 -20.77
N LYS C 1012 -14.18 -31.17 -20.86
CA LYS C 1012 -14.23 -32.29 -21.79
C LYS C 1012 -14.12 -31.82 -23.24
N ILE C 1013 -14.72 -30.67 -23.54
CA ILE C 1013 -14.64 -30.14 -24.90
C ILE C 1013 -13.26 -29.56 -25.19
N THR C 1014 -12.65 -28.88 -24.21
CA THR C 1014 -11.37 -28.24 -24.47
C THR C 1014 -10.19 -29.21 -24.39
N THR C 1015 -10.28 -30.29 -23.62
CA THR C 1015 -9.20 -31.27 -23.63
C THR C 1015 -9.16 -32.11 -24.89
N SER C 1016 -10.17 -32.00 -25.75
CA SER C 1016 -10.07 -32.61 -27.07
C SER C 1016 -9.28 -31.75 -28.03
N LYS C 1017 -9.25 -30.43 -27.80
CA LYS C 1017 -8.46 -29.53 -28.64
C LYS C 1017 -6.98 -29.69 -28.34
N LYS C 1018 -6.61 -29.55 -27.08
CA LYS C 1018 -5.23 -29.65 -26.62
C LYS C 1018 -5.19 -30.62 -25.46
N PRO C 1019 -4.01 -31.20 -25.19
CA PRO C 1019 -3.93 -32.12 -24.05
C PRO C 1019 -3.71 -31.35 -22.74
N ASN C 1020 -3.26 -30.10 -22.84
CA ASN C 1020 -2.98 -29.28 -21.66
C ASN C 1020 -4.02 -28.19 -21.37
N LEU C 1021 -5.28 -28.46 -21.68
CA LEU C 1021 -6.34 -27.50 -21.42
C LEU C 1021 -7.26 -28.10 -20.36
N ILE C 1022 -6.89 -27.92 -19.09
CA ILE C 1022 -7.66 -28.52 -18.02
C ILE C 1022 -8.21 -27.37 -17.20
N LEU C 1023 -9.09 -27.66 -16.25
CA LEU C 1023 -9.49 -26.65 -15.27
C LEU C 1023 -8.29 -26.24 -14.41
N ASN C 1024 -8.11 -24.94 -14.28
CA ASN C 1024 -7.16 -24.38 -13.33
C ASN C 1024 -7.63 -24.63 -11.90
N VAL C 1025 -6.77 -24.32 -10.95
CA VAL C 1025 -7.27 -24.19 -9.59
C VAL C 1025 -8.00 -22.86 -9.45
N ASP C 1026 -7.57 -21.85 -10.20
CA ASP C 1026 -8.19 -20.53 -10.18
C ASP C 1026 -9.50 -20.48 -10.94
N GLY C 1027 -9.87 -21.54 -11.65
CA GLY C 1027 -11.15 -21.61 -12.30
C GLY C 1027 -12.08 -22.55 -11.57
N LEU C 1028 -11.51 -23.62 -11.01
CA LEU C 1028 -12.34 -24.57 -10.27
C LEU C 1028 -12.77 -23.99 -8.93
N ILE C 1029 -11.92 -23.19 -8.27
CA ILE C 1029 -12.38 -22.55 -7.05
C ILE C 1029 -13.45 -21.51 -7.35
N GLY C 1030 -13.36 -20.82 -8.48
CA GLY C 1030 -14.38 -19.88 -8.86
C GLY C 1030 -15.74 -20.53 -9.12
N VAL C 1031 -15.75 -21.59 -9.94
CA VAL C 1031 -17.03 -22.21 -10.24
C VAL C 1031 -17.57 -23.03 -9.05
N ALA C 1032 -16.69 -23.64 -8.26
CA ALA C 1032 -17.15 -24.37 -7.09
C ALA C 1032 -17.57 -23.44 -5.96
N PHE C 1033 -17.09 -22.21 -5.95
CA PHE C 1033 -17.54 -21.24 -4.97
C PHE C 1033 -18.87 -20.62 -5.38
N VAL C 1034 -19.12 -20.45 -6.68
CA VAL C 1034 -20.46 -20.08 -7.11
C VAL C 1034 -21.46 -21.19 -6.80
N ASP C 1035 -21.06 -22.45 -6.98
CA ASP C 1035 -21.91 -23.56 -6.55
C ASP C 1035 -22.10 -23.58 -5.04
N MET C 1036 -21.06 -23.23 -4.29
CA MET C 1036 -21.17 -23.15 -2.83
C MET C 1036 -22.14 -22.06 -2.42
N LEU C 1037 -22.14 -20.93 -3.11
CA LEU C 1037 -23.03 -19.85 -2.73
C LEU C 1037 -24.46 -20.14 -3.14
N ARG C 1038 -24.70 -20.43 -4.40
CA ARG C 1038 -26.06 -20.54 -4.90
C ARG C 1038 -26.65 -21.94 -4.79
N ASN C 1039 -25.91 -22.91 -4.25
CA ASN C 1039 -26.37 -24.29 -4.26
C ASN C 1039 -26.56 -24.90 -2.89
N CYS C 1040 -25.96 -24.35 -1.83
CA CYS C 1040 -26.29 -24.86 -0.50
C CYS C 1040 -27.48 -24.07 0.02
N GLY C 1041 -27.64 -24.00 1.34
CA GLY C 1041 -28.65 -23.12 1.87
C GLY C 1041 -28.22 -21.66 1.88
N SER C 1042 -28.88 -20.87 2.72
CA SER C 1042 -28.43 -19.58 3.24
C SER C 1042 -28.38 -18.44 2.22
N PHE C 1043 -28.40 -18.71 0.93
CA PHE C 1043 -28.31 -17.65 -0.07
C PHE C 1043 -29.42 -17.85 -1.08
N THR C 1044 -30.11 -16.78 -1.47
CA THR C 1044 -31.27 -17.01 -2.30
C THR C 1044 -30.90 -17.15 -3.78
N ARG C 1045 -30.78 -16.03 -4.50
CA ARG C 1045 -29.96 -15.95 -5.70
C ARG C 1045 -29.53 -14.52 -5.97
N GLU C 1046 -30.03 -13.57 -5.18
CA GLU C 1046 -29.59 -12.19 -5.33
C GLU C 1046 -28.59 -11.80 -4.25
N GLU C 1047 -28.56 -12.54 -3.15
CA GLU C 1047 -27.39 -12.49 -2.27
C GLU C 1047 -26.22 -13.23 -2.92
N ALA C 1048 -26.49 -14.38 -3.55
CA ALA C 1048 -25.42 -15.20 -4.09
C ALA C 1048 -24.77 -14.56 -5.31
N ASP C 1049 -25.50 -13.74 -6.06
CA ASP C 1049 -24.89 -13.03 -7.18
C ASP C 1049 -24.26 -11.72 -6.76
N GLU C 1050 -24.75 -11.10 -5.68
CA GLU C 1050 -24.12 -9.89 -5.18
C GLU C 1050 -22.78 -10.19 -4.55
N TYR C 1051 -22.65 -11.32 -3.86
CA TYR C 1051 -21.34 -11.68 -3.32
C TYR C 1051 -20.36 -12.09 -4.41
N ILE C 1052 -20.86 -12.43 -5.58
CA ILE C 1052 -20.01 -12.81 -6.70
C ILE C 1052 -19.67 -11.60 -7.55
N ASP C 1053 -20.40 -10.50 -7.33
CA ASP C 1053 -20.18 -9.28 -8.09
C ASP C 1053 -19.50 -8.19 -7.27
N ILE C 1054 -19.61 -8.25 -5.95
CA ILE C 1054 -18.97 -7.25 -5.10
C ILE C 1054 -17.49 -7.57 -4.99
N GLY C 1055 -17.16 -8.86 -5.05
CA GLY C 1055 -15.78 -9.29 -5.00
C GLY C 1055 -15.35 -10.20 -3.87
N ALA C 1056 -16.23 -11.08 -3.39
CA ALA C 1056 -15.87 -12.01 -2.34
C ALA C 1056 -15.01 -13.17 -2.81
N LEU C 1057 -14.71 -13.26 -4.11
CA LEU C 1057 -13.77 -14.23 -4.64
C LEU C 1057 -12.37 -13.70 -4.81
N ASN C 1058 -12.21 -12.38 -4.90
CA ASN C 1058 -10.87 -11.83 -4.78
C ASN C 1058 -10.34 -11.99 -3.37
N GLY C 1059 -11.24 -11.93 -2.38
CA GLY C 1059 -10.86 -12.08 -0.99
C GLY C 1059 -10.35 -13.46 -0.63
N ILE C 1060 -10.84 -14.50 -1.31
CA ILE C 1060 -10.34 -15.86 -1.08
C ILE C 1060 -8.89 -15.96 -1.53
N PHE C 1061 -8.58 -15.43 -2.71
CA PHE C 1061 -7.19 -15.47 -3.19
C PHE C 1061 -6.29 -14.59 -2.35
N VAL C 1062 -6.76 -13.42 -1.94
CA VAL C 1062 -5.91 -12.51 -1.19
C VAL C 1062 -5.64 -13.05 0.22
N LEU C 1063 -6.66 -13.58 0.88
CA LEU C 1063 -6.46 -14.14 2.21
C LEU C 1063 -5.70 -15.45 2.18
N GLY C 1064 -5.83 -16.23 1.10
CA GLY C 1064 -5.00 -17.43 1.00
C GLY C 1064 -3.55 -17.09 0.71
N ARG C 1065 -3.31 -16.21 -0.25
CA ARG C 1065 -1.98 -15.84 -0.68
C ARG C 1065 -1.24 -14.98 0.32
N SER C 1066 -1.93 -14.38 1.29
CA SER C 1066 -1.24 -13.65 2.34
C SER C 1066 -0.41 -14.56 3.24
N MET C 1067 -0.83 -15.82 3.42
CA MET C 1067 -0.01 -16.78 4.15
C MET C 1067 1.30 -17.04 3.43
N GLY C 1068 1.24 -17.23 2.11
CA GLY C 1068 2.45 -17.45 1.35
C GLY C 1068 3.33 -16.23 1.27
N PHE C 1069 2.74 -15.03 1.23
CA PHE C 1069 3.56 -13.82 1.16
C PHE C 1069 4.22 -13.51 2.49
N ILE C 1070 3.54 -13.75 3.61
CA ILE C 1070 4.19 -13.59 4.91
C ILE C 1070 5.26 -14.65 5.10
N GLY C 1071 5.02 -15.87 4.59
CA GLY C 1071 6.06 -16.89 4.61
C GLY C 1071 7.28 -16.52 3.78
N HIS C 1072 7.05 -15.85 2.66
CA HIS C 1072 8.16 -15.38 1.83
C HIS C 1072 8.93 -14.26 2.51
N TYR C 1073 8.23 -13.36 3.21
CA TYR C 1073 8.91 -12.30 3.96
C TYR C 1073 9.77 -12.88 5.07
N LEU C 1074 9.20 -13.80 5.87
CA LEU C 1074 9.95 -14.43 6.96
C LEU C 1074 11.11 -15.25 6.43
N ASP C 1075 10.95 -15.83 5.24
CA ASP C 1075 12.02 -16.59 4.63
C ASP C 1075 13.17 -15.69 4.19
N GLN C 1076 12.87 -14.56 3.56
CA GLN C 1076 13.96 -13.66 3.16
C GLN C 1076 14.59 -12.92 4.33
N LYS C 1077 13.87 -12.78 5.45
CA LYS C 1077 14.49 -12.26 6.65
C LYS C 1077 15.33 -13.30 7.37
N ARG C 1078 14.99 -14.57 7.23
CA ARG C 1078 15.76 -15.62 7.88
C ARG C 1078 16.99 -16.02 7.09
N LEU C 1079 16.96 -15.91 5.77
CA LEU C 1079 18.15 -16.14 4.96
C LEU C 1079 19.09 -14.94 4.93
N LYS C 1080 18.64 -13.78 5.41
CA LYS C 1080 19.46 -12.56 5.57
C LYS C 1080 20.04 -12.09 4.24
N GLN C 1081 19.18 -11.79 3.28
CA GLN C 1081 19.63 -11.39 1.95
C GLN C 1081 19.65 -9.89 1.84
N GLY C 1082 20.57 -9.38 1.02
CA GLY C 1082 20.78 -7.97 0.87
C GLY C 1082 19.85 -7.35 -0.16
N LEU C 1083 20.06 -6.06 -0.37
CA LEU C 1083 19.25 -5.29 -1.31
C LEU C 1083 19.43 -5.82 -2.73
N TYR C 1084 18.33 -5.89 -3.46
CA TYR C 1084 18.33 -6.40 -4.82
C TYR C 1084 18.54 -5.25 -5.79
N ARG C 1085 19.27 -5.53 -6.87
CA ARG C 1085 19.68 -4.48 -7.79
C ARG C 1085 19.26 -4.70 -9.23
N HIS C 1086 18.93 -5.94 -9.64
CA HIS C 1086 18.45 -6.27 -10.99
C HIS C 1086 19.38 -5.89 -12.13
N PRO C 1087 20.27 -6.80 -12.53
CA PRO C 1087 21.38 -6.46 -13.43
C PRO C 1087 20.96 -5.83 -14.75
N TRP C 1088 21.84 -4.98 -15.27
CA TRP C 1088 21.52 -4.14 -16.42
C TRP C 1088 21.39 -4.92 -17.71
N ASP C 1089 21.93 -6.13 -17.78
CA ASP C 1089 21.74 -6.94 -18.99
C ASP C 1089 20.52 -7.83 -18.89
N ASP C 1090 19.43 -7.25 -18.41
CA ASP C 1090 18.12 -7.90 -18.45
C ASP C 1090 17.09 -6.83 -18.75
N ILE C 1091 17.51 -5.64 -19.16
CA ILE C 1091 16.69 -4.45 -19.12
C ILE C 1091 16.50 -3.83 -20.50
N SER C 1092 17.57 -3.64 -21.27
CA SER C 1092 17.50 -3.20 -22.68
C SER C 1092 16.81 -1.85 -22.85
N TYR C 1093 17.51 -0.81 -22.39
CA TYR C 1093 17.06 0.58 -22.48
C TYR C 1093 16.84 1.00 -23.92
N VAL C 1094 15.67 1.59 -24.21
CA VAL C 1094 15.26 1.82 -25.59
C VAL C 1094 14.88 3.30 -25.76
N LEU C 1095 15.48 4.15 -24.95
CA LEU C 1095 15.26 5.60 -24.82
C LEU C 1095 15.30 6.37 -26.13
N PRO C 1096 14.58 7.51 -26.23
CA PRO C 1096 14.67 8.34 -27.44
C PRO C 1096 16.02 8.99 -27.64
N GLU C 1097 16.19 9.66 -28.78
CA GLU C 1097 17.52 10.11 -29.20
C GLU C 1097 17.98 11.31 -28.39
N HIS C 1098 17.25 12.43 -28.49
CA HIS C 1098 17.57 13.62 -27.69
C HIS C 1098 16.27 14.40 -27.53
N MET C 1099 15.59 14.19 -26.41
CA MET C 1099 14.32 14.85 -26.14
C MET C 1099 14.54 16.13 -25.35
N SER D 2 -44.46 34.20 -14.37
CA SER D 2 -44.63 35.64 -14.56
C SER D 2 -44.52 36.02 -16.03
N ALA D 3 -45.66 36.28 -16.66
CA ALA D 3 -45.70 36.75 -18.04
C ALA D 3 -45.77 38.28 -18.02
N LYS D 4 -44.71 38.91 -18.50
CA LYS D 4 -44.61 40.36 -18.49
C LYS D 4 -44.30 40.89 -19.89
N ALA D 5 -44.48 42.20 -20.06
CA ALA D 5 -44.57 42.81 -21.37
C ALA D 5 -43.21 42.86 -22.08
N ILE D 6 -43.26 43.14 -23.37
CA ILE D 6 -42.09 43.20 -24.23
C ILE D 6 -42.10 44.56 -24.91
N SER D 7 -40.91 45.04 -25.28
CA SER D 7 -40.86 46.22 -26.12
C SER D 7 -41.32 45.85 -27.53
N GLU D 8 -42.02 46.80 -28.15
CA GLU D 8 -42.71 46.52 -29.41
C GLU D 8 -41.73 46.39 -30.57
N GLN D 9 -40.57 47.03 -30.46
CA GLN D 9 -39.46 46.79 -31.37
C GLN D 9 -39.02 45.33 -31.33
N THR D 10 -38.87 44.77 -30.14
CA THR D 10 -38.53 43.36 -29.99
C THR D 10 -39.68 42.47 -30.46
N GLY D 11 -40.92 42.93 -30.27
CA GLY D 11 -42.07 42.14 -30.69
C GLY D 11 -42.14 41.97 -32.20
N LYS D 12 -42.04 43.08 -32.94
CA LYS D 12 -41.99 42.98 -34.40
C LYS D 12 -40.65 42.45 -34.89
N GLU D 13 -39.59 42.51 -34.07
CA GLU D 13 -38.33 41.86 -34.39
C GLU D 13 -38.50 40.35 -34.54
N LEU D 14 -38.97 39.68 -33.48
CA LEU D 14 -39.21 38.24 -33.62
C LEU D 14 -40.41 37.92 -34.49
N LEU D 15 -41.33 38.88 -34.69
CA LEU D 15 -42.44 38.63 -35.60
C LEU D 15 -41.97 38.55 -37.04
N TYR D 16 -41.08 39.46 -37.46
CA TYR D 16 -40.51 39.37 -38.79
C TYR D 16 -39.50 38.22 -38.89
N LYS D 17 -38.91 37.84 -37.76
CA LYS D 17 -37.86 36.83 -37.79
C LYS D 17 -38.40 35.40 -37.81
N PHE D 18 -39.57 35.15 -37.21
CA PHE D 18 -39.98 33.77 -36.99
C PHE D 18 -41.38 33.44 -37.46
N ILE D 19 -42.02 34.25 -38.30
CA ILE D 19 -43.32 33.85 -38.81
C ILE D 19 -43.11 32.78 -39.88
N CYS D 20 -44.10 31.91 -40.03
CA CYS D 20 -44.07 30.86 -41.04
CA CYS D 20 -44.07 30.85 -41.04
C CYS D 20 -45.47 30.71 -41.63
N THR D 21 -45.72 31.46 -42.70
CA THR D 21 -46.97 31.38 -43.45
C THR D 21 -46.67 31.89 -44.84
N THR D 22 -47.54 31.54 -45.79
CA THR D 22 -47.25 31.86 -47.18
C THR D 22 -47.58 33.31 -47.53
N SER D 23 -48.37 33.99 -46.71
CA SER D 23 -48.69 35.38 -46.96
C SER D 23 -47.46 36.26 -46.73
N ALA D 24 -47.22 37.18 -47.66
CA ALA D 24 -46.01 38.01 -47.66
C ALA D 24 -46.15 39.12 -46.64
N ILE D 25 -45.43 39.01 -45.53
CA ILE D 25 -45.29 40.13 -44.61
C ILE D 25 -44.35 41.16 -45.24
N GLN D 26 -44.88 42.34 -45.54
CA GLN D 26 -44.08 43.35 -46.19
C GLN D 26 -43.47 44.30 -45.16
N ASN D 27 -42.55 45.15 -45.65
CA ASN D 27 -41.66 45.98 -44.81
C ASN D 27 -40.95 45.17 -43.73
N ARG D 28 -40.40 44.02 -44.13
CA ARG D 28 -39.62 43.20 -43.21
C ARG D 28 -38.28 43.85 -42.92
N PHE D 29 -37.84 43.76 -41.66
CA PHE D 29 -36.60 44.36 -41.14
C PHE D 29 -36.56 45.87 -41.34
N LYS D 30 -37.71 46.54 -41.34
CA LYS D 30 -37.78 47.98 -41.57
C LYS D 30 -38.33 48.65 -40.30
N TYR D 31 -37.42 48.99 -39.39
CA TYR D 31 -37.73 49.70 -38.17
C TYR D 31 -36.48 50.44 -37.72
N ALA D 32 -36.68 51.53 -36.99
CA ALA D 32 -35.58 52.33 -36.48
C ALA D 32 -35.89 52.75 -35.06
N ARG D 33 -34.83 52.97 -34.28
CA ARG D 33 -34.95 53.43 -32.90
C ARG D 33 -34.04 54.63 -32.70
N VAL D 34 -34.63 55.75 -32.27
CA VAL D 34 -33.90 56.98 -31.99
C VAL D 34 -34.06 57.30 -30.50
N THR D 35 -32.96 57.70 -29.87
CA THR D 35 -32.80 57.95 -28.45
C THR D 35 -32.21 59.34 -28.26
N PRO D 36 -32.26 59.90 -27.04
CA PRO D 36 -31.44 61.10 -26.77
C PRO D 36 -29.95 60.81 -26.69
N ASP D 37 -29.55 59.54 -26.62
CA ASP D 37 -28.17 59.15 -26.49
C ASP D 37 -27.57 58.72 -27.82
N THR D 38 -28.00 59.34 -28.92
CA THR D 38 -27.41 59.10 -30.23
C THR D 38 -27.41 60.38 -31.05
N ASP D 39 -26.60 60.36 -32.11
CA ASP D 39 -26.71 61.32 -33.19
C ASP D 39 -27.45 60.70 -34.37
N TRP D 40 -27.77 61.52 -35.36
CA TRP D 40 -28.66 61.10 -36.42
C TRP D 40 -27.95 60.49 -37.62
N ALA D 41 -26.67 60.82 -37.84
CA ALA D 41 -26.02 60.53 -39.12
C ALA D 41 -25.72 59.04 -39.30
N ARG D 42 -25.41 58.33 -38.21
CA ARG D 42 -25.05 56.91 -38.31
C ARG D 42 -26.24 56.07 -38.74
N LEU D 43 -27.39 56.23 -38.07
CA LEU D 43 -28.59 55.53 -38.53
C LEU D 43 -29.25 56.25 -39.70
N LEU D 44 -28.74 57.42 -40.10
CA LEU D 44 -29.15 57.98 -41.38
C LEU D 44 -28.52 57.20 -42.53
N GLN D 45 -27.22 56.92 -42.45
CA GLN D 45 -26.58 56.26 -43.58
C GLN D 45 -26.72 54.73 -43.49
N ASP D 46 -26.72 54.15 -42.29
CA ASP D 46 -26.94 52.71 -42.17
C ASP D 46 -28.40 52.31 -42.36
N HIS D 47 -29.33 53.25 -42.32
CA HIS D 47 -30.70 52.96 -42.73
C HIS D 47 -30.97 53.76 -43.99
N PRO D 48 -30.67 53.22 -45.18
CA PRO D 48 -30.98 53.96 -46.41
C PRO D 48 -32.46 53.97 -46.75
N TRP D 49 -33.26 53.08 -46.15
CA TRP D 49 -34.67 53.01 -46.46
C TRP D 49 -35.50 54.12 -45.81
N LEU D 50 -34.91 54.90 -44.90
CA LEU D 50 -35.55 56.16 -44.53
C LEU D 50 -35.53 57.14 -45.70
N LEU D 51 -34.59 56.97 -46.63
CA LEU D 51 -34.39 57.85 -47.77
C LEU D 51 -35.37 57.59 -48.91
N SER D 52 -36.31 56.66 -48.75
CA SER D 52 -37.19 56.24 -49.84
C SER D 52 -38.67 56.45 -49.56
N GLN D 53 -39.15 56.16 -48.36
CA GLN D 53 -40.58 56.14 -48.08
C GLN D 53 -40.92 57.23 -47.08
N ASN D 54 -42.21 57.34 -46.77
CA ASN D 54 -42.67 58.25 -45.73
C ASN D 54 -42.77 57.48 -44.41
N LEU D 55 -42.91 58.24 -43.30
CA LEU D 55 -42.59 57.71 -41.98
C LEU D 55 -43.77 57.87 -41.02
N VAL D 56 -43.79 57.00 -40.01
CA VAL D 56 -44.64 57.15 -38.84
C VAL D 56 -43.82 56.78 -37.60
N VAL D 57 -43.93 57.60 -36.56
CA VAL D 57 -43.10 57.49 -35.37
C VAL D 57 -43.97 57.29 -34.14
N LYS D 58 -43.46 56.55 -33.17
CA LYS D 58 -44.22 56.18 -31.98
C LYS D 58 -43.28 56.13 -30.78
N PRO D 59 -43.77 56.42 -29.59
CA PRO D 59 -42.93 56.22 -28.39
C PRO D 59 -42.84 54.74 -28.05
N ASP D 60 -41.60 54.25 -27.88
CA ASP D 60 -41.36 52.83 -27.58
C ASP D 60 -41.09 52.67 -26.08
N GLN D 61 -42.16 52.86 -25.28
CA GLN D 61 -42.08 52.68 -23.83
C GLN D 61 -43.33 52.06 -23.23
N LEU D 62 -44.04 51.21 -23.99
CA LEU D 62 -45.24 50.47 -23.55
C LEU D 62 -46.34 51.43 -23.09
N ILE D 63 -46.64 52.41 -23.92
CA ILE D 63 -47.59 53.46 -23.57
C ILE D 63 -48.98 53.01 -24.00
N LYS D 64 -49.95 53.11 -23.10
CA LYS D 64 -51.31 52.67 -23.38
C LYS D 64 -52.08 53.78 -24.07
N ARG D 65 -52.75 53.41 -25.17
CA ARG D 65 -53.66 54.27 -25.95
C ARG D 65 -52.98 55.56 -26.43
N ARG D 66 -52.02 55.39 -27.34
CA ARG D 66 -51.24 56.52 -27.82
C ARG D 66 -52.00 57.42 -28.79
N GLY D 67 -53.15 56.98 -29.29
CA GLY D 67 -53.87 57.78 -30.28
C GLY D 67 -54.56 59.00 -29.69
N LYS D 68 -55.43 58.80 -28.70
CA LYS D 68 -56.21 59.90 -28.15
C LYS D 68 -55.43 60.81 -27.22
N LEU D 69 -54.23 60.40 -26.79
CA LEU D 69 -53.40 61.23 -25.93
C LEU D 69 -52.42 62.08 -26.74
N GLY D 70 -52.40 61.92 -28.06
CA GLY D 70 -51.62 62.76 -28.94
C GLY D 70 -50.12 62.52 -28.84
N LEU D 71 -49.69 61.28 -29.00
CA LEU D 71 -48.28 60.92 -28.94
C LEU D 71 -47.74 60.34 -30.23
N VAL D 72 -48.58 60.12 -31.24
CA VAL D 72 -48.17 59.51 -32.49
C VAL D 72 -48.08 60.58 -33.58
N GLY D 73 -47.02 60.51 -34.38
CA GLY D 73 -46.84 61.40 -35.51
C GLY D 73 -47.07 60.69 -36.83
N VAL D 74 -48.16 61.03 -37.52
CA VAL D 74 -48.62 60.27 -38.68
C VAL D 74 -48.27 60.99 -39.97
N ASN D 75 -47.64 60.27 -40.90
CA ASN D 75 -47.38 60.67 -42.28
C ASN D 75 -46.53 61.95 -42.35
N LEU D 76 -45.26 61.80 -41.98
CA LEU D 76 -44.32 62.91 -42.00
C LEU D 76 -42.96 62.46 -42.54
N THR D 77 -42.26 63.37 -43.22
CA THR D 77 -40.98 63.04 -43.86
C THR D 77 -39.82 63.22 -42.88
N LEU D 78 -38.59 62.98 -43.35
CA LEU D 78 -37.46 62.65 -42.48
C LEU D 78 -37.03 63.84 -41.63
N ASP D 79 -36.71 64.97 -42.26
CA ASP D 79 -36.34 66.15 -41.48
C ASP D 79 -37.56 66.76 -40.79
N GLY D 80 -38.76 66.55 -41.35
CA GLY D 80 -39.97 66.86 -40.60
C GLY D 80 -40.11 66.03 -39.34
N VAL D 81 -39.76 64.74 -39.42
CA VAL D 81 -39.70 63.87 -38.25
C VAL D 81 -38.63 64.37 -37.27
N LYS D 82 -37.52 64.89 -37.79
CA LYS D 82 -36.48 65.47 -36.94
C LYS D 82 -36.97 66.71 -36.18
N SER D 83 -37.72 67.59 -36.84
CA SER D 83 -38.26 68.77 -36.17
C SER D 83 -39.45 68.43 -35.29
N TRP D 84 -40.12 67.32 -35.55
CA TRP D 84 -41.19 66.83 -34.69
C TRP D 84 -40.63 66.19 -33.44
N LEU D 85 -39.49 65.54 -33.57
CA LEU D 85 -38.82 64.82 -32.48
C LEU D 85 -37.92 65.74 -31.68
N LYS D 86 -37.61 66.93 -32.21
CA LYS D 86 -36.83 67.92 -31.47
C LYS D 86 -37.48 68.38 -30.17
N PRO D 87 -38.82 68.71 -30.07
CA PRO D 87 -39.35 69.06 -28.75
C PRO D 87 -39.97 67.88 -28.01
N ARG D 88 -39.65 66.65 -28.40
CA ARG D 88 -40.34 65.51 -27.79
C ARG D 88 -39.38 64.45 -27.24
N LEU D 89 -38.22 64.30 -27.87
CA LEU D 89 -37.28 63.24 -27.50
C LEU D 89 -36.45 63.70 -26.30
N GLY D 90 -36.82 63.22 -25.11
CA GLY D 90 -36.10 63.52 -23.90
C GLY D 90 -36.76 64.52 -22.98
N GLN D 91 -38.08 64.71 -23.09
CA GLN D 91 -38.80 65.67 -22.28
C GLN D 91 -39.99 65.01 -21.60
N GLU D 92 -40.51 65.71 -20.60
CA GLU D 92 -41.50 65.15 -19.68
C GLU D 92 -42.87 65.04 -20.35
N ALA D 93 -43.58 63.96 -20.02
CA ALA D 93 -44.96 63.78 -20.45
C ALA D 93 -45.68 62.88 -19.46
N THR D 94 -47.01 63.06 -19.37
CA THR D 94 -47.87 62.27 -18.51
C THR D 94 -48.85 61.48 -19.37
N VAL D 95 -49.04 60.21 -19.02
CA VAL D 95 -50.13 59.42 -19.57
C VAL D 95 -50.83 58.71 -18.41
N GLY D 96 -52.15 58.60 -18.51
CA GLY D 96 -52.95 58.03 -17.43
C GLY D 96 -52.87 58.88 -16.17
N LYS D 97 -52.17 58.36 -15.18
CA LYS D 97 -51.85 59.11 -13.96
C LYS D 97 -50.37 59.08 -13.65
N ALA D 98 -49.53 58.75 -14.63
CA ALA D 98 -48.11 58.57 -14.43
C ALA D 98 -47.31 59.46 -15.37
N THR D 99 -46.28 60.11 -14.84
CA THR D 99 -45.42 61.03 -15.56
C THR D 99 -44.06 60.38 -15.84
N GLY D 100 -43.30 61.00 -16.73
CA GLY D 100 -41.93 60.58 -16.95
C GLY D 100 -41.38 61.09 -18.27
N PHE D 101 -40.07 60.95 -18.40
CA PHE D 101 -39.38 61.27 -19.64
C PHE D 101 -39.60 60.18 -20.69
N LEU D 102 -39.33 60.53 -21.95
CA LEU D 102 -39.49 59.63 -23.09
C LEU D 102 -38.14 59.52 -23.79
N LYS D 103 -37.49 58.37 -23.61
CA LYS D 103 -36.12 58.15 -24.08
C LYS D 103 -36.04 57.20 -25.27
N ASN D 104 -37.15 56.74 -25.79
CA ASN D 104 -37.14 55.79 -26.91
C ASN D 104 -38.23 56.18 -27.90
N PHE D 105 -37.88 56.27 -29.17
CA PHE D 105 -38.87 56.40 -30.23
C PHE D 105 -38.56 55.45 -31.37
N LEU D 106 -39.61 54.88 -31.96
CA LEU D 106 -39.50 53.97 -33.08
C LEU D 106 -40.03 54.65 -34.34
N ILE D 107 -39.29 54.48 -35.44
CA ILE D 107 -39.69 54.97 -36.75
C ILE D 107 -40.00 53.75 -37.62
N GLU D 108 -41.11 53.81 -38.34
CA GLU D 108 -41.60 52.73 -39.18
C GLU D 108 -42.02 53.33 -40.52
N PRO D 109 -41.82 52.63 -41.64
CA PRO D 109 -42.32 53.13 -42.92
C PRO D 109 -43.84 53.19 -42.95
N PHE D 110 -44.37 54.40 -43.09
CA PHE D 110 -45.83 54.61 -43.13
C PHE D 110 -46.41 54.02 -44.40
N VAL D 111 -47.61 53.46 -44.29
CA VAL D 111 -48.32 52.87 -45.41
C VAL D 111 -49.59 53.66 -45.65
N PRO D 112 -49.87 54.09 -46.88
CA PRO D 112 -51.17 54.67 -47.18
C PRO D 112 -52.22 53.59 -47.40
N HIS D 113 -53.36 53.75 -46.73
CA HIS D 113 -54.40 52.74 -46.73
C HIS D 113 -55.71 53.41 -46.34
N SER D 114 -56.77 52.61 -46.32
CA SER D 114 -58.09 53.06 -45.91
C SER D 114 -58.41 52.51 -44.53
N GLN D 115 -59.25 53.26 -43.79
CA GLN D 115 -59.69 52.80 -42.48
C GLN D 115 -60.78 51.74 -42.55
N ALA D 116 -61.26 51.40 -43.75
CA ALA D 116 -62.30 50.39 -43.87
C ALA D 116 -61.76 48.97 -43.85
N GLU D 117 -60.48 48.77 -44.19
CA GLU D 117 -59.91 47.44 -44.16
C GLU D 117 -58.62 47.34 -43.33
N GLU D 118 -58.42 48.24 -42.36
CA GLU D 118 -57.55 47.94 -41.23
C GLU D 118 -58.35 47.03 -40.29
N PHE D 119 -57.71 45.97 -39.79
CA PHE D 119 -58.41 44.96 -39.01
C PHE D 119 -57.78 44.82 -37.63
N TYR D 120 -58.46 44.03 -36.79
CA TYR D 120 -58.05 43.82 -35.42
C TYR D 120 -57.89 42.31 -35.19
N VAL D 121 -56.75 41.89 -34.66
CA VAL D 121 -56.57 40.50 -34.26
C VAL D 121 -55.83 40.47 -32.94
N CYS D 122 -56.14 39.47 -32.11
CA CYS D 122 -55.42 39.26 -30.86
C CYS D 122 -55.54 37.81 -30.43
N ILE D 123 -54.48 37.30 -29.80
CA ILE D 123 -54.51 36.01 -29.14
C ILE D 123 -54.02 36.19 -27.71
N TYR D 124 -54.83 35.79 -26.74
CA TYR D 124 -54.41 35.82 -25.35
C TYR D 124 -54.64 34.46 -24.70
N ALA D 125 -54.00 34.27 -23.55
CA ALA D 125 -54.04 33.00 -22.85
C ALA D 125 -55.05 33.05 -21.70
N THR D 126 -55.77 31.95 -21.53
CA THR D 126 -56.62 31.73 -20.37
C THR D 126 -56.25 30.36 -19.79
N ARG D 127 -56.97 29.96 -18.74
CA ARG D 127 -56.64 28.70 -18.07
C ARG D 127 -57.02 27.49 -18.92
N GLU D 128 -58.22 27.51 -19.50
CA GLU D 128 -58.72 26.37 -20.24
C GLU D 128 -58.28 26.35 -21.69
N GLY D 129 -57.56 27.37 -22.16
CA GLY D 129 -57.02 27.33 -23.50
C GLY D 129 -56.45 28.67 -23.94
N ASP D 130 -56.61 28.96 -25.23
CA ASP D 130 -56.16 30.20 -25.84
C ASP D 130 -57.33 30.84 -26.58
N TYR D 131 -57.57 32.13 -26.33
CA TYR D 131 -58.60 32.87 -27.03
C TYR D 131 -58.00 33.62 -28.20
N VAL D 132 -58.55 33.37 -29.39
CA VAL D 132 -58.22 34.09 -30.61
C VAL D 132 -59.43 34.94 -30.97
N LEU D 133 -59.27 36.26 -30.94
CA LEU D 133 -60.35 37.19 -31.23
C LEU D 133 -59.99 38.03 -32.44
N PHE D 134 -60.93 38.13 -33.36
CA PHE D 134 -60.82 38.92 -34.58
C PHE D 134 -61.96 39.92 -34.62
N HIS D 135 -61.70 41.10 -35.18
CA HIS D 135 -62.76 42.07 -35.42
C HIS D 135 -62.46 42.87 -36.67
N HIS D 136 -63.51 43.10 -37.47
CA HIS D 136 -63.36 43.73 -38.78
C HIS D 136 -63.29 45.24 -38.69
N GLU D 137 -63.80 45.83 -37.62
CA GLU D 137 -63.69 47.26 -37.37
C GLU D 137 -62.33 47.45 -36.70
N GLY D 138 -61.39 48.02 -37.46
CA GLY D 138 -60.05 48.27 -36.97
C GLY D 138 -59.94 49.60 -36.26
N GLY D 139 -58.71 50.07 -36.12
CA GLY D 139 -58.45 51.34 -35.49
C GLY D 139 -58.51 51.24 -33.97
N VAL D 140 -58.28 52.39 -33.34
CA VAL D 140 -58.33 52.48 -31.88
C VAL D 140 -59.75 52.73 -31.39
N ASP D 141 -60.70 52.95 -32.30
CA ASP D 141 -62.06 53.35 -31.96
C ASP D 141 -62.99 52.15 -31.79
N VAL D 142 -62.45 50.99 -31.43
CA VAL D 142 -63.27 49.80 -31.26
C VAL D 142 -64.02 49.85 -29.94
N GLY D 143 -63.36 50.29 -28.87
CA GLY D 143 -64.03 50.39 -27.58
C GLY D 143 -64.24 49.03 -26.94
N ASP D 144 -65.51 48.70 -26.71
CA ASP D 144 -65.90 47.44 -26.05
C ASP D 144 -65.63 46.30 -27.02
N VAL D 145 -64.58 45.52 -26.73
CA VAL D 145 -64.16 44.50 -27.68
C VAL D 145 -64.62 43.09 -27.26
N ASP D 146 -64.88 42.86 -25.97
CA ASP D 146 -65.15 41.50 -25.51
C ASP D 146 -66.62 41.09 -25.66
N ALA D 147 -67.47 41.95 -26.19
CA ALA D 147 -68.88 41.60 -26.40
C ALA D 147 -69.25 41.43 -27.86
N LYS D 148 -68.50 42.03 -28.78
CA LYS D 148 -68.87 42.05 -30.19
C LYS D 148 -67.91 41.32 -31.11
N ALA D 149 -66.65 41.12 -30.70
CA ALA D 149 -65.66 40.50 -31.58
C ALA D 149 -65.86 38.99 -31.66
N GLN D 150 -65.31 38.40 -32.72
CA GLN D 150 -65.42 36.96 -32.92
C GLN D 150 -64.30 36.26 -32.16
N LYS D 151 -64.68 35.49 -31.15
CA LYS D 151 -63.73 34.74 -30.35
C LYS D 151 -63.81 33.25 -30.63
N LEU D 152 -62.65 32.59 -30.52
CA LEU D 152 -62.53 31.15 -30.59
C LEU D 152 -61.55 30.70 -29.52
N LEU D 153 -61.96 29.76 -28.69
CA LEU D 153 -61.05 29.17 -27.72
C LEU D 153 -60.50 27.88 -28.31
N VAL D 154 -59.23 27.90 -28.67
CA VAL D 154 -58.53 26.68 -29.03
C VAL D 154 -57.99 26.05 -27.74
N GLY D 155 -58.28 24.76 -27.56
CA GLY D 155 -57.98 24.11 -26.31
C GLY D 155 -56.50 23.84 -26.14
N VAL D 156 -56.14 23.47 -24.92
CA VAL D 156 -54.78 23.01 -24.64
C VAL D 156 -54.64 21.58 -25.16
N ASP D 157 -53.48 21.30 -25.75
CA ASP D 157 -53.15 20.05 -26.44
C ASP D 157 -54.16 19.78 -27.57
N GLU D 158 -54.29 20.77 -28.45
CA GLU D 158 -54.96 20.60 -29.74
C GLU D 158 -54.43 21.67 -30.68
N LYS D 159 -54.41 21.34 -31.97
CA LYS D 159 -53.90 22.23 -33.00
C LYS D 159 -55.07 22.91 -33.72
N LEU D 160 -54.83 24.15 -34.16
CA LEU D 160 -55.85 24.91 -34.85
C LEU D 160 -56.18 24.30 -36.21
N ASN D 161 -57.47 24.12 -36.47
CA ASN D 161 -57.95 23.76 -37.79
C ASN D 161 -58.21 25.04 -38.57
N PRO D 162 -57.66 25.20 -39.78
CA PRO D 162 -58.01 26.38 -40.60
C PRO D 162 -59.47 26.40 -41.05
N GLU D 163 -60.15 25.25 -41.03
CA GLU D 163 -61.55 25.24 -41.45
C GLU D 163 -62.44 25.90 -40.40
N ASP D 164 -62.07 25.80 -39.12
CA ASP D 164 -62.84 26.48 -38.07
C ASP D 164 -62.67 27.99 -38.15
N ILE D 165 -61.48 28.47 -38.51
CA ILE D 165 -61.30 29.92 -38.56
C ILE D 165 -61.89 30.49 -39.85
N LYS D 166 -61.86 29.71 -40.94
CA LYS D 166 -62.58 30.18 -42.13
C LYS D 166 -64.09 30.05 -41.97
N LYS D 167 -64.57 29.27 -41.00
CA LYS D 167 -66.00 29.15 -40.72
C LYS D 167 -66.52 30.19 -39.73
N HIS D 168 -65.76 30.48 -38.68
CA HIS D 168 -66.29 31.08 -37.47
C HIS D 168 -65.76 32.47 -37.16
N LEU D 169 -64.53 32.79 -37.56
CA LEU D 169 -63.86 33.98 -37.03
C LEU D 169 -63.97 35.16 -37.98
N LEU D 170 -63.87 34.91 -39.27
CA LEU D 170 -63.85 35.95 -40.28
C LEU D 170 -65.23 36.12 -40.91
N VAL D 171 -66.29 35.96 -40.11
CA VAL D 171 -67.64 35.91 -40.65
C VAL D 171 -68.11 37.32 -41.05
N HIS D 172 -67.57 38.36 -40.41
CA HIS D 172 -67.87 39.74 -40.76
C HIS D 172 -66.73 40.40 -41.53
N ALA D 173 -65.83 39.61 -42.09
CA ALA D 173 -64.70 40.10 -42.86
C ALA D 173 -65.01 40.05 -44.35
N PRO D 174 -64.38 40.92 -45.14
CA PRO D 174 -64.52 40.83 -46.61
C PRO D 174 -63.91 39.54 -47.14
N GLU D 175 -64.66 38.86 -48.00
CA GLU D 175 -64.27 37.55 -48.51
C GLU D 175 -63.05 37.62 -49.42
N ASP D 176 -62.85 38.76 -50.09
CA ASP D 176 -61.68 38.99 -50.94
C ASP D 176 -60.38 38.88 -50.14
N LYS D 177 -60.42 39.18 -48.84
CA LYS D 177 -59.27 39.00 -47.96
C LYS D 177 -59.42 37.85 -46.96
N LYS D 178 -60.46 37.01 -47.07
CA LYS D 178 -60.61 35.98 -46.03
C LYS D 178 -59.61 34.85 -46.17
N GLU D 179 -59.21 34.52 -47.40
CA GLU D 179 -58.30 33.39 -47.57
C GLU D 179 -56.87 33.78 -47.19
N ILE D 180 -56.54 35.07 -47.28
CA ILE D 180 -55.20 35.54 -46.92
C ILE D 180 -55.01 35.51 -45.41
N LEU D 181 -55.76 36.37 -44.69
CA LEU D 181 -55.54 36.65 -43.28
C LEU D 181 -55.64 35.41 -42.42
N ALA D 182 -56.58 34.51 -42.76
CA ALA D 182 -56.77 33.25 -42.04
C ALA D 182 -55.46 32.47 -41.96
N SER D 183 -54.81 32.28 -43.12
CA SER D 183 -53.51 31.62 -43.15
C SER D 183 -52.50 32.40 -42.33
N PHE D 184 -52.52 33.73 -42.49
CA PHE D 184 -51.65 34.62 -41.70
C PHE D 184 -51.91 34.46 -40.21
N ILE D 185 -53.20 34.40 -39.82
CA ILE D 185 -53.52 34.29 -38.40
C ILE D 185 -53.08 32.92 -37.90
N SER D 186 -53.22 31.89 -38.75
CA SER D 186 -52.74 30.56 -38.42
C SER D 186 -51.23 30.56 -38.26
N GLY D 187 -50.53 31.29 -39.15
CA GLY D 187 -49.09 31.42 -38.99
C GLY D 187 -48.73 32.20 -37.75
N LEU D 188 -49.55 33.19 -37.40
CA LEU D 188 -49.31 33.95 -36.18
C LEU D 188 -49.59 33.09 -34.96
N PHE D 189 -50.51 32.11 -35.09
CA PHE D 189 -50.67 31.17 -33.98
C PHE D 189 -49.47 30.25 -33.86
N ASN D 190 -48.82 29.93 -34.99
CA ASN D 190 -47.55 29.22 -34.92
C ASN D 190 -46.46 30.12 -34.36
N PHE D 191 -46.66 31.44 -34.42
CA PHE D 191 -45.82 32.38 -33.70
C PHE D 191 -46.25 32.54 -32.26
N TYR D 192 -47.54 32.31 -31.96
CA TYR D 192 -48.01 32.52 -30.58
C TYR D 192 -47.61 31.37 -29.68
N GLU D 193 -47.59 30.15 -30.21
CA GLU D 193 -47.43 28.95 -29.39
C GLU D 193 -45.97 28.56 -29.22
N ASP D 194 -45.23 28.45 -30.32
CA ASP D 194 -43.85 27.99 -30.29
C ASP D 194 -42.85 29.10 -30.05
N LEU D 195 -43.32 30.29 -29.66
CA LEU D 195 -42.46 31.33 -29.08
C LEU D 195 -42.83 31.62 -27.64
N TYR D 196 -43.81 30.89 -27.09
CA TYR D 196 -44.24 30.95 -25.68
C TYR D 196 -44.71 32.34 -25.29
N PHE D 197 -45.61 32.89 -26.10
CA PHE D 197 -46.29 34.13 -25.80
C PHE D 197 -47.47 33.88 -24.84
N THR D 198 -47.97 34.96 -24.29
CA THR D 198 -49.16 34.93 -23.45
C THR D 198 -50.24 35.88 -23.96
N TYR D 199 -49.88 37.07 -24.41
CA TYR D 199 -50.84 38.09 -24.80
C TYR D 199 -50.28 38.84 -26.00
N LEU D 200 -51.03 38.90 -27.10
CA LEU D 200 -50.49 39.45 -28.33
C LEU D 200 -51.61 40.07 -29.15
N GLU D 201 -51.57 41.40 -29.31
CA GLU D 201 -52.54 42.16 -30.09
C GLU D 201 -51.85 42.76 -31.30
N ILE D 202 -52.50 42.67 -32.46
CA ILE D 202 -52.24 43.54 -33.59
C ILE D 202 -53.48 44.40 -33.75
N ASN D 203 -53.34 45.70 -33.52
CA ASN D 203 -54.47 46.63 -33.48
C ASN D 203 -53.95 48.02 -33.82
N PRO D 204 -54.03 48.43 -35.11
CA PRO D 204 -54.66 47.69 -36.21
C PRO D 204 -53.71 46.87 -37.07
N LEU D 205 -54.27 45.85 -37.70
CA LEU D 205 -53.59 45.02 -38.69
C LEU D 205 -53.84 45.65 -40.06
N VAL D 206 -52.82 46.30 -40.63
CA VAL D 206 -52.99 47.02 -41.88
C VAL D 206 -52.73 46.04 -43.01
N VAL D 207 -53.79 45.46 -43.53
CA VAL D 207 -53.71 44.60 -44.72
C VAL D 207 -54.35 45.33 -45.90
N THR D 208 -53.60 45.44 -46.98
CA THR D 208 -54.00 46.05 -48.23
C THR D 208 -53.93 44.99 -49.34
N LYS D 209 -54.22 45.42 -50.57
CA LYS D 209 -54.02 44.55 -51.73
C LYS D 209 -52.55 44.19 -51.93
N ASP D 210 -51.63 45.03 -51.44
CA ASP D 210 -50.20 44.79 -51.58
C ASP D 210 -49.73 43.63 -50.69
N GLY D 211 -50.33 43.45 -49.52
CA GLY D 211 -49.97 42.35 -48.64
C GLY D 211 -50.46 42.63 -47.23
N VAL D 212 -49.78 42.02 -46.26
CA VAL D 212 -50.12 42.18 -44.86
C VAL D 212 -49.06 43.03 -44.18
N TYR D 213 -49.49 43.82 -43.20
CA TYR D 213 -48.62 44.73 -42.47
C TYR D 213 -49.09 44.78 -41.03
N VAL D 214 -48.15 44.75 -40.10
CA VAL D 214 -48.42 45.11 -38.72
C VAL D 214 -47.99 46.56 -38.52
N LEU D 215 -48.86 47.35 -37.90
CA LEU D 215 -48.48 48.71 -37.52
C LEU D 215 -48.31 48.86 -36.02
N ASP D 216 -49.18 48.24 -35.23
CA ASP D 216 -49.14 48.32 -33.78
C ASP D 216 -49.22 46.92 -33.20
N LEU D 217 -48.40 46.67 -32.17
CA LEU D 217 -48.32 45.39 -31.50
C LEU D 217 -48.41 45.63 -30.00
N ALA D 218 -48.93 44.63 -29.28
CA ALA D 218 -48.94 44.68 -27.82
C ALA D 218 -48.80 43.27 -27.27
N ALA D 219 -47.69 42.98 -26.60
CA ALA D 219 -47.42 41.61 -26.21
C ALA D 219 -46.84 41.51 -24.81
N LYS D 220 -47.42 40.60 -24.03
CA LYS D 220 -46.85 40.12 -22.79
C LYS D 220 -46.40 38.68 -23.04
N VAL D 221 -45.12 38.41 -22.78
CA VAL D 221 -44.53 37.11 -23.06
C VAL D 221 -44.15 36.48 -21.72
N ASP D 222 -44.13 35.15 -21.69
CA ASP D 222 -43.84 34.37 -20.48
C ASP D 222 -42.33 34.21 -20.35
N ALA D 223 -41.72 34.98 -19.44
CA ALA D 223 -40.26 34.98 -19.32
C ALA D 223 -39.74 33.68 -18.70
N THR D 224 -40.59 32.99 -17.92
CA THR D 224 -40.19 31.75 -17.25
C THR D 224 -39.95 30.59 -18.21
N ALA D 225 -40.35 30.73 -19.48
CA ALA D 225 -40.00 29.78 -20.52
C ALA D 225 -38.69 30.14 -21.22
N ASP D 226 -37.83 30.93 -20.56
CA ASP D 226 -36.58 31.37 -21.16
CA ASP D 226 -36.58 31.37 -21.17
C ASP D 226 -35.68 30.20 -21.51
N TYR D 227 -35.68 29.15 -20.68
CA TYR D 227 -34.89 27.96 -20.92
C TYR D 227 -35.34 27.19 -22.15
N ILE D 228 -36.56 27.44 -22.64
CA ILE D 228 -36.99 26.85 -23.90
C ILE D 228 -36.63 27.76 -25.08
N CYS D 229 -36.50 29.06 -24.86
CA CYS D 229 -36.48 30.01 -25.96
C CYS D 229 -35.20 30.85 -26.02
N LYS D 230 -34.16 30.46 -25.28
CA LYS D 230 -32.90 31.20 -25.31
C LYS D 230 -32.22 31.11 -26.67
N VAL D 231 -32.48 30.03 -27.42
CA VAL D 231 -31.94 29.92 -28.77
C VAL D 231 -32.80 30.70 -29.76
N LYS D 232 -34.02 31.09 -29.38
CA LYS D 232 -34.93 31.74 -30.30
C LYS D 232 -35.18 33.20 -29.95
N TRP D 233 -35.17 33.57 -28.67
CA TRP D 233 -35.29 34.97 -28.30
C TRP D 233 -33.95 35.69 -28.45
N GLY D 234 -32.92 35.17 -27.78
CA GLY D 234 -31.62 35.81 -27.81
C GLY D 234 -31.52 36.94 -26.80
N ASP D 235 -30.94 38.06 -27.22
CA ASP D 235 -30.77 39.23 -26.35
C ASP D 235 -32.08 40.00 -26.31
N ILE D 236 -32.98 39.49 -25.49
CA ILE D 236 -34.32 40.05 -25.31
C ILE D 236 -34.36 40.86 -24.01
N GLU D 237 -34.95 42.05 -24.08
CA GLU D 237 -35.06 42.92 -22.93
C GLU D 237 -36.53 43.09 -22.53
N PHE D 238 -36.78 43.10 -21.22
CA PHE D 238 -38.11 43.34 -20.71
C PHE D 238 -38.16 44.73 -20.09
N PRO D 239 -38.93 45.66 -20.65
CA PRO D 239 -38.92 47.03 -20.15
C PRO D 239 -39.78 47.15 -18.90
N PRO D 240 -39.52 48.16 -18.07
CA PRO D 240 -40.44 48.47 -16.97
C PRO D 240 -41.67 49.16 -17.49
N PRO D 241 -42.75 49.24 -16.70
CA PRO D 241 -43.88 50.08 -17.09
C PRO D 241 -43.51 51.56 -17.00
N PHE D 242 -44.29 52.37 -17.70
CA PHE D 242 -44.02 53.80 -17.74
C PHE D 242 -44.42 54.44 -16.42
N GLY D 243 -43.45 55.03 -15.75
CA GLY D 243 -43.69 55.72 -14.51
C GLY D 243 -42.54 56.67 -14.27
N ARG D 244 -42.31 56.99 -12.99
CA ARG D 244 -41.26 57.93 -12.63
C ARG D 244 -39.88 57.31 -12.82
N GLU D 245 -38.88 58.18 -12.90
CA GLU D 245 -37.50 57.72 -13.06
C GLU D 245 -37.03 57.04 -11.78
N ALA D 246 -36.32 55.93 -11.94
CA ALA D 246 -35.87 55.15 -10.79
C ALA D 246 -34.75 55.88 -10.06
N TYR D 247 -34.83 55.89 -8.74
CA TYR D 247 -33.78 56.47 -7.92
C TYR D 247 -32.52 55.60 -7.99
N PRO D 248 -31.33 56.20 -7.79
CA PRO D 248 -30.10 55.38 -7.84
C PRO D 248 -30.00 54.33 -6.76
N GLU D 249 -30.64 54.53 -5.61
CA GLU D 249 -30.65 53.49 -4.59
C GLU D 249 -31.60 52.35 -4.95
N GLU D 250 -32.70 52.65 -5.64
CA GLU D 250 -33.54 51.59 -6.21
C GLU D 250 -32.77 50.80 -7.25
N ALA D 251 -31.94 51.47 -8.05
CA ALA D 251 -31.08 50.76 -9.00
C ALA D 251 -30.02 49.93 -8.29
N TYR D 252 -29.50 50.40 -7.16
CA TYR D 252 -28.51 49.62 -6.40
C TYR D 252 -29.13 48.37 -5.79
N ILE D 253 -30.34 48.48 -5.25
CA ILE D 253 -31.03 47.31 -4.72
C ILE D 253 -31.42 46.36 -5.86
N ALA D 254 -31.74 46.90 -7.04
CA ALA D 254 -31.99 46.05 -8.20
C ALA D 254 -30.72 45.31 -8.65
N ASP D 255 -29.56 45.97 -8.56
CA ASP D 255 -28.30 45.30 -8.90
C ASP D 255 -27.96 44.21 -7.89
N LEU D 256 -28.17 44.49 -6.60
CA LEU D 256 -27.89 43.50 -5.56
C LEU D 256 -28.85 42.32 -5.62
N ASP D 257 -30.09 42.54 -6.09
CA ASP D 257 -30.98 41.43 -6.36
C ASP D 257 -30.54 40.67 -7.61
N ALA D 258 -30.04 41.38 -8.62
CA ALA D 258 -29.68 40.76 -9.88
C ALA D 258 -28.43 39.91 -9.79
N LYS D 259 -27.50 40.22 -8.88
CA LYS D 259 -26.32 39.38 -8.77
C LYS D 259 -26.55 38.19 -7.83
N SER D 260 -27.48 38.33 -6.89
CA SER D 260 -27.74 37.32 -5.86
C SER D 260 -28.82 36.35 -6.29
N GLY D 261 -29.05 35.35 -5.45
CA GLY D 261 -30.05 34.32 -5.73
C GLY D 261 -31.33 34.53 -4.96
N ALA D 262 -31.30 35.40 -3.96
CA ALA D 262 -32.48 35.69 -3.16
C ALA D 262 -33.38 36.70 -3.88
N SER D 263 -34.51 37.00 -3.24
CA SER D 263 -35.49 37.95 -3.77
C SER D 263 -35.41 39.25 -2.98
N LEU D 264 -34.88 40.29 -3.62
CA LEU D 264 -34.75 41.60 -3.02
C LEU D 264 -35.57 42.59 -3.84
N LYS D 265 -36.48 43.30 -3.19
CA LYS D 265 -37.31 44.28 -3.87
C LYS D 265 -37.38 45.54 -3.04
N LEU D 266 -37.41 46.69 -3.71
CA LEU D 266 -37.54 47.98 -3.04
C LEU D 266 -38.15 48.96 -4.02
N THR D 267 -39.31 49.54 -3.68
CA THR D 267 -39.92 50.59 -4.47
C THR D 267 -40.44 51.66 -3.53
N LEU D 268 -40.06 52.92 -3.77
CA LEU D 268 -40.51 54.00 -2.92
C LEU D 268 -41.88 54.48 -3.36
N LEU D 269 -42.70 54.85 -2.38
CA LEU D 269 -43.97 55.51 -2.67
C LEU D 269 -43.87 57.02 -2.55
N ASN D 270 -43.16 57.51 -1.53
CA ASN D 270 -42.68 58.89 -1.42
C ASN D 270 -41.45 58.93 -0.53
N PRO D 271 -40.37 59.61 -0.97
CA PRO D 271 -39.11 59.56 -0.21
C PRO D 271 -39.14 60.29 1.12
N LYS D 272 -40.13 61.15 1.36
CA LYS D 272 -40.21 61.91 2.61
C LYS D 272 -41.41 61.40 3.42
N GLY D 273 -41.52 60.08 3.53
CA GLY D 273 -42.47 59.48 4.44
C GLY D 273 -41.81 59.08 5.75
N ARG D 274 -42.65 58.83 6.75
CA ARG D 274 -42.16 58.40 8.05
C ARG D 274 -42.33 56.92 8.31
N ILE D 275 -43.18 56.23 7.54
CA ILE D 275 -43.45 54.81 7.75
C ILE D 275 -42.61 54.06 6.73
N TRP D 276 -41.39 53.69 7.12
CA TRP D 276 -40.51 52.86 6.32
C TRP D 276 -40.62 51.42 6.78
N THR D 277 -40.76 50.49 5.84
CA THR D 277 -40.93 49.08 6.16
C THR D 277 -39.84 48.23 5.52
N MET D 278 -39.33 47.28 6.30
CA MET D 278 -38.34 46.30 5.85
C MET D 278 -38.88 44.94 6.28
N VAL D 279 -39.67 44.32 5.41
CA VAL D 279 -40.43 43.12 5.74
C VAL D 279 -39.79 41.91 5.08
N ALA D 280 -39.64 40.82 5.83
CA ALA D 280 -39.28 39.53 5.26
C ALA D 280 -40.56 38.81 4.83
N GLY D 281 -40.72 38.62 3.52
CA GLY D 281 -41.89 37.94 2.98
C GLY D 281 -42.58 38.72 1.88
N GLY D 282 -43.21 38.01 0.95
CA GLY D 282 -43.92 38.67 -0.14
C GLY D 282 -45.34 39.01 0.22
N GLY D 283 -46.14 37.96 0.50
CA GLY D 283 -47.49 38.18 0.98
C GLY D 283 -47.54 38.88 2.32
N ALA D 284 -46.50 38.68 3.14
CA ALA D 284 -46.39 39.40 4.40
C ALA D 284 -46.27 40.90 4.17
N SER D 285 -45.34 41.33 3.30
CA SER D 285 -45.15 42.75 3.02
C SER D 285 -46.36 43.35 2.32
N VAL D 286 -47.05 42.55 1.50
CA VAL D 286 -48.30 43.00 0.89
C VAL D 286 -49.35 43.26 1.97
N VAL D 287 -49.44 42.37 2.97
CA VAL D 287 -50.42 42.55 4.04
C VAL D 287 -50.03 43.72 4.97
N TYR D 288 -48.74 43.91 5.24
CA TYR D 288 -48.31 45.06 6.04
C TYR D 288 -48.60 46.39 5.35
N SER D 289 -48.31 46.48 4.03
CA SER D 289 -48.62 47.71 3.31
C SER D 289 -50.12 47.92 3.18
N ASP D 290 -50.89 46.83 3.08
CA ASP D 290 -52.35 46.90 3.06
C ASP D 290 -52.88 47.47 4.38
N THR D 291 -52.35 46.98 5.51
CA THR D 291 -52.81 47.43 6.81
C THR D 291 -52.36 48.86 7.10
N ILE D 292 -51.22 49.28 6.54
CA ILE D 292 -50.80 50.67 6.69
C ILE D 292 -51.70 51.59 5.89
N CYS D 293 -51.99 51.24 4.63
CA CYS D 293 -52.85 52.08 3.81
C CYS D 293 -54.34 51.95 4.15
N ASP D 294 -54.73 51.04 5.05
CA ASP D 294 -56.11 51.06 5.52
C ASP D 294 -56.26 51.67 6.92
N LEU D 295 -55.17 51.87 7.64
CA LEU D 295 -55.23 52.48 8.98
C LEU D 295 -54.72 53.91 8.97
N GLY D 296 -54.98 54.67 7.90
CA GLY D 296 -54.69 56.09 7.87
C GLY D 296 -53.31 56.48 7.41
N GLY D 297 -52.44 55.51 7.12
CA GLY D 297 -51.09 55.83 6.67
C GLY D 297 -50.95 55.81 5.16
N VAL D 298 -51.94 56.37 4.46
CA VAL D 298 -51.95 56.33 2.99
C VAL D 298 -50.88 57.24 2.42
N ASN D 299 -50.69 58.41 3.02
CA ASN D 299 -49.91 59.48 2.41
C ASN D 299 -48.43 59.33 2.65
N GLU D 300 -48.05 59.04 3.90
CA GLU D 300 -46.66 58.98 4.31
C GLU D 300 -46.11 57.56 4.44
N LEU D 301 -46.79 56.57 3.86
CA LEU D 301 -46.15 55.28 3.65
C LEU D 301 -45.02 55.46 2.64
N ALA D 302 -43.78 55.29 3.10
CA ALA D 302 -42.64 55.73 2.32
C ALA D 302 -42.29 54.76 1.20
N ASN D 303 -42.41 53.47 1.45
CA ASN D 303 -41.97 52.49 0.48
C ASN D 303 -42.72 51.18 0.68
N TYR D 304 -42.57 50.30 -0.29
CA TYR D 304 -42.89 48.89 -0.12
C TYR D 304 -41.80 48.08 -0.80
N GLY D 305 -41.33 47.06 -0.10
CA GLY D 305 -40.27 46.21 -0.59
C GLY D 305 -40.12 45.05 0.36
N GLU D 306 -39.25 44.13 0.00
CA GLU D 306 -39.10 42.93 0.80
C GLU D 306 -37.73 42.33 0.61
N TYR D 307 -37.36 41.47 1.56
CA TYR D 307 -36.17 40.63 1.48
C TYR D 307 -36.60 39.21 1.81
N SER D 308 -36.50 38.32 0.84
CA SER D 308 -36.95 36.95 1.04
C SER D 308 -36.05 36.02 0.24
N GLY D 309 -36.32 34.72 0.36
CA GLY D 309 -35.44 33.72 -0.19
C GLY D 309 -34.17 33.51 0.61
N ALA D 310 -34.15 33.92 1.88
CA ALA D 310 -33.05 33.84 2.84
C ALA D 310 -31.77 34.46 2.31
N PRO D 311 -31.67 35.79 2.26
CA PRO D 311 -30.45 36.42 1.77
C PRO D 311 -29.28 36.27 2.73
N SER D 312 -28.09 36.60 2.24
CA SER D 312 -26.87 36.45 3.02
C SER D 312 -26.76 37.57 4.06
N GLU D 313 -25.67 37.56 4.81
CA GLU D 313 -25.43 38.60 5.80
C GLU D 313 -25.06 39.92 5.14
N GLN D 314 -24.19 39.87 4.13
CA GLN D 314 -23.78 41.07 3.41
C GLN D 314 -24.95 41.67 2.63
N GLN D 315 -25.82 40.82 2.09
CA GLN D 315 -26.94 41.31 1.29
C GLN D 315 -27.99 42.00 2.13
N THR D 316 -28.36 41.42 3.28
CA THR D 316 -29.29 42.12 4.16
C THR D 316 -28.63 43.29 4.89
N TYR D 317 -27.30 43.28 5.04
CA TYR D 317 -26.63 44.47 5.56
C TYR D 317 -26.71 45.62 4.57
N ASP D 318 -26.52 45.33 3.28
CA ASP D 318 -26.63 46.36 2.27
C ASP D 318 -28.07 46.86 2.13
N TYR D 319 -29.05 45.94 2.23
CA TYR D 319 -30.46 46.34 2.13
C TYR D 319 -30.86 47.21 3.32
N ALA D 320 -30.48 46.82 4.53
CA ALA D 320 -30.81 47.62 5.70
C ALA D 320 -30.01 48.92 5.74
N LYS D 321 -28.79 48.91 5.17
CA LYS D 321 -28.01 50.14 5.04
C LYS D 321 -28.68 51.13 4.12
N THR D 322 -29.20 50.65 2.98
CA THR D 322 -29.87 51.52 2.02
C THR D 322 -31.18 52.06 2.59
N ILE D 323 -31.95 51.22 3.29
CA ILE D 323 -33.22 51.70 3.82
C ILE D 323 -33.01 52.56 5.07
N LEU D 324 -31.86 52.46 5.74
CA LEU D 324 -31.57 53.36 6.85
C LEU D 324 -31.03 54.69 6.36
N SER D 325 -30.27 54.67 5.25
CA SER D 325 -29.74 55.91 4.69
C SER D 325 -30.82 56.71 3.98
N LEU D 326 -31.82 56.05 3.39
CA LEU D 326 -32.84 56.78 2.66
C LEU D 326 -33.83 57.50 3.58
N MET D 327 -33.91 57.13 4.85
CA MET D 327 -34.71 57.89 5.81
C MET D 327 -33.85 58.74 6.73
N THR D 328 -32.61 59.01 6.32
CA THR D 328 -31.68 59.88 7.03
C THR D 328 -31.60 61.25 6.35
N ARG D 329 -32.02 61.35 5.09
CA ARG D 329 -31.79 62.53 4.26
C ARG D 329 -32.56 63.75 4.77
N GLU D 330 -33.81 63.57 5.18
CA GLU D 330 -34.60 64.64 5.76
C GLU D 330 -35.42 64.11 6.93
N LYS D 331 -35.94 65.04 7.73
CA LYS D 331 -36.62 64.74 8.98
C LYS D 331 -38.11 65.09 8.83
N HIS D 332 -38.94 64.48 9.69
CA HIS D 332 -40.38 64.66 9.69
C HIS D 332 -40.76 65.01 11.12
N PRO D 333 -41.62 66.02 11.32
CA PRO D 333 -41.86 66.51 12.69
C PRO D 333 -42.61 65.54 13.59
N ASP D 334 -43.39 64.62 13.03
CA ASP D 334 -44.09 63.65 13.85
C ASP D 334 -43.20 62.47 14.26
N GLY D 335 -42.01 62.34 13.68
CA GLY D 335 -41.15 61.22 13.95
C GLY D 335 -41.32 60.10 12.94
N LYS D 336 -40.23 59.39 12.69
CA LYS D 336 -40.18 58.34 11.68
C LYS D 336 -40.32 56.96 12.31
N ILE D 337 -40.85 56.02 11.54
CA ILE D 337 -41.18 54.68 12.02
C ILE D 337 -40.49 53.67 11.11
N LEU D 338 -39.81 52.69 11.71
CA LEU D 338 -39.23 51.58 10.98
C LEU D 338 -39.94 50.30 11.40
N ILE D 339 -40.65 49.68 10.46
CA ILE D 339 -41.40 48.46 10.70
C ILE D 339 -40.58 47.30 10.13
N ILE D 340 -39.91 46.56 11.00
CA ILE D 340 -39.22 45.33 10.61
C ILE D 340 -40.15 44.20 11.05
N GLY D 341 -41.03 43.80 10.13
CA GLY D 341 -42.02 42.80 10.42
C GLY D 341 -41.69 41.47 9.77
N GLY D 342 -42.72 40.68 9.55
CA GLY D 342 -42.58 39.41 8.86
C GLY D 342 -43.53 38.39 9.45
N SER D 343 -43.74 37.34 8.68
CA SER D 343 -44.50 36.21 9.15
C SER D 343 -43.53 35.20 9.75
N ILE D 344 -44.03 34.00 10.05
CA ILE D 344 -43.20 32.97 10.65
C ILE D 344 -42.31 32.36 9.57
N ALA D 345 -41.00 32.49 9.76
CA ALA D 345 -40.05 31.91 8.83
C ALA D 345 -40.05 30.39 8.94
N ASN D 346 -39.65 29.73 7.86
CA ASN D 346 -39.66 28.26 7.80
C ASN D 346 -38.37 27.68 8.38
N PHE D 347 -37.23 28.03 7.79
CA PHE D 347 -35.96 27.46 8.18
C PHE D 347 -34.88 28.49 8.43
N THR D 348 -35.14 29.77 8.20
CA THR D 348 -34.12 30.79 8.36
C THR D 348 -33.85 31.05 9.83
N ASN D 349 -32.57 31.06 10.19
CA ASN D 349 -32.17 31.50 11.52
C ASN D 349 -32.41 33.00 11.64
N VAL D 350 -33.21 33.39 12.64
CA VAL D 350 -33.59 34.80 12.80
C VAL D 350 -32.36 35.63 13.19
N ALA D 351 -31.42 35.02 13.90
CA ALA D 351 -30.25 35.74 14.40
C ALA D 351 -29.29 36.16 13.29
N ALA D 352 -29.26 35.46 12.15
CA ALA D 352 -28.34 35.86 11.09
C ALA D 352 -28.82 37.12 10.37
N THR D 353 -30.11 37.15 10.00
CA THR D 353 -30.66 38.35 9.39
C THR D 353 -30.72 39.51 10.38
N PHE D 354 -31.00 39.21 11.65
CA PHE D 354 -30.94 40.27 12.65
C PHE D 354 -29.50 40.71 12.94
N LYS D 355 -28.51 39.86 12.67
CA LYS D 355 -27.12 40.28 12.77
C LYS D 355 -26.78 41.24 11.63
N GLY D 356 -27.32 41.00 10.43
CA GLY D 356 -27.21 41.98 9.36
C GLY D 356 -27.89 43.31 9.70
N ILE D 357 -29.08 43.23 10.31
CA ILE D 357 -29.81 44.45 10.65
C ILE D 357 -29.08 45.24 11.75
N VAL D 358 -28.52 44.55 12.75
CA VAL D 358 -27.81 45.30 13.78
C VAL D 358 -26.44 45.77 13.29
N ARG D 359 -25.87 45.11 12.28
CA ARG D 359 -24.67 45.65 11.65
C ARG D 359 -24.97 46.92 10.88
N ALA D 360 -26.20 47.05 10.35
CA ALA D 360 -26.57 48.32 9.75
C ALA D 360 -26.96 49.36 10.80
N ILE D 361 -27.60 48.94 11.89
CA ILE D 361 -28.17 49.88 12.86
C ILE D 361 -27.09 50.42 13.79
N ARG D 362 -26.27 49.54 14.36
CA ARG D 362 -25.26 49.98 15.32
C ARG D 362 -24.13 50.77 14.65
N ASP D 363 -23.99 50.67 13.33
CA ASP D 363 -23.11 51.56 12.59
C ASP D 363 -23.80 52.87 12.22
N TYR D 364 -25.13 52.91 12.23
CA TYR D 364 -25.91 54.10 11.91
C TYR D 364 -26.72 54.58 13.11
N GLN D 365 -26.21 54.39 14.33
CA GLN D 365 -27.01 54.66 15.53
C GLN D 365 -27.23 56.16 15.73
N GLY D 366 -26.19 56.96 15.50
CA GLY D 366 -26.24 58.40 15.60
C GLY D 366 -27.24 59.07 14.68
N PRO D 367 -27.08 58.93 13.35
CA PRO D 367 -28.06 59.51 12.42
C PRO D 367 -29.47 58.96 12.53
N LEU D 368 -29.65 57.74 13.05
CA LEU D 368 -31.01 57.27 13.29
C LEU D 368 -31.63 57.92 14.52
N LYS D 369 -30.86 58.09 15.59
CA LYS D 369 -31.46 58.82 16.72
C LYS D 369 -31.36 60.33 16.56
N GLU D 370 -30.86 60.84 15.43
CA GLU D 370 -31.10 62.23 15.09
C GLU D 370 -32.55 62.46 14.68
N HIS D 371 -33.08 61.60 13.81
CA HIS D 371 -34.32 61.88 13.10
C HIS D 371 -35.57 61.41 13.84
N GLU D 372 -35.45 61.08 15.13
CA GLU D 372 -36.55 60.74 16.03
C GLU D 372 -37.33 59.52 15.52
N VAL D 373 -36.62 58.40 15.44
CA VAL D 373 -37.16 57.19 14.84
C VAL D 373 -37.64 56.25 15.95
N THR D 374 -38.61 55.41 15.61
CA THR D 374 -39.09 54.36 16.49
C THR D 374 -39.19 53.08 15.69
N ILE D 375 -38.57 52.01 16.20
CA ILE D 375 -38.43 50.75 15.48
C ILE D 375 -39.37 49.73 16.10
N PHE D 376 -40.29 49.20 15.31
CA PHE D 376 -41.18 48.14 15.76
C PHE D 376 -40.85 46.87 14.99
N VAL D 377 -40.60 45.79 15.71
CA VAL D 377 -40.11 44.54 15.14
C VAL D 377 -41.06 43.42 15.51
N ARG D 378 -41.49 42.65 14.54
CA ARG D 378 -42.26 41.43 14.79
C ARG D 378 -41.67 40.30 13.96
N ARG D 379 -41.51 39.14 14.60
CA ARG D 379 -40.82 38.04 13.94
C ARG D 379 -41.38 36.72 14.45
N GLY D 380 -41.04 35.65 13.74
CA GLY D 380 -41.33 34.30 14.17
C GLY D 380 -40.53 33.30 13.37
N GLY D 381 -40.31 32.13 13.96
CA GLY D 381 -39.65 31.07 13.26
C GLY D 381 -38.59 30.38 14.09
N PRO D 382 -37.54 29.88 13.43
CA PRO D 382 -36.44 29.20 14.13
C PRO D 382 -35.56 30.20 14.85
N ASN D 383 -35.50 30.07 16.18
CA ASN D 383 -34.65 30.87 17.07
C ASN D 383 -34.98 32.36 16.96
N TYR D 384 -36.27 32.69 17.14
CA TYR D 384 -36.68 34.07 17.00
C TYR D 384 -36.55 34.84 18.31
N GLN D 385 -36.69 34.15 19.44
CA GLN D 385 -36.67 34.82 20.75
C GLN D 385 -35.30 35.41 21.06
N GLU D 386 -34.24 34.67 20.73
CA GLU D 386 -32.90 35.16 20.95
C GLU D 386 -32.54 36.30 20.01
N GLY D 387 -33.05 36.29 18.78
CA GLY D 387 -32.82 37.41 17.88
C GLY D 387 -33.56 38.66 18.32
N LEU D 388 -34.80 38.49 18.83
CA LEU D 388 -35.52 39.61 19.41
C LEU D 388 -34.80 40.18 20.62
N ARG D 389 -34.21 39.30 21.44
CA ARG D 389 -33.44 39.77 22.60
C ARG D 389 -32.18 40.51 22.16
N VAL D 390 -31.53 40.04 21.09
CA VAL D 390 -30.35 40.73 20.54
C VAL D 390 -30.72 42.13 20.06
N MET D 391 -31.78 42.25 19.26
CA MET D 391 -32.08 43.58 18.75
C MET D 391 -32.71 44.49 19.80
N GLY D 392 -33.36 43.92 20.82
CA GLY D 392 -33.79 44.73 21.95
C GLY D 392 -32.65 45.24 22.80
N GLU D 393 -31.60 44.43 23.00
CA GLU D 393 -30.47 44.93 23.77
C GLU D 393 -29.62 45.89 22.94
N VAL D 394 -29.60 45.74 21.61
CA VAL D 394 -28.98 46.77 20.78
C VAL D 394 -29.76 48.09 20.84
N GLY D 395 -31.09 48.01 20.93
CA GLY D 395 -31.87 49.22 21.16
C GLY D 395 -31.63 49.83 22.54
N LYS D 396 -31.41 48.99 23.55
CA LYS D 396 -31.19 49.49 24.90
C LYS D 396 -29.80 50.11 25.08
N THR D 397 -28.77 49.56 24.45
CA THR D 397 -27.46 50.21 24.53
C THR D 397 -27.37 51.44 23.62
N THR D 398 -27.84 51.33 22.38
CA THR D 398 -27.72 52.46 21.46
C THR D 398 -28.71 53.58 21.74
N GLY D 399 -29.72 53.33 22.57
CA GLY D 399 -30.69 54.35 22.92
C GLY D 399 -31.85 54.49 21.96
N ILE D 400 -31.81 53.81 20.83
CA ILE D 400 -32.93 53.86 19.87
C ILE D 400 -34.08 53.02 20.41
N PRO D 401 -35.31 53.53 20.40
CA PRO D 401 -36.45 52.72 20.86
C PRO D 401 -36.78 51.58 19.91
N ILE D 402 -36.57 50.34 20.36
CA ILE D 402 -36.86 49.15 19.58
C ILE D 402 -37.83 48.29 20.37
N HIS D 403 -39.03 48.09 19.84
CA HIS D 403 -40.05 47.26 20.48
C HIS D 403 -40.16 45.95 19.72
N VAL D 404 -39.63 44.89 20.29
CA VAL D 404 -39.61 43.59 19.65
C VAL D 404 -40.87 42.82 20.02
N PHE D 405 -41.34 41.95 19.12
CA PHE D 405 -42.56 41.20 19.31
C PHE D 405 -42.43 39.83 18.67
N GLY D 406 -43.14 38.85 19.25
CA GLY D 406 -43.05 37.50 18.76
C GLY D 406 -44.29 37.01 18.06
N THR D 407 -44.56 35.71 18.16
CA THR D 407 -45.75 35.12 17.56
C THR D 407 -46.98 35.23 18.44
N GLU D 408 -46.85 35.80 19.64
CA GLU D 408 -48.02 36.01 20.49
C GLU D 408 -48.81 37.24 20.07
N THR D 409 -48.21 38.12 19.28
CA THR D 409 -48.86 39.29 18.73
C THR D 409 -49.44 38.93 17.36
N HIS D 410 -50.52 39.61 16.98
CA HIS D 410 -50.98 39.56 15.59
C HIS D 410 -49.92 40.17 14.68
N MET D 411 -49.96 39.78 13.40
CA MET D 411 -48.86 40.10 12.50
C MET D 411 -48.78 41.59 12.20
N THR D 412 -49.90 42.20 11.84
CA THR D 412 -49.97 43.61 11.49
C THR D 412 -50.52 44.47 12.61
N ALA D 413 -50.44 44.00 13.85
CA ALA D 413 -50.80 44.87 14.97
C ALA D 413 -49.77 45.96 15.18
N ILE D 414 -48.51 45.71 14.79
CA ILE D 414 -47.42 46.62 15.13
C ILE D 414 -47.49 47.90 14.30
N VAL D 415 -48.14 47.85 13.13
CA VAL D 415 -48.41 49.10 12.42
C VAL D 415 -49.70 49.77 12.88
N GLY D 416 -50.55 49.06 13.62
CA GLY D 416 -51.67 49.72 14.28
C GLY D 416 -51.25 50.46 15.54
N MET D 417 -50.27 49.93 16.27
CA MET D 417 -49.69 50.61 17.43
C MET D 417 -48.41 51.38 17.11
N ALA D 418 -47.94 51.34 15.87
CA ALA D 418 -46.89 52.27 15.45
C ALA D 418 -47.47 53.63 15.14
N LEU D 419 -48.66 53.65 14.55
CA LEU D 419 -49.37 54.89 14.21
C LEU D 419 -50.19 55.44 15.38
N GLY D 420 -50.08 54.85 16.56
CA GLY D 420 -50.73 55.39 17.74
C GLY D 420 -52.23 55.18 17.79
N HIS D 421 -52.77 54.26 17.00
CA HIS D 421 -54.20 54.01 16.99
C HIS D 421 -54.62 53.03 18.08
N ARG D 422 -53.66 52.36 18.70
CA ARG D 422 -53.88 51.40 19.77
C ARG D 422 -52.62 51.41 20.62
N PRO D 423 -52.73 51.14 21.93
CA PRO D 423 -51.60 51.41 22.83
C PRO D 423 -50.40 50.48 22.62
N ILE D 424 -49.28 50.88 23.21
CA ILE D 424 -48.02 50.16 23.13
C ILE D 424 -47.84 49.38 24.43
N PRO D 425 -47.95 48.05 24.41
CA PRO D 425 -47.71 47.23 25.61
C PRO D 425 -46.24 47.21 26.02
N GLY D 487 -62.80 10.71 -11.39
CA GLY D 487 -63.29 11.51 -10.27
C GLY D 487 -62.22 11.78 -9.23
N LYS D 488 -62.22 12.99 -8.68
CA LYS D 488 -61.23 13.40 -7.70
C LYS D 488 -61.68 13.02 -6.30
N SER D 489 -60.73 12.60 -5.48
CA SER D 489 -61.05 12.17 -4.12
C SER D 489 -61.33 13.37 -3.23
N THR D 490 -61.93 13.07 -2.07
CA THR D 490 -62.21 14.09 -1.07
C THR D 490 -61.38 13.94 0.20
N THR D 491 -60.82 12.76 0.46
CA THR D 491 -59.89 12.55 1.55
C THR D 491 -58.52 12.31 0.92
N LEU D 492 -57.74 13.37 0.76
CA LEU D 492 -56.43 13.25 0.15
C LEU D 492 -55.45 12.56 1.09
N PHE D 493 -55.43 12.98 2.35
CA PHE D 493 -54.45 12.52 3.32
C PHE D 493 -55.13 11.84 4.48
N SER D 494 -54.43 10.89 5.09
CA SER D 494 -54.94 10.12 6.21
C SER D 494 -53.74 9.64 7.02
N ARG D 495 -54.03 8.88 8.07
CA ARG D 495 -52.96 8.33 8.90
C ARG D 495 -52.35 7.05 8.31
N HIS D 496 -52.79 6.64 7.13
CA HIS D 496 -52.19 5.52 6.41
C HIS D 496 -51.68 5.95 5.04
N THR D 497 -51.48 7.26 4.84
CA THR D 497 -51.03 7.78 3.57
C THR D 497 -49.54 7.58 3.41
N LYS D 498 -49.12 7.00 2.29
CA LYS D 498 -47.72 6.82 2.00
C LYS D 498 -47.32 7.57 0.75
N ALA D 499 -46.12 8.14 0.79
CA ALA D 499 -45.63 9.08 -0.20
C ALA D 499 -44.36 8.57 -0.88
N ILE D 500 -44.11 9.09 -2.07
CA ILE D 500 -42.86 8.91 -2.78
C ILE D 500 -42.36 10.30 -3.15
N VAL D 501 -41.12 10.59 -2.77
CA VAL D 501 -40.55 11.93 -2.95
C VAL D 501 -39.63 11.89 -4.15
N TRP D 502 -39.82 12.81 -5.09
CA TRP D 502 -38.95 12.93 -6.24
C TRP D 502 -37.89 13.97 -5.91
N GLY D 503 -36.64 13.53 -5.78
CA GLY D 503 -35.55 14.44 -5.53
C GLY D 503 -34.72 14.05 -4.31
N MET D 504 -33.54 14.64 -4.18
CA MET D 504 -32.67 14.39 -3.03
C MET D 504 -32.99 15.45 -1.98
N GLN D 505 -34.00 15.16 -1.16
CA GLN D 505 -34.61 16.14 -0.26
C GLN D 505 -34.70 15.58 1.15
N THR D 506 -33.55 15.12 1.67
CA THR D 506 -33.49 14.45 2.97
C THR D 506 -33.96 15.35 4.11
N ARG D 507 -33.80 16.67 3.98
CA ARG D 507 -34.28 17.57 5.02
C ARG D 507 -35.80 17.58 5.07
N ALA D 508 -36.45 17.60 3.91
CA ALA D 508 -37.91 17.59 3.86
C ALA D 508 -38.47 16.24 4.31
N VAL D 509 -37.81 15.15 3.93
CA VAL D 509 -38.24 13.82 4.34
C VAL D 509 -38.07 13.66 5.85
N GLN D 510 -37.00 14.21 6.41
CA GLN D 510 -36.79 14.13 7.85
C GLN D 510 -37.79 14.99 8.61
N GLY D 511 -38.17 16.14 8.03
CA GLY D 511 -39.22 16.94 8.62
C GLY D 511 -40.57 16.23 8.60
N MET D 512 -40.84 15.50 7.51
CA MET D 512 -42.08 14.71 7.43
C MET D 512 -42.09 13.58 8.46
N LEU D 513 -40.95 12.92 8.67
CA LEU D 513 -40.89 11.84 9.65
C LEU D 513 -40.98 12.38 11.08
N ASP D 514 -40.39 13.54 11.33
CA ASP D 514 -40.51 14.18 12.64
C ASP D 514 -41.94 14.59 12.92
N PHE D 515 -42.64 15.11 11.91
CA PHE D 515 -44.05 15.43 12.02
C PHE D 515 -44.87 14.18 12.30
N ASP D 516 -44.53 13.06 11.66
CA ASP D 516 -45.26 11.82 11.90
C ASP D 516 -45.01 11.30 13.31
N TYR D 517 -43.81 11.50 13.84
CA TYR D 517 -43.55 11.04 15.21
C TYR D 517 -44.27 11.90 16.23
N VAL D 518 -44.30 13.22 16.03
CA VAL D 518 -45.01 14.07 16.99
C VAL D 518 -46.52 14.01 16.83
N CYS D 519 -47.03 13.43 15.74
CA CYS D 519 -48.45 13.20 15.57
C CYS D 519 -48.89 11.80 15.96
N SER D 520 -48.03 11.05 16.66
CA SER D 520 -48.32 9.72 17.22
C SER D 520 -48.73 8.72 16.13
N ARG D 521 -48.17 8.87 14.94
CA ARG D 521 -48.50 8.02 13.82
C ARG D 521 -47.71 6.70 13.93
N ASP D 522 -48.23 5.65 13.29
CA ASP D 522 -47.63 4.33 13.35
C ASP D 522 -46.46 4.17 12.40
N GLU D 523 -46.60 4.67 11.18
CA GLU D 523 -45.71 4.38 10.08
C GLU D 523 -45.23 5.70 9.47
N PRO D 524 -44.04 5.73 8.87
CA PRO D 524 -43.59 6.93 8.17
C PRO D 524 -44.47 7.29 6.98
N SER D 525 -44.46 8.57 6.61
CA SER D 525 -45.17 9.03 5.42
C SER D 525 -44.43 8.70 4.13
N VAL D 526 -43.11 8.62 4.17
CA VAL D 526 -42.30 8.45 2.97
C VAL D 526 -41.93 6.99 2.86
N ALA D 527 -42.31 6.37 1.75
CA ALA D 527 -41.96 4.98 1.48
C ALA D 527 -40.67 4.87 0.68
N ALA D 528 -40.46 5.79 -0.25
CA ALA D 528 -39.28 5.74 -1.11
C ALA D 528 -38.94 7.15 -1.56
N MET D 529 -37.74 7.28 -2.13
CA MET D 529 -37.31 8.49 -2.80
C MET D 529 -36.91 8.12 -4.22
N VAL D 530 -37.02 9.09 -5.13
CA VAL D 530 -36.66 8.89 -6.54
C VAL D 530 -35.63 9.94 -6.91
N TYR D 531 -34.39 9.53 -7.10
CA TYR D 531 -33.33 10.40 -7.60
C TYR D 531 -32.70 9.72 -8.80
N PRO D 532 -32.84 10.26 -10.00
CA PRO D 532 -32.39 9.53 -11.20
C PRO D 532 -30.89 9.56 -11.44
N PHE D 533 -30.11 10.32 -10.67
CA PHE D 533 -28.69 10.48 -10.95
C PHE D 533 -27.81 9.59 -10.08
N THR D 534 -28.38 8.58 -9.42
CA THR D 534 -27.60 7.62 -8.65
C THR D 534 -28.37 6.31 -8.59
N GLY D 535 -27.67 5.26 -8.18
CA GLY D 535 -28.25 3.93 -8.15
C GLY D 535 -29.19 3.73 -6.96
N ASP D 536 -29.71 2.51 -6.88
CA ASP D 536 -30.67 2.14 -5.86
C ASP D 536 -29.92 1.89 -4.56
N HIS D 537 -30.18 2.69 -3.54
CA HIS D 537 -29.54 2.49 -2.24
C HIS D 537 -30.56 2.78 -1.16
N LYS D 538 -30.09 2.94 0.08
CA LYS D 538 -30.95 3.30 1.19
C LYS D 538 -30.39 4.54 1.89
N GLN D 539 -31.27 5.45 2.26
CA GLN D 539 -30.91 6.64 3.02
C GLN D 539 -31.31 6.44 4.47
N LYS D 540 -30.51 6.98 5.38
CA LYS D 540 -30.71 6.79 6.81
C LYS D 540 -31.45 7.98 7.39
N PHE D 541 -32.60 7.72 8.02
CA PHE D 541 -33.44 8.77 8.57
C PHE D 541 -33.77 8.44 10.02
N TYR D 542 -34.43 9.38 10.69
CA TYR D 542 -34.75 9.26 12.10
C TYR D 542 -36.25 9.15 12.31
N TRP D 543 -36.65 8.18 13.12
CA TRP D 543 -38.03 8.02 13.61
C TRP D 543 -37.93 8.22 15.12
N GLY D 544 -38.11 9.46 15.56
CA GLY D 544 -37.96 9.81 16.96
C GLY D 544 -36.52 9.69 17.40
N HIS D 545 -36.24 8.65 18.19
CA HIS D 545 -34.88 8.29 18.55
C HIS D 545 -34.31 7.20 17.67
N LYS D 546 -35.15 6.32 17.14
CA LYS D 546 -34.71 5.17 16.37
C LYS D 546 -34.29 5.63 14.97
N GLU D 547 -33.41 4.86 14.33
CA GLU D 547 -32.99 5.15 12.96
C GLU D 547 -33.59 4.13 12.01
N ILE D 548 -34.16 4.62 10.91
CA ILE D 548 -34.77 3.78 9.90
C ILE D 548 -34.04 4.02 8.58
N LEU D 549 -34.40 3.21 7.58
CA LEU D 549 -33.86 3.34 6.23
C LEU D 549 -35.01 3.54 5.26
N ILE D 550 -34.84 4.45 4.32
CA ILE D 550 -35.82 4.71 3.26
C ILE D 550 -35.12 4.46 1.93
N PRO D 551 -35.67 3.60 1.07
CA PRO D 551 -34.99 3.25 -0.18
C PRO D 551 -35.03 4.39 -1.19
N VAL D 552 -33.86 4.71 -1.75
CA VAL D 552 -33.72 5.69 -2.82
C VAL D 552 -33.57 4.91 -4.11
N PHE D 553 -34.59 4.97 -4.95
CA PHE D 553 -34.61 4.31 -6.24
C PHE D 553 -34.16 5.27 -7.33
N LYS D 554 -33.78 4.70 -8.47
CA LYS D 554 -33.33 5.50 -9.60
C LYS D 554 -34.46 5.79 -10.57
N ASN D 555 -35.24 4.79 -10.92
CA ASN D 555 -36.38 4.95 -11.80
C ASN D 555 -37.67 4.98 -11.00
N MET D 556 -38.69 5.63 -11.56
CA MET D 556 -39.96 5.75 -10.88
C MET D 556 -40.77 4.45 -10.94
N ALA D 557 -40.57 3.66 -12.01
CA ALA D 557 -41.28 2.39 -12.13
C ALA D 557 -40.81 1.39 -11.08
N ASP D 558 -39.52 1.41 -10.74
CA ASP D 558 -39.02 0.58 -9.66
C ASP D 558 -39.60 1.02 -8.32
N ALA D 559 -39.85 2.32 -8.16
CA ALA D 559 -40.44 2.82 -6.92
C ALA D 559 -41.91 2.48 -6.83
N MET D 560 -42.61 2.39 -7.97
CA MET D 560 -44.03 2.04 -7.93
C MET D 560 -44.24 0.53 -7.82
N ARG D 561 -43.32 -0.28 -8.34
CA ARG D 561 -43.47 -1.73 -8.25
C ARG D 561 -43.29 -2.23 -6.83
N LYS D 562 -42.30 -1.70 -6.10
CA LYS D 562 -42.06 -2.14 -4.74
C LYS D 562 -43.08 -1.60 -3.76
N HIS D 563 -43.77 -0.52 -4.10
CA HIS D 563 -44.65 0.18 -3.17
C HIS D 563 -45.99 0.45 -3.84
N PRO D 564 -46.96 -0.46 -3.71
CA PRO D 564 -48.29 -0.22 -4.24
C PRO D 564 -49.22 0.55 -3.31
N GLU D 565 -48.83 0.76 -2.06
CA GLU D 565 -49.63 1.52 -1.10
C GLU D 565 -49.37 3.01 -1.16
N VAL D 566 -48.44 3.45 -2.00
CA VAL D 566 -48.14 4.86 -2.15
C VAL D 566 -49.26 5.51 -2.97
N ASP D 567 -49.90 6.53 -2.42
CA ASP D 567 -50.99 7.20 -3.11
C ASP D 567 -50.78 8.70 -3.26
N VAL D 568 -49.60 9.20 -2.92
CA VAL D 568 -49.24 10.60 -3.11
C VAL D 568 -47.77 10.66 -3.53
N LEU D 569 -47.48 11.51 -4.53
CA LEU D 569 -46.11 11.80 -4.91
C LEU D 569 -45.85 13.28 -4.68
N ILE D 570 -44.73 13.58 -4.03
CA ILE D 570 -44.27 14.95 -3.82
C ILE D 570 -43.13 15.19 -4.79
N ASN D 571 -43.30 16.17 -5.66
CA ASN D 571 -42.39 16.39 -6.78
C ASN D 571 -41.54 17.61 -6.49
N PHE D 572 -40.35 17.38 -5.95
CA PHE D 572 -39.38 18.45 -5.68
C PHE D 572 -38.47 18.71 -6.87
N ALA D 573 -38.98 18.53 -8.08
CA ALA D 573 -38.22 18.77 -9.30
C ALA D 573 -38.15 20.26 -9.62
N SER D 574 -37.34 20.60 -10.61
CA SER D 574 -37.17 22.00 -11.00
C SER D 574 -38.27 22.61 -11.83
N LEU D 575 -37.93 23.78 -12.37
CA LEU D 575 -38.83 24.50 -13.22
C LEU D 575 -38.61 23.98 -14.63
N ARG D 576 -37.58 23.15 -14.83
CA ARG D 576 -37.40 22.67 -16.19
C ARG D 576 -37.60 21.16 -16.29
N SER D 577 -37.73 20.48 -15.15
CA SER D 577 -37.87 19.03 -15.14
C SER D 577 -39.04 18.57 -14.27
N ALA D 578 -39.95 19.47 -13.89
CA ALA D 578 -41.14 19.06 -13.16
C ALA D 578 -42.26 18.62 -14.09
N TYR D 579 -42.26 19.15 -15.31
CA TYR D 579 -43.27 18.78 -16.30
C TYR D 579 -43.12 17.33 -16.72
N ASP D 580 -41.88 16.91 -17.04
CA ASP D 580 -41.64 15.54 -17.45
C ASP D 580 -41.86 14.56 -16.31
N SER D 581 -41.47 14.95 -15.09
CA SER D 581 -41.68 14.08 -13.94
C SER D 581 -43.16 13.93 -13.60
N THR D 582 -43.94 15.00 -13.72
CA THR D 582 -45.37 14.91 -13.47
C THR D 582 -46.10 14.15 -14.57
N MET D 583 -45.69 14.35 -15.83
CA MET D 583 -46.29 13.61 -16.93
C MET D 583 -45.98 12.12 -16.86
N GLU D 584 -44.76 11.78 -16.44
CA GLU D 584 -44.41 10.39 -16.21
C GLU D 584 -45.08 9.84 -14.95
N THR D 585 -45.44 10.71 -14.00
CA THR D 585 -46.15 10.26 -12.81
C THR D 585 -47.60 9.91 -13.10
N MET D 586 -48.28 10.72 -13.93
CA MET D 586 -49.73 10.60 -14.06
C MET D 586 -50.20 9.37 -14.81
N ASN D 587 -49.33 8.57 -15.42
CA ASN D 587 -49.78 7.32 -16.03
C ASN D 587 -49.71 6.14 -15.07
N TYR D 588 -49.43 6.38 -13.80
CA TYR D 588 -49.55 5.38 -12.74
C TYR D 588 -50.87 5.59 -12.03
N ALA D 589 -51.67 4.54 -11.93
CA ALA D 589 -53.01 4.66 -11.36
C ALA D 589 -53.02 4.68 -9.84
N GLN D 590 -51.92 4.31 -9.19
CA GLN D 590 -51.91 4.31 -7.73
C GLN D 590 -51.71 5.69 -7.16
N ILE D 591 -51.05 6.58 -7.90
CA ILE D 591 -50.84 7.96 -7.44
C ILE D 591 -52.15 8.71 -7.59
N ARG D 592 -52.76 9.07 -6.46
CA ARG D 592 -54.02 9.79 -6.48
C ARG D 592 -53.88 11.30 -6.37
N THR D 593 -52.77 11.79 -5.83
CA THR D 593 -52.55 13.22 -5.73
C THR D 593 -51.06 13.52 -5.83
N ILE D 594 -50.74 14.62 -6.50
CA ILE D 594 -49.36 15.04 -6.77
C ILE D 594 -49.17 16.43 -6.17
N ALA D 595 -48.00 16.66 -5.58
CA ALA D 595 -47.63 17.98 -5.08
C ALA D 595 -46.43 18.46 -5.87
N ILE D 596 -46.57 19.58 -6.57
CA ILE D 596 -45.49 20.19 -7.34
C ILE D 596 -44.97 21.38 -6.55
N ILE D 597 -43.66 21.42 -6.34
CA ILE D 597 -43.07 22.45 -5.49
C ILE D 597 -42.40 23.56 -6.29
N ALA D 598 -42.08 23.33 -7.56
CA ALA D 598 -41.16 24.18 -8.31
C ALA D 598 -41.73 25.54 -8.63
N GLU D 599 -40.87 26.55 -8.57
CA GLU D 599 -41.19 27.94 -8.86
C GLU D 599 -40.79 28.25 -10.30
N GLY D 600 -41.78 28.55 -11.13
CA GLY D 600 -41.52 29.09 -12.44
C GLY D 600 -41.75 28.15 -13.60
N ILE D 601 -42.61 27.15 -13.44
CA ILE D 601 -42.98 26.28 -14.56
C ILE D 601 -43.81 27.13 -15.53
N PRO D 602 -43.45 27.17 -16.82
CA PRO D 602 -44.16 28.04 -17.76
C PRO D 602 -45.59 27.57 -17.99
N GLU D 603 -46.46 28.55 -18.26
CA GLU D 603 -47.89 28.38 -18.02
C GLU D 603 -48.56 27.42 -19.01
N ALA D 604 -48.02 27.27 -20.22
CA ALA D 604 -48.55 26.27 -21.13
C ALA D 604 -48.29 24.85 -20.62
N LEU D 605 -47.13 24.64 -20.01
CA LEU D 605 -46.78 23.33 -19.48
C LEU D 605 -47.66 22.97 -18.29
N THR D 606 -47.92 23.93 -17.40
CA THR D 606 -48.80 23.63 -16.28
C THR D 606 -50.26 23.56 -16.73
N ARG D 607 -50.62 24.18 -17.86
CA ARG D 607 -51.95 23.97 -18.41
C ARG D 607 -52.11 22.55 -18.94
N LYS D 608 -51.07 22.01 -19.58
CA LYS D 608 -51.10 20.62 -20.00
C LYS D 608 -51.13 19.67 -18.79
N LEU D 609 -50.43 20.04 -17.71
CA LEU D 609 -50.50 19.25 -16.48
C LEU D 609 -51.89 19.25 -15.88
N ILE D 610 -52.56 20.40 -15.88
CA ILE D 610 -53.94 20.52 -15.39
C ILE D 610 -54.88 19.65 -16.23
N LYS D 611 -54.73 19.68 -17.56
CA LYS D 611 -55.67 18.93 -18.39
C LYS D 611 -55.45 17.42 -18.29
N LYS D 612 -54.20 16.97 -18.11
CA LYS D 612 -54.01 15.53 -17.95
C LYS D 612 -54.42 15.08 -16.54
N ALA D 613 -54.29 15.95 -15.54
CA ALA D 613 -54.79 15.62 -14.21
C ALA D 613 -56.31 15.53 -14.20
N ASP D 614 -56.98 16.41 -14.95
CA ASP D 614 -58.43 16.36 -15.02
C ASP D 614 -58.90 15.16 -15.84
N GLN D 615 -58.12 14.73 -16.85
CA GLN D 615 -58.45 13.52 -17.57
C GLN D 615 -58.29 12.28 -16.69
N LYS D 616 -57.15 12.17 -16.00
CA LYS D 616 -56.86 11.00 -15.19
C LYS D 616 -57.60 11.00 -13.86
N GLY D 617 -57.95 12.17 -13.33
CA GLY D 617 -58.65 12.23 -12.07
C GLY D 617 -57.76 12.32 -10.85
N VAL D 618 -56.55 12.83 -10.99
CA VAL D 618 -55.64 13.03 -9.87
C VAL D 618 -55.73 14.48 -9.43
N THR D 619 -55.41 14.72 -8.16
CA THR D 619 -55.48 16.06 -7.57
C THR D 619 -54.08 16.63 -7.49
N ILE D 620 -53.74 17.55 -8.39
CA ILE D 620 -52.47 18.26 -8.29
C ILE D 620 -52.60 19.37 -7.28
N ILE D 621 -51.85 19.28 -6.21
CA ILE D 621 -51.56 20.46 -5.40
C ILE D 621 -50.62 21.32 -6.22
N GLY D 622 -51.04 22.55 -6.49
CA GLY D 622 -50.55 23.35 -7.59
C GLY D 622 -49.07 23.68 -7.54
N PRO D 623 -48.52 24.07 -8.68
CA PRO D 623 -47.09 24.45 -8.73
C PRO D 623 -46.83 25.73 -7.96
N ALA D 624 -45.56 25.93 -7.65
CA ALA D 624 -45.05 27.07 -6.87
C ALA D 624 -45.70 27.15 -5.50
N THR D 625 -45.84 25.99 -4.85
CA THR D 625 -46.41 25.93 -3.51
C THR D 625 -45.36 25.43 -2.53
N VAL D 626 -45.63 25.68 -1.25
CA VAL D 626 -44.80 25.08 -0.20
C VAL D 626 -45.29 23.68 0.12
N GLY D 627 -46.55 23.38 -0.16
CA GLY D 627 -47.14 22.09 0.12
C GLY D 627 -48.47 22.25 0.80
N GLY D 628 -48.84 21.27 1.62
CA GLY D 628 -50.02 21.38 2.45
C GLY D 628 -49.82 20.55 3.69
N ILE D 629 -50.46 20.98 4.77
CA ILE D 629 -50.33 20.30 6.04
C ILE D 629 -51.71 19.93 6.58
N LYS D 630 -51.91 18.64 6.83
CA LYS D 630 -53.09 18.15 7.54
C LYS D 630 -52.62 17.68 8.90
N PRO D 631 -52.88 18.44 9.97
CA PRO D 631 -52.34 18.09 11.29
C PRO D 631 -52.93 16.79 11.83
N GLY D 632 -52.04 15.93 12.30
CA GLY D 632 -52.39 14.62 12.78
C GLY D 632 -52.17 13.50 11.79
N CYS D 633 -52.17 13.80 10.49
CA CYS D 633 -52.06 12.76 9.47
C CYS D 633 -50.85 12.89 8.57
N PHE D 634 -50.63 14.06 7.95
CA PHE D 634 -49.71 14.14 6.83
C PHE D 634 -49.27 15.58 6.62
N LYS D 635 -48.05 15.74 6.12
CA LYS D 635 -47.47 17.04 5.87
C LYS D 635 -46.60 16.95 4.63
N ILE D 636 -46.78 17.88 3.70
CA ILE D 636 -46.11 17.81 2.40
C ILE D 636 -44.78 18.54 2.51
N GLY D 637 -43.70 17.77 2.61
CA GLY D 637 -42.36 18.31 2.46
C GLY D 637 -41.90 19.26 3.54
N ASN D 638 -41.80 20.55 3.19
CA ASN D 638 -41.26 21.57 4.06
C ASN D 638 -42.32 22.53 4.57
N THR D 639 -43.59 22.17 4.48
CA THR D 639 -44.62 23.08 4.97
C THR D 639 -44.67 23.04 6.49
N GLY D 640 -44.96 24.19 7.07
CA GLY D 640 -44.81 24.36 8.50
C GLY D 640 -43.46 24.90 8.90
N GLY D 641 -42.40 24.33 8.34
CA GLY D 641 -41.05 24.75 8.67
C GLY D 641 -40.33 23.72 9.51
N MET D 642 -39.63 24.18 10.55
CA MET D 642 -39.03 23.28 11.53
C MET D 642 -40.11 22.78 12.49
N LEU D 643 -39.70 21.93 13.43
CA LEU D 643 -40.63 21.48 14.47
C LEU D 643 -40.89 22.54 15.53
N ASP D 644 -40.07 23.59 15.60
CA ASP D 644 -40.37 24.70 16.50
C ASP D 644 -41.66 25.38 16.08
N ASN D 645 -41.88 25.51 14.77
CA ASN D 645 -43.09 26.13 14.25
C ASN D 645 -44.27 25.18 14.28
N ILE D 646 -44.02 23.87 14.17
CA ILE D 646 -45.10 22.90 14.27
C ILE D 646 -45.59 22.82 15.71
N LEU D 647 -44.68 22.77 16.67
CA LEU D 647 -45.06 22.65 18.06
C LEU D 647 -45.55 23.97 18.65
N ALA D 648 -45.05 25.09 18.14
CA ALA D 648 -45.54 26.38 18.61
C ALA D 648 -46.94 26.70 18.10
N SER D 649 -47.32 26.17 16.94
CA SER D 649 -48.62 26.42 16.35
C SER D 649 -49.56 25.23 16.52
N LYS D 650 -49.19 24.27 17.39
CA LYS D 650 -50.05 23.15 17.81
C LYS D 650 -50.52 22.30 16.64
N LEU D 651 -49.64 22.08 15.67
CA LEU D 651 -50.01 21.40 14.43
C LEU D 651 -49.87 19.88 14.54
N TYR D 652 -49.88 19.33 15.75
CA TYR D 652 -49.75 17.88 15.93
C TYR D 652 -51.08 17.20 16.23
N ARG D 653 -52.15 17.96 16.45
CA ARG D 653 -53.47 17.40 16.69
C ARG D 653 -54.48 18.06 15.76
N PRO D 654 -55.48 17.32 15.29
CA PRO D 654 -56.44 17.89 14.35
C PRO D 654 -57.40 18.85 15.04
N GLY D 655 -57.74 19.92 14.32
CA GLY D 655 -58.74 20.85 14.80
C GLY D 655 -60.05 20.72 14.04
N SER D 656 -60.67 21.85 13.71
CA SER D 656 -61.89 21.83 12.91
C SER D 656 -61.95 22.97 11.90
N VAL D 657 -60.82 23.62 11.60
CA VAL D 657 -60.77 24.76 10.70
C VAL D 657 -59.89 24.39 9.52
N ALA D 658 -60.45 24.49 8.32
CA ALA D 658 -59.63 24.35 7.14
C ALA D 658 -59.26 25.73 6.61
N TYR D 659 -58.19 25.79 5.82
CA TYR D 659 -57.84 27.04 5.18
C TYR D 659 -57.21 26.78 3.82
N VAL D 660 -57.39 27.75 2.92
CA VAL D 660 -56.74 27.75 1.62
C VAL D 660 -56.06 29.10 1.41
N SER D 661 -54.77 29.07 1.12
CA SER D 661 -53.98 30.24 0.78
C SER D 661 -53.43 30.09 -0.62
N ARG D 662 -52.92 31.20 -1.17
CA ARG D 662 -52.26 31.16 -2.47
C ARG D 662 -50.75 30.99 -2.30
N SER D 663 -50.09 31.98 -1.71
CA SER D 663 -48.67 31.85 -1.42
C SER D 663 -48.48 31.02 -0.16
N GLY D 664 -47.25 30.54 0.02
CA GLY D 664 -46.93 29.68 1.13
C GLY D 664 -46.54 30.42 2.39
N GLY D 665 -46.03 31.65 2.22
CA GLY D 665 -45.52 32.41 3.35
C GLY D 665 -46.59 32.90 4.32
N MET D 666 -47.85 32.88 3.91
CA MET D 666 -48.94 33.28 4.79
C MET D 666 -49.63 32.10 5.45
N SER D 667 -49.34 30.87 5.01
CA SER D 667 -49.93 29.70 5.64
C SER D 667 -49.38 29.50 7.05
N ASN D 668 -48.14 29.92 7.30
CA ASN D 668 -47.58 29.87 8.65
C ASN D 668 -48.33 30.81 9.59
N GLU D 669 -48.60 32.03 9.11
CA GLU D 669 -49.35 32.99 9.93
C GLU D 669 -50.79 32.56 10.12
N LEU D 670 -51.38 31.91 9.12
CA LEU D 670 -52.72 31.37 9.30
C LEU D 670 -52.74 30.21 10.29
N ASN D 671 -51.69 29.38 10.28
CA ASN D 671 -51.54 28.34 11.29
C ASN D 671 -51.43 28.94 12.69
N ASN D 672 -50.68 30.03 12.82
CA ASN D 672 -50.53 30.69 14.12
C ASN D 672 -51.85 31.30 14.59
N ILE D 673 -52.59 31.93 13.67
CA ILE D 673 -53.85 32.59 14.02
C ILE D 673 -54.90 31.57 14.42
N ILE D 674 -55.04 30.49 13.64
CA ILE D 674 -55.99 29.44 13.99
C ILE D 674 -55.54 28.67 15.24
N SER D 675 -54.24 28.64 15.53
CA SER D 675 -53.80 28.03 16.78
C SER D 675 -54.17 28.89 17.98
N ARG D 676 -53.99 30.20 17.89
CA ARG D 676 -54.17 31.05 19.05
C ARG D 676 -55.59 31.58 19.22
N THR D 677 -56.47 31.40 18.24
CA THR D 677 -57.87 31.78 18.42
C THR D 677 -58.84 30.61 18.39
N THR D 678 -58.43 29.46 17.86
CA THR D 678 -59.34 28.36 17.61
C THR D 678 -58.72 27.08 18.18
N ASP D 679 -59.45 25.96 18.12
CA ASP D 679 -58.97 24.68 18.60
C ASP D 679 -57.97 24.02 17.66
N GLY D 680 -57.74 24.59 16.48
CA GLY D 680 -56.67 24.09 15.62
C GLY D 680 -57.04 23.91 14.17
N VAL D 681 -56.01 23.68 13.34
CA VAL D 681 -56.21 23.46 11.91
C VAL D 681 -56.54 21.99 11.68
N TYR D 682 -57.58 21.73 10.88
CA TYR D 682 -57.88 20.39 10.43
C TYR D 682 -57.06 20.03 9.20
N GLU D 683 -56.91 20.97 8.27
CA GLU D 683 -56.21 20.76 7.02
C GLU D 683 -55.90 22.14 6.45
N GLY D 684 -54.77 22.26 5.77
CA GLY D 684 -54.45 23.51 5.13
C GLY D 684 -53.56 23.37 3.93
N VAL D 685 -53.97 23.91 2.80
CA VAL D 685 -53.28 23.73 1.52
C VAL D 685 -53.03 25.10 0.92
N ALA D 686 -51.76 25.39 0.62
CA ALA D 686 -51.40 26.53 -0.21
C ALA D 686 -51.40 26.06 -1.66
N ILE D 687 -52.20 26.72 -2.50
CA ILE D 687 -52.39 26.23 -3.86
C ILE D 687 -51.30 26.69 -4.80
N GLY D 688 -50.51 27.68 -4.43
CA GLY D 688 -49.40 28.10 -5.27
C GLY D 688 -49.47 29.54 -5.75
N GLY D 689 -48.32 30.10 -6.07
CA GLY D 689 -48.22 31.44 -6.61
C GLY D 689 -48.18 31.53 -8.12
N ASP D 690 -48.37 30.42 -8.82
CA ASP D 690 -48.45 30.45 -10.27
C ASP D 690 -49.79 31.02 -10.72
N ARG D 691 -49.86 31.37 -12.00
CA ARG D 691 -51.08 31.96 -12.53
C ARG D 691 -52.16 30.91 -12.79
N TYR D 692 -51.77 29.71 -13.22
CA TYR D 692 -52.70 28.60 -13.43
C TYR D 692 -52.31 27.47 -12.49
N PRO D 693 -52.83 27.47 -11.26
CA PRO D 693 -52.49 26.39 -10.32
C PRO D 693 -53.22 25.11 -10.68
N GLY D 694 -52.62 23.98 -10.25
CA GLY D 694 -53.22 22.68 -10.49
C GLY D 694 -54.52 22.46 -9.76
N SER D 695 -54.75 23.18 -8.67
CA SER D 695 -56.03 23.23 -7.99
C SER D 695 -56.27 24.66 -7.56
N THR D 696 -57.46 25.18 -7.86
CA THR D 696 -57.82 26.54 -7.49
C THR D 696 -58.46 26.52 -6.10
N PHE D 697 -59.14 27.62 -5.74
CA PHE D 697 -59.87 27.68 -4.47
C PHE D 697 -60.99 26.65 -4.44
N MET D 698 -61.65 26.44 -5.57
CA MET D 698 -62.91 25.71 -5.59
C MET D 698 -62.70 24.21 -5.43
N ASP D 699 -61.63 23.67 -6.00
CA ASP D 699 -61.34 22.25 -5.90
C ASP D 699 -61.02 21.81 -4.48
N HIS D 700 -60.63 22.74 -3.62
CA HIS D 700 -60.43 22.45 -2.20
C HIS D 700 -61.60 22.85 -1.32
N VAL D 701 -62.37 23.88 -1.71
CA VAL D 701 -63.54 24.22 -0.90
C VAL D 701 -64.64 23.16 -1.09
N LEU D 702 -64.80 22.60 -2.30
CA LEU D 702 -65.63 21.40 -2.44
C LEU D 702 -65.06 20.21 -1.69
N ARG D 703 -63.73 20.14 -1.54
CA ARG D 703 -63.13 19.02 -0.83
C ARG D 703 -63.36 19.13 0.67
N TYR D 704 -63.41 20.36 1.18
CA TYR D 704 -63.68 20.57 2.60
C TYR D 704 -65.17 20.49 2.92
N GLN D 705 -66.03 20.91 1.99
CA GLN D 705 -67.47 20.88 2.24
C GLN D 705 -68.00 19.45 2.36
N ASP D 706 -67.38 18.50 1.68
CA ASP D 706 -67.82 17.11 1.77
C ASP D 706 -67.24 16.38 2.98
N THR D 707 -66.11 16.85 3.53
CA THR D 707 -65.51 16.15 4.67
C THR D 707 -66.26 16.50 5.95
N PRO D 708 -66.63 15.51 6.76
CA PRO D 708 -67.43 15.82 7.97
C PRO D 708 -66.62 16.37 9.13
N GLY D 709 -65.28 16.22 9.12
CA GLY D 709 -64.49 16.61 10.27
C GLY D 709 -64.32 18.10 10.44
N VAL D 710 -64.28 18.84 9.34
CA VAL D 710 -64.07 20.28 9.40
C VAL D 710 -65.40 20.98 9.65
N LYS D 711 -65.38 22.02 10.48
CA LYS D 711 -66.58 22.76 10.83
C LYS D 711 -66.61 24.18 10.28
N MET D 712 -65.49 24.72 9.83
CA MET D 712 -65.49 26.03 9.19
C MET D 712 -64.26 26.15 8.29
N ILE D 713 -64.40 26.94 7.22
CA ILE D 713 -63.38 27.11 6.19
C ILE D 713 -62.92 28.55 6.20
N VAL D 714 -61.63 28.77 5.97
CA VAL D 714 -61.03 30.09 5.86
C VAL D 714 -60.25 30.16 4.55
N VAL D 715 -60.53 31.19 3.76
CA VAL D 715 -59.85 31.39 2.48
C VAL D 715 -59.19 32.76 2.49
N LEU D 716 -57.89 32.79 2.23
CA LEU D 716 -57.17 34.04 1.99
C LEU D 716 -56.77 34.13 0.52
N GLY D 717 -57.41 35.04 -0.20
CA GLY D 717 -57.12 35.27 -1.60
C GLY D 717 -56.22 36.46 -1.83
N GLU D 718 -55.99 36.73 -3.11
CA GLU D 718 -55.07 37.77 -3.59
C GLU D 718 -55.84 38.67 -4.55
N ILE D 719 -55.33 39.90 -4.74
CA ILE D 719 -55.84 40.75 -5.81
C ILE D 719 -55.59 40.10 -7.16
N GLY D 720 -56.61 40.12 -8.01
CA GLY D 720 -56.50 39.54 -9.33
C GLY D 720 -57.19 38.19 -9.47
N GLY D 721 -57.92 38.00 -10.56
CA GLY D 721 -58.58 36.74 -10.82
C GLY D 721 -59.92 36.62 -10.12
N THR D 722 -60.96 36.27 -10.87
CA THR D 722 -62.32 36.19 -10.35
C THR D 722 -62.63 34.76 -9.89
N GLU D 723 -61.93 34.34 -8.84
CA GLU D 723 -62.13 33.02 -8.26
C GLU D 723 -63.05 33.05 -7.04
N GLU D 724 -62.96 34.11 -6.24
CA GLU D 724 -63.76 34.22 -5.03
C GLU D 724 -65.23 34.49 -5.34
N TYR D 725 -65.55 35.05 -6.51
CA TYR D 725 -66.93 35.18 -6.93
C TYR D 725 -67.58 33.83 -7.19
N LYS D 726 -66.78 32.83 -7.56
CA LYS D 726 -67.31 31.46 -7.63
C LYS D 726 -67.63 30.93 -6.25
N ILE D 727 -66.88 31.35 -5.22
CA ILE D 727 -67.21 30.96 -3.84
C ILE D 727 -68.52 31.62 -3.41
N CYS D 728 -68.70 32.88 -3.82
CA CYS D 728 -69.98 33.56 -3.60
C CYS D 728 -71.12 32.82 -4.29
N ARG D 729 -70.92 32.44 -5.55
CA ARG D 729 -71.93 31.73 -6.31
C ARG D 729 -72.23 30.35 -5.71
N GLY D 730 -71.22 29.70 -5.12
CA GLY D 730 -71.46 28.46 -4.42
C GLY D 730 -72.21 28.65 -3.12
N ILE D 731 -72.09 29.83 -2.50
CA ILE D 731 -72.94 30.11 -1.33
C ILE D 731 -74.38 30.34 -1.77
N LYS D 732 -74.60 31.15 -2.82
CA LYS D 732 -75.96 31.51 -3.21
C LYS D 732 -76.75 30.34 -3.80
N GLU D 733 -76.07 29.33 -4.33
CA GLU D 733 -76.78 28.14 -4.78
C GLU D 733 -76.96 27.12 -3.66
N GLY D 734 -76.30 27.31 -2.53
CA GLY D 734 -76.40 26.39 -1.41
C GLY D 734 -75.44 25.22 -1.45
N ARG D 735 -74.40 25.29 -2.27
CA ARG D 735 -73.42 24.20 -2.34
C ARG D 735 -72.56 24.14 -1.09
N LEU D 736 -72.22 25.29 -0.51
CA LEU D 736 -71.32 25.39 0.63
C LEU D 736 -72.13 25.82 1.84
N THR D 737 -72.25 24.93 2.84
CA THR D 737 -73.07 25.17 4.02
C THR D 737 -72.23 25.57 5.23
N LYS D 738 -71.00 25.10 5.32
CA LYS D 738 -70.14 25.37 6.46
C LYS D 738 -69.73 26.85 6.49
N PRO D 739 -69.51 27.41 7.68
CA PRO D 739 -69.18 28.84 7.79
C PRO D 739 -67.86 29.19 7.12
N ILE D 740 -67.91 30.14 6.20
CA ILE D 740 -66.79 30.56 5.40
C ILE D 740 -66.27 31.88 5.96
N VAL D 741 -64.96 32.02 6.08
CA VAL D 741 -64.31 33.26 6.47
C VAL D 741 -63.27 33.56 5.40
N CYS D 742 -63.55 34.54 4.57
CA CYS D 742 -62.62 34.93 3.52
C CYS D 742 -62.01 36.28 3.81
N TRP D 743 -60.83 36.49 3.23
CA TRP D 743 -60.24 37.81 3.14
C TRP D 743 -59.32 37.83 1.94
N CYS D 744 -59.41 38.87 1.14
CA CYS D 744 -58.57 39.03 -0.03
C CYS D 744 -57.50 40.07 0.31
N ILE D 745 -56.27 39.60 0.48
CA ILE D 745 -55.21 40.46 0.99
C ILE D 745 -54.76 41.42 -0.10
N GLY D 746 -54.19 42.55 0.31
CA GLY D 746 -53.64 43.48 -0.64
C GLY D 746 -54.68 44.29 -1.37
N THR D 747 -55.42 45.11 -0.63
CA THR D 747 -56.34 46.06 -1.26
C THR D 747 -55.57 47.09 -2.08
N CYS D 748 -55.03 48.09 -1.37
CA CYS D 748 -53.95 49.02 -1.79
C CYS D 748 -54.11 49.53 -3.23
N ALA D 749 -55.25 50.16 -3.49
CA ALA D 749 -55.54 50.75 -4.80
C ALA D 749 -55.09 52.20 -4.87
N THR D 750 -53.84 52.47 -4.50
CA THR D 750 -53.37 53.83 -4.35
C THR D 750 -52.08 54.09 -5.14
N GLN D 767 -58.76 44.93 -14.98
CA GLN D 767 -60.16 44.86 -14.58
C GLN D 767 -60.41 45.61 -13.28
N ALA D 768 -61.64 46.07 -13.09
CA ALA D 768 -62.07 46.68 -11.85
C ALA D 768 -62.82 45.74 -10.94
N SER D 769 -63.13 44.53 -11.42
CA SER D 769 -63.76 43.50 -10.62
C SER D 769 -62.77 42.55 -9.98
N GLU D 770 -61.48 42.69 -10.29
CA GLU D 770 -60.44 41.84 -9.73
C GLU D 770 -59.67 42.52 -8.60
N THR D 771 -60.06 43.74 -8.22
CA THR D 771 -59.47 44.39 -7.05
C THR D 771 -60.03 43.73 -5.79
N ALA D 772 -59.19 43.66 -4.75
CA ALA D 772 -59.54 42.96 -3.52
C ALA D 772 -60.70 43.61 -2.77
N VAL D 773 -60.91 44.92 -2.93
CA VAL D 773 -62.04 45.56 -2.26
C VAL D 773 -63.37 45.13 -2.88
N ALA D 774 -63.40 44.86 -4.19
CA ALA D 774 -64.63 44.39 -4.82
C ALA D 774 -64.91 42.95 -4.44
N LYS D 775 -63.87 42.14 -4.32
CA LYS D 775 -64.04 40.76 -3.89
C LYS D 775 -64.49 40.68 -2.44
N ASN D 776 -63.92 41.54 -1.57
CA ASN D 776 -64.32 41.56 -0.18
C ASN D 776 -65.75 42.09 -0.03
N GLN D 777 -66.15 43.03 -0.88
CA GLN D 777 -67.52 43.52 -0.83
C GLN D 777 -68.52 42.46 -1.31
N ALA D 778 -68.18 41.74 -2.37
CA ALA D 778 -69.10 40.70 -2.84
C ALA D 778 -69.07 39.46 -1.97
N LEU D 779 -68.02 39.24 -1.21
CA LEU D 779 -68.00 38.14 -0.25
C LEU D 779 -68.75 38.51 1.02
N LYS D 780 -68.68 39.77 1.45
CA LYS D 780 -69.37 40.20 2.66
C LYS D 780 -70.87 40.22 2.46
N GLU D 781 -71.34 40.39 1.23
CA GLU D 781 -72.77 40.43 0.96
C GLU D 781 -73.38 39.05 0.75
N ALA D 782 -72.58 38.03 0.46
CA ALA D 782 -73.11 36.74 0.07
C ALA D 782 -73.36 35.79 1.25
N GLY D 783 -72.89 36.13 2.44
CA GLY D 783 -72.98 35.25 3.58
C GLY D 783 -71.67 34.72 4.11
N VAL D 784 -70.55 35.35 3.78
CA VAL D 784 -69.22 34.96 4.23
C VAL D 784 -68.75 35.97 5.26
N PHE D 785 -68.32 35.50 6.41
CA PHE D 785 -67.83 36.37 7.48
C PHE D 785 -66.50 36.98 7.06
N VAL D 786 -66.53 38.25 6.66
CA VAL D 786 -65.34 38.95 6.16
C VAL D 786 -65.02 40.06 7.15
N PRO D 787 -63.79 40.15 7.65
CA PRO D 787 -63.44 41.24 8.57
C PRO D 787 -63.28 42.56 7.84
N ARG D 788 -63.07 43.62 8.63
CA ARG D 788 -62.85 44.93 8.06
C ARG D 788 -61.40 45.11 7.61
N SER D 789 -60.46 44.50 8.31
CA SER D 789 -59.04 44.58 7.95
C SER D 789 -58.43 43.21 8.22
N PHE D 790 -57.10 43.13 8.14
CA PHE D 790 -56.41 41.92 8.55
C PHE D 790 -56.25 41.84 10.06
N ASP D 791 -56.27 42.99 10.75
CA ASP D 791 -56.12 43.00 12.20
C ASP D 791 -57.31 42.37 12.89
N GLU D 792 -58.47 42.38 12.27
CA GLU D 792 -59.67 41.78 12.83
C GLU D 792 -59.92 40.37 12.32
N LEU D 793 -58.95 39.76 11.63
CA LEU D 793 -59.17 38.43 11.09
C LEU D 793 -59.15 37.38 12.18
N GLY D 794 -58.18 37.45 13.11
CA GLY D 794 -58.20 36.55 14.24
C GLY D 794 -59.40 36.77 15.13
N GLU D 795 -59.84 38.03 15.24
CA GLU D 795 -61.04 38.36 16.01
C GLU D 795 -62.29 37.76 15.38
N ILE D 796 -62.41 37.81 14.05
CA ILE D 796 -63.63 37.27 13.45
C ILE D 796 -63.59 35.74 13.41
N ILE D 797 -62.40 35.14 13.27
CA ILE D 797 -62.29 33.68 13.36
C ILE D 797 -62.64 33.20 14.76
N GLN D 798 -62.16 33.91 15.79
CA GLN D 798 -62.51 33.60 17.17
C GLN D 798 -63.99 33.81 17.45
N SER D 799 -64.60 34.81 16.81
CA SER D 799 -66.02 35.09 17.02
C SER D 799 -66.90 34.00 16.40
N VAL D 800 -66.61 33.62 15.16
CA VAL D 800 -67.33 32.51 14.53
C VAL D 800 -67.10 31.21 15.27
N TYR D 801 -65.89 31.01 15.82
CA TYR D 801 -65.60 29.78 16.57
C TYR D 801 -66.38 29.73 17.88
N GLU D 802 -66.43 30.84 18.63
CA GLU D 802 -67.16 30.80 19.88
C GLU D 802 -68.67 30.75 19.66
N ASP D 803 -69.16 31.34 18.57
CA ASP D 803 -70.57 31.20 18.24
C ASP D 803 -70.90 29.79 17.73
N LEU D 804 -69.91 29.11 17.12
CA LEU D 804 -70.14 27.76 16.62
C LEU D 804 -69.96 26.70 17.69
N VAL D 805 -69.25 27.02 18.78
CA VAL D 805 -69.34 26.20 19.99
C VAL D 805 -70.64 26.50 20.74
N ALA D 806 -71.15 27.73 20.64
CA ALA D 806 -72.33 28.15 21.40
C ALA D 806 -73.60 27.38 21.04
N ASN D 807 -73.68 26.78 19.86
CA ASN D 807 -74.78 25.88 19.52
C ASN D 807 -74.39 24.41 19.57
N GLY D 808 -73.14 24.10 19.91
CA GLY D 808 -72.78 22.74 20.25
C GLY D 808 -72.52 21.79 19.09
N VAL D 809 -71.78 22.23 18.07
CA VAL D 809 -71.33 21.33 17.03
C VAL D 809 -69.81 21.11 17.06
N ILE D 810 -69.05 22.04 17.63
CA ILE D 810 -67.62 21.85 17.85
C ILE D 810 -67.41 21.43 19.29
N VAL D 811 -66.92 20.21 19.49
CA VAL D 811 -66.57 19.73 20.81
C VAL D 811 -65.04 19.69 20.89
N PRO D 812 -64.40 20.66 21.56
CA PRO D 812 -62.93 20.69 21.62
C PRO D 812 -62.40 19.58 22.51
N ALA D 813 -61.51 18.76 21.95
CA ALA D 813 -60.89 17.70 22.74
C ALA D 813 -59.81 18.27 23.65
N GLN D 814 -59.55 17.56 24.75
CA GLN D 814 -58.55 18.03 25.70
C GLN D 814 -57.17 17.62 25.21
N GLU D 815 -56.23 18.57 25.28
CA GLU D 815 -54.97 18.49 24.55
C GLU D 815 -54.03 17.49 25.20
N VAL D 816 -53.68 16.45 24.44
CA VAL D 816 -52.68 15.46 24.81
C VAL D 816 -51.31 16.05 24.48
N PRO D 817 -50.30 15.89 25.34
CA PRO D 817 -48.96 16.35 24.98
C PRO D 817 -48.37 15.49 23.88
N PRO D 818 -47.57 16.07 22.99
CA PRO D 818 -47.01 15.30 21.87
C PRO D 818 -45.81 14.50 22.31
N PRO D 819 -45.52 13.37 21.64
CA PRO D 819 -44.27 12.65 21.90
C PRO D 819 -43.07 13.46 21.46
N THR D 820 -42.23 13.82 22.42
CA THR D 820 -41.13 14.75 22.16
C THR D 820 -39.99 14.07 21.41
N VAL D 821 -39.20 14.88 20.73
CA VAL D 821 -38.04 14.40 19.99
C VAL D 821 -36.78 15.04 20.57
N PRO D 822 -35.62 14.40 20.46
CA PRO D 822 -34.37 15.13 20.64
C PRO D 822 -34.15 16.05 19.46
N MET D 823 -33.43 17.14 19.69
CA MET D 823 -33.55 18.24 18.74
C MET D 823 -32.76 18.04 17.43
N ASP D 824 -31.43 18.13 17.47
CA ASP D 824 -30.46 17.91 16.41
C ASP D 824 -29.09 18.21 16.97
N TYR D 825 -28.03 17.70 16.34
CA TYR D 825 -26.71 18.16 16.71
C TYR D 825 -26.36 19.46 15.97
N SER D 826 -26.66 19.50 14.67
CA SER D 826 -26.30 20.65 13.85
C SER D 826 -27.08 21.89 14.23
N TRP D 827 -28.34 21.75 14.66
CA TRP D 827 -29.08 22.93 15.06
C TRP D 827 -28.65 23.43 16.44
N ALA D 828 -28.35 22.52 17.36
CA ALA D 828 -27.87 22.92 18.67
C ALA D 828 -26.45 23.46 18.65
N ARG D 829 -25.66 23.11 17.65
CA ARG D 829 -24.34 23.71 17.54
C ARG D 829 -24.34 24.94 16.63
N GLU D 830 -25.33 25.07 15.76
CA GLU D 830 -25.45 26.29 14.95
C GLU D 830 -25.81 27.48 15.81
N LEU D 831 -26.72 27.30 16.76
CA LEU D 831 -27.01 28.32 17.74
C LEU D 831 -26.16 28.18 19.00
N GLY D 832 -25.23 27.23 19.00
CA GLY D 832 -24.12 27.21 19.93
C GLY D 832 -24.42 26.93 21.38
N LEU D 833 -25.16 25.87 21.66
CA LEU D 833 -25.53 25.55 23.04
C LEU D 833 -25.01 24.19 23.48
N ILE D 834 -24.20 23.57 22.64
CA ILE D 834 -23.60 22.28 22.94
C ILE D 834 -22.13 22.39 22.59
N ARG D 835 -21.27 21.73 23.36
CA ARG D 835 -19.84 21.78 23.09
C ARG D 835 -19.25 20.39 22.86
N LYS D 836 -18.51 20.26 21.77
CA LYS D 836 -17.88 18.98 21.43
C LYS D 836 -16.38 19.14 21.29
N PRO D 837 -15.59 18.32 21.96
CA PRO D 837 -14.14 18.33 21.71
C PRO D 837 -13.83 17.73 20.35
N ALA D 838 -12.92 18.37 19.65
CA ALA D 838 -12.55 17.98 18.30
C ALA D 838 -11.25 17.21 18.28
N SER D 839 -11.12 16.31 17.32
CA SER D 839 -9.87 15.63 17.02
C SER D 839 -9.19 16.36 15.87
N PHE D 840 -8.10 15.78 15.35
CA PHE D 840 -7.51 16.12 14.05
C PHE D 840 -7.06 17.58 13.92
N MET D 841 -6.12 18.00 14.77
CA MET D 841 -5.95 19.42 15.07
C MET D 841 -5.44 20.25 13.88
N THR D 842 -4.81 19.62 12.87
CA THR D 842 -4.45 20.18 11.54
C THR D 842 -3.88 21.60 11.45
N SER D 843 -2.63 21.80 11.82
CA SER D 843 -2.05 23.13 11.56
C SER D 843 -1.60 23.30 10.11
N ILE D 844 -2.48 23.05 9.15
CA ILE D 844 -2.17 22.99 7.73
C ILE D 844 -3.47 23.07 6.92
N CYS D 845 -3.49 23.94 5.90
CA CYS D 845 -4.51 23.95 4.84
C CYS D 845 -5.96 24.12 5.28
N ASP D 846 -6.36 25.33 5.66
CA ASP D 846 -7.77 25.64 5.89
C ASP D 846 -8.54 25.61 4.57
N GLU D 847 -9.35 24.59 4.37
CA GLU D 847 -10.18 24.46 3.17
C GLU D 847 -11.48 25.24 3.26
N ARG D 848 -11.91 25.60 4.45
CA ARG D 848 -13.15 26.34 4.65
C ARG D 848 -12.94 27.80 4.30
N GLY D 849 -14.04 28.46 3.96
CA GLY D 849 -13.97 29.86 3.61
C GLY D 849 -13.98 30.08 2.11
N GLN D 850 -13.70 31.32 1.73
CA GLN D 850 -13.83 31.73 0.35
C GLN D 850 -12.59 31.39 -0.47
N GLU D 851 -11.46 31.12 0.17
CA GLU D 851 -10.23 30.80 -0.54
C GLU D 851 -9.55 29.66 0.18
N LEU D 852 -8.83 28.86 -0.59
CA LEU D 852 -7.92 27.88 -0.02
C LEU D 852 -6.73 28.58 0.59
N ILE D 853 -6.64 28.54 1.90
CA ILE D 853 -5.48 29.01 2.62
C ILE D 853 -4.56 27.81 2.80
N TYR D 854 -3.28 28.00 2.49
CA TYR D 854 -2.20 27.10 2.88
C TYR D 854 -1.82 27.41 4.33
N ALA D 855 -0.55 27.21 4.70
CA ALA D 855 -0.06 27.44 6.07
C ALA D 855 -0.65 28.66 6.77
N GLY D 856 -0.48 29.84 6.21
CA GLY D 856 -1.25 30.98 6.64
C GLY D 856 -1.58 31.87 5.47
N MET D 857 -1.22 31.41 4.29
CA MET D 857 -1.19 32.20 3.09
C MET D 857 -2.23 31.71 2.10
N PRO D 858 -3.05 32.60 1.55
CA PRO D 858 -4.07 32.17 0.59
C PRO D 858 -3.46 31.75 -0.74
N ILE D 859 -4.26 31.03 -1.54
CA ILE D 859 -3.75 30.45 -2.77
C ILE D 859 -3.47 31.53 -3.82
N THR D 860 -4.20 32.65 -3.75
CA THR D 860 -3.92 33.76 -4.65
C THR D 860 -2.62 34.45 -4.28
N GLU D 861 -2.28 34.47 -2.98
CA GLU D 861 -0.96 34.95 -2.58
C GLU D 861 0.13 33.94 -2.91
N VAL D 862 -0.20 32.65 -2.98
CA VAL D 862 0.76 31.64 -3.40
C VAL D 862 1.16 31.87 -4.84
N PHE D 863 0.18 32.11 -5.71
CA PHE D 863 0.53 32.33 -7.11
C PHE D 863 0.93 33.75 -7.41
N LYS D 864 0.64 34.69 -6.51
CA LYS D 864 1.00 36.09 -6.73
C LYS D 864 2.41 36.41 -6.26
N GLU D 865 2.86 35.79 -5.17
CA GLU D 865 4.23 35.93 -4.70
C GLU D 865 5.23 35.11 -5.48
N GLU D 866 4.75 34.31 -6.44
CA GLU D 866 5.56 33.55 -7.41
C GLU D 866 6.46 32.55 -6.68
N MET D 867 5.85 31.77 -5.79
CA MET D 867 6.54 30.62 -5.21
C MET D 867 6.10 29.36 -5.92
N GLY D 868 7.06 28.51 -6.23
CA GLY D 868 6.81 27.33 -7.02
C GLY D 868 6.34 26.16 -6.19
N ILE D 869 6.81 24.97 -6.57
CA ILE D 869 6.53 23.79 -5.77
C ILE D 869 7.40 23.75 -4.53
N GLY D 870 8.58 24.37 -4.56
CA GLY D 870 9.36 24.49 -3.34
C GLY D 870 8.73 25.41 -2.34
N GLY D 871 8.05 26.45 -2.81
CA GLY D 871 7.33 27.34 -1.91
C GLY D 871 6.15 26.66 -1.25
N VAL D 872 5.39 25.86 -2.00
CA VAL D 872 4.26 25.19 -1.37
C VAL D 872 4.69 23.98 -0.55
N LEU D 873 5.87 23.39 -0.81
CA LEU D 873 6.41 22.45 0.18
C LEU D 873 6.85 23.16 1.44
N GLY D 874 7.40 24.38 1.33
CA GLY D 874 7.69 25.15 2.52
C GLY D 874 6.45 25.50 3.31
N LEU D 875 5.34 25.76 2.63
CA LEU D 875 4.09 26.09 3.30
C LEU D 875 3.41 24.86 3.88
N LEU D 876 3.32 23.77 3.13
CA LEU D 876 2.61 22.62 3.63
C LEU D 876 3.42 21.81 4.62
N TRP D 877 4.73 21.69 4.42
CA TRP D 877 5.50 20.77 5.24
C TRP D 877 6.06 21.45 6.49
N PHE D 878 6.55 22.67 6.35
CA PHE D 878 7.17 23.39 7.46
C PHE D 878 6.32 24.52 8.00
N GLN D 879 5.22 24.87 7.33
CA GLN D 879 4.35 26.01 7.65
C GLN D 879 5.10 27.33 7.71
N LYS D 880 6.06 27.52 6.81
CA LYS D 880 6.92 28.69 6.82
C LYS D 880 7.12 29.20 5.40
N ARG D 881 7.23 30.51 5.26
CA ARG D 881 7.54 31.11 3.96
C ARG D 881 9.04 31.08 3.82
N LEU D 882 9.56 30.13 3.05
CA LEU D 882 10.98 30.00 2.88
C LEU D 882 11.50 31.07 1.93
N PRO D 883 12.78 31.44 2.05
CA PRO D 883 13.36 32.38 1.09
C PRO D 883 13.49 31.77 -0.30
N LYS D 884 13.68 32.65 -1.28
CA LYS D 884 13.56 32.26 -2.69
C LYS D 884 14.67 31.35 -3.16
N TYR D 885 15.80 31.27 -2.46
CA TYR D 885 16.82 30.29 -2.82
C TYR D 885 16.53 28.93 -2.24
N SER D 886 15.90 28.87 -1.08
CA SER D 886 15.57 27.61 -0.44
C SER D 886 14.46 26.86 -1.16
N CYS D 887 13.48 27.59 -1.69
CA CYS D 887 12.44 26.98 -2.51
C CYS D 887 13.02 26.41 -3.80
N GLN D 888 13.96 27.14 -4.42
CA GLN D 888 14.58 26.65 -5.64
C GLN D 888 15.51 25.48 -5.36
N PHE D 889 16.09 25.43 -4.17
CA PHE D 889 16.90 24.27 -3.80
C PHE D 889 16.01 23.06 -3.55
N ILE D 890 14.82 23.26 -2.98
CA ILE D 890 13.89 22.16 -2.80
C ILE D 890 13.42 21.61 -4.14
N GLU D 891 13.16 22.50 -5.10
CA GLU D 891 12.80 22.07 -6.45
C GLU D 891 13.94 21.33 -7.13
N MET D 892 15.17 21.80 -6.92
CA MET D 892 16.35 21.13 -7.49
C MET D 892 16.55 19.74 -6.90
N CYS D 893 16.30 19.59 -5.59
CA CYS D 893 16.37 18.28 -4.96
C CYS D 893 15.26 17.35 -5.43
N LEU D 894 14.07 17.88 -5.70
CA LEU D 894 13.02 17.06 -6.28
C LEU D 894 13.32 16.69 -7.72
N MET D 895 14.14 17.49 -8.41
CA MET D 895 14.52 17.17 -9.78
C MET D 895 15.63 16.15 -9.86
N VAL D 896 16.55 16.11 -8.89
CA VAL D 896 17.59 15.08 -8.93
C VAL D 896 17.19 13.78 -8.23
N THR D 897 16.29 13.83 -7.25
CA THR D 897 15.75 12.62 -6.63
C THR D 897 14.57 12.06 -7.37
N ALA D 898 14.42 12.39 -8.64
CA ALA D 898 13.47 11.76 -9.55
C ALA D 898 14.04 10.41 -9.98
N ASP D 899 13.64 9.90 -11.13
CA ASP D 899 14.04 8.56 -11.56
C ASP D 899 15.55 8.37 -11.60
N HIS D 900 15.97 7.17 -11.23
CA HIS D 900 17.33 6.66 -11.28
C HIS D 900 17.32 5.30 -11.92
N GLY D 901 16.64 5.18 -13.05
CA GLY D 901 16.61 3.95 -13.80
C GLY D 901 15.69 2.90 -13.21
N PRO D 902 15.37 1.89 -14.02
CA PRO D 902 14.42 0.86 -13.61
C PRO D 902 15.02 -0.32 -12.87
N ALA D 903 16.34 -0.33 -12.68
CA ALA D 903 16.96 -1.47 -12.02
C ALA D 903 16.75 -1.42 -10.52
N VAL D 904 16.66 -0.21 -9.97
CA VAL D 904 16.60 -0.03 -8.54
C VAL D 904 15.27 -0.55 -7.99
N SER D 905 15.21 -0.73 -6.67
CA SER D 905 14.26 -1.65 -6.06
C SER D 905 12.81 -1.21 -6.20
N GLY D 906 12.54 0.06 -5.97
CA GLY D 906 11.18 0.56 -6.06
C GLY D 906 10.68 0.71 -7.48
N ALA D 907 11.57 1.13 -8.39
CA ALA D 907 11.23 1.18 -9.80
C ALA D 907 10.93 -0.20 -10.34
N HIS D 908 11.68 -1.19 -9.86
CA HIS D 908 11.41 -2.58 -10.20
C HIS D 908 10.03 -3.00 -9.74
N ASN D 909 9.66 -2.69 -8.49
CA ASN D 909 8.34 -3.06 -7.98
C ASN D 909 7.20 -2.36 -8.73
N THR D 910 7.42 -1.10 -9.11
CA THR D 910 6.42 -0.36 -9.89
C THR D 910 6.23 -0.99 -11.26
N ILE D 911 7.31 -1.46 -11.87
CA ILE D 911 7.21 -2.08 -13.19
C ILE D 911 6.55 -3.45 -13.12
N ILE D 912 6.88 -4.25 -12.09
CA ILE D 912 6.23 -5.54 -11.90
C ILE D 912 4.75 -5.37 -11.64
N CYS D 913 4.39 -4.26 -11.00
CA CYS D 913 2.99 -3.96 -10.71
C CYS D 913 2.26 -3.44 -11.95
N ALA D 914 2.94 -2.63 -12.76
CA ALA D 914 2.34 -2.08 -13.97
C ALA D 914 2.17 -3.14 -15.04
N ARG D 915 3.05 -4.13 -15.08
CA ARG D 915 2.92 -5.23 -16.02
C ARG D 915 1.90 -6.26 -15.60
N ALA D 916 1.50 -6.27 -14.32
CA ALA D 916 0.36 -7.04 -13.87
C ALA D 916 -0.96 -6.31 -14.11
N GLY D 917 -0.92 -5.15 -14.74
CA GLY D 917 -2.11 -4.49 -15.22
C GLY D 917 -2.95 -3.84 -14.17
N LYS D 918 -2.34 -3.16 -13.21
CA LYS D 918 -3.16 -2.78 -12.07
C LYS D 918 -3.89 -1.45 -12.21
N ASP D 919 -3.20 -0.36 -11.95
CA ASP D 919 -3.61 1.04 -12.06
C ASP D 919 -2.44 1.86 -11.54
N LEU D 920 -2.57 3.18 -11.63
CA LEU D 920 -1.43 4.05 -11.33
C LEU D 920 -1.13 4.07 -9.85
N VAL D 921 -2.18 4.08 -9.02
CA VAL D 921 -2.00 4.24 -7.59
C VAL D 921 -1.44 2.97 -6.97
N SER D 922 -1.90 1.80 -7.40
CA SER D 922 -1.35 0.55 -6.89
C SER D 922 0.07 0.31 -7.36
N SER D 923 0.42 0.74 -8.57
CA SER D 923 1.78 0.57 -9.08
C SER D 923 2.74 1.50 -8.36
N LEU D 924 2.43 2.79 -8.33
CA LEU D 924 3.20 3.78 -7.60
C LEU D 924 3.35 3.40 -6.15
N THR D 925 2.28 2.92 -5.54
CA THR D 925 2.24 2.56 -4.14
C THR D 925 3.09 1.31 -3.85
N SER D 926 3.00 0.30 -4.71
CA SER D 926 3.82 -0.89 -4.56
C SER D 926 5.29 -0.62 -4.79
N GLY D 927 5.63 0.42 -5.53
CA GLY D 927 7.02 0.82 -5.61
C GLY D 927 7.46 1.76 -4.51
N LEU D 928 6.52 2.56 -4.00
CA LEU D 928 6.83 3.49 -2.93
C LEU D 928 7.03 2.77 -1.62
N LEU D 929 6.41 1.63 -1.44
CA LEU D 929 6.58 0.88 -0.19
C LEU D 929 7.85 0.05 -0.18
N THR D 930 8.95 0.58 -0.67
CA THR D 930 10.27 -0.01 -0.52
C THR D 930 11.25 1.05 -0.07
N ILE D 931 10.84 2.31 -0.05
CA ILE D 931 11.66 3.40 0.42
C ILE D 931 11.71 3.29 1.92
N GLY D 932 12.78 2.67 2.41
CA GLY D 932 12.94 2.31 3.79
C GLY D 932 14.29 2.74 4.29
N ASP D 933 15.10 1.76 4.70
CA ASP D 933 16.46 2.00 5.11
C ASP D 933 17.52 1.67 4.05
N ARG D 934 17.34 0.60 3.29
CA ARG D 934 18.34 0.20 2.30
C ARG D 934 18.18 0.91 0.97
N PHE D 935 16.94 1.17 0.56
CA PHE D 935 16.64 1.91 -0.65
C PHE D 935 15.95 3.20 -0.25
N GLY D 936 16.57 4.34 -0.54
CA GLY D 936 15.95 5.61 -0.28
C GLY D 936 16.03 6.12 1.13
N GLY D 937 16.79 5.49 2.00
CA GLY D 937 16.88 5.97 3.37
C GLY D 937 18.24 6.51 3.74
N ALA D 938 19.05 6.82 2.73
CA ALA D 938 20.32 7.49 2.97
C ALA D 938 20.16 9.00 3.08
N LEU D 939 19.03 9.54 2.64
CA LEU D 939 18.72 10.96 2.80
C LEU D 939 18.64 11.33 4.27
N ASP D 940 17.87 10.56 5.03
CA ASP D 940 17.62 10.90 6.43
C ASP D 940 18.74 10.39 7.31
N ALA D 941 19.29 9.21 7.02
CA ALA D 941 20.39 8.66 7.80
C ALA D 941 21.68 9.40 7.58
N ALA D 942 21.96 9.82 6.35
CA ALA D 942 23.15 10.58 6.03
C ALA D 942 23.08 12.02 6.51
N ALA D 943 21.95 12.44 7.04
CA ALA D 943 21.83 13.73 7.71
C ALA D 943 21.84 13.59 9.22
N LYS D 944 21.19 12.55 9.76
CA LYS D 944 21.27 12.29 11.18
C LYS D 944 22.69 11.96 11.61
N MET D 945 23.44 11.22 10.79
CA MET D 945 24.79 10.82 11.15
C MET D 945 25.75 12.01 11.15
N PHE D 946 25.71 12.81 10.09
CA PHE D 946 26.57 13.99 10.00
C PHE D 946 26.15 15.06 11.00
N SER D 947 24.86 15.14 11.36
CA SER D 947 24.44 16.09 12.37
C SER D 947 24.84 15.64 13.77
N LYS D 948 24.77 14.35 14.06
CA LYS D 948 25.21 13.84 15.35
C LYS D 948 26.72 13.87 15.47
N ALA D 949 27.44 13.90 14.36
CA ALA D 949 28.88 14.08 14.40
C ALA D 949 29.31 15.53 14.49
N PHE D 950 28.61 16.42 13.82
CA PHE D 950 28.98 17.82 13.82
C PHE D 950 28.57 18.53 15.10
N ASP D 951 27.44 18.13 15.69
CA ASP D 951 26.99 18.73 16.93
C ASP D 951 27.60 18.10 18.16
N SER D 952 28.28 16.96 18.03
CA SER D 952 29.04 16.43 19.16
C SER D 952 30.36 17.16 19.32
N GLY D 953 30.84 17.78 18.25
CA GLY D 953 32.02 18.62 18.33
C GLY D 953 33.31 17.86 18.14
N ILE D 954 33.38 17.02 17.11
CA ILE D 954 34.62 16.34 16.77
C ILE D 954 35.01 16.72 15.35
N ILE D 955 36.31 16.77 15.12
CA ILE D 955 36.87 17.11 13.81
C ILE D 955 36.63 15.94 12.88
N PRO D 956 36.56 16.15 11.55
CA PRO D 956 36.25 15.05 10.63
C PRO D 956 37.22 13.89 10.65
N MET D 957 38.51 14.16 10.89
CA MET D 957 39.54 13.13 10.95
C MET D 957 39.38 12.20 12.14
N GLU D 958 38.64 12.61 13.17
CA GLU D 958 38.25 11.72 14.25
C GLU D 958 36.90 11.05 14.01
N PHE D 959 36.02 11.67 13.22
CA PHE D 959 34.73 11.07 12.91
C PHE D 959 34.88 9.88 11.98
N VAL D 960 35.78 9.96 11.01
CA VAL D 960 35.99 8.85 10.08
C VAL D 960 36.56 7.64 10.83
N ASN D 961 37.50 7.88 11.74
CA ASN D 961 38.07 6.78 12.51
C ASN D 961 37.14 6.29 13.60
N LYS D 962 36.23 7.14 14.09
CA LYS D 962 35.20 6.68 15.00
C LYS D 962 34.23 5.74 14.30
N MET D 963 33.88 6.04 13.05
CA MET D 963 33.05 5.14 12.27
C MET D 963 33.84 4.04 11.60
N LYS D 964 35.12 3.91 11.96
CA LYS D 964 35.97 2.86 11.41
C LYS D 964 36.20 1.74 12.44
N LYS D 965 35.93 2.05 13.71
CA LYS D 965 36.11 1.09 14.79
C LYS D 965 34.80 0.44 15.23
N GLU D 966 33.71 0.69 14.52
CA GLU D 966 32.40 0.16 14.91
C GLU D 966 31.73 -0.64 13.81
N GLY D 967 32.39 -0.89 12.69
CA GLY D 967 31.64 -1.23 11.50
C GLY D 967 30.93 0.02 11.02
N LYS D 968 29.71 -0.16 10.50
CA LYS D 968 28.75 0.89 10.10
C LYS D 968 29.35 2.03 9.28
N LEU D 969 29.64 1.77 8.00
CA LEU D 969 30.08 2.74 6.99
C LEU D 969 29.33 4.07 7.02
N ILE D 970 30.04 5.15 6.70
CA ILE D 970 29.45 6.49 6.70
C ILE D 970 28.38 6.57 5.61
N MET D 971 27.13 6.76 6.03
CA MET D 971 26.03 6.90 5.09
C MET D 971 26.16 8.20 4.31
N GLY D 972 25.98 8.12 3.00
CA GLY D 972 26.14 9.27 2.15
C GLY D 972 27.52 9.49 1.58
N ILE D 973 28.39 8.47 1.62
CA ILE D 973 29.73 8.53 1.07
C ILE D 973 29.92 7.36 0.13
N GLY D 974 30.30 7.65 -1.12
CA GLY D 974 30.67 6.57 -2.02
C GLY D 974 29.79 6.49 -3.26
N HIS D 975 30.44 6.28 -4.40
CA HIS D 975 29.76 5.97 -5.64
C HIS D 975 30.45 4.76 -6.26
N ARG D 976 29.72 4.05 -7.12
CA ARG D 976 30.33 2.89 -7.77
C ARG D 976 31.26 3.30 -8.91
N VAL D 977 30.94 4.38 -9.63
CA VAL D 977 31.62 4.70 -10.88
C VAL D 977 32.26 6.09 -10.83
N LYS D 978 31.43 7.12 -10.63
CA LYS D 978 31.90 8.50 -10.68
C LYS D 978 32.69 8.79 -9.41
N SER D 979 34.00 9.03 -9.56
CA SER D 979 34.86 8.96 -8.39
C SER D 979 35.50 10.27 -7.94
N ILE D 980 36.50 10.71 -8.69
CA ILE D 980 37.25 11.95 -8.51
C ILE D 980 38.11 12.02 -9.75
N ASN D 981 38.33 13.25 -10.27
CA ASN D 981 38.64 13.55 -11.68
C ASN D 981 37.58 13.02 -12.63
N ASN D 982 36.38 12.76 -12.11
CA ASN D 982 35.21 12.18 -12.75
C ASN D 982 34.02 12.40 -11.80
N PRO D 983 33.52 13.63 -11.65
CA PRO D 983 32.51 13.89 -10.63
C PRO D 983 31.13 13.41 -11.08
N ASP D 984 30.19 13.40 -10.13
CA ASP D 984 28.90 12.77 -10.33
C ASP D 984 27.94 13.58 -11.18
N MET D 985 28.17 14.90 -11.28
CA MET D 985 27.48 15.85 -12.16
C MET D 985 26.00 16.05 -11.85
N ARG D 986 25.48 15.41 -10.81
CA ARG D 986 24.28 15.89 -10.14
C ARG D 986 24.51 16.16 -8.68
N VAL D 987 25.56 15.59 -8.10
CA VAL D 987 26.15 16.11 -6.88
C VAL D 987 26.77 17.48 -7.13
N GLN D 988 27.28 17.70 -8.35
CA GLN D 988 27.96 18.94 -8.66
C GLN D 988 27.02 20.11 -8.90
N ILE D 989 25.87 19.87 -9.51
CA ILE D 989 24.90 20.94 -9.74
C ILE D 989 24.33 21.41 -8.40
N LEU D 990 23.99 20.44 -7.54
CA LEU D 990 23.55 20.75 -6.20
C LEU D 990 24.64 21.45 -5.40
N LYS D 991 25.88 20.98 -5.51
CA LYS D 991 26.98 21.52 -4.71
C LYS D 991 27.33 22.94 -5.11
N ASP D 992 27.32 23.25 -6.40
CA ASP D 992 27.46 24.63 -6.83
C ASP D 992 26.18 25.44 -6.71
N TYR D 993 25.04 24.83 -6.39
CA TYR D 993 23.94 25.66 -5.93
C TYR D 993 24.12 26.06 -4.48
N VAL D 994 24.52 25.13 -3.61
CA VAL D 994 24.71 25.41 -2.20
C VAL D 994 25.94 26.28 -1.96
N ARG D 995 26.89 26.32 -2.89
CA ARG D 995 28.02 27.22 -2.68
C ARG D 995 27.69 28.66 -3.03
N GLN D 996 26.76 28.89 -3.95
CA GLN D 996 26.52 30.22 -4.49
C GLN D 996 25.38 30.96 -3.80
N HIS D 997 24.18 30.36 -3.77
CA HIS D 997 22.96 31.04 -3.34
C HIS D 997 22.61 30.77 -1.90
N PHE D 998 23.58 30.61 -1.02
CA PHE D 998 23.25 29.87 0.19
C PHE D 998 24.22 30.26 1.30
N PRO D 999 23.85 31.16 2.20
CA PRO D 999 24.82 31.62 3.20
C PRO D 999 25.02 30.63 4.33
N ALA D 1000 26.26 30.62 4.85
CA ALA D 1000 26.60 29.99 6.13
C ALA D 1000 26.31 28.50 6.15
N THR D 1001 27.06 27.69 5.41
CA THR D 1001 26.79 26.26 5.28
C THR D 1001 27.82 25.36 5.97
N PRO D 1002 27.74 25.19 7.30
CA PRO D 1002 28.84 24.53 8.01
C PRO D 1002 28.82 23.01 7.90
N LEU D 1003 27.64 22.38 7.88
CA LEU D 1003 27.60 20.93 7.83
C LEU D 1003 28.00 20.40 6.46
N LEU D 1004 27.75 21.17 5.39
CA LEU D 1004 28.28 20.76 4.09
C LEU D 1004 29.79 20.90 4.05
N ASP D 1005 30.35 21.92 4.71
CA ASP D 1005 31.80 22.04 4.80
C ASP D 1005 32.40 20.89 5.59
N TYR D 1006 31.72 20.47 6.66
CA TYR D 1006 32.15 19.30 7.42
C TYR D 1006 32.09 18.04 6.57
N ALA D 1007 31.02 17.89 5.77
CA ALA D 1007 30.89 16.71 4.91
C ALA D 1007 31.91 16.73 3.78
N LEU D 1008 32.30 17.90 3.31
CA LEU D 1008 33.34 18.00 2.31
C LEU D 1008 34.73 17.75 2.89
N GLU D 1009 34.93 18.04 4.18
CA GLU D 1009 36.18 17.65 4.82
C GLU D 1009 36.24 16.13 5.05
N VAL D 1010 35.12 15.52 5.41
CA VAL D 1010 35.05 14.04 5.45
C VAL D 1010 35.25 13.48 4.05
N GLU D 1011 34.79 14.18 3.02
CA GLU D 1011 35.04 13.76 1.65
C GLU D 1011 36.51 13.84 1.28
N LYS D 1012 37.19 14.92 1.70
CA LYS D 1012 38.63 15.06 1.46
C LYS D 1012 39.41 13.96 2.18
N ILE D 1013 38.94 13.55 3.35
CA ILE D 1013 39.63 12.49 4.08
C ILE D 1013 39.35 11.12 3.45
N THR D 1014 38.13 10.88 2.98
CA THR D 1014 37.79 9.57 2.45
C THR D 1014 38.26 9.38 1.02
N THR D 1015 38.38 10.44 0.22
CA THR D 1015 38.91 10.28 -1.13
C THR D 1015 40.41 10.03 -1.15
N SER D 1016 41.09 10.15 -0.01
CA SER D 1016 42.47 9.72 0.08
C SER D 1016 42.57 8.22 0.29
N LYS D 1017 41.54 7.61 0.89
CA LYS D 1017 41.53 6.16 1.08
C LYS D 1017 41.28 5.45 -0.24
N LYS D 1018 40.20 5.82 -0.90
CA LYS D 1018 39.79 5.23 -2.17
C LYS D 1018 39.53 6.35 -3.16
N PRO D 1019 39.64 6.07 -4.46
CA PRO D 1019 39.20 7.07 -5.43
C PRO D 1019 37.69 7.30 -5.44
N ASN D 1020 36.91 6.25 -5.25
CA ASN D 1020 35.45 6.33 -5.31
C ASN D 1020 34.70 6.42 -4.00
N LEU D 1021 35.11 7.36 -3.15
CA LEU D 1021 34.45 7.58 -1.89
C LEU D 1021 34.06 9.04 -1.90
N ILE D 1022 33.10 9.40 -2.75
CA ILE D 1022 32.75 10.79 -2.89
C ILE D 1022 31.42 10.96 -2.15
N LEU D 1023 30.97 12.20 -1.98
CA LEU D 1023 29.62 12.43 -1.51
C LEU D 1023 28.60 11.90 -2.50
N ASN D 1024 27.63 11.14 -2.00
CA ASN D 1024 26.47 10.74 -2.77
C ASN D 1024 25.59 11.94 -3.06
N VAL D 1025 24.58 11.73 -3.90
CA VAL D 1025 23.52 12.72 -3.95
C VAL D 1025 22.61 12.53 -2.73
N ASP D 1026 22.49 11.30 -2.24
CA ASP D 1026 21.69 10.99 -1.08
C ASP D 1026 22.35 11.41 0.23
N GLY D 1027 23.61 11.83 0.19
CA GLY D 1027 24.26 12.36 1.38
C GLY D 1027 24.39 13.86 1.30
N LEU D 1028 24.60 14.37 0.09
CA LEU D 1028 24.72 15.82 -0.05
C LEU D 1028 23.38 16.50 0.08
N ILE D 1029 22.28 15.88 -0.37
CA ILE D 1029 20.98 16.48 -0.13
C ILE D 1029 20.63 16.44 1.35
N GLY D 1030 21.05 15.40 2.06
CA GLY D 1030 20.82 15.34 3.50
C GLY D 1030 21.55 16.43 4.26
N VAL D 1031 22.85 16.57 4.01
CA VAL D 1031 23.59 17.57 4.76
C VAL D 1031 23.27 18.99 4.29
N ALA D 1032 22.98 19.20 3.00
CA ALA D 1032 22.61 20.53 2.54
C ALA D 1032 21.19 20.89 2.94
N PHE D 1033 20.35 19.91 3.22
CA PHE D 1033 19.02 20.20 3.74
C PHE D 1033 19.04 20.50 5.22
N VAL D 1034 19.95 19.88 5.99
CA VAL D 1034 20.15 20.31 7.37
C VAL D 1034 20.72 21.73 7.41
N ASP D 1035 21.64 22.05 6.49
CA ASP D 1035 22.10 23.44 6.39
C ASP D 1035 20.98 24.38 5.95
N MET D 1036 20.09 23.92 5.09
CA MET D 1036 18.94 24.73 4.68
C MET D 1036 18.01 24.99 5.85
N LEU D 1037 17.81 24.00 6.71
CA LEU D 1037 16.90 24.19 7.83
C LEU D 1037 17.53 25.05 8.91
N ARG D 1038 18.70 24.68 9.40
CA ARG D 1038 19.26 25.35 10.56
C ARG D 1038 20.12 26.56 10.21
N ASN D 1039 20.28 26.89 8.93
CA ASN D 1039 21.21 27.94 8.54
C ASN D 1039 20.59 29.14 7.86
N CYS D 1040 19.39 29.02 7.30
CA CYS D 1040 18.72 30.21 6.80
C CYS D 1040 17.93 30.84 7.93
N GLY D 1041 16.90 31.60 7.59
CA GLY D 1041 16.01 32.06 8.65
C GLY D 1041 15.02 31.00 9.10
N SER D 1042 13.94 31.45 9.72
CA SER D 1042 12.68 30.73 9.88
C SER D 1042 12.69 29.52 10.82
N PHE D 1043 13.86 28.99 11.18
CA PHE D 1043 13.93 27.82 12.05
C PHE D 1043 14.93 28.10 13.15
N THR D 1044 14.58 27.76 14.39
CA THR D 1044 15.48 28.19 15.44
C THR D 1044 16.65 27.23 15.63
N ARG D 1045 16.46 26.16 16.41
CA ARG D 1045 17.26 24.94 16.27
C ARG D 1045 16.50 23.74 16.82
N GLU D 1046 15.33 23.97 17.41
CA GLU D 1046 14.52 22.85 17.86
C GLU D 1046 13.36 22.58 16.93
N GLU D 1047 12.99 23.55 16.09
CA GLU D 1047 12.21 23.24 14.91
C GLU D 1047 13.06 22.55 13.88
N ALA D 1048 14.30 23.01 13.69
CA ALA D 1048 15.15 22.47 12.64
C ALA D 1048 15.60 21.05 12.94
N ASP D 1049 15.72 20.67 14.20
CA ASP D 1049 16.05 19.29 14.54
C ASP D 1049 14.82 18.39 14.61
N GLU D 1050 13.66 18.95 14.91
CA GLU D 1050 12.44 18.15 14.91
C GLU D 1050 12.03 17.79 13.49
N TYR D 1051 12.22 18.69 12.54
CA TYR D 1051 11.94 18.34 11.15
C TYR D 1051 12.94 17.35 10.59
N ILE D 1052 14.09 17.23 11.22
CA ILE D 1052 15.11 16.28 10.77
C ILE D 1052 14.95 14.94 11.49
N ASP D 1053 14.14 14.94 12.54
CA ASP D 1053 13.91 13.72 13.32
C ASP D 1053 12.52 13.12 13.09
N ILE D 1054 11.58 13.94 12.64
CA ILE D 1054 10.23 13.44 12.38
C ILE D 1054 10.22 12.72 11.04
N GLY D 1055 11.06 13.18 10.13
CA GLY D 1055 11.18 12.55 8.83
C GLY D 1055 10.88 13.37 7.60
N ALA D 1056 11.15 14.67 7.62
CA ALA D 1056 10.91 15.51 6.45
C ALA D 1056 11.95 15.34 5.35
N LEU D 1057 12.97 14.51 5.56
CA LEU D 1057 13.91 14.14 4.52
C LEU D 1057 13.57 12.86 3.79
N ASN D 1058 12.79 11.98 4.41
CA ASN D 1058 12.21 10.88 3.66
C ASN D 1058 11.20 11.40 2.65
N GLY D 1059 10.49 12.47 3.00
CA GLY D 1059 9.51 13.06 2.12
C GLY D 1059 10.08 13.66 0.86
N ILE D 1060 11.31 14.19 0.92
CA ILE D 1060 11.95 14.72 -0.28
C ILE D 1060 12.24 13.60 -1.26
N PHE D 1061 12.77 12.47 -0.79
CA PHE D 1061 13.03 11.35 -1.67
C PHE D 1061 11.74 10.74 -2.21
N VAL D 1062 10.72 10.63 -1.36
CA VAL D 1062 9.49 9.99 -1.80
C VAL D 1062 8.75 10.85 -2.81
N LEU D 1063 8.67 12.17 -2.57
CA LEU D 1063 8.01 13.06 -3.50
C LEU D 1063 8.81 13.26 -4.77
N GLY D 1064 10.14 13.18 -4.71
CA GLY D 1064 10.92 13.24 -5.93
C GLY D 1064 10.79 11.98 -6.75
N ARG D 1065 10.94 10.83 -6.10
CA ARG D 1065 10.92 9.54 -6.76
C ARG D 1065 9.52 9.13 -7.23
N SER D 1066 8.46 9.78 -6.73
CA SER D 1066 7.13 9.49 -7.25
C SER D 1066 6.97 9.94 -8.70
N MET D 1067 7.68 10.99 -9.13
CA MET D 1067 7.66 11.37 -10.54
C MET D 1067 8.27 10.28 -11.41
N GLY D 1068 9.39 9.72 -10.97
CA GLY D 1068 10.01 8.64 -11.72
C GLY D 1068 9.20 7.37 -11.71
N PHE D 1069 8.51 7.08 -10.61
CA PHE D 1069 7.72 5.86 -10.56
C PHE D 1069 6.44 5.97 -11.38
N ILE D 1070 5.81 7.15 -11.41
CA ILE D 1070 4.66 7.34 -12.28
C ILE D 1070 5.11 7.33 -13.74
N GLY D 1071 6.30 7.87 -14.03
CA GLY D 1071 6.85 7.77 -15.38
C GLY D 1071 7.14 6.34 -15.79
N HIS D 1072 7.57 5.51 -14.85
CA HIS D 1072 7.80 4.10 -15.13
C HIS D 1072 6.50 3.36 -15.36
N TYR D 1073 5.45 3.69 -14.61
CA TYR D 1073 4.14 3.09 -14.83
C TYR D 1073 3.59 3.45 -16.21
N LEU D 1074 3.62 4.73 -16.56
CA LEU D 1074 3.14 5.17 -17.87
C LEU D 1074 3.97 4.60 -18.99
N ASP D 1075 5.26 4.38 -18.75
CA ASP D 1075 6.13 3.76 -19.74
C ASP D 1075 5.76 2.31 -19.97
N GLN D 1076 5.55 1.54 -18.90
CA GLN D 1076 5.18 0.14 -19.10
C GLN D 1076 3.76 -0.04 -19.61
N LYS D 1077 2.89 0.95 -19.41
CA LYS D 1077 1.57 0.91 -20.04
C LYS D 1077 1.61 1.31 -21.50
N ARG D 1078 2.57 2.14 -21.87
CA ARG D 1078 2.69 2.58 -23.25
C ARG D 1078 3.44 1.58 -24.12
N LEU D 1079 4.38 0.82 -23.54
CA LEU D 1079 5.03 -0.25 -24.28
C LEU D 1079 4.20 -1.52 -24.35
N LYS D 1080 3.12 -1.61 -23.55
CA LYS D 1080 2.16 -2.71 -23.57
C LYS D 1080 2.81 -4.07 -23.29
N GLN D 1081 3.42 -4.18 -22.12
CA GLN D 1081 4.13 -5.39 -21.75
C GLN D 1081 3.24 -6.30 -20.91
N GLY D 1082 3.46 -7.59 -21.03
CA GLY D 1082 2.64 -8.58 -20.38
C GLY D 1082 3.11 -8.87 -18.97
N LEU D 1083 2.42 -9.82 -18.35
CA LEU D 1083 2.72 -10.23 -16.99
C LEU D 1083 4.11 -10.82 -16.88
N TYR D 1084 4.81 -10.46 -15.81
CA TYR D 1084 6.17 -10.91 -15.59
C TYR D 1084 6.16 -12.20 -14.78
N ARG D 1085 7.08 -13.10 -15.07
CA ARG D 1085 7.06 -14.43 -14.49
C ARG D 1085 8.35 -14.81 -13.76
N HIS D 1086 9.48 -14.14 -14.02
CA HIS D 1086 10.76 -14.37 -13.35
C HIS D 1086 11.29 -15.80 -13.43
N PRO D 1087 12.12 -16.09 -14.44
CA PRO D 1087 12.48 -17.47 -14.78
C PRO D 1087 13.12 -18.25 -13.64
N TRP D 1088 12.89 -19.56 -13.64
CA TRP D 1088 13.25 -20.43 -12.54
C TRP D 1088 14.74 -20.62 -12.39
N ASP D 1089 15.53 -20.34 -13.43
CA ASP D 1089 16.97 -20.42 -13.27
C ASP D 1089 17.58 -19.10 -12.85
N ASP D 1090 16.94 -18.45 -11.89
CA ASP D 1090 17.51 -17.28 -11.24
C ASP D 1090 17.13 -17.35 -9.77
N ILE D 1091 16.65 -18.50 -9.30
CA ILE D 1091 15.91 -18.59 -8.05
C ILE D 1091 16.58 -19.55 -7.05
N SER D 1092 16.95 -20.75 -7.48
CA SER D 1092 17.74 -21.71 -6.69
C SER D 1092 17.06 -22.09 -5.37
N TYR D 1093 15.98 -22.86 -5.52
CA TYR D 1093 15.19 -23.37 -4.39
C TYR D 1093 16.04 -24.24 -3.47
N VAL D 1094 15.97 -23.97 -2.16
CA VAL D 1094 16.92 -24.55 -1.21
C VAL D 1094 16.14 -25.21 -0.07
N LEU D 1095 14.91 -25.62 -0.36
CA LEU D 1095 13.90 -26.20 0.52
C LEU D 1095 14.40 -27.35 1.40
N PRO D 1096 13.81 -27.56 2.59
CA PRO D 1096 14.17 -28.71 3.42
C PRO D 1096 13.78 -30.05 2.81
N GLU D 1097 14.22 -31.14 3.46
CA GLU D 1097 14.11 -32.46 2.85
C GLU D 1097 12.68 -32.98 2.85
N HIS D 1098 12.11 -33.18 4.04
CA HIS D 1098 10.71 -33.60 4.14
C HIS D 1098 10.20 -33.09 5.49
N MET D 1099 9.53 -31.94 5.48
CA MET D 1099 9.03 -31.34 6.70
C MET D 1099 7.58 -31.75 6.92
N1A COA E . -9.42 -21.71 -23.25
C2A COA E . -10.04 -22.44 -24.18
N3A COA E . -9.43 -22.88 -25.30
C4A COA E . -8.13 -22.60 -25.55
C5A COA E . -7.39 -21.79 -24.56
C6A COA E . -8.13 -21.35 -23.35
N6A COA E . -7.52 -20.60 -22.40
N7A COA E . -6.14 -21.66 -25.04
C8A COA E . -6.08 -22.31 -26.23
N9A COA E . -7.28 -22.87 -26.53
C1B COA E . -7.59 -23.66 -27.74
C2B COA E . -7.63 -22.78 -28.97
O2B COA E . -8.99 -22.55 -29.37
C3B COA E . -6.85 -23.52 -30.03
O3B COA E . -7.70 -24.27 -30.90
P3B COA E . -8.67 -23.55 -31.95
O7A COA E . -8.10 -22.17 -32.11
O8A COA E . -10.03 -23.59 -31.28
O9A COA E . -8.58 -24.42 -33.18
C4B COA E . -5.97 -24.49 -29.26
O4B COA E . -6.56 -24.64 -27.96
C5B COA E . -4.56 -23.97 -29.12
O5B COA E . -3.80 -24.26 -30.30
P1A COA E . -2.45 -23.47 -30.60
O1A COA E . -2.02 -22.77 -29.35
O2A COA E . -2.65 -22.69 -31.88
O3A COA E . -1.40 -24.65 -30.91
P2A COA E . -1.61 -25.62 -32.18
O4A COA E . -2.20 -26.92 -31.70
O5A COA E . -2.31 -24.82 -33.25
O6A COA E . -0.11 -25.90 -32.69
CBP COA E . 1.18 -27.02 -34.42
CCP COA E . 0.17 -25.93 -34.09
CDP COA E . 2.57 -26.43 -34.54
CEP COA E . 1.17 -28.11 -33.34
CAP COA E . 0.79 -27.65 -35.75
OAP COA E . 0.53 -26.63 -36.71
C9P COA E . 1.90 -28.55 -36.22
O9P COA E . 2.09 -29.63 -35.68
N8P COA E . 2.64 -28.12 -37.24
C7P COA E . 3.71 -28.92 -37.79
C6P COA E . 3.19 -30.15 -38.53
C5P COA E . 4.26 -31.21 -38.56
O5P COA E . 4.90 -31.47 -37.56
N4P COA E . 4.44 -31.83 -39.72
C3P COA E . 5.76 -31.89 -40.34
C2P COA E . 5.94 -33.17 -41.16
S1P COA E . 4.40 -33.57 -42.03
N1A COA F . 32.62 5.44 4.07
C2A COA F . 33.87 5.72 4.46
N3A COA F . 34.93 4.95 4.17
C4A COA F . 34.78 3.81 3.44
C5A COA F . 33.44 3.44 2.99
C6A COA F . 32.32 4.34 3.35
N6A COA F . 31.06 4.06 2.97
N7A COA F . 33.58 2.27 2.30
C8A COA F . 34.89 1.95 2.33
N9A COA F . 35.62 2.86 3.00
C1B COA F . 37.08 2.82 3.22
C2B COA F . 37.46 1.76 4.23
O2B COA F . 37.72 2.34 5.51
C3B COA F . 38.68 1.07 3.65
O3B COA F . 39.88 1.58 4.22
P3B COA F . 40.28 1.28 5.75
O7A COA F . 39.40 0.12 6.14
O8A COA F . 39.98 2.57 6.46
O9A COA F . 41.76 0.95 5.69
C4B COA F . 38.66 1.42 2.18
O4B COA F . 37.75 2.50 2.00
C5B COA F . 38.21 0.24 1.34
O5B COA F . 39.26 -0.72 1.26
P1A COA F . 39.03 -2.12 0.48
O1A COA F . 37.54 -2.32 0.33
O2A COA F . 39.88 -3.17 1.15
O3A COA F . 39.65 -1.81 -0.97
P2A COA F . 41.23 -1.57 -1.14
O4A COA F . 41.53 -1.41 -2.61
O5A COA F . 41.65 -0.51 -0.17
O6A COA F . 41.85 -2.98 -0.66
CBP COA F . 43.26 -4.31 -2.09
CCP COA F . 43.21 -3.32 -0.93
CDP COA F . 42.29 -5.46 -1.82
CEP COA F . 42.88 -3.62 -3.39
CAP COA F . 44.67 -4.86 -2.20
OAP COA F . 44.83 -5.98 -1.33
C9P COA F . 44.92 -5.30 -3.62
O9P COA F . 45.27 -4.49 -4.46
N8P COA F . 44.72 -6.59 -3.89
C7P COA F . 45.65 -7.34 -4.70
C6P COA F . 46.93 -7.68 -3.93
C5P COA F . 47.97 -6.61 -4.18
O5P COA F . 47.66 -5.44 -4.22
N4P COA F . 49.22 -7.04 -4.36
C3P COA F . 49.55 -8.07 -5.33
C2P COA F . 50.05 -7.47 -6.63
S1P COA F . 49.73 -5.69 -6.65
N1A COA G . 0.43 -2.23 32.76
C2A COA G . 0.82 -2.43 34.04
N3A COA G . 0.42 -1.66 35.07
C4A COA G . -0.42 -0.61 34.86
C5A COA G . -0.89 -0.34 33.49
C6A COA G . -0.40 -1.23 32.42
N6A COA G . -0.79 -1.04 31.13
N7A COA G . -1.69 0.74 33.57
C8A COA G . -1.74 1.12 34.88
N9A COA G . -0.98 0.31 35.64
C1B COA G . -0.79 0.43 37.11
C2B COA G . -0.11 1.74 37.48
O2B COA G . 1.28 1.50 37.74
C3B COA G . -0.85 2.24 38.70
O3B COA G . -0.16 1.92 39.91
P3B COA G . 1.21 2.64 40.32
O7A COA G . 1.53 3.52 39.14
O8A COA G . 2.17 1.49 40.53
O9A COA G . 0.87 3.40 41.59
C4B COA G . -2.17 1.51 38.70
O4B COA G . -2.07 0.43 37.77
C5B COA G . -3.31 2.44 38.28
O5B COA G . -3.00 3.77 38.69
P1A COA G . -3.90 5.00 38.19
O1A COA G . -3.75 5.12 36.69
O2A COA G . -3.60 6.19 39.07
O3A COA G . -5.39 4.49 38.50
P2A COA G . -5.94 4.49 40.01
O4A COA G . -7.37 3.99 40.00
O5A COA G . -4.92 3.81 40.89
O6A COA G . -5.96 6.07 40.37
CBP COA G . -7.31 7.51 41.75
CCP COA G . -6.17 6.50 41.72
CDP COA G . -6.84 8.83 41.16
CEP COA G . -8.49 6.98 40.95
CAP COA G . -7.74 7.73 43.18
OAP COA G . -6.91 8.73 43.79
C9P COA G . -9.17 8.18 43.22
O9P COA G . -10.05 7.40 43.54
N8P COA G . -9.40 9.45 42.89
C7P COA G . -10.27 10.29 43.68
C6P COA G . -9.74 10.49 45.09
C5P COA G . -10.76 10.03 46.10
O5P COA G . -11.96 10.18 45.87
N4P COA G . -10.30 9.48 47.20
C3P COA G . -10.48 10.12 48.50
C2P COA G . -11.75 9.67 49.20
S1P COA G . -12.88 8.96 47.99
N1A COA H . -23.54 18.62 -13.83
C2A COA H . -24.47 19.17 -14.63
N3A COA H . -25.69 19.54 -14.20
C4A COA H . -26.06 19.36 -12.91
C5A COA H . -25.10 18.76 -11.97
C6A COA H . -23.77 18.39 -12.52
N6A COA H . -22.82 17.82 -11.74
N7A COA H . -25.71 18.71 -10.78
C8A COA H . -26.95 19.23 -10.94
N9A COA H . -27.16 19.62 -12.21
C1B COA H . -28.40 20.23 -12.74
C2B COA H . -29.55 19.24 -12.74
O2B COA H . -29.71 18.67 -14.04
C3B COA H . -30.75 20.05 -12.31
O3B COA H . -31.47 20.55 -13.44
P3B COA H . -32.68 19.72 -14.12
O7A COA H . -32.51 18.32 -13.56
O8A COA H . -32.41 19.84 -15.59
O9A COA H . -33.91 20.43 -13.64
C4B COA H . -30.18 21.23 -11.55
O4B COA H . -28.80 21.33 -11.92
C5B COA H . -30.30 21.04 -10.05
O5B COA H . -31.68 21.07 -9.68
P1A COA H . -32.17 20.38 -8.30
O1A COA H . -30.99 19.66 -7.70
O2A COA H . -33.45 19.63 -8.59
O3A COA H . -32.51 21.65 -7.38
P2A COA H . -33.64 22.71 -7.81
O4A COA H . -33.00 24.06 -7.91
O5A COA H . -34.38 22.14 -8.99
O6A COA H . -34.64 22.70 -6.55
CBP COA H . -36.46 23.89 -5.52
CCP COA H . -36.02 23.04 -6.70
CDP COA H . -36.45 23.05 -4.25
CEP COA H . -35.53 25.08 -5.36
CAP COA H . -37.87 24.39 -5.78
OAP COA H . -38.76 23.26 -5.93
C9P COA H . -38.34 25.24 -4.63
O9P COA H . -37.61 25.42 -3.67
N8P COA H . -39.56 25.76 -4.72
C7P COA H . -40.21 26.36 -3.59
C6P COA H . -41.39 27.23 -4.00
C5P COA H . -41.65 28.28 -2.94
O5P COA H . -41.03 29.33 -2.95
N4P COA H . -42.57 27.98 -2.02
C3P COA H . -42.49 28.50 -0.67
C2P COA H . -43.62 29.47 -0.36
S1P COA H . -42.94 31.11 -0.05
#